data_7NXQ
#
_entry.id   7NXQ
#
_cell.length_a   95.51
_cell.length_b   239.138
_cell.length_c   264.402
_cell.angle_alpha   90
_cell.angle_beta   90
_cell.angle_gamma   90
#
_symmetry.space_group_name_H-M   'P 21 21 21'
#
loop_
_entity.id
_entity.type
_entity.pdbx_description
1 polymer 'Capsid vertex component 2'
2 non-polymer 'ACETATE ION'
3 water water
#
_entity_poly.entity_id   1
_entity_poly.type   'polypeptide(L)'
_entity_poly.pdbx_seq_one_letter_code
;MASHRNFTVAIVPGDPHFSVDRDLRGELMPTLYMNQNQWLPSFGPWFISLTDNAMQRRVFPKELKGTVNFQNSTSLKLIS
HTLTTVASTTADFFADARHLTDTQAALCLVNAYFCQKTSRQLPATPDDLLADLPQKLDLLITQLKQESGPGDFSFTYSNP
QERASLAPLNKESRYPTAFFQRHKLHAMMAKAGLFPHNKGTGAPGTAPAMDLVFAITSAMFGSDIPPFSAYQWNLRAGIV
ALEVFILAYGLLEFGQVARGHPNRRLNLVSLLGPKFQPGALPDPNAPMLKRGQLFSFISEHYIIPTLQANPNAPVSFIFP
GIILAALEARSTVSHKQPGPFVNLTGSRFNEIFEILNQQLTFRDPLALLQARTALRLATEEGLDVLLSHPSPPTLLQEII
KSQFGGGDDYDRAYFMVLGCLPVVLAVVPAAALEHHHHHHHHH
;
_entity_poly.pdbx_strand_id   A,B,C,D,E,F,G,H,I,J
#
# COMPACT_ATOMS: atom_id res chain seq x y z
N ARG A 5 14.28 16.68 39.83
CA ARG A 5 15.64 16.87 39.28
C ARG A 5 15.74 16.53 37.78
N ASN A 6 14.77 17.01 37.00
CA ASN A 6 14.74 16.83 35.56
C ASN A 6 15.75 17.78 34.90
N PHE A 7 16.43 17.33 33.86
CA PHE A 7 17.36 18.17 33.13
C PHE A 7 17.19 18.05 31.62
N THR A 8 17.62 19.07 30.89
CA THR A 8 17.44 19.12 29.44
C THR A 8 18.77 19.09 28.70
N VAL A 9 18.84 18.33 27.59
CA VAL A 9 20.04 18.25 26.75
C VAL A 9 19.65 18.42 25.27
N ALA A 10 20.60 18.83 24.45
CA ALA A 10 20.42 18.94 22.99
C ALA A 10 21.73 18.47 22.38
N ILE A 11 21.62 17.66 21.32
CA ILE A 11 22.80 17.05 20.71
C ILE A 11 23.35 17.85 19.51
N VAL A 12 22.48 18.20 18.55
CA VAL A 12 22.91 18.95 17.37
C VAL A 12 22.04 20.20 17.16
N PRO A 13 22.57 21.27 16.53
CA PRO A 13 21.75 22.48 16.32
C PRO A 13 20.53 22.19 15.45
N GLY A 14 19.41 22.86 15.73
CA GLY A 14 18.18 22.68 14.97
C GLY A 14 17.32 21.50 15.39
N ASP A 15 17.86 20.61 16.23
CA ASP A 15 17.13 19.44 16.70
C ASP A 15 16.36 19.71 18.00
N PRO A 16 15.39 18.85 18.41
CA PRO A 16 14.70 19.10 19.68
C PRO A 16 15.59 18.87 20.91
N HIS A 17 15.21 19.50 22.00
CA HIS A 17 15.85 19.33 23.30
C HIS A 17 15.14 18.14 23.97
N PHE A 18 15.86 17.34 24.73
CA PHE A 18 15.29 16.19 25.43
C PHE A 18 15.28 16.46 26.92
N SER A 19 14.12 16.33 27.55
CA SER A 19 14.02 16.46 28.99
C SER A 19 14.02 15.06 29.56
N VAL A 20 14.97 14.77 30.45
CA VAL A 20 15.09 13.44 31.05
C VAL A 20 15.17 13.55 32.57
N ASP A 21 14.85 12.47 33.27
CA ASP A 21 14.93 12.42 34.73
C ASP A 21 16.40 12.22 35.14
N ARG A 22 17.12 11.29 34.48
CA ARG A 22 18.49 10.93 34.83
C ARG A 22 19.38 10.55 33.63
N ASP A 23 18.88 9.73 32.70
CA ASP A 23 19.70 9.19 31.62
C ASP A 23 18.95 9.16 30.28
N LEU A 24 19.50 9.84 29.26
CA LEU A 24 18.88 9.87 27.93
C LEU A 24 18.77 8.48 27.28
N ARG A 25 19.85 7.69 27.22
CA ARG A 25 19.82 6.35 26.63
C ARG A 25 18.83 5.43 27.35
N GLY A 26 18.85 5.47 28.67
CA GLY A 26 18.00 4.62 29.49
C GLY A 26 16.53 4.94 29.39
N GLU A 27 16.20 6.19 29.09
CA GLU A 27 14.81 6.61 28.98
C GLU A 27 14.29 6.62 27.55
N LEU A 28 15.18 6.70 26.55
CA LEU A 28 14.77 6.70 25.16
C LEU A 28 14.49 5.29 24.62
N MET A 29 15.41 4.34 24.86
CA MET A 29 15.29 2.99 24.33
C MET A 29 13.99 2.25 24.68
N PRO A 30 13.46 2.25 25.94
CA PRO A 30 12.22 1.51 26.22
C PRO A 30 11.02 2.00 25.41
N THR A 31 11.01 3.28 25.02
CA THR A 31 9.90 3.84 24.24
C THR A 31 9.79 3.25 22.83
N LEU A 32 10.82 2.54 22.36
CA LEU A 32 10.85 1.93 21.04
C LEU A 32 10.17 0.54 21.01
N TYR A 33 9.74 0.02 22.15
CA TYR A 33 9.10 -1.29 22.25
C TYR A 33 7.62 -1.17 22.63
N MET A 34 6.99 -0.06 22.27
CA MET A 34 5.60 0.22 22.64
C MET A 34 4.61 0.15 21.48
N ASN A 35 5.05 -0.35 20.32
CA ASN A 35 4.23 -0.47 19.12
C ASN A 35 4.56 -1.83 18.45
N GLN A 36 4.66 -2.90 19.25
CA GLN A 36 5.16 -4.19 18.82
C GLN A 36 4.34 -4.88 17.73
N ASN A 37 3.11 -4.42 17.50
CA ASN A 37 2.30 -4.96 16.42
C ASN A 37 2.69 -4.37 15.04
N GLN A 38 3.30 -3.17 15.03
CA GLN A 38 3.65 -2.50 13.79
C GLN A 38 5.14 -2.43 13.48
N TRP A 39 5.97 -2.22 14.50
CA TRP A 39 7.40 -2.11 14.26
C TRP A 39 8.24 -2.44 15.49
N LEU A 40 9.51 -2.80 15.25
CA LEU A 40 10.48 -3.12 16.29
C LEU A 40 11.81 -2.44 15.93
N PRO A 41 12.59 -2.01 16.93
CA PRO A 41 13.85 -1.33 16.62
C PRO A 41 14.97 -2.26 16.15
N SER A 42 15.92 -1.71 15.40
CA SER A 42 17.11 -2.40 14.92
C SER A 42 18.29 -1.44 15.19
N PHE A 43 19.38 -1.94 15.79
CA PHE A 43 20.46 -1.07 16.22
C PHE A 43 21.76 -1.12 15.38
N GLY A 44 21.71 -1.69 14.18
CA GLY A 44 22.87 -1.70 13.31
C GLY A 44 23.61 -3.01 13.20
N PRO A 45 24.52 -3.11 12.21
CA PRO A 45 25.25 -4.37 11.99
C PRO A 45 25.94 -4.97 13.21
N TRP A 46 26.64 -4.16 14.02
CA TRP A 46 27.35 -4.63 15.20
C TRP A 46 26.38 -5.22 16.23
N PHE A 47 25.23 -4.57 16.44
CA PHE A 47 24.24 -5.08 17.39
C PHE A 47 23.48 -6.30 16.84
N ILE A 48 23.34 -6.40 15.51
CA ILE A 48 22.71 -7.55 14.87
C ILE A 48 23.65 -8.76 15.09
N SER A 49 24.97 -8.57 14.91
CA SER A 49 25.99 -9.59 15.13
C SER A 49 26.05 -9.98 16.60
N LEU A 50 25.91 -8.99 17.51
CA LEU A 50 25.92 -9.21 18.95
C LEU A 50 24.73 -10.07 19.32
N THR A 51 23.53 -9.77 18.78
CA THR A 51 22.31 -10.51 19.05
C THR A 51 22.43 -11.94 18.55
N ASP A 52 22.98 -12.12 17.34
CA ASP A 52 23.21 -13.45 16.76
C ASP A 52 24.11 -14.28 17.68
N ASN A 53 25.22 -13.68 18.15
CA ASN A 53 26.19 -14.33 19.01
C ASN A 53 25.64 -14.63 20.38
N ALA A 54 24.95 -13.69 21.00
CA ALA A 54 24.35 -13.84 22.32
C ALA A 54 23.41 -15.02 22.39
N MET A 55 22.60 -15.23 21.34
CA MET A 55 21.63 -16.35 21.32
C MET A 55 22.30 -17.72 21.15
N GLN A 56 23.54 -17.75 20.63
CA GLN A 56 24.32 -18.99 20.43
C GLN A 56 25.15 -19.36 21.66
N ARG A 57 25.47 -18.39 22.55
CA ARG A 57 26.27 -18.62 23.75
C ARG A 57 25.69 -19.67 24.67
N ARG A 58 26.51 -20.66 25.05
CA ARG A 58 26.11 -21.71 25.99
C ARG A 58 25.89 -21.08 27.37
N VAL A 59 26.77 -20.16 27.78
CA VAL A 59 26.65 -19.45 29.05
C VAL A 59 26.27 -18.02 28.77
N PHE A 60 24.99 -17.70 28.98
CA PHE A 60 24.43 -16.37 28.76
C PHE A 60 23.17 -16.18 29.61
N PRO A 61 22.93 -15.01 30.22
CA PRO A 61 21.72 -14.86 31.06
C PRO A 61 20.41 -15.09 30.31
N LYS A 62 19.54 -15.97 30.84
CA LYS A 62 18.27 -16.32 30.21
C LYS A 62 17.33 -15.13 30.03
N GLU A 63 17.36 -14.15 30.96
CA GLU A 63 16.49 -12.98 30.85
C GLU A 63 16.81 -12.09 29.64
N LEU A 64 18.02 -12.21 29.09
CA LEU A 64 18.43 -11.46 27.91
C LEU A 64 18.12 -12.20 26.59
N LYS A 65 17.49 -13.38 26.65
CA LYS A 65 17.16 -14.18 25.49
C LYS A 65 15.66 -14.16 25.11
N GLY A 66 15.02 -13.00 25.29
CA GLY A 66 13.60 -12.81 24.98
C GLY A 66 13.28 -12.94 23.50
N THR A 67 12.00 -13.18 23.16
CA THR A 67 11.55 -13.41 21.79
C THR A 67 11.88 -12.32 20.81
N VAL A 68 11.96 -11.06 21.24
CA VAL A 68 12.25 -9.94 20.36
C VAL A 68 13.62 -10.11 19.64
N ASN A 69 14.57 -10.82 20.28
CA ASN A 69 15.89 -11.12 19.67
C ASN A 69 15.80 -11.93 18.38
N PHE A 70 14.71 -12.72 18.24
CA PHE A 70 14.45 -13.59 17.09
C PHE A 70 13.46 -12.98 16.10
N GLN A 71 13.18 -11.67 16.20
CA GLN A 71 12.22 -11.00 15.35
C GLN A 71 12.87 -9.78 14.68
N ASN A 72 14.07 -9.95 14.11
CA ASN A 72 14.82 -8.91 13.41
C ASN A 72 15.06 -7.69 14.30
N SER A 73 15.35 -7.96 15.57
CA SER A 73 15.53 -6.92 16.56
C SER A 73 16.43 -7.43 17.72
N THR A 74 16.54 -6.65 18.79
CA THR A 74 17.28 -6.97 19.99
C THR A 74 16.31 -6.64 21.13
N SER A 75 16.16 -7.53 22.11
CA SER A 75 15.24 -7.30 23.21
C SER A 75 15.66 -6.09 24.03
N LEU A 76 14.70 -5.43 24.70
CA LEU A 76 14.99 -4.25 25.52
C LEU A 76 15.98 -4.57 26.61
N LYS A 77 15.85 -5.72 27.25
CA LYS A 77 16.79 -6.13 28.30
C LYS A 77 18.21 -6.29 27.75
N LEU A 78 18.36 -6.91 26.57
CA LEU A 78 19.70 -7.08 25.99
C LEU A 78 20.33 -5.74 25.56
N ILE A 79 19.59 -4.87 24.85
CA ILE A 79 20.13 -3.59 24.41
C ILE A 79 20.46 -2.64 25.58
N SER A 80 19.57 -2.56 26.59
CA SER A 80 19.83 -1.67 27.72
C SER A 80 20.98 -2.15 28.61
N HIS A 81 21.08 -3.46 28.84
CA HIS A 81 22.17 -4.01 29.65
C HIS A 81 23.50 -3.87 28.91
N THR A 82 23.49 -4.00 27.56
CA THR A 82 24.70 -3.82 26.78
C THR A 82 25.17 -2.36 26.87
N LEU A 83 24.26 -1.39 26.61
CA LEU A 83 24.59 0.03 26.67
C LEU A 83 25.00 0.46 28.06
N THR A 84 24.39 -0.09 29.13
CA THR A 84 24.77 0.24 30.50
C THR A 84 26.19 -0.26 30.77
N THR A 85 26.54 -1.46 30.27
CA THR A 85 27.87 -2.04 30.43
C THR A 85 28.92 -1.16 29.78
N VAL A 86 28.63 -0.67 28.56
CA VAL A 86 29.53 0.21 27.83
C VAL A 86 29.69 1.54 28.57
N ALA A 87 28.58 2.09 29.06
CA ALA A 87 28.59 3.36 29.80
C ALA A 87 29.35 3.29 31.12
N SER A 88 29.51 2.08 31.68
CA SER A 88 30.24 1.91 32.94
C SER A 88 31.71 1.58 32.74
N THR A 89 32.22 1.56 31.48
CA THR A 89 33.60 1.17 31.18
C THR A 89 34.64 1.86 32.06
N THR A 90 34.57 3.20 32.16
CA THR A 90 35.54 3.95 32.94
C THR A 90 34.98 4.44 34.27
N ALA A 91 33.97 3.76 34.82
CA ALA A 91 33.43 4.11 36.14
C ALA A 91 34.40 3.59 37.20
N ASP A 92 34.52 4.32 38.31
CA ASP A 92 35.44 3.95 39.37
C ASP A 92 34.81 2.95 40.31
N PHE A 93 35.40 1.75 40.41
CA PHE A 93 34.89 0.73 41.31
C PHE A 93 35.80 0.51 42.53
N PHE A 94 36.91 1.27 42.65
CA PHE A 94 37.76 1.24 43.83
C PHE A 94 37.13 2.27 44.78
N ALA A 95 36.79 1.87 46.01
CA ALA A 95 36.23 2.83 46.96
C ALA A 95 37.41 3.60 47.58
N ASP A 96 37.94 4.62 46.86
CA ASP A 96 39.10 5.36 47.37
C ASP A 96 38.88 6.88 47.40
N ALA A 97 39.16 7.51 48.55
CA ALA A 97 39.00 8.96 48.74
C ALA A 97 40.04 9.77 47.96
N ARG A 98 41.18 9.16 47.59
CA ARG A 98 42.21 9.81 46.79
C ARG A 98 41.84 9.89 45.29
N HIS A 99 40.76 9.24 44.88
CA HIS A 99 40.34 9.15 43.49
C HIS A 99 39.37 10.22 43.00
N LEU A 100 39.64 10.72 41.81
CA LEU A 100 38.77 11.60 41.06
C LEU A 100 38.07 10.71 40.02
N THR A 101 36.97 11.19 39.40
CA THR A 101 36.39 10.45 38.28
C THR A 101 37.34 10.71 37.10
N ASP A 102 37.38 9.80 36.09
CA ASP A 102 38.28 10.00 34.97
C ASP A 102 37.97 11.31 34.22
N THR A 103 36.70 11.72 34.16
CA THR A 103 36.27 12.98 33.55
C THR A 103 36.87 14.17 34.31
N GLN A 104 36.80 14.15 35.65
CA GLN A 104 37.34 15.22 36.49
C GLN A 104 38.85 15.31 36.35
N ALA A 105 39.53 14.17 36.28
CA ALA A 105 40.98 14.15 36.12
C ALA A 105 41.38 14.68 34.73
N ALA A 106 40.62 14.33 33.68
CA ALA A 106 40.86 14.81 32.33
C ALA A 106 40.66 16.31 32.25
N LEU A 107 39.62 16.83 32.95
CA LEU A 107 39.33 18.26 32.97
C LEU A 107 40.42 19.03 33.70
N CYS A 108 40.97 18.47 34.77
CA CYS A 108 42.07 19.10 35.51
C CYS A 108 43.31 19.17 34.64
N LEU A 109 43.61 18.11 33.90
CA LEU A 109 44.76 18.06 33.01
C LEU A 109 44.67 19.09 31.88
N VAL A 110 43.55 19.11 31.13
CA VAL A 110 43.36 20.04 30.01
C VAL A 110 43.31 21.50 30.49
N ASN A 111 42.80 21.75 31.72
CA ASN A 111 42.74 23.11 32.26
C ASN A 111 44.10 23.57 32.73
N ALA A 112 44.90 22.66 33.35
CA ALA A 112 46.24 23.02 33.79
C ALA A 112 47.13 23.30 32.59
N TYR A 113 46.98 22.51 31.52
CA TYR A 113 47.74 22.69 30.29
C TYR A 113 47.41 24.03 29.65
N PHE A 114 46.14 24.42 29.64
CA PHE A 114 45.68 25.67 29.07
C PHE A 114 46.24 26.86 29.86
N CYS A 115 46.29 26.76 31.19
CA CYS A 115 46.84 27.84 32.02
C CYS A 115 48.34 27.96 31.84
N GLN A 116 49.03 26.84 31.64
CA GLN A 116 50.46 26.83 31.43
C GLN A 116 50.81 27.46 30.08
N LYS A 117 50.02 27.19 29.04
CA LYS A 117 50.28 27.69 27.69
C LYS A 117 49.71 29.08 27.40
N THR A 118 48.70 29.53 28.13
CA THR A 118 48.08 30.85 27.90
C THR A 118 48.21 31.74 29.16
N SER A 119 47.81 33.00 29.07
CA SER A 119 47.83 33.90 30.22
C SER A 119 46.62 33.70 31.15
N ARG A 120 45.78 32.67 30.92
CA ARG A 120 44.53 32.55 31.63
C ARG A 120 44.64 32.11 33.07
N GLN A 121 43.91 32.81 33.93
CA GLN A 121 43.79 32.55 35.35
C GLN A 121 43.32 31.12 35.61
N LEU A 122 43.86 30.47 36.65
CA LEU A 122 43.51 29.12 37.07
C LEU A 122 42.02 28.99 37.33
N PRO A 123 41.36 27.88 36.92
CA PRO A 123 39.92 27.75 37.18
C PRO A 123 39.62 27.75 38.68
N ALA A 124 38.54 28.43 39.09
CA ALA A 124 38.19 28.52 40.50
C ALA A 124 37.12 27.51 40.92
N THR A 125 36.07 27.34 40.09
CA THR A 125 34.96 26.45 40.37
C THR A 125 34.89 25.32 39.33
N PRO A 126 34.19 24.20 39.62
CA PRO A 126 34.06 23.14 38.61
C PRO A 126 33.41 23.60 37.30
N ASP A 127 32.63 24.70 37.34
CA ASP A 127 32.01 25.25 36.14
C ASP A 127 33.07 25.89 35.24
N ASP A 128 34.12 26.50 35.84
CA ASP A 128 35.24 27.10 35.11
C ASP A 128 36.05 26.03 34.35
N LEU A 129 36.05 24.77 34.84
CA LEU A 129 36.73 23.65 34.17
C LEU A 129 36.07 23.38 32.82
N LEU A 130 34.74 23.48 32.75
CA LEU A 130 33.98 23.22 31.54
C LEU A 130 33.81 24.43 30.63
N ALA A 131 34.04 25.63 31.15
CA ALA A 131 33.95 26.86 30.37
C ALA A 131 35.01 26.86 29.30
N ASP A 132 34.63 27.12 28.04
CA ASP A 132 35.55 27.13 26.90
C ASP A 132 36.26 25.80 26.68
N LEU A 133 35.58 24.68 26.97
CA LEU A 133 36.15 23.36 26.76
C LEU A 133 36.56 23.11 25.30
N PRO A 134 35.79 23.52 24.26
CA PRO A 134 36.27 23.32 22.88
C PRO A 134 37.60 24.01 22.61
N GLN A 135 37.80 25.22 23.16
CA GLN A 135 39.02 26.01 22.99
C GLN A 135 40.19 25.38 23.76
N LYS A 136 39.93 24.85 24.94
CA LYS A 136 40.95 24.20 25.76
C LYS A 136 41.41 22.90 25.11
N LEU A 137 40.48 22.13 24.51
CA LEU A 137 40.79 20.88 23.82
C LEU A 137 41.52 21.18 22.52
N ASP A 138 41.08 22.20 21.78
CA ASP A 138 41.70 22.59 20.53
C ASP A 138 43.17 22.97 20.71
N LEU A 139 43.52 23.65 21.81
CA LEU A 139 44.90 24.03 22.07
C LEU A 139 45.75 22.79 22.34
N LEU A 140 45.24 21.85 23.15
CA LEU A 140 45.97 20.63 23.50
C LEU A 140 46.18 19.74 22.27
N ILE A 141 45.15 19.59 21.43
CA ILE A 141 45.21 18.79 20.22
C ILE A 141 46.18 19.34 19.18
N THR A 142 46.12 20.66 18.88
CA THR A 142 47.04 21.24 17.89
C THR A 142 48.52 21.13 18.32
N GLN A 143 48.79 21.11 19.63
CA GLN A 143 50.14 20.92 20.13
C GLN A 143 50.54 19.45 20.07
N LEU A 144 49.59 18.53 20.32
CA LEU A 144 49.80 17.09 20.23
C LEU A 144 50.12 16.67 18.79
N LYS A 145 49.51 17.33 17.80
CA LYS A 145 49.78 17.04 16.38
C LYS A 145 51.23 17.40 16.01
N GLN A 146 51.80 18.43 16.66
CA GLN A 146 53.18 18.85 16.45
C GLN A 146 54.20 18.00 17.25
N GLU A 147 53.74 17.07 18.08
CA GLU A 147 54.61 16.20 18.86
C GLU A 147 55.26 15.16 17.97
N SER A 148 56.48 15.45 17.52
CA SER A 148 57.24 14.52 16.71
C SER A 148 57.97 13.50 17.60
N GLY A 149 58.42 12.40 17.02
CA GLY A 149 59.15 11.40 17.77
C GLY A 149 58.43 10.08 17.88
N PRO A 150 59.13 9.07 18.41
CA PRO A 150 58.51 7.75 18.56
C PRO A 150 57.56 7.72 19.75
N GLY A 151 56.75 6.68 19.80
CA GLY A 151 55.78 6.54 20.86
C GLY A 151 54.37 6.58 20.32
N ASP A 152 53.44 6.06 21.11
CA ASP A 152 52.04 5.99 20.73
C ASP A 152 51.16 6.46 21.90
N PHE A 153 49.94 5.92 22.06
CA PHE A 153 49.05 6.30 23.14
C PHE A 153 48.78 5.09 24.04
N SER A 154 49.82 4.30 24.32
CA SER A 154 49.71 3.10 25.12
C SER A 154 50.57 3.15 26.39
N PHE A 155 50.21 2.35 27.39
CA PHE A 155 50.97 2.23 28.62
C PHE A 155 51.91 1.04 28.49
N THR A 156 53.12 1.16 29.03
CA THR A 156 54.12 0.11 28.93
C THR A 156 54.13 -0.81 30.12
N TYR A 157 53.78 -2.08 29.88
CA TYR A 157 53.78 -3.10 30.91
C TYR A 157 54.99 -4.01 30.72
N SER A 158 55.66 -4.39 31.80
CA SER A 158 56.82 -5.28 31.71
C SER A 158 56.57 -6.61 32.43
N ASN A 159 55.31 -7.05 32.52
CA ASN A 159 54.93 -8.26 33.25
C ASN A 159 53.44 -8.54 32.99
N PRO A 160 53.03 -9.81 32.80
CA PRO A 160 51.61 -10.09 32.54
C PRO A 160 50.69 -9.81 33.73
N GLN A 161 51.19 -10.00 34.96
CA GLN A 161 50.44 -9.72 36.20
C GLN A 161 50.19 -8.22 36.35
N GLU A 162 51.16 -7.39 35.89
CA GLU A 162 51.11 -5.94 35.88
C GLU A 162 50.02 -5.45 34.90
N ARG A 163 49.89 -6.13 33.75
CA ARG A 163 48.89 -5.85 32.72
C ARG A 163 47.48 -6.18 33.23
N ALA A 164 47.32 -7.20 34.07
CA ALA A 164 46.02 -7.60 34.61
C ALA A 164 45.50 -6.74 35.77
N SER A 165 46.21 -5.66 36.12
CA SER A 165 45.80 -4.78 37.21
C SER A 165 45.64 -3.34 36.74
N LEU A 166 44.59 -2.65 37.19
CA LEU A 166 44.39 -1.25 36.81
C LEU A 166 45.29 -0.36 37.68
N ALA A 167 45.36 -0.67 38.97
CA ALA A 167 46.18 0.07 39.92
C ALA A 167 47.59 -0.54 40.01
N PRO A 168 48.60 0.20 40.51
CA PRO A 168 49.95 -0.39 40.61
C PRO A 168 49.97 -1.61 41.55
N LEU A 169 50.83 -2.59 41.24
CA LEU A 169 50.92 -3.80 42.04
C LEU A 169 51.48 -3.54 43.45
N ASN A 170 51.18 -4.46 44.38
CA ASN A 170 51.64 -4.44 45.78
C ASN A 170 51.23 -3.18 46.55
N LYS A 171 50.02 -2.67 46.25
CA LYS A 171 49.42 -1.48 46.86
C LYS A 171 50.30 -0.23 46.77
N GLU A 172 51.04 -0.08 45.66
CA GLU A 172 51.91 1.08 45.47
C GLU A 172 51.15 2.28 44.90
N SER A 173 51.63 3.49 45.21
CA SER A 173 51.00 4.72 44.73
C SER A 173 51.47 5.13 43.33
N ARG A 174 52.63 4.64 42.89
CA ARG A 174 53.18 4.98 41.59
C ARG A 174 53.33 3.77 40.69
N TYR A 175 53.17 3.97 39.39
CA TYR A 175 53.39 2.92 38.40
C TYR A 175 54.90 2.84 38.12
N PRO A 176 55.44 1.68 37.67
CA PRO A 176 56.89 1.61 37.36
C PRO A 176 57.33 2.69 36.36
N THR A 177 58.62 3.08 36.42
CA THR A 177 59.19 4.14 35.60
C THR A 177 58.82 4.06 34.10
N ALA A 178 58.84 2.86 33.50
CA ALA A 178 58.54 2.68 32.08
C ALA A 178 57.09 2.90 31.65
N PHE A 179 56.14 2.79 32.58
CA PHE A 179 54.69 2.86 32.34
C PHE A 179 54.22 3.97 31.37
N PHE A 180 54.56 5.23 31.65
CA PHE A 180 54.11 6.33 30.80
C PHE A 180 55.12 6.78 29.74
N GLN A 181 56.32 6.20 29.72
CA GLN A 181 57.43 6.61 28.85
C GLN A 181 57.15 6.61 27.35
N ARG A 182 56.28 5.72 26.86
CA ARG A 182 55.95 5.67 25.43
C ARG A 182 54.65 6.44 25.06
N HIS A 183 53.96 7.05 26.04
CA HIS A 183 52.72 7.77 25.79
C HIS A 183 52.99 9.21 25.38
N LYS A 184 52.64 9.58 24.13
CA LYS A 184 52.85 10.91 23.56
C LYS A 184 52.13 12.02 24.31
N LEU A 185 50.89 11.75 24.75
CA LEU A 185 50.09 12.73 25.47
C LEU A 185 50.68 13.00 26.86
N HIS A 186 51.15 11.96 27.54
CA HIS A 186 51.78 12.12 28.85
C HIS A 186 53.08 12.90 28.68
N ALA A 187 53.90 12.56 27.67
CA ALA A 187 55.17 13.19 27.41
C ALA A 187 55.03 14.68 27.12
N MET A 188 53.99 15.06 26.38
CA MET A 188 53.78 16.47 26.05
C MET A 188 53.40 17.27 27.29
N MET A 189 52.53 16.73 28.14
CA MET A 189 52.13 17.40 29.38
C MET A 189 53.25 17.43 30.41
N ALA A 190 54.11 16.40 30.43
CA ALA A 190 55.25 16.34 31.34
C ALA A 190 56.27 17.39 30.95
N LYS A 191 56.53 17.57 29.63
CA LYS A 191 57.45 18.58 29.13
C LYS A 191 56.94 19.99 29.43
N ALA A 192 55.62 20.19 29.46
CA ALA A 192 55.00 21.46 29.79
C ALA A 192 55.09 21.82 31.28
N GLY A 193 55.54 20.90 32.13
CA GLY A 193 55.69 21.17 33.55
C GLY A 193 54.56 20.68 34.43
N LEU A 194 53.56 20.01 33.84
CA LEU A 194 52.43 19.47 34.62
C LEU A 194 52.90 18.27 35.46
N PHE A 195 52.17 17.97 36.54
CA PHE A 195 52.44 16.87 37.48
C PHE A 195 53.94 16.65 37.80
N PRO A 196 54.63 17.63 38.45
CA PRO A 196 56.05 17.42 38.76
C PRO A 196 56.28 16.67 40.07
N HIS A 197 57.47 16.07 40.23
CA HIS A 197 57.78 15.31 41.44
C HIS A 197 58.47 16.22 42.45
N ASN A 198 57.89 16.39 43.65
CA ASN A 198 58.52 17.26 44.66
C ASN A 198 58.90 16.51 45.93
N ALA A 209 58.80 23.12 42.61
CA ALA A 209 58.13 23.17 41.30
C ALA A 209 56.61 23.28 41.42
N MET A 210 56.04 24.37 40.88
CA MET A 210 54.61 24.65 40.89
C MET A 210 53.80 23.55 40.18
N ASP A 211 52.78 23.02 40.87
CA ASP A 211 51.91 21.98 40.33
C ASP A 211 50.53 22.58 40.08
N LEU A 212 50.23 22.94 38.82
CA LEU A 212 48.95 23.53 38.47
C LEU A 212 47.78 22.57 38.68
N VAL A 213 47.97 21.26 38.41
CA VAL A 213 46.92 20.26 38.59
C VAL A 213 46.52 20.17 40.06
N PHE A 214 47.51 20.14 40.97
CA PHE A 214 47.29 20.08 42.40
C PHE A 214 46.62 21.32 42.94
N ALA A 215 46.89 22.50 42.36
CA ALA A 215 46.25 23.73 42.75
C ALA A 215 44.76 23.69 42.39
N ILE A 216 44.40 23.07 41.25
CA ILE A 216 43.02 22.92 40.82
C ILE A 216 42.30 21.88 41.69
N THR A 217 42.89 20.69 41.89
CA THR A 217 42.27 19.62 42.69
C THR A 217 42.06 20.02 44.15
N SER A 218 43.02 20.72 44.76
CA SER A 218 42.87 21.15 46.15
C SER A 218 41.87 22.31 46.34
N ALA A 219 41.49 22.99 45.26
CA ALA A 219 40.54 24.09 45.34
C ALA A 219 39.09 23.63 45.08
N MET A 220 38.88 22.54 44.32
CA MET A 220 37.53 22.09 44.00
C MET A 220 37.20 20.69 44.49
N PHE A 221 38.17 19.80 44.55
CA PHE A 221 37.91 18.41 44.91
C PHE A 221 38.45 17.99 46.28
N GLY A 222 38.78 18.95 47.13
CA GLY A 222 39.25 18.66 48.47
C GLY A 222 40.72 18.31 48.58
N SER A 223 41.21 18.24 49.83
CA SER A 223 42.60 17.94 50.15
C SER A 223 42.96 16.46 50.00
N ASP A 224 41.98 15.56 49.88
CA ASP A 224 42.25 14.13 49.76
C ASP A 224 42.92 13.73 48.46
N ILE A 225 42.75 14.53 47.38
CA ILE A 225 43.36 14.21 46.08
C ILE A 225 44.84 14.53 46.09
N PRO A 226 45.70 13.51 46.02
CA PRO A 226 47.15 13.76 46.06
C PRO A 226 47.70 14.27 44.74
N PRO A 227 48.95 14.82 44.71
CA PRO A 227 49.53 15.25 43.43
C PRO A 227 49.61 14.08 42.44
N PHE A 228 49.30 14.31 41.16
CA PHE A 228 49.25 13.28 40.13
C PHE A 228 50.54 12.48 39.98
N SER A 229 51.70 13.08 40.31
CA SER A 229 52.98 12.38 40.23
C SER A 229 53.20 11.44 41.44
N ALA A 230 52.59 11.77 42.60
CA ALA A 230 52.71 10.96 43.82
C ALA A 230 51.73 9.79 43.80
N TYR A 231 50.46 10.03 43.40
CA TYR A 231 49.44 8.98 43.29
C TYR A 231 48.99 8.99 41.82
N GLN A 232 49.58 8.11 41.03
CA GLN A 232 49.46 8.12 39.58
C GLN A 232 48.18 7.48 38.97
N TRP A 233 47.23 6.96 39.79
CA TRP A 233 45.99 6.41 39.22
C TRP A 233 45.20 7.52 38.53
N ASN A 234 45.09 8.69 39.19
CA ASN A 234 44.36 9.82 38.62
C ASN A 234 44.97 10.31 37.30
N LEU A 235 46.31 10.20 37.17
CA LEU A 235 46.99 10.59 35.95
C LEU A 235 46.64 9.61 34.81
N ARG A 236 46.66 8.30 35.10
CA ARG A 236 46.33 7.27 34.12
C ARG A 236 44.86 7.35 33.68
N ALA A 237 43.94 7.46 34.65
CA ALA A 237 42.51 7.56 34.34
C ALA A 237 42.19 8.85 33.57
N GLY A 238 42.83 9.95 33.97
CA GLY A 238 42.66 11.25 33.32
C GLY A 238 43.16 11.30 31.90
N ILE A 239 44.30 10.65 31.62
CA ILE A 239 44.88 10.57 30.27
C ILE A 239 43.93 9.83 29.34
N VAL A 240 43.40 8.69 29.78
CA VAL A 240 42.49 7.88 28.99
C VAL A 240 41.17 8.62 28.71
N ALA A 241 40.61 9.32 29.71
CA ALA A 241 39.38 10.09 29.49
C ALA A 241 39.64 11.27 28.56
N LEU A 242 40.84 11.88 28.63
CA LEU A 242 41.25 12.97 27.77
C LEU A 242 41.34 12.48 26.31
N GLU A 243 41.77 11.22 26.09
CA GLU A 243 41.83 10.59 24.76
C GLU A 243 40.45 10.49 24.14
N VAL A 244 39.43 10.18 24.97
CA VAL A 244 38.04 10.09 24.52
C VAL A 244 37.54 11.49 24.10
N PHE A 245 37.84 12.53 24.89
CA PHE A 245 37.46 13.91 24.56
C PHE A 245 38.17 14.39 23.28
N ILE A 246 39.45 14.00 23.08
CA ILE A 246 40.24 14.34 21.91
C ILE A 246 39.62 13.71 20.66
N LEU A 247 39.25 12.42 20.75
CA LEU A 247 38.61 11.71 19.64
C LEU A 247 37.23 12.31 19.33
N ALA A 248 36.47 12.72 20.35
CA ALA A 248 35.17 13.33 20.15
C ALA A 248 35.31 14.68 19.44
N TYR A 249 36.31 15.49 19.84
CA TYR A 249 36.55 16.79 19.24
C TYR A 249 36.98 16.64 17.79
N GLY A 250 37.92 15.74 17.54
CA GLY A 250 38.44 15.48 16.21
C GLY A 250 37.39 14.99 15.24
N LEU A 251 36.49 14.11 15.71
CA LEU A 251 35.41 13.58 14.87
C LEU A 251 34.43 14.66 14.40
N LEU A 252 34.07 15.59 15.30
CA LEU A 252 33.11 16.65 14.97
C LEU A 252 33.75 17.95 14.52
N GLU A 253 35.09 18.05 14.44
CA GLU A 253 35.84 19.27 14.10
C GLU A 253 35.29 20.07 12.90
N PHE A 254 34.98 19.38 11.79
CA PHE A 254 34.43 20.04 10.62
C PHE A 254 33.00 19.56 10.32
N GLY A 255 32.24 19.24 11.35
CA GLY A 255 30.88 18.74 11.22
C GLY A 255 29.83 19.75 10.81
N GLN A 256 28.88 19.30 9.98
CA GLN A 256 27.73 20.08 9.49
C GLN A 256 26.48 19.22 9.69
N VAL A 257 25.35 19.80 10.13
CA VAL A 257 24.13 19.01 10.36
C VAL A 257 22.90 19.55 9.62
N ALA A 258 22.92 20.81 9.20
CA ALA A 258 21.73 21.43 8.58
C ALA A 258 21.17 20.69 7.38
N ARG A 259 22.06 20.15 6.53
CA ARG A 259 21.57 19.47 5.35
C ARG A 259 21.19 18.01 5.60
N GLY A 260 20.08 17.64 4.97
CA GLY A 260 19.53 16.30 5.03
C GLY A 260 20.26 15.34 4.12
N HIS A 261 21.22 14.63 4.68
CA HIS A 261 22.07 13.67 3.97
C HIS A 261 21.28 12.45 3.50
N PRO A 262 21.59 11.92 2.29
CA PRO A 262 20.88 10.72 1.84
C PRO A 262 21.20 9.47 2.67
N ASN A 263 22.41 9.43 3.28
CA ASN A 263 22.86 8.31 4.12
C ASN A 263 22.65 8.57 5.61
N ARG A 264 21.75 9.50 5.98
CA ARG A 264 21.47 9.74 7.38
C ARG A 264 20.55 8.64 7.86
N ARG A 265 21.05 7.82 8.77
CA ARG A 265 20.34 6.70 9.37
C ARG A 265 19.32 7.13 10.42
N LEU A 266 19.72 7.98 11.38
CA LEU A 266 18.83 8.41 12.44
C LEU A 266 17.67 9.28 11.98
N ASN A 267 16.46 8.86 12.31
CA ASN A 267 15.24 9.58 11.95
C ASN A 267 14.40 9.68 13.21
N LEU A 268 14.52 10.77 13.95
CA LEU A 268 13.79 10.97 15.19
C LEU A 268 12.28 11.07 15.02
N VAL A 269 11.81 11.50 13.83
CA VAL A 269 10.37 11.56 13.56
C VAL A 269 9.79 10.13 13.54
N SER A 270 10.54 9.17 12.98
CA SER A 270 10.14 7.77 12.93
C SER A 270 10.13 7.15 14.32
N LEU A 271 11.21 7.38 15.10
CA LEU A 271 11.37 6.81 16.43
C LEU A 271 10.43 7.37 17.49
N LEU A 272 10.18 8.69 17.48
CA LEU A 272 9.40 9.33 18.53
C LEU A 272 7.93 9.48 18.24
N GLY A 273 7.57 9.72 16.98
CA GLY A 273 6.18 9.87 16.60
C GLY A 273 5.48 11.05 17.26
N PRO A 274 4.37 10.80 17.99
CA PRO A 274 3.62 11.90 18.63
C PRO A 274 4.35 12.63 19.76
N LYS A 275 5.42 12.05 20.29
CA LYS A 275 6.22 12.68 21.36
C LYS A 275 7.01 13.89 20.80
N PHE A 276 7.37 13.85 19.51
CA PHE A 276 8.12 14.89 18.83
C PHE A 276 7.15 15.92 18.20
N GLN A 277 7.30 17.20 18.55
CA GLN A 277 6.55 18.30 17.94
C GLN A 277 7.53 18.97 16.97
N PRO A 278 7.49 18.65 15.65
CA PRO A 278 8.50 19.19 14.72
C PRO A 278 8.47 20.70 14.48
N GLY A 279 7.29 21.28 14.41
CA GLY A 279 7.15 22.72 14.17
C GLY A 279 7.91 23.26 12.97
N ALA A 280 8.96 24.07 13.22
CA ALA A 280 9.78 24.66 12.15
C ALA A 280 11.11 23.90 11.97
N LEU A 281 11.41 23.50 10.73
CA LEU A 281 12.62 22.76 10.39
C LEU A 281 13.76 23.69 9.97
N PRO A 282 15.02 23.33 10.28
CA PRO A 282 16.15 24.21 9.94
C PRO A 282 16.37 24.42 8.44
N ASP A 283 17.02 25.53 8.09
CA ASP A 283 17.30 25.90 6.71
C ASP A 283 18.47 25.10 6.13
N PRO A 284 18.24 24.28 5.08
CA PRO A 284 19.37 23.54 4.47
C PRO A 284 20.37 24.46 3.75
N ASN A 285 19.93 25.65 3.33
CA ASN A 285 20.78 26.63 2.64
C ASN A 285 21.30 27.76 3.57
N ALA A 286 21.20 27.55 4.89
CA ALA A 286 21.64 28.47 5.94
C ALA A 286 23.17 28.46 6.05
N PRO A 287 23.83 29.51 6.59
CA PRO A 287 25.31 29.51 6.73
C PRO A 287 25.86 28.33 7.51
N MET A 288 27.01 27.84 7.04
CA MET A 288 27.67 26.65 7.55
C MET A 288 28.21 26.80 8.96
N LEU A 289 28.38 25.66 9.65
CA LEU A 289 28.99 25.65 10.97
C LEU A 289 30.49 25.83 10.78
N LYS A 290 31.09 26.74 11.54
CA LYS A 290 32.53 26.97 11.48
C LYS A 290 33.27 25.81 12.17
N ARG A 291 34.61 25.76 12.03
CA ARG A 291 35.41 24.72 12.66
C ARG A 291 35.26 24.74 14.18
N GLY A 292 34.87 23.61 14.75
CA GLY A 292 34.68 23.50 16.20
C GLY A 292 33.29 23.88 16.69
N GLN A 293 32.41 24.39 15.81
CA GLN A 293 31.07 24.82 16.21
C GLN A 293 30.12 23.68 16.57
N LEU A 294 30.25 22.51 15.90
CA LEU A 294 29.39 21.38 16.22
C LEU A 294 29.76 20.82 17.61
N PHE A 295 31.07 20.74 17.91
CA PHE A 295 31.50 20.27 19.22
C PHE A 295 31.14 21.30 20.30
N SER A 296 31.19 22.61 19.98
CA SER A 296 30.81 23.63 20.95
C SER A 296 29.34 23.49 21.34
N PHE A 297 28.48 23.14 20.37
CA PHE A 297 27.07 22.94 20.65
C PHE A 297 26.90 21.72 21.56
N ILE A 298 27.56 20.59 21.26
CA ILE A 298 27.45 19.39 22.07
C ILE A 298 28.04 19.62 23.48
N SER A 299 29.04 20.47 23.62
CA SER A 299 29.67 20.76 24.90
C SER A 299 28.75 21.61 25.77
N GLU A 300 28.17 22.66 25.20
CA GLU A 300 27.29 23.56 25.93
C GLU A 300 25.91 22.96 26.21
N HIS A 301 25.36 22.17 25.28
CA HIS A 301 24.01 21.65 25.45
C HIS A 301 23.92 20.20 25.87
N TYR A 302 25.02 19.44 25.82
CA TYR A 302 25.01 18.05 26.25
C TYR A 302 26.04 17.78 27.36
N ILE A 303 27.33 18.04 27.14
CA ILE A 303 28.36 17.75 28.15
C ILE A 303 28.11 18.50 29.46
N ILE A 304 27.95 19.84 29.39
CA ILE A 304 27.74 20.67 30.57
C ILE A 304 26.45 20.28 31.33
N PRO A 305 25.24 20.19 30.71
CA PRO A 305 24.06 19.79 31.48
C PRO A 305 24.13 18.37 32.04
N THR A 306 24.81 17.45 31.36
CA THR A 306 24.99 16.08 31.83
C THR A 306 25.84 16.08 33.09
N LEU A 307 26.94 16.86 33.08
CA LEU A 307 27.82 16.94 34.24
C LEU A 307 27.25 17.78 35.38
N GLN A 308 26.33 18.70 35.09
CA GLN A 308 25.65 19.48 36.12
C GLN A 308 24.67 18.59 36.89
N ALA A 309 24.03 17.64 36.20
CA ALA A 309 23.09 16.70 36.80
C ALA A 309 23.80 15.51 37.43
N ASN A 310 24.85 14.98 36.80
CA ASN A 310 25.63 13.85 37.32
C ASN A 310 27.09 14.29 37.38
N PRO A 311 27.50 14.96 38.46
CA PRO A 311 28.89 15.46 38.53
C PRO A 311 29.98 14.39 38.52
N ASN A 312 29.63 13.16 38.94
CA ASN A 312 30.60 12.07 38.99
C ASN A 312 30.45 11.11 37.83
N ALA A 313 29.95 11.58 36.68
CA ALA A 313 29.77 10.71 35.52
C ALA A 313 31.09 10.37 34.86
N PRO A 314 31.33 9.07 34.57
CA PRO A 314 32.55 8.70 33.85
C PRO A 314 32.50 9.11 32.38
N VAL A 315 33.66 9.20 31.70
CA VAL A 315 33.68 9.62 30.29
C VAL A 315 32.92 8.61 29.39
N SER A 316 32.87 7.33 29.79
CA SER A 316 32.14 6.30 29.06
C SER A 316 30.60 6.51 29.12
N PHE A 317 30.11 7.24 30.13
CA PHE A 317 28.71 7.60 30.27
C PHE A 317 28.38 8.79 29.35
N ILE A 318 29.34 9.70 29.15
CA ILE A 318 29.14 10.85 28.29
C ILE A 318 29.18 10.43 26.84
N PHE A 319 30.26 9.73 26.41
CA PHE A 319 30.37 9.27 25.02
C PHE A 319 30.56 7.73 24.86
N PRO A 320 29.51 6.91 25.10
CA PRO A 320 29.67 5.46 24.93
C PRO A 320 29.98 5.01 23.50
N GLY A 321 29.63 5.83 22.51
CA GLY A 321 29.93 5.53 21.12
C GLY A 321 31.42 5.50 20.84
N ILE A 322 32.21 6.36 21.50
CA ILE A 322 33.67 6.37 21.35
C ILE A 322 34.23 5.07 21.94
N ILE A 323 33.70 4.62 23.08
CA ILE A 323 34.11 3.37 23.73
C ILE A 323 33.85 2.18 22.79
N LEU A 324 32.70 2.16 22.14
CA LEU A 324 32.34 1.08 21.21
C LEU A 324 33.19 1.10 19.97
N ALA A 325 33.48 2.29 19.44
CA ALA A 325 34.36 2.41 18.28
C ALA A 325 35.79 1.97 18.65
N ALA A 326 36.24 2.25 19.88
CA ALA A 326 37.56 1.84 20.38
C ALA A 326 37.63 0.31 20.49
N LEU A 327 36.58 -0.34 21.03
CA LEU A 327 36.53 -1.79 21.13
C LEU A 327 36.58 -2.44 19.73
N GLU A 328 35.93 -1.80 18.77
CA GLU A 328 35.90 -2.29 17.39
C GLU A 328 37.23 -2.06 16.66
N ALA A 329 37.98 -1.00 17.03
CA ALA A 329 39.28 -0.68 16.43
C ALA A 329 40.34 -1.74 16.70
N ARG A 330 40.21 -2.50 17.81
CA ARG A 330 41.17 -3.56 18.10
C ARG A 330 41.11 -4.65 17.02
N SER A 331 39.88 -5.01 16.58
CA SER A 331 39.60 -6.04 15.58
C SER A 331 40.22 -5.72 14.23
N THR A 332 40.20 -4.45 13.84
CA THR A 332 40.73 -4.00 12.54
C THR A 332 42.26 -4.23 12.40
N LYS A 336 42.58 -7.41 7.57
CA LYS A 336 43.66 -8.24 7.02
C LYS A 336 43.38 -8.66 5.55
N GLN A 337 42.10 -8.72 5.14
CA GLN A 337 41.77 -9.12 3.76
C GLN A 337 40.81 -8.15 3.07
N PRO A 338 41.06 -7.83 1.78
CA PRO A 338 40.17 -6.90 1.07
C PRO A 338 39.00 -7.58 0.35
N GLY A 339 37.83 -6.95 0.43
CA GLY A 339 36.62 -7.43 -0.23
C GLY A 339 35.44 -7.62 0.70
N PRO A 340 34.40 -8.32 0.21
CA PRO A 340 33.23 -8.58 1.08
C PRO A 340 33.61 -9.53 2.21
N PHE A 341 33.01 -9.35 3.39
CA PHE A 341 33.35 -10.18 4.53
C PHE A 341 32.20 -10.31 5.53
N VAL A 342 31.92 -11.54 5.97
CA VAL A 342 30.88 -11.84 6.95
C VAL A 342 31.57 -12.23 8.25
N ASN A 343 31.34 -11.49 9.33
CA ASN A 343 32.01 -11.78 10.60
C ASN A 343 31.12 -12.60 11.56
N LEU A 344 31.40 -13.90 11.70
CA LEU A 344 30.65 -14.78 12.59
C LEU A 344 31.36 -15.06 13.94
N THR A 345 32.40 -14.26 14.28
CA THR A 345 33.16 -14.44 15.53
C THR A 345 32.53 -13.73 16.72
N GLY A 346 32.79 -14.19 17.93
CA GLY A 346 32.22 -13.60 19.15
C GLY A 346 33.22 -12.95 20.08
N SER A 347 34.49 -12.87 19.66
CA SER A 347 35.58 -12.29 20.43
C SER A 347 35.35 -10.82 20.80
N ARG A 348 34.79 -10.04 19.87
CA ARG A 348 34.51 -8.63 20.12
C ARG A 348 33.43 -8.39 21.16
N PHE A 349 32.65 -9.42 21.51
CA PHE A 349 31.61 -9.31 22.52
C PHE A 349 32.01 -9.96 23.87
N ASN A 350 33.15 -10.65 23.93
CA ASN A 350 33.61 -11.38 25.11
C ASN A 350 33.65 -10.55 26.40
N GLU A 351 34.20 -9.33 26.36
CA GLU A 351 34.29 -8.48 27.56
C GLU A 351 32.94 -8.00 28.06
N ILE A 352 32.05 -7.60 27.14
CA ILE A 352 30.71 -7.16 27.51
C ILE A 352 29.91 -8.33 28.06
N PHE A 353 29.97 -9.49 27.37
CA PHE A 353 29.23 -10.70 27.76
C PHE A 353 29.70 -11.24 29.11
N GLU A 354 31.00 -11.14 29.42
CA GLU A 354 31.52 -11.63 30.70
C GLU A 354 30.99 -10.79 31.87
N ILE A 355 30.86 -9.46 31.67
CA ILE A 355 30.29 -8.60 32.70
C ILE A 355 28.82 -8.97 32.92
N LEU A 356 28.07 -9.15 31.81
CA LEU A 356 26.66 -9.53 31.88
C LEU A 356 26.47 -10.88 32.58
N ASN A 357 27.35 -11.85 32.32
CA ASN A 357 27.26 -13.15 32.96
C ASN A 357 27.58 -13.05 34.45
N GLN A 358 28.58 -12.25 34.80
CA GLN A 358 28.98 -12.08 36.19
C GLN A 358 27.98 -11.32 37.04
N GLN A 359 27.23 -10.36 36.46
CA GLN A 359 26.30 -9.61 37.29
C GLN A 359 24.86 -10.14 37.25
N LEU A 360 24.47 -10.85 36.17
CA LEU A 360 23.12 -11.38 36.09
C LEU A 360 23.00 -12.85 36.42
N THR A 361 24.08 -13.63 36.24
CA THR A 361 24.02 -15.08 36.47
C THR A 361 24.85 -15.57 37.66
N PHE A 362 26.17 -15.32 37.68
CA PHE A 362 27.03 -15.88 38.71
C PHE A 362 27.11 -15.06 39.98
N ARG A 363 26.93 -13.74 39.87
CA ARG A 363 27.00 -12.83 41.01
C ARG A 363 28.25 -13.03 41.87
N ASP A 364 29.42 -13.05 41.21
CA ASP A 364 30.71 -13.22 41.87
C ASP A 364 31.32 -11.83 41.89
N PRO A 365 31.53 -11.26 43.09
CA PRO A 365 32.05 -9.89 43.17
C PRO A 365 33.46 -9.71 42.62
N LEU A 366 34.34 -10.69 42.85
CA LEU A 366 35.73 -10.64 42.38
C LEU A 366 35.81 -10.83 40.88
N ALA A 367 35.09 -11.82 40.35
CA ALA A 367 35.09 -12.09 38.91
C ALA A 367 34.47 -10.95 38.13
N LEU A 368 33.47 -10.26 38.69
CA LEU A 368 32.84 -9.10 38.04
C LEU A 368 33.84 -7.94 37.98
N LEU A 369 34.66 -7.77 39.03
CA LEU A 369 35.68 -6.74 39.07
C LEU A 369 36.77 -7.01 38.03
N GLN A 370 37.15 -8.28 37.85
CA GLN A 370 38.13 -8.68 36.83
C GLN A 370 37.55 -8.46 35.42
N ALA A 371 36.27 -8.72 35.24
CA ALA A 371 35.59 -8.53 33.96
C ALA A 371 35.53 -7.04 33.61
N ARG A 372 35.29 -6.18 34.60
CA ARG A 372 35.26 -4.74 34.42
C ARG A 372 36.63 -4.20 34.03
N THR A 373 37.70 -4.77 34.61
CA THR A 373 39.07 -4.41 34.31
C THR A 373 39.41 -4.80 32.89
N ALA A 374 39.00 -6.01 32.45
CA ALA A 374 39.23 -6.49 31.09
C ALA A 374 38.58 -5.61 30.03
N LEU A 375 37.37 -5.10 30.30
CA LEU A 375 36.68 -4.22 29.37
C LEU A 375 37.39 -2.86 29.29
N ARG A 376 37.89 -2.35 30.43
CA ARG A 376 38.58 -1.08 30.50
C ARG A 376 39.94 -1.16 29.77
N LEU A 377 40.68 -2.27 29.94
CA LEU A 377 41.95 -2.47 29.29
C LEU A 377 41.77 -2.65 27.76
N ALA A 378 40.69 -3.32 27.34
CA ALA A 378 40.40 -3.51 25.91
C ALA A 378 40.07 -2.16 25.26
N THR A 379 39.38 -1.27 25.98
CA THR A 379 39.03 0.05 25.50
C THR A 379 40.30 0.90 25.36
N GLU A 380 41.22 0.84 26.36
CA GLU A 380 42.50 1.57 26.31
C GLU A 380 43.35 1.12 25.12
N GLU A 381 43.30 -0.16 24.79
CA GLU A 381 44.01 -0.75 23.68
C GLU A 381 43.43 -0.22 22.35
N GLY A 382 42.11 -0.15 22.24
CA GLY A 382 41.42 0.35 21.05
C GLY A 382 41.56 1.86 20.86
N LEU A 383 41.60 2.62 21.97
CA LEU A 383 41.81 4.08 21.91
C LEU A 383 43.20 4.39 21.34
N ASP A 384 44.19 3.56 21.67
CA ASP A 384 45.56 3.69 21.17
C ASP A 384 45.56 3.42 19.66
N VAL A 385 44.80 2.42 19.17
CA VAL A 385 44.69 2.11 17.74
C VAL A 385 44.09 3.33 17.02
N LEU A 386 42.98 3.88 17.53
CA LEU A 386 42.31 5.04 16.96
C LEU A 386 43.23 6.27 16.89
N LEU A 387 43.91 6.61 18.00
CA LEU A 387 44.79 7.78 18.04
C LEU A 387 46.12 7.58 17.32
N SER A 388 46.56 6.33 17.15
CA SER A 388 47.81 6.06 16.42
C SER A 388 47.61 6.03 14.89
N HIS A 389 46.38 5.97 14.41
CA HIS A 389 46.06 5.99 12.98
C HIS A 389 46.48 7.36 12.42
N PRO A 390 47.01 7.43 11.18
CA PRO A 390 47.43 8.74 10.63
C PRO A 390 46.34 9.79 10.54
N SER A 391 45.08 9.37 10.41
CA SER A 391 43.94 10.29 10.37
C SER A 391 42.85 9.69 11.26
N PRO A 392 42.96 9.90 12.59
CA PRO A 392 42.00 9.29 13.52
C PRO A 392 40.51 9.50 13.18
N PRO A 393 39.99 10.70 12.83
CA PRO A 393 38.55 10.80 12.52
C PRO A 393 38.14 10.00 11.29
N THR A 394 39.06 9.72 10.37
CA THR A 394 38.75 8.93 9.17
C THR A 394 38.48 7.47 9.54
N LEU A 395 39.31 6.89 10.42
CA LEU A 395 39.11 5.52 10.89
C LEU A 395 37.82 5.43 11.70
N LEU A 396 37.59 6.44 12.56
CA LEU A 396 36.41 6.56 13.39
C LEU A 396 35.14 6.61 12.52
N GLN A 397 35.18 7.37 11.42
CA GLN A 397 34.05 7.47 10.50
C GLN A 397 33.75 6.13 9.83
N GLU A 398 34.81 5.40 9.45
CA GLU A 398 34.70 4.09 8.81
C GLU A 398 34.05 3.07 9.74
N ILE A 399 34.44 3.05 11.02
CA ILE A 399 33.87 2.14 12.01
C ILE A 399 32.41 2.47 12.29
N ILE A 400 32.08 3.75 12.47
CA ILE A 400 30.70 4.17 12.70
C ILE A 400 29.80 3.84 11.51
N LYS A 401 30.33 3.90 10.29
CA LYS A 401 29.55 3.57 9.09
C LYS A 401 29.35 2.05 8.93
N SER A 402 30.45 1.28 8.95
CA SER A 402 30.40 -0.16 8.76
C SER A 402 29.73 -0.94 9.87
N GLN A 403 30.03 -0.61 11.13
CA GLN A 403 29.49 -1.36 12.25
C GLN A 403 28.24 -0.77 12.87
N PHE A 404 28.06 0.54 12.75
CA PHE A 404 26.92 1.18 13.41
C PHE A 404 25.94 1.89 12.47
N GLY A 405 26.22 1.89 11.17
CA GLY A 405 25.32 2.46 10.17
C GLY A 405 25.27 3.96 10.02
N GLY A 406 26.13 4.68 10.74
CA GLY A 406 26.16 6.14 10.69
C GLY A 406 26.79 6.67 9.41
N GLY A 407 26.03 7.45 8.67
CA GLY A 407 26.50 7.97 7.39
C GLY A 407 26.85 9.43 7.32
N ASP A 408 26.55 10.22 8.37
CA ASP A 408 26.85 11.66 8.34
C ASP A 408 27.24 12.21 9.73
N ASP A 409 27.54 13.53 9.83
CA ASP A 409 27.94 14.14 11.10
C ASP A 409 26.85 14.10 12.15
N TYR A 410 25.58 14.19 11.71
CA TYR A 410 24.41 14.12 12.57
C TYR A 410 24.38 12.74 13.23
N ASP A 411 24.58 11.67 12.45
CA ASP A 411 24.62 10.30 12.94
C ASP A 411 25.78 10.11 13.87
N ARG A 412 26.97 10.66 13.54
CA ARG A 412 28.16 10.52 14.38
C ARG A 412 28.00 11.19 15.73
N ALA A 413 27.40 12.38 15.77
CA ALA A 413 27.16 13.09 17.03
C ALA A 413 26.18 12.30 17.90
N TYR A 414 25.08 11.80 17.32
CA TYR A 414 24.10 11.01 18.06
C TYR A 414 24.64 9.65 18.47
N PHE A 415 25.49 9.02 17.66
CA PHE A 415 26.08 7.74 17.99
C PHE A 415 27.03 7.87 19.20
N MET A 416 27.81 8.96 19.29
CA MET A 416 28.71 9.16 20.42
C MET A 416 27.93 9.21 21.72
N VAL A 417 26.79 9.89 21.72
CA VAL A 417 25.92 10.04 22.87
C VAL A 417 25.10 8.78 23.19
N LEU A 418 24.43 8.18 22.20
CA LEU A 418 23.55 7.04 22.42
C LEU A 418 24.22 5.66 22.45
N GLY A 419 25.38 5.52 21.83
CA GLY A 419 26.04 4.22 21.72
C GLY A 419 25.46 3.36 20.61
N CYS A 420 24.48 3.87 19.87
CA CYS A 420 23.81 3.16 18.79
C CYS A 420 22.97 4.15 17.98
N LEU A 421 22.45 3.69 16.84
CA LEU A 421 21.59 4.49 15.99
C LEU A 421 20.36 3.65 15.67
N PRO A 422 19.34 3.70 16.54
CA PRO A 422 18.15 2.86 16.30
C PRO A 422 17.33 3.29 15.09
N VAL A 423 16.76 2.30 14.39
CA VAL A 423 15.85 2.52 13.26
C VAL A 423 14.56 1.71 13.50
N VAL A 424 13.44 2.15 12.93
CA VAL A 424 12.18 1.43 13.06
C VAL A 424 12.05 0.51 11.84
N LEU A 425 11.78 -0.78 12.07
CA LEU A 425 11.58 -1.70 10.96
C LEU A 425 10.21 -2.32 11.11
N ALA A 426 9.40 -2.24 10.04
CA ALA A 426 8.04 -2.79 10.06
C ALA A 426 8.05 -4.28 10.33
N VAL A 427 7.19 -4.72 11.25
CA VAL A 427 7.01 -6.11 11.62
C VAL A 427 6.44 -6.91 10.43
N VAL A 428 5.53 -6.30 9.67
CA VAL A 428 4.98 -6.90 8.46
C VAL A 428 5.63 -6.28 7.21
N PRO A 429 6.26 -7.08 6.35
CA PRO A 429 6.90 -6.50 5.15
C PRO A 429 5.92 -6.44 3.98
N ARG B 5 14.55 45.34 6.77
CA ARG B 5 15.85 45.62 6.19
C ARG B 5 15.82 45.60 4.65
N ASN B 6 14.75 46.16 4.05
CA ASN B 6 14.61 46.23 2.61
C ASN B 6 15.51 47.31 2.02
N PHE B 7 16.10 47.05 0.86
CA PHE B 7 16.94 48.04 0.19
C PHE B 7 16.62 48.15 -1.30
N THR B 8 16.95 49.28 -1.90
CA THR B 8 16.64 49.54 -3.30
C THR B 8 17.91 49.68 -4.15
N VAL B 9 17.90 49.11 -5.37
CA VAL B 9 19.00 49.22 -6.33
C VAL B 9 18.48 49.59 -7.73
N ALA B 10 19.33 50.18 -8.55
CA ALA B 10 19.00 50.51 -9.95
C ALA B 10 20.26 50.19 -10.77
N ILE B 11 20.11 49.55 -11.92
CA ILE B 11 21.25 49.11 -12.72
C ILE B 11 21.63 50.11 -13.82
N VAL B 12 20.66 50.55 -14.63
CA VAL B 12 20.93 51.49 -15.71
C VAL B 12 19.98 52.70 -15.64
N PRO B 13 20.39 53.89 -16.15
CA PRO B 13 19.49 55.05 -16.10
C PRO B 13 18.21 54.84 -16.89
N GLY B 14 17.10 55.38 -16.42
CA GLY B 14 15.82 55.22 -17.10
C GLY B 14 15.05 53.97 -16.77
N ASP B 15 15.71 52.99 -16.15
CA ASP B 15 15.11 51.72 -15.78
C ASP B 15 14.47 51.75 -14.38
N PRO B 16 13.61 50.77 -14.03
CA PRO B 16 13.02 50.78 -12.69
C PRO B 16 14.03 50.45 -11.59
N HIS B 17 13.70 50.88 -10.38
CA HIS B 17 14.46 50.57 -9.18
C HIS B 17 13.87 49.27 -8.63
N PHE B 18 14.70 48.40 -8.08
CA PHE B 18 14.23 47.14 -7.53
C PHE B 18 14.35 47.18 -6.02
N SER B 19 13.24 46.92 -5.32
CA SER B 19 13.26 46.85 -3.87
C SER B 19 13.35 45.39 -3.50
N VAL B 20 14.40 45.01 -2.79
CA VAL B 20 14.62 43.62 -2.41
C VAL B 20 14.81 43.49 -0.91
N ASP B 21 14.56 42.29 -0.37
CA ASP B 21 14.78 42.01 1.03
C ASP B 21 16.28 41.80 1.29
N ARG B 22 16.97 41.00 0.45
CA ARG B 22 18.38 40.66 0.63
C ARG B 22 19.20 40.55 -0.65
N ASP B 23 18.66 39.86 -1.67
CA ASP B 23 19.41 39.54 -2.88
C ASP B 23 18.56 39.69 -4.14
N LEU B 24 18.98 40.53 -5.07
CA LEU B 24 18.27 40.74 -6.33
C LEU B 24 18.17 39.44 -7.17
N ARG B 25 19.29 38.73 -7.43
CA ARG B 25 19.25 37.49 -8.23
C ARG B 25 18.38 36.41 -7.57
N GLY B 26 18.50 36.26 -6.27
CA GLY B 26 17.76 35.26 -5.52
C GLY B 26 16.27 35.51 -5.44
N GLU B 27 15.86 36.77 -5.55
CA GLU B 27 14.44 37.13 -5.49
C GLU B 27 13.81 37.31 -6.88
N LEU B 28 14.62 37.58 -7.91
CA LEU B 28 14.12 37.77 -9.26
C LEU B 28 13.87 36.44 -9.98
N MET B 29 14.85 35.52 -9.95
CA MET B 29 14.75 34.25 -10.68
C MET B 29 13.52 33.39 -10.36
N PRO B 30 13.10 33.18 -9.09
CA PRO B 30 11.91 32.34 -8.86
C PRO B 30 10.64 32.87 -9.51
N THR B 31 10.53 34.19 -9.69
CA THR B 31 9.36 34.80 -10.31
C THR B 31 9.20 34.44 -11.77
N LEU B 32 10.22 33.87 -12.40
CA LEU B 32 10.18 33.46 -13.81
C LEU B 32 9.56 32.05 -14.03
N TYR B 33 9.24 31.34 -12.94
CA TYR B 33 8.65 30.00 -13.00
C TYR B 33 7.20 30.01 -12.52
N MET B 34 6.50 31.13 -12.69
CA MET B 34 5.13 31.31 -12.19
C MET B 34 4.07 31.36 -13.28
N ASN B 35 4.42 31.02 -14.54
CA ASN B 35 3.51 31.01 -15.69
C ASN B 35 3.88 29.79 -16.54
N GLN B 36 4.09 28.63 -15.91
CA GLN B 36 4.61 27.44 -16.55
C GLN B 36 3.76 26.86 -17.67
N ASN B 37 2.48 27.27 -17.75
CA ASN B 37 1.60 26.85 -18.84
C ASN B 37 1.89 27.64 -20.14
N GLN B 38 2.44 28.86 -20.03
CA GLN B 38 2.66 29.70 -21.19
C GLN B 38 4.10 29.91 -21.58
N TRP B 39 5.00 30.05 -20.60
CA TRP B 39 6.40 30.25 -20.92
C TRP B 39 7.35 29.79 -19.82
N LEU B 40 8.60 29.56 -20.19
CA LEU B 40 9.66 29.14 -19.28
C LEU B 40 10.91 29.97 -19.62
N PRO B 41 11.75 30.29 -18.62
CA PRO B 41 12.95 31.08 -18.92
C PRO B 41 14.06 30.31 -19.62
N SER B 42 14.91 31.03 -20.37
CA SER B 42 16.08 30.49 -21.03
C SER B 42 17.22 31.46 -20.71
N PHE B 43 18.39 30.94 -20.28
CA PHE B 43 19.45 31.81 -19.80
C PHE B 43 20.66 31.95 -20.73
N GLY B 44 20.54 31.54 -21.98
CA GLY B 44 21.60 31.73 -22.95
C GLY B 44 22.38 30.49 -23.31
N PRO B 45 23.21 30.59 -24.37
CA PRO B 45 23.98 29.43 -24.83
C PRO B 45 24.83 28.70 -23.78
N TRP B 46 25.52 29.43 -22.92
CA TRP B 46 26.37 28.85 -21.88
C TRP B 46 25.54 28.05 -20.87
N PHE B 47 24.37 28.58 -20.47
CA PHE B 47 23.49 27.87 -19.55
C PHE B 47 22.76 26.70 -20.22
N ILE B 48 22.53 26.77 -21.54
CA ILE B 48 21.93 25.69 -22.30
C ILE B 48 22.95 24.53 -22.32
N SER B 49 24.24 24.84 -22.55
CA SER B 49 25.34 23.86 -22.54
C SER B 49 25.53 23.29 -21.15
N LEU B 50 25.40 24.13 -20.10
CA LEU B 50 25.53 23.71 -18.72
C LEU B 50 24.43 22.71 -18.38
N THR B 51 23.18 23.01 -18.81
CA THR B 51 22.03 22.17 -18.54
C THR B 51 22.19 20.84 -19.25
N ASP B 52 22.66 20.87 -20.51
CA ASP B 52 22.91 19.66 -21.30
C ASP B 52 23.92 18.76 -20.56
N ASN B 53 25.01 19.36 -20.07
CA ASN B 53 26.07 18.64 -19.39
C ASN B 53 25.63 18.09 -18.04
N ALA B 54 24.94 18.91 -17.25
CA ALA B 54 24.44 18.52 -15.93
C ALA B 54 23.54 17.28 -15.99
N MET B 55 22.67 17.19 -17.02
CA MET B 55 21.77 16.04 -17.14
C MET B 55 22.48 14.75 -17.57
N GLN B 56 23.68 14.87 -18.15
CA GLN B 56 24.50 13.73 -18.60
C GLN B 56 25.43 13.21 -17.48
N ARG B 57 25.76 14.05 -16.49
CA ARG B 57 26.65 13.68 -15.39
C ARG B 57 26.18 12.46 -14.62
N ARG B 58 27.06 11.47 -14.45
CA ARG B 58 26.76 10.27 -13.68
C ARG B 58 26.58 10.66 -12.20
N VAL B 59 27.47 11.53 -11.69
CA VAL B 59 27.42 12.01 -10.33
C VAL B 59 26.97 13.47 -10.35
N PHE B 60 25.69 13.69 -10.02
CA PHE B 60 25.09 15.03 -9.99
C PHE B 60 23.88 15.01 -9.04
N PRO B 61 23.66 16.06 -8.21
CA PRO B 61 22.51 16.02 -7.28
C PRO B 61 21.17 15.82 -7.98
N LYS B 62 20.40 14.81 -7.55
CA LYS B 62 19.10 14.50 -8.13
C LYS B 62 18.08 15.64 -8.05
N GLU B 63 18.14 16.46 -6.98
CA GLU B 63 17.21 17.58 -6.84
C GLU B 63 17.39 18.65 -7.92
N LEU B 64 18.56 18.68 -8.57
CA LEU B 64 18.83 19.64 -9.64
C LEU B 64 18.45 19.12 -11.04
N LYS B 65 17.88 17.90 -11.13
CA LYS B 65 17.50 17.27 -12.39
C LYS B 65 15.98 17.28 -12.66
N GLY B 66 15.29 18.34 -12.28
CA GLY B 66 13.86 18.48 -12.50
C GLY B 66 13.47 18.55 -13.96
N THR B 67 12.18 18.26 -14.27
CA THR B 67 11.65 18.23 -15.65
C THR B 67 11.86 19.48 -16.47
N VAL B 68 11.91 20.67 -15.84
CA VAL B 68 12.10 21.93 -16.56
C VAL B 68 13.41 21.94 -17.36
N ASN B 69 14.43 21.20 -16.91
CA ASN B 69 15.72 21.09 -17.60
C ASN B 69 15.59 20.48 -19.00
N PHE B 70 14.56 19.65 -19.21
CA PHE B 70 14.30 18.96 -20.47
C PHE B 70 13.23 19.66 -21.33
N GLN B 71 12.86 20.89 -20.99
CA GLN B 71 11.82 21.65 -21.68
C GLN B 71 12.37 23.00 -22.15
N ASN B 72 13.56 22.98 -22.80
CA ASN B 72 14.22 24.16 -23.35
C ASN B 72 14.38 25.25 -22.29
N SER B 73 14.79 24.83 -21.10
CA SER B 73 14.95 25.71 -19.97
C SER B 73 15.93 25.08 -18.97
N THR B 74 16.08 25.69 -17.80
CA THR B 74 16.92 25.22 -16.71
C THR B 74 16.01 25.31 -15.48
N SER B 75 15.95 24.26 -14.66
CA SER B 75 15.12 24.28 -13.48
C SER B 75 15.55 25.39 -12.50
N LEU B 76 14.62 25.88 -11.67
CA LEU B 76 14.92 26.92 -10.70
C LEU B 76 16.00 26.49 -9.73
N LYS B 77 15.98 25.26 -9.28
CA LYS B 77 17.01 24.75 -8.37
C LYS B 77 18.38 24.76 -9.02
N LEU B 78 18.49 24.34 -10.29
CA LEU B 78 19.78 24.35 -10.98
C LEU B 78 20.32 25.78 -11.24
N ILE B 79 19.48 26.70 -11.77
CA ILE B 79 19.92 28.06 -12.05
C ILE B 79 20.29 28.83 -10.77
N SER B 80 19.50 28.70 -9.68
CA SER B 80 19.79 29.42 -8.46
C SER B 80 21.02 28.89 -7.72
N HIS B 81 21.20 27.55 -7.71
CA HIS B 81 22.38 26.97 -7.08
C HIS B 81 23.64 27.29 -7.89
N THR B 82 23.52 27.37 -9.23
CA THR B 82 24.66 27.73 -10.07
C THR B 82 25.05 29.18 -9.79
N LEU B 83 24.08 30.12 -9.82
CA LEU B 83 24.35 31.53 -9.58
C LEU B 83 24.87 31.79 -8.16
N THR B 84 24.38 31.03 -7.16
CA THR B 84 24.88 31.18 -5.79
C THR B 84 26.34 30.73 -5.71
N THR B 85 26.69 29.64 -6.41
CA THR B 85 28.05 29.11 -6.46
C THR B 85 29.00 30.13 -7.07
N VAL B 86 28.58 30.77 -8.17
CA VAL B 86 29.37 31.79 -8.85
C VAL B 86 29.53 33.01 -7.95
N ALA B 87 28.45 33.44 -7.27
CA ALA B 87 28.47 34.58 -6.35
C ALA B 87 29.38 34.36 -5.12
N SER B 88 29.66 33.10 -4.78
CA SER B 88 30.53 32.78 -3.65
C SER B 88 32.00 32.56 -4.05
N THR B 89 32.36 32.76 -5.33
CA THR B 89 33.71 32.49 -5.82
C THR B 89 34.82 33.12 -4.97
N THR B 90 34.69 34.42 -4.67
CA THR B 90 35.70 35.10 -3.89
C THR B 90 35.29 35.35 -2.45
N ALA B 91 34.38 34.53 -1.91
CA ALA B 91 33.97 34.65 -0.51
C ALA B 91 35.08 34.05 0.36
N ASP B 92 35.29 34.63 1.54
CA ASP B 92 36.33 34.18 2.44
C ASP B 92 35.83 33.02 3.30
N PHE B 93 36.48 31.86 3.17
CA PHE B 93 36.12 30.69 3.96
C PHE B 93 37.16 30.38 5.08
N PHE B 94 38.22 31.20 5.21
CA PHE B 94 39.20 31.07 6.29
C PHE B 94 38.61 31.94 7.42
N ALA B 95 38.40 31.40 8.61
CA ALA B 95 37.89 32.22 9.71
C ALA B 95 39.07 32.95 10.33
N ASP B 96 39.52 34.04 9.70
CA ASP B 96 40.70 34.77 10.20
C ASP B 96 40.44 36.26 10.47
N ALA B 97 40.83 36.74 11.65
CA ALA B 97 40.66 38.14 12.06
C ALA B 97 41.57 39.10 11.26
N ARG B 98 42.68 38.59 10.72
CA ARG B 98 43.60 39.40 9.90
C ARG B 98 43.07 39.65 8.48
N HIS B 99 41.96 39.00 8.09
CA HIS B 99 41.40 39.07 6.75
C HIS B 99 40.35 40.14 6.52
N LEU B 100 40.48 40.80 5.39
CA LEU B 100 39.50 41.74 4.87
C LEU B 100 38.72 40.94 3.79
N THR B 101 37.55 41.46 3.37
CA THR B 101 36.88 40.85 2.22
C THR B 101 37.68 41.31 0.98
N ASP B 102 37.63 40.56 -0.12
CA ASP B 102 38.39 40.95 -1.31
C ASP B 102 37.95 42.33 -1.83
N THR B 103 36.65 42.66 -1.69
CA THR B 103 36.12 43.98 -2.08
C THR B 103 36.75 45.08 -1.21
N GLN B 104 36.83 44.87 0.11
CA GLN B 104 37.42 45.84 1.02
C GLN B 104 38.91 46.03 0.73
N ALA B 105 39.62 44.94 0.43
CA ALA B 105 41.03 45.01 0.10
C ALA B 105 41.26 45.74 -1.24
N ALA B 106 40.40 45.50 -2.22
CA ALA B 106 40.48 46.17 -3.52
C ALA B 106 40.19 47.66 -3.37
N LEU B 107 39.21 48.02 -2.51
CA LEU B 107 38.87 49.42 -2.26
C LEU B 107 40.00 50.14 -1.54
N CYS B 108 40.70 49.45 -0.62
CA CYS B 108 41.85 50.05 0.07
C CYS B 108 42.99 50.30 -0.90
N LEU B 109 43.23 49.36 -1.82
CA LEU B 109 44.29 49.50 -2.82
C LEU B 109 44.03 50.66 -3.78
N VAL B 110 42.82 50.74 -4.38
CA VAL B 110 42.49 51.79 -5.33
C VAL B 110 42.43 53.17 -4.65
N ASN B 111 42.05 53.23 -3.35
CA ASN B 111 41.99 54.48 -2.61
C ASN B 111 43.38 54.95 -2.22
N ALA B 112 44.27 54.02 -1.84
CA ALA B 112 45.65 54.37 -1.49
C ALA B 112 46.38 54.85 -2.74
N TYR B 113 46.14 54.21 -3.89
CA TYR B 113 46.76 54.61 -5.14
C TYR B 113 46.32 56.02 -5.55
N PHE B 114 45.04 56.33 -5.35
CA PHE B 114 44.48 57.64 -5.68
C PHE B 114 45.09 58.73 -4.80
N CYS B 115 45.29 58.44 -3.50
CA CYS B 115 45.88 59.41 -2.58
C CYS B 115 47.35 59.63 -2.89
N GLN B 116 48.05 58.58 -3.34
CA GLN B 116 49.45 58.66 -3.71
C GLN B 116 49.64 59.50 -4.98
N LYS B 117 48.74 59.34 -5.95
CA LYS B 117 48.85 60.05 -7.23
C LYS B 117 48.23 61.44 -7.25
N THR B 118 47.26 61.71 -6.36
CA THR B 118 46.59 63.01 -6.35
C THR B 118 46.83 63.85 -5.12
N SER B 119 47.26 63.25 -4.02
CA SER B 119 47.43 63.95 -2.74
C SER B 119 46.09 64.40 -2.09
N ARG B 120 44.96 63.88 -2.57
CA ARG B 120 43.63 64.06 -1.96
C ARG B 120 43.69 63.37 -0.58
N GLN B 121 42.99 63.93 0.42
CA GLN B 121 42.96 63.43 1.78
C GLN B 121 42.57 61.96 1.84
N LEU B 122 43.25 61.19 2.70
CA LEU B 122 43.01 59.77 2.92
C LEU B 122 41.56 59.53 3.34
N PRO B 123 40.91 58.47 2.83
CA PRO B 123 39.50 58.22 3.21
C PRO B 123 39.36 57.99 4.71
N ALA B 124 38.31 58.54 5.34
CA ALA B 124 38.11 58.42 6.77
C ALA B 124 37.14 57.30 7.15
N THR B 125 36.02 57.18 6.42
CA THR B 125 34.99 56.18 6.69
C THR B 125 34.86 55.21 5.52
N PRO B 126 34.26 54.02 5.72
CA PRO B 126 34.08 53.10 4.58
C PRO B 126 33.24 53.68 3.43
N ASP B 127 32.42 54.71 3.71
CA ASP B 127 31.64 55.40 2.68
C ASP B 127 32.55 56.22 1.77
N ASP B 128 33.63 56.81 2.34
CA ASP B 128 34.63 57.57 1.60
C ASP B 128 35.41 56.67 0.62
N LEU B 129 35.52 55.37 0.91
CA LEU B 129 36.18 54.41 0.00
C LEU B 129 35.40 54.30 -1.31
N LEU B 130 34.06 54.32 -1.21
CA LEU B 130 33.16 54.20 -2.37
C LEU B 130 32.85 55.53 -3.06
N ALA B 131 33.08 56.65 -2.38
CA ALA B 131 32.84 57.97 -2.96
C ALA B 131 33.81 58.19 -4.10
N ASP B 132 33.30 58.61 -5.26
CA ASP B 132 34.11 58.86 -6.45
C ASP B 132 34.86 57.61 -6.93
N LEU B 133 34.27 56.42 -6.75
CA LEU B 133 34.86 55.16 -7.21
C LEU B 133 35.12 55.16 -8.73
N PRO B 134 34.23 55.68 -9.60
CA PRO B 134 34.55 55.72 -11.04
C PRO B 134 35.82 56.52 -11.34
N GLN B 135 36.01 57.65 -10.65
CA GLN B 135 37.18 58.51 -10.81
C GLN B 135 38.45 57.85 -10.29
N LYS B 136 38.35 57.14 -9.17
CA LYS B 136 39.47 56.43 -8.58
C LYS B 136 39.92 55.26 -9.47
N LEU B 137 38.96 54.54 -10.05
CA LEU B 137 39.24 53.43 -10.96
C LEU B 137 39.82 53.94 -12.28
N ASP B 138 39.25 55.04 -12.80
CA ASP B 138 39.70 55.66 -14.04
C ASP B 138 41.17 56.08 -13.97
N LEU B 139 41.63 56.59 -12.81
CA LEU B 139 43.02 56.99 -12.67
C LEU B 139 43.94 55.77 -12.68
N LEU B 140 43.56 54.69 -11.97
CA LEU B 140 44.35 53.49 -11.90
C LEU B 140 44.46 52.80 -13.26
N ILE B 141 43.34 52.73 -13.99
CA ILE B 141 43.28 52.10 -15.31
C ILE B 141 44.10 52.84 -16.36
N THR B 142 43.98 54.19 -16.44
CA THR B 142 44.75 54.95 -17.43
C THR B 142 46.26 54.83 -17.19
N GLN B 143 46.69 54.62 -15.94
CA GLN B 143 48.10 54.43 -15.62
C GLN B 143 48.53 52.99 -15.96
N LEU B 144 47.63 52.02 -15.75
CA LEU B 144 47.87 50.61 -16.07
C LEU B 144 48.03 50.41 -17.58
N LYS B 145 47.28 51.18 -18.39
CA LYS B 145 47.38 51.11 -19.85
C LYS B 145 48.76 51.59 -20.33
N GLN B 146 49.37 52.53 -19.61
CA GLN B 146 50.71 53.05 -19.91
C GLN B 146 51.84 52.13 -19.38
N GLU B 147 51.51 51.04 -18.67
CA GLU B 147 52.50 50.10 -18.14
C GLU B 147 53.03 49.21 -19.25
N SER B 148 54.14 49.63 -19.85
CA SER B 148 54.77 48.87 -20.92
C SER B 148 55.68 47.78 -20.34
N GLY B 149 56.06 46.83 -21.19
CA GLY B 149 56.99 45.78 -20.80
C GLY B 149 56.38 44.40 -20.67
N PRO B 150 57.23 43.39 -20.41
CA PRO B 150 56.71 42.03 -20.24
C PRO B 150 56.02 41.83 -18.89
N GLY B 151 55.29 40.73 -18.79
CA GLY B 151 54.51 40.41 -17.60
C GLY B 151 53.04 40.41 -17.95
N ASP B 152 52.23 39.73 -17.13
CA ASP B 152 50.80 39.64 -17.36
C ASP B 152 50.02 39.90 -16.05
N PHE B 153 48.85 39.28 -15.84
CA PHE B 153 48.08 39.47 -14.62
C PHE B 153 47.94 38.14 -13.89
N SER B 154 49.04 37.37 -13.84
CA SER B 154 49.07 36.07 -13.21
C SER B 154 50.04 35.98 -12.04
N PHE B 155 49.79 35.03 -11.12
CA PHE B 155 50.67 34.79 -9.99
C PHE B 155 51.63 33.66 -10.37
N THR B 156 52.89 33.78 -9.95
CA THR B 156 53.90 32.79 -10.30
C THR B 156 54.08 31.72 -9.24
N TYR B 157 53.76 30.48 -9.58
CA TYR B 157 53.91 29.34 -8.69
C TYR B 157 55.13 28.53 -9.11
N SER B 158 55.92 28.07 -8.13
CA SER B 158 57.09 27.26 -8.45
C SER B 158 56.99 25.84 -7.87
N ASN B 159 55.75 25.33 -7.73
CA ASN B 159 55.49 24.02 -7.13
C ASN B 159 53.99 23.69 -7.30
N PRO B 160 53.64 22.43 -7.64
CA PRO B 160 52.21 22.11 -7.80
C PRO B 160 51.40 22.18 -6.52
N GLN B 161 52.01 21.86 -5.37
CA GLN B 161 51.37 21.94 -4.05
C GLN B 161 51.08 23.39 -3.67
N GLU B 162 51.96 24.32 -4.09
CA GLU B 162 51.85 25.76 -3.89
C GLU B 162 50.65 26.29 -4.70
N ARG B 163 50.44 25.77 -5.91
CA ARG B 163 49.34 26.13 -6.81
C ARG B 163 47.99 25.67 -6.23
N ALA B 164 47.96 24.53 -5.53
CA ALA B 164 46.75 23.99 -4.92
C ALA B 164 46.31 24.66 -3.61
N SER B 165 47.00 25.73 -3.19
CA SER B 165 46.65 26.41 -1.94
C SER B 165 46.41 27.90 -2.19
N LEU B 166 45.38 28.47 -1.55
CA LEU B 166 45.10 29.90 -1.71
C LEU B 166 46.04 30.71 -0.83
N ALA B 167 46.24 30.26 0.41
CA ALA B 167 47.14 30.90 1.36
C ALA B 167 48.56 30.35 1.22
N PRO B 168 49.60 31.06 1.72
CA PRO B 168 50.96 30.53 1.61
C PRO B 168 51.11 29.21 2.38
N LEU B 169 51.95 28.30 1.87
CA LEU B 169 52.15 27.01 2.51
C LEU B 169 52.82 27.09 3.88
N ASN B 170 52.60 26.05 4.72
CA ASN B 170 53.18 25.92 6.06
C ASN B 170 52.82 27.07 7.01
N LYS B 171 51.57 27.58 6.88
CA LYS B 171 51.01 28.67 7.68
C LYS B 171 51.86 29.95 7.67
N GLU B 172 52.51 30.25 6.54
CA GLU B 172 53.34 31.45 6.42
C GLU B 172 52.50 32.68 6.09
N SER B 173 52.98 33.86 6.50
CA SER B 173 52.27 35.11 6.26
C SER B 173 52.57 35.72 4.89
N ARG B 174 53.70 35.34 4.27
CA ARG B 174 54.08 35.87 2.97
C ARG B 174 54.19 34.78 1.92
N TYR B 175 53.89 35.15 0.68
CA TYR B 175 54.04 34.26 -0.47
C TYR B 175 55.52 34.31 -0.91
N PRO B 176 56.04 33.27 -1.56
CA PRO B 176 57.45 33.33 -2.02
C PRO B 176 57.75 34.55 -2.90
N THR B 177 59.01 34.99 -2.91
CA THR B 177 59.44 36.18 -3.64
C THR B 177 58.97 36.24 -5.11
N ALA B 178 58.96 35.14 -5.85
CA ALA B 178 58.54 35.13 -7.26
C ALA B 178 57.04 35.34 -7.50
N PHE B 179 56.19 35.04 -6.51
CA PHE B 179 54.72 35.09 -6.60
C PHE B 179 54.13 36.29 -7.36
N PHE B 180 54.45 37.52 -6.97
CA PHE B 180 53.87 38.71 -7.61
C PHE B 180 54.76 39.35 -8.68
N GLN B 181 55.98 38.81 -8.91
CA GLN B 181 56.98 39.38 -9.82
C GLN B 181 56.53 39.57 -11.28
N ARG B 182 55.63 38.73 -11.79
CA ARG B 182 55.15 38.85 -13.17
C ARG B 182 53.82 39.62 -13.30
N HIS B 183 53.20 40.03 -12.19
CA HIS B 183 51.92 40.73 -12.20
C HIS B 183 52.08 42.25 -12.44
N LYS B 184 51.59 42.75 -13.59
CA LYS B 184 51.67 44.16 -13.97
C LYS B 184 50.95 45.12 -13.01
N LEU B 185 49.79 44.73 -12.49
CA LEU B 185 49.02 45.57 -11.57
C LEU B 185 49.75 45.67 -10.23
N HIS B 186 50.34 44.57 -9.75
CA HIS B 186 51.11 44.59 -8.51
C HIS B 186 52.34 45.46 -8.70
N ALA B 187 53.05 45.28 -9.82
CA ALA B 187 54.27 46.03 -10.15
C ALA B 187 54.03 47.53 -10.22
N MET B 188 52.90 47.96 -10.79
CA MET B 188 52.60 49.39 -10.89
C MET B 188 52.34 49.99 -9.51
N MET B 189 51.57 49.28 -8.66
CA MET B 189 51.29 49.75 -7.31
C MET B 189 52.52 49.71 -6.42
N ALA B 190 53.43 48.73 -6.63
CA ALA B 190 54.66 48.62 -5.86
C ALA B 190 55.60 49.77 -6.19
N LYS B 191 55.70 50.12 -7.49
CA LYS B 191 56.52 51.25 -7.96
C LYS B 191 55.98 52.58 -7.42
N ALA B 192 54.66 52.69 -7.22
CA ALA B 192 54.03 53.88 -6.66
C ALA B 192 54.28 54.04 -5.14
N GLY B 193 54.82 53.03 -4.48
CA GLY B 193 55.11 53.11 -3.06
C GLY B 193 54.11 52.43 -2.14
N LEU B 194 53.07 51.79 -2.72
CA LEU B 194 52.07 51.09 -1.91
C LEU B 194 52.66 49.81 -1.30
N PHE B 195 52.05 49.31 -0.20
CA PHE B 195 52.47 48.12 0.55
C PHE B 195 54.01 47.94 0.67
N PRO B 196 54.73 48.83 1.36
CA PRO B 196 56.19 48.66 1.46
C PRO B 196 56.60 47.74 2.61
N HIS B 197 57.82 47.18 2.55
CA HIS B 197 58.33 46.30 3.60
C HIS B 197 59.10 47.10 4.61
N ASN B 198 58.71 47.09 5.89
CA ASN B 198 59.44 47.85 6.92
C ASN B 198 60.05 46.96 7.99
N ALA B 209 59.20 53.88 5.68
CA ALA B 209 58.37 54.08 4.50
C ALA B 209 56.87 54.07 4.80
N MET B 210 56.20 55.18 4.51
CA MET B 210 54.78 55.34 4.79
C MET B 210 53.91 54.39 3.97
N ASP B 211 52.98 53.73 4.67
CA ASP B 211 52.07 52.76 4.09
C ASP B 211 50.66 53.31 4.10
N LEU B 212 50.19 53.82 2.96
CA LEU B 212 48.85 54.37 2.84
C LEU B 212 47.75 53.33 3.05
N VAL B 213 47.96 52.08 2.57
CA VAL B 213 46.97 51.02 2.73
C VAL B 213 46.77 50.72 4.22
N PHE B 214 47.86 50.61 4.99
CA PHE B 214 47.82 50.35 6.43
C PHE B 214 47.16 51.49 7.21
N ALA B 215 47.31 52.72 6.74
CA ALA B 215 46.66 53.87 7.37
C ALA B 215 45.14 53.79 7.18
N ILE B 216 44.69 53.29 6.02
CA ILE B 216 43.26 53.13 5.73
C ILE B 216 42.69 51.95 6.52
N THR B 217 43.37 50.79 6.50
CA THR B 217 42.88 49.60 7.21
C THR B 217 42.82 49.79 8.72
N SER B 218 43.82 50.46 9.31
CA SER B 218 43.82 50.70 10.77
C SER B 218 42.82 51.78 11.21
N ALA B 219 42.26 52.56 10.27
CA ALA B 219 41.28 53.58 10.61
C ALA B 219 39.84 53.10 10.47
N MET B 220 39.59 52.11 9.58
CA MET B 220 38.22 51.62 9.35
C MET B 220 38.00 50.17 9.69
N PHE B 221 39.02 49.33 9.52
CA PHE B 221 38.86 47.89 9.71
C PHE B 221 39.56 47.32 10.96
N GLY B 222 39.93 48.19 11.89
CA GLY B 222 40.56 47.77 13.12
C GLY B 222 42.05 47.49 13.04
N SER B 223 42.66 47.28 14.21
CA SER B 223 44.07 46.99 14.38
C SER B 223 44.48 45.56 13.94
N ASP B 224 43.51 44.64 13.79
CA ASP B 224 43.81 43.26 13.44
C ASP B 224 44.34 43.07 12.02
N ILE B 225 44.05 44.01 11.09
CA ILE B 225 44.52 43.89 9.71
C ILE B 225 45.99 44.30 9.63
N PRO B 226 46.86 43.35 9.30
CA PRO B 226 48.30 43.66 9.22
C PRO B 226 48.68 44.37 7.92
N PRO B 227 49.89 44.96 7.81
CA PRO B 227 50.30 45.59 6.54
C PRO B 227 50.29 44.58 5.40
N PHE B 228 49.85 44.98 4.20
CA PHE B 228 49.73 44.10 3.05
C PHE B 228 51.02 43.37 2.65
N SER B 229 52.18 43.98 2.92
CA SER B 229 53.45 43.36 2.60
C SER B 229 53.84 42.29 3.64
N ALA B 230 53.36 42.43 4.90
CA ALA B 230 53.64 41.48 5.98
C ALA B 230 52.70 40.28 5.92
N TYR B 231 51.39 40.50 5.69
CA TYR B 231 50.40 39.44 5.56
C TYR B 231 49.80 39.61 4.17
N GLN B 232 50.34 38.87 3.20
CA GLN B 232 50.05 39.05 1.78
C GLN B 232 48.76 38.43 1.24
N TRP B 233 47.93 37.76 2.08
CA TRP B 233 46.65 37.22 1.58
C TRP B 233 45.74 38.38 1.12
N ASN B 234 45.67 39.43 1.93
CA ASN B 234 44.85 40.59 1.60
C ASN B 234 45.29 41.28 0.32
N LEU B 235 46.59 41.26 0.03
CA LEU B 235 47.15 41.84 -1.20
C LEU B 235 46.72 41.01 -2.41
N ARG B 236 46.81 39.68 -2.31
CA ARG B 236 46.43 38.78 -3.39
C ARG B 236 44.92 38.85 -3.66
N ALA B 237 44.09 38.76 -2.60
CA ALA B 237 42.63 38.84 -2.73
C ALA B 237 42.19 40.20 -3.26
N GLY B 238 42.82 41.27 -2.79
CA GLY B 238 42.54 42.63 -3.21
C GLY B 238 42.88 42.89 -4.66
N ILE B 239 44.02 42.34 -5.15
CA ILE B 239 44.45 42.49 -6.54
C ILE B 239 43.42 41.84 -7.46
N VAL B 240 43.00 40.63 -7.14
CA VAL B 240 42.02 39.90 -7.95
C VAL B 240 40.65 40.59 -7.98
N ALA B 241 40.17 41.10 -6.83
CA ALA B 241 38.90 41.84 -6.82
C ALA B 241 39.02 43.15 -7.58
N LEU B 242 40.22 43.79 -7.54
CA LEU B 242 40.48 45.03 -8.27
C LEU B 242 40.43 44.78 -9.78
N GLU B 243 40.91 43.60 -10.23
CA GLU B 243 40.85 43.18 -11.63
C GLU B 243 39.38 43.08 -12.10
N VAL B 244 38.48 42.61 -11.24
CA VAL B 244 37.05 42.53 -11.54
C VAL B 244 36.45 43.93 -11.69
N PHE B 245 36.79 44.86 -10.78
CA PHE B 245 36.33 46.24 -10.86
C PHE B 245 36.87 46.95 -12.12
N ILE B 246 38.14 46.65 -12.50
CA ILE B 246 38.80 47.24 -13.68
C ILE B 246 38.06 46.77 -14.94
N LEU B 247 37.76 45.47 -15.02
CA LEU B 247 37.04 44.89 -16.15
C LEU B 247 35.63 45.45 -16.22
N ALA B 248 34.96 45.65 -15.09
CA ALA B 248 33.61 46.23 -15.05
C ALA B 248 33.62 47.67 -15.55
N TYR B 249 34.62 48.47 -15.12
CA TYR B 249 34.73 49.85 -15.55
C TYR B 249 35.03 49.96 -17.06
N GLY B 250 35.98 49.16 -17.53
CA GLY B 250 36.36 49.16 -18.92
C GLY B 250 35.23 48.75 -19.85
N LEU B 251 34.43 47.77 -19.43
CA LEU B 251 33.30 47.29 -20.22
C LEU B 251 32.23 48.36 -20.40
N LEU B 252 31.91 49.14 -19.35
CA LEU B 252 30.87 50.17 -19.44
C LEU B 252 31.38 51.56 -19.75
N GLU B 253 32.72 51.75 -19.93
CA GLU B 253 33.36 53.05 -20.15
C GLU B 253 32.65 53.98 -21.14
N PHE B 254 32.25 53.46 -22.32
CA PHE B 254 31.57 54.29 -23.31
C PHE B 254 30.12 53.86 -23.53
N GLY B 255 29.50 53.31 -22.49
CA GLY B 255 28.16 52.80 -22.56
C GLY B 255 27.03 53.79 -22.69
N GLN B 256 26.03 53.41 -23.50
CA GLN B 256 24.81 54.18 -23.73
C GLN B 256 23.64 53.20 -23.56
N VAL B 257 22.54 53.64 -22.91
CA VAL B 257 21.40 52.74 -22.69
C VAL B 257 20.08 53.32 -23.17
N ALA B 258 19.98 54.64 -23.38
CA ALA B 258 18.69 55.25 -23.72
C ALA B 258 18.01 54.66 -24.94
N ARG B 259 18.81 54.37 -25.97
CA ARG B 259 18.28 53.85 -27.21
C ARG B 259 18.00 52.36 -27.18
N GLY B 260 16.86 52.00 -27.77
CA GLY B 260 16.41 50.63 -27.90
C GLY B 260 17.14 49.91 -29.02
N HIS B 261 18.25 49.26 -28.67
CA HIS B 261 19.12 48.52 -29.59
C HIS B 261 18.40 47.33 -30.22
N PRO B 262 18.66 47.04 -31.51
CA PRO B 262 17.99 45.88 -32.14
C PRO B 262 18.45 44.54 -31.57
N ASN B 263 19.69 44.47 -31.07
CA ASN B 263 20.28 43.26 -30.48
C ASN B 263 20.16 43.22 -28.95
N ARG B 264 19.24 44.00 -28.35
CA ARG B 264 19.05 43.96 -26.92
C ARG B 264 18.23 42.72 -26.55
N ARG B 265 18.86 41.79 -25.84
CA ARG B 265 18.28 40.54 -25.39
C ARG B 265 17.31 40.72 -24.19
N LEU B 266 17.76 41.44 -23.14
CA LEU B 266 16.95 41.61 -21.94
C LEU B 266 15.72 42.48 -22.15
N ASN B 267 14.55 41.92 -21.80
CA ASN B 267 13.27 42.60 -21.92
C ASN B 267 12.55 42.46 -20.59
N LEU B 268 12.71 43.45 -19.70
CA LEU B 268 12.09 43.38 -18.38
C LEU B 268 10.58 43.43 -18.41
N VAL B 269 9.98 44.02 -19.45
CA VAL B 269 8.52 44.05 -19.58
C VAL B 269 8.00 42.61 -19.78
N SER B 270 8.72 41.78 -20.55
CA SER B 270 8.38 40.38 -20.79
C SER B 270 8.54 39.56 -19.51
N LEU B 271 9.65 39.74 -18.81
CA LEU B 271 9.98 38.98 -17.61
C LEU B 271 9.12 39.30 -16.41
N LEU B 272 8.82 40.59 -16.18
CA LEU B 272 8.11 41.04 -14.98
C LEU B 272 6.61 41.17 -15.13
N GLY B 273 6.14 41.58 -16.28
CA GLY B 273 4.71 41.74 -16.51
C GLY B 273 4.06 42.78 -15.63
N PRO B 274 3.01 42.39 -14.86
CA PRO B 274 2.29 43.34 -14.00
C PRO B 274 3.08 43.91 -12.82
N LYS B 275 4.22 43.29 -12.47
CA LYS B 275 5.08 43.77 -11.40
C LYS B 275 5.80 45.08 -11.80
N PHE B 276 6.04 45.27 -13.11
CA PHE B 276 6.69 46.44 -13.68
C PHE B 276 5.65 47.52 -14.02
N GLN B 277 5.82 48.73 -13.48
CA GLN B 277 4.99 49.89 -13.80
C GLN B 277 5.83 50.75 -14.79
N PRO B 278 5.64 50.63 -16.12
CA PRO B 278 6.50 51.39 -17.06
C PRO B 278 6.22 52.90 -17.05
N ALA B 286 17.17 63.35 -25.98
CA ALA B 286 17.77 63.13 -24.67
C ALA B 286 19.30 63.11 -24.74
N PRO B 287 19.99 63.78 -23.81
CA PRO B 287 21.46 63.81 -23.87
C PRO B 287 22.13 62.46 -23.65
N MET B 288 23.23 62.22 -24.36
CA MET B 288 23.98 60.98 -24.26
C MET B 288 24.77 60.91 -22.95
N LEU B 289 25.11 59.70 -22.53
CA LEU B 289 25.93 59.51 -21.36
C LEU B 289 27.36 59.83 -21.71
N LYS B 290 28.04 60.63 -20.88
CA LYS B 290 29.45 60.93 -21.08
C LYS B 290 30.30 59.70 -20.70
N ARG B 291 31.61 59.73 -21.01
CA ARG B 291 32.50 58.63 -20.68
C ARG B 291 32.55 58.40 -19.16
N GLY B 292 32.26 57.18 -18.73
CA GLY B 292 32.25 56.85 -17.32
C GLY B 292 30.93 57.07 -16.60
N GLN B 293 29.93 57.66 -17.28
CA GLN B 293 28.64 57.93 -16.66
C GLN B 293 27.77 56.70 -16.43
N LEU B 294 27.89 55.66 -17.27
CA LEU B 294 27.11 54.43 -17.07
C LEU B 294 27.65 53.70 -15.85
N PHE B 295 28.99 53.65 -15.68
CA PHE B 295 29.58 53.02 -14.51
C PHE B 295 29.27 53.83 -13.25
N SER B 296 29.24 55.18 -13.36
CA SER B 296 28.91 56.03 -12.21
C SER B 296 27.50 55.75 -11.70
N PHE B 297 26.56 55.49 -12.63
CA PHE B 297 25.20 55.17 -12.27
C PHE B 297 25.17 53.83 -11.54
N ILE B 298 25.85 52.80 -12.07
CA ILE B 298 25.87 51.49 -11.44
C ILE B 298 26.59 51.53 -10.07
N SER B 299 27.57 52.42 -9.91
CA SER B 299 28.31 52.55 -8.66
C SER B 299 27.43 53.21 -7.57
N GLU B 300 26.76 54.29 -7.93
CA GLU B 300 25.91 55.01 -7.00
C GLU B 300 24.60 54.30 -6.68
N HIS B 301 23.99 53.64 -7.66
CA HIS B 301 22.68 53.02 -7.46
C HIS B 301 22.70 51.51 -7.27
N TYR B 302 23.83 50.84 -7.54
CA TYR B 302 23.91 49.40 -7.32
C TYR B 302 25.04 49.02 -6.36
N ILE B 303 26.30 49.38 -6.66
CA ILE B 303 27.43 49.01 -5.80
C ILE B 303 27.28 49.56 -4.38
N ILE B 304 27.04 50.86 -4.24
CA ILE B 304 26.91 51.49 -2.92
C ILE B 304 25.74 50.92 -2.12
N PRO B 305 24.48 50.85 -2.62
CA PRO B 305 23.40 50.27 -1.81
C PRO B 305 23.59 48.78 -1.48
N THR B 306 24.24 48.02 -2.38
CA THR B 306 24.52 46.61 -2.13
C THR B 306 25.51 46.48 -0.98
N LEU B 307 26.58 47.31 -0.97
CA LEU B 307 27.58 47.28 0.09
C LEU B 307 27.09 47.90 1.39
N GLN B 308 26.09 48.79 1.34
CA GLN B 308 25.49 49.35 2.55
C GLN B 308 24.65 48.28 3.25
N ALA B 309 23.98 47.41 2.49
CA ALA B 309 23.16 46.32 3.02
C ALA B 309 24.03 45.10 3.41
N ASN B 310 25.04 44.77 2.60
CA ASN B 310 25.94 43.64 2.88
C ASN B 310 27.36 44.18 2.86
N PRO B 311 27.86 44.71 3.98
CA PRO B 311 29.22 45.29 3.99
C PRO B 311 30.36 44.31 3.72
N ASN B 312 30.14 43.03 3.98
CA ASN B 312 31.16 42.01 3.77
C ASN B 312 30.95 41.20 2.51
N ALA B 313 30.26 41.77 1.50
CA ALA B 313 30.00 41.08 0.26
C ALA B 313 31.25 40.90 -0.58
N PRO B 314 31.50 39.68 -1.09
CA PRO B 314 32.65 39.48 -1.98
C PRO B 314 32.41 40.09 -3.36
N VAL B 315 33.48 40.36 -4.14
CA VAL B 315 33.32 40.97 -5.47
C VAL B 315 32.51 40.06 -6.40
N SER B 316 32.54 38.73 -6.20
CA SER B 316 31.77 37.77 -7.00
C SER B 316 30.26 37.90 -6.75
N PHE B 317 29.85 38.44 -5.58
CA PHE B 317 28.45 38.69 -5.27
C PHE B 317 27.99 39.98 -5.96
N ILE B 318 28.89 40.97 -6.12
CA ILE B 318 28.55 42.23 -6.77
C ILE B 318 28.46 42.01 -8.29
N PHE B 319 29.51 41.45 -8.91
CA PHE B 319 29.52 41.21 -10.35
C PHE B 319 29.75 39.72 -10.76
N PRO B 320 28.77 38.82 -10.54
CA PRO B 320 28.97 37.41 -10.95
C PRO B 320 29.15 37.21 -12.46
N GLY B 321 28.69 38.16 -13.28
CA GLY B 321 28.86 38.10 -14.72
C GLY B 321 30.32 38.16 -15.13
N ILE B 322 31.13 38.98 -14.41
CA ILE B 322 32.56 39.08 -14.71
C ILE B 322 33.25 37.73 -14.38
N ILE B 323 32.85 37.09 -13.27
CA ILE B 323 33.37 35.78 -12.86
C ILE B 323 33.09 34.74 -13.95
N LEU B 324 31.86 34.73 -14.48
CA LEU B 324 31.45 33.80 -15.53
C LEU B 324 32.20 34.06 -16.84
N ALA B 325 32.39 35.33 -17.20
CA ALA B 325 33.14 35.66 -18.41
C ALA B 325 34.61 35.24 -18.25
N ALA B 326 35.17 35.36 -17.04
CA ALA B 326 36.54 34.95 -16.75
C ALA B 326 36.68 33.43 -16.87
N LEU B 327 35.72 32.66 -16.32
CA LEU B 327 35.75 31.19 -16.45
C LEU B 327 35.68 30.76 -17.93
N GLU B 328 34.94 31.52 -18.73
CA GLU B 328 34.80 31.25 -20.16
C GLU B 328 36.05 31.64 -20.95
N ALA B 329 36.78 32.67 -20.49
CA ALA B 329 37.98 33.12 -21.15
C ALA B 329 39.10 32.10 -21.10
N ARG B 330 39.10 31.17 -20.13
CA ARG B 330 40.14 30.13 -20.06
C ARG B 330 40.03 29.21 -21.26
N SER B 331 38.78 28.85 -21.65
CA SER B 331 38.46 27.95 -22.76
C SER B 331 38.99 28.48 -24.09
N THR B 332 38.86 29.81 -24.32
CA THR B 332 39.29 30.47 -25.55
C THR B 332 40.79 30.33 -25.82
N GLN B 337 41.91 26.44 -32.78
CA GLN B 337 41.51 26.06 -34.13
C GLN B 337 40.47 27.02 -34.76
N PRO B 338 40.69 27.40 -36.04
CA PRO B 338 39.77 28.35 -36.67
C PRO B 338 38.56 27.71 -37.36
N GLY B 339 37.40 28.36 -37.22
CA GLY B 339 36.18 27.93 -37.85
C GLY B 339 35.01 27.76 -36.92
N PRO B 340 33.90 27.19 -37.44
CA PRO B 340 32.75 26.91 -36.57
C PRO B 340 33.11 25.82 -35.56
N PHE B 341 32.53 25.89 -34.35
CA PHE B 341 32.86 24.92 -33.32
C PHE B 341 31.71 24.64 -32.35
N VAL B 342 31.46 23.36 -32.10
CA VAL B 342 30.44 22.86 -31.19
C VAL B 342 31.15 22.32 -29.96
N ASN B 343 30.90 22.91 -28.80
CA ASN B 343 31.53 22.49 -27.56
C ASN B 343 30.66 21.54 -26.74
N LEU B 344 30.98 20.23 -26.77
CA LEU B 344 30.25 19.23 -25.99
C LEU B 344 31.03 18.77 -24.73
N THR B 345 32.05 19.55 -24.32
CA THR B 345 32.86 19.22 -23.14
C THR B 345 32.22 19.77 -21.87
N GLY B 346 32.57 19.18 -20.75
CA GLY B 346 32.04 19.61 -19.46
C GLY B 346 33.07 20.23 -18.53
N SER B 347 34.32 20.42 -19.01
CA SER B 347 35.41 21.00 -18.24
C SER B 347 35.10 22.37 -17.71
N ARG B 348 34.43 23.23 -18.49
CA ARG B 348 34.10 24.57 -18.04
C ARG B 348 33.07 24.58 -16.90
N PHE B 349 32.39 23.46 -16.65
CA PHE B 349 31.41 23.37 -15.56
C PHE B 349 31.92 22.54 -14.37
N ASN B 350 33.10 21.90 -14.49
CA ASN B 350 33.68 21.04 -13.46
C ASN B 350 33.77 21.65 -12.09
N GLU B 351 34.27 22.89 -11.99
CA GLU B 351 34.44 23.55 -10.71
C GLU B 351 33.12 23.87 -10.06
N ILE B 352 32.13 24.36 -10.82
CA ILE B 352 30.80 24.67 -10.28
C ILE B 352 30.10 23.39 -9.85
N PHE B 353 30.13 22.36 -10.71
CA PHE B 353 29.49 21.07 -10.45
C PHE B 353 30.09 20.33 -9.25
N GLU B 354 31.41 20.44 -9.06
CA GLU B 354 32.07 19.79 -7.93
C GLU B 354 31.64 20.42 -6.60
N ILE B 355 31.46 21.74 -6.56
CA ILE B 355 30.96 22.42 -5.36
C ILE B 355 29.54 21.94 -5.09
N LEU B 356 28.68 21.91 -6.12
CA LEU B 356 27.29 21.44 -6.00
C LEU B 356 27.23 19.99 -5.50
N ASN B 357 28.10 19.11 -5.99
CA ASN B 357 28.12 17.72 -5.55
C ASN B 357 28.59 17.61 -4.12
N GLN B 358 29.60 18.41 -3.74
CA GLN B 358 30.14 18.39 -2.38
C GLN B 358 29.23 18.98 -1.34
N GLN B 359 28.37 19.96 -1.69
CA GLN B 359 27.51 20.55 -0.67
C GLN B 359 26.10 19.97 -0.68
N LEU B 360 25.61 19.41 -1.80
CA LEU B 360 24.26 18.84 -1.84
C LEU B 360 24.24 17.33 -1.69
N THR B 361 25.32 16.64 -2.08
CA THR B 361 25.33 15.18 -2.05
C THR B 361 26.31 14.56 -1.02
N PHE B 362 27.61 14.86 -1.12
CA PHE B 362 28.61 14.20 -0.27
C PHE B 362 28.83 14.83 1.09
N ARG B 363 28.64 16.14 1.20
CA ARG B 363 28.82 16.90 2.44
C ARG B 363 30.20 16.60 3.12
N ASP B 364 31.29 16.71 2.33
CA ASP B 364 32.65 16.49 2.78
C ASP B 364 33.26 17.88 2.92
N PRO B 365 33.64 18.28 4.15
CA PRO B 365 34.15 19.64 4.36
C PRO B 365 35.48 19.95 3.68
N LEU B 366 36.39 18.96 3.64
CA LEU B 366 37.69 19.15 3.00
C LEU B 366 37.57 19.19 1.49
N ALA B 367 36.80 18.27 0.90
CA ALA B 367 36.59 18.23 -0.54
C ALA B 367 35.86 19.47 -1.04
N LEU B 368 34.94 20.02 -0.24
CA LEU B 368 34.21 21.24 -0.60
C LEU B 368 35.17 22.43 -0.60
N LEU B 369 36.12 22.47 0.35
CA LEU B 369 37.11 23.52 0.44
C LEU B 369 38.07 23.47 -0.74
N GLN B 370 38.43 22.26 -1.20
CA GLN B 370 39.29 22.08 -2.38
C GLN B 370 38.55 22.53 -3.64
N ALA B 371 37.26 22.24 -3.72
CA ALA B 371 36.42 22.61 -4.84
C ALA B 371 36.27 24.13 -4.91
N ARG B 372 36.14 24.79 -3.76
CA ARG B 372 36.02 26.25 -3.69
C ARG B 372 37.31 26.93 -4.13
N THR B 373 38.45 26.35 -3.77
CA THR B 373 39.76 26.82 -4.15
C THR B 373 39.96 26.68 -5.65
N ALA B 374 39.55 25.54 -6.22
CA ALA B 374 39.66 25.29 -7.65
C ALA B 374 38.85 26.27 -8.47
N LEU B 375 37.66 26.66 -8.00
CA LEU B 375 36.82 27.64 -8.71
C LEU B 375 37.47 29.02 -8.67
N ARG B 376 38.07 29.39 -7.52
CA ARG B 376 38.73 30.66 -7.34
C ARG B 376 39.98 30.76 -8.20
N LEU B 377 40.78 29.68 -8.27
CA LEU B 377 41.99 29.63 -9.09
C LEU B 377 41.67 29.67 -10.58
N ALA B 378 40.58 29.02 -10.99
CA ALA B 378 40.16 29.02 -12.38
C ALA B 378 39.70 30.43 -12.80
N THR B 379 39.04 31.16 -11.88
CA THR B 379 38.60 32.53 -12.12
C THR B 379 39.80 33.46 -12.27
N GLU B 380 40.82 33.30 -11.40
CA GLU B 380 42.05 34.10 -11.46
C GLU B 380 42.81 33.87 -12.78
N GLU B 381 42.77 32.65 -13.28
CA GLU B 381 43.39 32.26 -14.53
C GLU B 381 42.65 32.94 -15.71
N GLY B 382 41.33 32.96 -15.66
CA GLY B 382 40.51 33.59 -16.68
C GLY B 382 40.56 35.11 -16.67
N LEU B 383 40.69 35.72 -15.48
CA LEU B 383 40.83 37.18 -15.36
C LEU B 383 42.15 37.64 -16.01
N ASP B 384 43.20 36.82 -15.91
CA ASP B 384 44.48 37.07 -16.53
C ASP B 384 44.34 37.03 -18.05
N VAL B 385 43.55 36.09 -18.59
CA VAL B 385 43.32 36.00 -20.04
C VAL B 385 42.61 37.27 -20.52
N LEU B 386 41.54 37.68 -19.80
CA LEU B 386 40.78 38.89 -20.12
C LEU B 386 41.64 40.16 -20.11
N LEU B 387 42.41 40.36 -19.04
CA LEU B 387 43.24 41.55 -18.90
C LEU B 387 44.50 41.52 -19.78
N SER B 388 44.97 40.33 -20.19
CA SER B 388 46.15 40.22 -21.05
C SER B 388 45.81 40.45 -22.54
N HIS B 389 44.54 40.39 -22.92
CA HIS B 389 44.08 40.64 -24.28
C HIS B 389 44.40 42.10 -24.66
N PRO B 390 44.82 42.39 -25.90
CA PRO B 390 45.16 43.78 -26.26
C PRO B 390 44.01 44.80 -26.07
N SER B 391 42.76 44.34 -26.16
CA SER B 391 41.59 45.19 -25.94
C SER B 391 40.62 44.42 -25.06
N PRO B 392 40.86 44.43 -23.73
CA PRO B 392 40.02 43.65 -22.80
C PRO B 392 38.49 43.82 -22.95
N PRO B 393 37.89 45.04 -23.05
CA PRO B 393 36.43 45.11 -23.21
C PRO B 393 35.93 44.48 -24.51
N THR B 394 36.77 44.40 -25.55
CA THR B 394 36.37 43.79 -26.82
C THR B 394 36.20 42.26 -26.66
N LEU B 395 37.14 41.61 -25.96
CA LEU B 395 37.04 40.17 -25.70
C LEU B 395 35.86 39.89 -24.78
N LEU B 396 35.67 40.74 -23.77
CA LEU B 396 34.58 40.67 -22.81
C LEU B 396 33.23 40.79 -23.53
N GLN B 397 33.12 41.72 -24.49
CA GLN B 397 31.90 41.90 -25.28
C GLN B 397 31.59 40.66 -26.12
N GLU B 398 32.65 40.04 -26.70
CA GLU B 398 32.53 38.84 -27.52
C GLU B 398 32.02 37.65 -26.69
N ILE B 399 32.54 37.47 -25.48
CA ILE B 399 32.11 36.39 -24.58
C ILE B 399 30.67 36.58 -24.13
N ILE B 400 30.30 37.81 -23.74
CA ILE B 400 28.94 38.12 -23.31
C ILE B 400 27.95 37.92 -24.47
N LYS B 401 28.36 38.19 -25.71
CA LYS B 401 27.49 38.02 -26.88
C LYS B 401 27.34 36.53 -27.26
N SER B 402 28.45 35.82 -27.45
CA SER B 402 28.48 34.41 -27.84
C SER B 402 27.96 33.44 -26.82
N GLN B 403 28.37 33.58 -25.55
CA GLN B 403 27.98 32.65 -24.52
C GLN B 403 26.78 33.07 -23.71
N PHE B 404 26.50 34.38 -23.62
CA PHE B 404 25.41 34.84 -22.77
C PHE B 404 24.32 35.64 -23.51
N GLY B 405 24.49 35.86 -24.83
CA GLY B 405 23.48 36.53 -25.64
C GLY B 405 23.34 38.03 -25.55
N GLY B 406 24.22 38.69 -24.79
CA GLY B 406 24.17 40.14 -24.61
C GLY B 406 24.67 40.91 -25.83
N GLY B 407 23.82 41.77 -26.36
CA GLY B 407 24.15 42.52 -27.57
C GLY B 407 24.41 44.00 -27.43
N ASP B 408 24.15 44.58 -26.25
CA ASP B 408 24.36 46.00 -26.06
C ASP B 408 24.86 46.34 -24.64
N ASP B 409 25.10 47.63 -24.35
CA ASP B 409 25.58 48.07 -23.05
C ASP B 409 24.59 47.80 -21.93
N TYR B 410 23.28 47.88 -22.24
CA TYR B 410 22.19 47.59 -21.31
C TYR B 410 22.30 46.12 -20.87
N ASP B 411 22.48 45.21 -21.84
CA ASP B 411 22.62 43.78 -21.59
C ASP B 411 23.89 43.51 -20.79
N ARG B 412 25.01 44.18 -21.13
CA ARG B 412 26.26 43.97 -20.43
C ARG B 412 26.20 44.40 -18.98
N ALA B 413 25.54 45.53 -18.70
CA ALA B 413 25.40 46.01 -17.33
C ALA B 413 24.54 45.04 -16.52
N TYR B 414 23.42 44.58 -17.08
CA TYR B 414 22.55 43.64 -16.39
C TYR B 414 23.18 42.25 -16.23
N PHE B 415 23.98 41.82 -17.21
CA PHE B 415 24.67 40.53 -17.14
C PHE B 415 25.70 40.54 -16.00
N MET B 416 26.44 41.65 -15.81
CA MET B 416 27.43 41.72 -14.74
C MET B 416 26.78 41.52 -13.38
N VAL B 417 25.61 42.14 -13.18
CA VAL B 417 24.85 42.05 -11.95
C VAL B 417 24.12 40.71 -11.74
N LEU B 418 23.38 40.24 -12.76
CA LEU B 418 22.58 39.02 -12.65
C LEU B 418 23.32 37.71 -12.88
N GLY B 419 24.42 37.74 -13.63
CA GLY B 419 25.13 36.52 -13.99
C GLY B 419 24.50 35.78 -15.17
N CYS B 420 23.43 36.35 -15.75
CA CYS B 420 22.72 35.77 -16.86
C CYS B 420 21.78 36.81 -17.46
N LEU B 421 21.20 36.51 -18.63
CA LEU B 421 20.23 37.37 -19.27
C LEU B 421 19.02 36.52 -19.61
N PRO B 422 18.07 36.38 -18.67
CA PRO B 422 16.91 35.52 -18.95
C PRO B 422 15.97 36.06 -20.02
N VAL B 423 15.42 35.17 -20.82
CA VAL B 423 14.40 35.47 -21.83
C VAL B 423 13.20 34.58 -21.61
N VAL B 424 12.01 35.04 -22.03
CA VAL B 424 10.81 34.22 -21.91
C VAL B 424 10.63 33.48 -23.24
N LEU B 425 10.46 32.16 -23.20
CA LEU B 425 10.23 31.39 -24.42
C LEU B 425 8.92 30.65 -24.27
N ALA B 426 8.03 30.79 -25.26
CA ALA B 426 6.72 30.15 -25.22
C ALA B 426 6.84 28.62 -25.14
N VAL B 427 6.06 28.03 -24.25
CA VAL B 427 5.99 26.59 -24.03
C VAL B 427 5.38 25.90 -25.27
N VAL B 428 4.41 26.55 -25.92
CA VAL B 428 3.83 26.03 -27.16
C VAL B 428 4.38 26.83 -28.35
N PRO B 429 5.03 26.16 -29.32
CA PRO B 429 5.58 26.90 -30.47
C PRO B 429 4.56 27.03 -31.60
N ARG C 5 12.61 -18.69 -38.14
CA ARG C 5 11.39 -19.20 -38.75
C ARG C 5 10.43 -18.08 -39.21
N ASN C 6 10.99 -17.07 -39.92
CA ASN C 6 10.22 -15.98 -40.47
C ASN C 6 9.47 -16.46 -41.72
N PHE C 7 8.24 -15.99 -41.90
CA PHE C 7 7.46 -16.35 -43.09
C PHE C 7 6.81 -15.11 -43.71
N THR C 8 6.48 -15.19 -45.00
CA THR C 8 5.92 -14.07 -45.73
C THR C 8 4.49 -14.36 -46.20
N VAL C 9 3.60 -13.37 -46.12
CA VAL C 9 2.22 -13.48 -46.60
C VAL C 9 1.83 -12.25 -47.44
N ALA C 10 0.85 -12.39 -48.32
CA ALA C 10 0.31 -11.28 -49.12
C ALA C 10 -1.20 -11.48 -49.16
N ILE C 11 -1.97 -10.42 -48.97
CA ILE C 11 -3.42 -10.53 -48.89
C ILE C 11 -4.12 -10.26 -50.23
N VAL C 12 -3.80 -9.15 -50.89
CA VAL C 12 -4.43 -8.81 -52.18
C VAL C 12 -3.37 -8.54 -53.26
N PRO C 13 -3.69 -8.77 -54.56
CA PRO C 13 -2.69 -8.49 -55.60
C PRO C 13 -2.31 -7.01 -55.65
N GLY C 14 -1.06 -6.74 -55.96
CA GLY C 14 -0.58 -5.36 -56.05
C GLY C 14 -0.12 -4.76 -54.73
N ASP C 15 -0.45 -5.41 -53.62
CA ASP C 15 -0.09 -4.93 -52.28
C ASP C 15 1.27 -5.49 -51.82
N PRO C 16 1.91 -4.88 -50.81
CA PRO C 16 3.17 -5.43 -50.31
C PRO C 16 2.99 -6.77 -49.57
N HIS C 17 4.08 -7.52 -49.50
CA HIS C 17 4.14 -8.76 -48.76
C HIS C 17 4.54 -8.40 -47.32
N PHE C 18 4.03 -9.14 -46.34
CA PHE C 18 4.38 -8.90 -44.94
C PHE C 18 5.24 -10.04 -44.44
N SER C 19 6.43 -9.72 -43.90
CA SER C 19 7.30 -10.72 -43.32
C SER C 19 7.06 -10.69 -41.84
N VAL C 20 6.66 -11.81 -41.25
CA VAL C 20 6.36 -11.88 -39.84
C VAL C 20 7.13 -13.03 -39.18
N ASP C 21 7.31 -12.94 -37.86
CA ASP C 21 7.98 -13.99 -37.10
C ASP C 21 6.98 -15.13 -36.85
N ARG C 22 5.74 -14.81 -36.43
CA ARG C 22 4.72 -15.81 -36.07
C ARG C 22 3.29 -15.45 -36.46
N ASP C 23 2.83 -14.21 -36.18
CA ASP C 23 1.44 -13.83 -36.38
C ASP C 23 1.31 -12.42 -36.95
N LEU C 24 0.63 -12.27 -38.09
CA LEU C 24 0.43 -10.96 -38.71
C LEU C 24 -0.36 -9.99 -37.82
N ARG C 25 -1.55 -10.39 -37.29
CA ARG C 25 -2.35 -9.50 -36.43
C ARG C 25 -1.58 -9.08 -35.17
N GLY C 26 -0.91 -10.04 -34.55
CA GLY C 26 -0.16 -9.81 -33.32
C GLY C 26 1.05 -8.92 -33.48
N GLU C 27 1.63 -8.88 -34.69
CA GLU C 27 2.80 -8.05 -34.95
C GLU C 27 2.46 -6.71 -35.59
N LEU C 28 1.31 -6.60 -36.25
CA LEU C 28 0.91 -5.37 -36.90
C LEU C 28 0.29 -4.36 -35.93
N MET C 29 -0.68 -4.80 -35.09
CA MET C 29 -1.39 -3.91 -34.18
C MET C 29 -0.51 -3.10 -33.22
N PRO C 30 0.53 -3.65 -32.56
CA PRO C 30 1.33 -2.82 -31.64
C PRO C 30 2.00 -1.64 -32.32
N THR C 31 2.33 -1.77 -33.62
CA THR C 31 2.98 -0.70 -34.37
C THR C 31 2.11 0.56 -34.55
N LEU C 32 0.80 0.45 -34.28
CA LEU C 32 -0.13 1.57 -34.40
C LEU C 32 -0.18 2.47 -33.14
N TYR C 33 0.54 2.09 -32.08
CA TYR C 33 0.59 2.84 -30.83
C TYR C 33 1.96 3.46 -30.60
N MET C 34 2.69 3.79 -31.67
CA MET C 34 4.04 4.31 -31.60
C MET C 34 4.18 5.80 -31.99
N ASN C 35 3.06 6.51 -32.12
CA ASN C 35 3.02 7.93 -32.49
C ASN C 35 1.87 8.56 -31.68
N GLN C 36 1.79 8.25 -30.39
CA GLN C 36 0.69 8.65 -29.52
C GLN C 36 0.48 10.16 -29.35
N ASN C 37 1.48 10.96 -29.72
CA ASN C 37 1.36 12.42 -29.68
C ASN C 37 0.58 12.95 -30.88
N GLN C 38 0.58 12.22 -32.00
CA GLN C 38 -0.07 12.69 -33.22
C GLN C 38 -1.34 11.95 -33.60
N TRP C 39 -1.38 10.63 -33.42
CA TRP C 39 -2.56 9.86 -33.78
C TRP C 39 -2.71 8.57 -33.00
N LEU C 40 -3.92 8.06 -32.95
CA LEU C 40 -4.26 6.80 -32.29
C LEU C 40 -5.17 6.01 -33.22
N PRO C 41 -5.08 4.66 -33.20
CA PRO C 41 -5.95 3.88 -34.09
C PRO C 41 -7.41 3.81 -33.64
N SER C 42 -8.31 3.60 -34.60
CA SER C 42 -9.74 3.40 -34.38
C SER C 42 -10.12 2.17 -35.23
N PHE C 43 -10.85 1.21 -34.63
CA PHE C 43 -11.11 -0.05 -35.31
C PHE C 43 -12.54 -0.26 -35.83
N GLY C 44 -13.33 0.80 -35.92
CA GLY C 44 -14.67 0.70 -36.49
C GLY C 44 -15.81 0.72 -35.50
N PRO C 45 -17.04 0.90 -36.02
CA PRO C 45 -18.21 0.97 -35.13
C PRO C 45 -18.38 -0.15 -34.09
N TRP C 46 -18.18 -1.40 -34.48
CA TRP C 46 -18.32 -2.55 -33.59
C TRP C 46 -17.30 -2.48 -32.46
N PHE C 47 -16.03 -2.11 -32.78
CA PHE C 47 -15.00 -2.00 -31.74
C PHE C 47 -15.17 -0.73 -30.88
N ILE C 48 -15.79 0.32 -31.42
CA ILE C 48 -16.08 1.53 -30.65
C ILE C 48 -17.17 1.18 -29.62
N SER C 49 -18.20 0.41 -30.04
CA SER C 49 -19.27 -0.07 -29.17
C SER C 49 -18.72 -1.05 -28.13
N LEU C 50 -17.76 -1.91 -28.53
CA LEU C 50 -17.14 -2.87 -27.64
C LEU C 50 -16.38 -2.12 -26.56
N THR C 51 -15.61 -1.08 -26.94
CA THR C 51 -14.82 -0.28 -26.01
C THR C 51 -15.74 0.45 -25.05
N ASP C 52 -16.85 1.02 -25.54
CA ASP C 52 -17.84 1.69 -24.71
C ASP C 52 -18.39 0.74 -23.66
N ASN C 53 -18.76 -0.48 -24.08
CA ASN C 53 -19.32 -1.49 -23.21
C ASN C 53 -18.33 -2.02 -22.20
N ALA C 54 -17.11 -2.33 -22.64
CA ALA C 54 -16.04 -2.83 -21.78
C ALA C 54 -15.74 -1.90 -20.61
N MET C 55 -15.73 -0.59 -20.86
CA MET C 55 -15.44 0.39 -19.79
C MET C 55 -16.58 0.55 -18.77
N GLN C 56 -17.81 0.13 -19.13
CA GLN C 56 -18.99 0.18 -18.26
C GLN C 56 -19.15 -1.10 -17.42
N ARG C 57 -18.58 -2.24 -17.88
CA ARG C 57 -18.69 -3.52 -17.19
C ARG C 57 -18.19 -3.47 -15.75
N ARG C 58 -19.02 -3.93 -14.82
CA ARG C 58 -18.64 -4.00 -13.41
C ARG C 58 -17.54 -5.07 -13.24
N VAL C 59 -17.68 -6.20 -13.93
CA VAL C 59 -16.71 -7.27 -13.89
C VAL C 59 -15.96 -7.29 -15.22
N PHE C 60 -14.74 -6.73 -15.26
CA PHE C 60 -13.90 -6.65 -16.45
C PHE C 60 -12.43 -6.51 -16.02
N PRO C 61 -11.47 -7.20 -16.68
CA PRO C 61 -10.06 -7.08 -16.25
C PRO C 61 -9.52 -5.65 -16.26
N LYS C 62 -8.94 -5.21 -15.13
CA LYS C 62 -8.40 -3.85 -15.01
C LYS C 62 -7.30 -3.53 -16.00
N GLU C 63 -6.46 -4.51 -16.37
CA GLU C 63 -5.38 -4.28 -17.32
C GLU C 63 -5.88 -3.91 -18.73
N LEU C 64 -7.15 -4.22 -19.04
CA LEU C 64 -7.73 -3.89 -20.33
C LEU C 64 -8.43 -2.50 -20.32
N LYS C 65 -8.38 -1.75 -19.21
CA LYS C 65 -9.04 -0.47 -19.06
C LYS C 65 -8.05 0.72 -19.08
N GLY C 66 -7.01 0.65 -19.92
CA GLY C 66 -6.01 1.70 -20.05
C GLY C 66 -6.57 3.00 -20.60
N THR C 67 -5.85 4.13 -20.40
CA THR C 67 -6.27 5.46 -20.84
C THR C 67 -6.60 5.62 -22.31
N VAL C 68 -5.96 4.85 -23.19
CA VAL C 68 -6.21 4.94 -24.63
C VAL C 68 -7.68 4.64 -24.98
N ASN C 69 -8.37 3.83 -24.17
CA ASN C 69 -9.79 3.52 -24.36
C ASN C 69 -10.69 4.75 -24.28
N PHE C 70 -10.25 5.78 -23.53
CA PHE C 70 -10.98 7.03 -23.30
C PHE C 70 -10.49 8.18 -24.18
N GLN C 71 -9.69 7.87 -25.24
CA GLN C 71 -9.12 8.86 -26.14
C GLN C 71 -9.48 8.54 -27.59
N ASN C 72 -10.77 8.26 -27.85
CA ASN C 72 -11.30 7.93 -29.17
C ASN C 72 -10.55 6.77 -29.82
N SER C 73 -10.23 5.77 -29.02
CA SER C 73 -9.45 4.62 -29.48
C SER C 73 -9.75 3.39 -28.58
N THR C 74 -9.02 2.31 -28.74
CA THR C 74 -9.09 1.08 -27.96
C THR C 74 -7.64 0.79 -27.57
N SER C 75 -7.37 0.50 -26.31
CA SER C 75 -6.02 0.19 -25.86
C SER C 75 -5.46 -1.04 -26.56
N LEU C 76 -4.12 -1.12 -26.68
CA LEU C 76 -3.46 -2.26 -27.33
C LEU C 76 -3.80 -3.56 -26.62
N LYS C 77 -3.83 -3.57 -25.29
CA LYS C 77 -4.18 -4.76 -24.53
C LYS C 77 -5.61 -5.22 -24.84
N LEU C 78 -6.58 -4.30 -24.91
CA LEU C 78 -7.95 -4.68 -25.22
C LEU C 78 -8.12 -5.19 -26.66
N ILE C 79 -7.57 -4.48 -27.65
CA ILE C 79 -7.72 -4.91 -29.04
C ILE C 79 -7.01 -6.25 -29.31
N SER C 80 -5.79 -6.46 -28.77
CA SER C 80 -5.06 -7.71 -29.01
C SER C 80 -5.68 -8.89 -28.28
N HIS C 81 -6.16 -8.71 -27.05
CA HIS C 81 -6.83 -9.80 -26.32
C HIS C 81 -8.17 -10.14 -26.96
N THR C 82 -8.88 -9.14 -27.52
CA THR C 82 -10.14 -9.40 -28.21
C THR C 82 -9.88 -10.21 -29.47
N LEU C 83 -8.93 -9.77 -30.30
CA LEU C 83 -8.59 -10.48 -31.55
C LEU C 83 -8.04 -11.88 -31.28
N THR C 84 -7.28 -12.06 -30.20
CA THR C 84 -6.76 -13.39 -29.85
C THR C 84 -7.91 -14.31 -29.46
N THR C 85 -8.90 -13.79 -28.72
CA THR C 85 -10.08 -14.55 -28.29
C THR C 85 -10.88 -15.00 -29.51
N VAL C 86 -11.06 -14.12 -30.49
CA VAL C 86 -11.78 -14.44 -31.73
C VAL C 86 -11.01 -15.49 -32.52
N ALA C 87 -9.68 -15.33 -32.62
CA ALA C 87 -8.82 -16.26 -33.34
C ALA C 87 -8.79 -17.67 -32.70
N SER C 88 -9.12 -17.78 -31.41
CA SER C 88 -9.15 -19.08 -30.73
C SER C 88 -10.54 -19.73 -30.72
N THR C 89 -11.54 -19.15 -31.40
CA THR C 89 -12.91 -19.66 -31.38
C THR C 89 -13.02 -21.15 -31.68
N THR C 90 -12.39 -21.60 -32.77
CA THR C 90 -12.46 -23.01 -33.14
C THR C 90 -11.19 -23.78 -32.82
N ALA C 91 -10.41 -23.33 -31.82
CA ALA C 91 -9.22 -24.05 -31.40
C ALA C 91 -9.66 -25.25 -30.55
N ASP C 92 -8.94 -26.36 -30.67
CA ASP C 92 -9.27 -27.57 -29.92
C ASP C 92 -8.72 -27.52 -28.50
N PHE C 93 -9.60 -27.58 -27.51
CA PHE C 93 -9.17 -27.58 -26.11
C PHE C 93 -9.33 -28.96 -25.42
N PHE C 94 -9.82 -29.97 -26.15
CA PHE C 94 -9.91 -31.34 -25.64
C PHE C 94 -8.55 -31.93 -25.96
N ALA C 95 -7.84 -32.48 -24.97
CA ALA C 95 -6.54 -33.10 -25.22
C ALA C 95 -6.80 -34.52 -25.74
N ASP C 96 -7.18 -34.65 -27.02
CA ASP C 96 -7.50 -35.96 -27.58
C ASP C 96 -6.70 -36.30 -28.83
N ALA C 97 -6.08 -37.49 -28.84
CA ALA C 97 -5.29 -38.00 -29.96
C ALA C 97 -6.14 -38.34 -31.19
N ARG C 98 -7.45 -38.60 -30.99
CA ARG C 98 -8.38 -38.88 -32.09
C ARG C 98 -8.80 -37.61 -32.85
N HIS C 99 -8.44 -36.43 -32.35
CA HIS C 99 -8.86 -35.15 -32.92
C HIS C 99 -7.92 -34.53 -33.94
N LEU C 100 -8.52 -34.01 -35.01
CA LEU C 100 -7.86 -33.22 -36.03
C LEU C 100 -8.21 -31.74 -35.69
N THR C 101 -7.47 -30.78 -36.28
CA THR C 101 -7.87 -29.37 -36.14
C THR C 101 -9.09 -29.22 -37.08
N ASP C 102 -9.97 -28.25 -36.82
CA ASP C 102 -11.14 -28.07 -37.67
C ASP C 102 -10.75 -27.76 -39.12
N THR C 103 -9.62 -27.04 -39.34
CA THR C 103 -9.10 -26.74 -40.67
C THR C 103 -8.70 -28.02 -41.38
N GLN C 104 -7.99 -28.93 -40.67
CA GLN C 104 -7.54 -30.20 -41.23
C GLN C 104 -8.73 -31.07 -41.58
N ALA C 105 -9.77 -31.08 -40.73
CA ALA C 105 -10.97 -31.88 -40.98
C ALA C 105 -11.75 -31.31 -42.17
N ALA C 106 -11.82 -29.98 -42.30
CA ALA C 106 -12.48 -29.33 -43.43
C ALA C 106 -11.75 -29.62 -44.73
N LEU C 107 -10.40 -29.61 -44.69
CA LEU C 107 -9.60 -29.89 -45.87
C LEU C 107 -9.73 -31.33 -46.29
N CYS C 108 -9.86 -32.27 -45.33
CA CYS C 108 -10.06 -33.68 -45.66
C CYS C 108 -11.41 -33.88 -46.32
N LEU C 109 -12.46 -33.19 -45.83
CA LEU C 109 -13.81 -33.28 -46.39
C LEU C 109 -13.87 -32.74 -47.83
N VAL C 110 -13.36 -31.52 -48.07
CA VAL C 110 -13.41 -30.91 -49.40
C VAL C 110 -12.54 -31.67 -50.40
N ASN C 111 -11.43 -32.30 -49.93
CA ASN C 111 -10.56 -33.08 -50.79
C ASN C 111 -11.16 -34.42 -51.13
N ALA C 112 -11.83 -35.06 -50.16
CA ALA C 112 -12.48 -36.33 -50.41
C ALA C 112 -13.65 -36.15 -51.37
N TYR C 113 -14.40 -35.04 -51.22
CA TYR C 113 -15.52 -34.73 -52.10
C TYR C 113 -15.03 -34.51 -53.54
N PHE C 114 -13.90 -33.83 -53.69
CA PHE C 114 -13.33 -33.55 -55.00
C PHE C 114 -12.87 -34.84 -55.69
N CYS C 115 -12.27 -35.76 -54.92
CA CYS C 115 -11.82 -37.03 -55.47
C CYS C 115 -13.00 -37.93 -55.84
N GLN C 116 -14.09 -37.85 -55.09
CA GLN C 116 -15.29 -38.62 -55.38
C GLN C 116 -15.96 -38.11 -56.64
N LYS C 117 -16.02 -36.79 -56.84
CA LYS C 117 -16.70 -36.21 -58.00
C LYS C 117 -15.85 -36.14 -59.27
N THR C 118 -14.51 -36.08 -59.13
CA THR C 118 -13.64 -35.95 -60.29
C THR C 118 -12.78 -37.15 -60.59
N SER C 119 -12.56 -38.05 -59.63
CA SER C 119 -11.67 -39.20 -59.78
C SER C 119 -10.16 -38.81 -59.87
N ARG C 120 -9.82 -37.54 -59.53
CA ARG C 120 -8.43 -37.07 -59.40
C ARG C 120 -7.82 -37.86 -58.23
N GLN C 121 -6.51 -38.21 -58.32
CA GLN C 121 -5.82 -38.98 -57.30
C GLN C 121 -5.92 -38.33 -55.92
N LEU C 122 -6.13 -39.17 -54.90
CA LEU C 122 -6.23 -38.78 -53.49
C LEU C 122 -4.98 -38.01 -53.06
N PRO C 123 -5.15 -36.96 -52.25
CA PRO C 123 -3.98 -36.19 -51.80
C PRO C 123 -3.02 -37.03 -50.99
N ALA C 124 -1.71 -36.88 -51.22
CA ALA C 124 -0.71 -37.69 -50.53
C ALA C 124 -0.09 -36.97 -49.33
N THR C 125 0.23 -35.68 -49.47
CA THR C 125 0.84 -34.89 -48.41
C THR C 125 -0.08 -33.75 -47.98
N PRO C 126 0.12 -33.14 -46.80
CA PRO C 126 -0.73 -32.00 -46.41
C PRO C 126 -0.67 -30.82 -47.39
N ASP C 127 0.39 -30.71 -48.20
CA ASP C 127 0.52 -29.68 -49.22
C ASP C 127 -0.48 -29.91 -50.36
N ASP C 128 -0.72 -31.20 -50.70
CA ASP C 128 -1.69 -31.60 -51.72
C ASP C 128 -3.13 -31.26 -51.32
N LEU C 129 -3.42 -31.19 -49.99
CA LEU C 129 -4.74 -30.79 -49.48
C LEU C 129 -5.04 -29.35 -49.89
N LEU C 130 -4.02 -28.49 -49.83
CA LEU C 130 -4.16 -27.08 -50.14
C LEU C 130 -3.98 -26.74 -51.62
N ALA C 131 -3.40 -27.64 -52.40
CA ALA C 131 -3.20 -27.45 -53.84
C ALA C 131 -4.56 -27.39 -54.51
N ASP C 132 -4.80 -26.34 -55.31
CA ASP C 132 -6.05 -26.13 -56.03
C ASP C 132 -7.24 -26.00 -55.10
N LEU C 133 -7.05 -25.41 -53.91
CA LEU C 133 -8.13 -25.18 -52.94
C LEU C 133 -9.27 -24.35 -53.53
N PRO C 134 -9.02 -23.25 -54.31
CA PRO C 134 -10.17 -22.52 -54.88
C PRO C 134 -11.02 -23.40 -55.79
N GLN C 135 -10.40 -24.28 -56.58
CA GLN C 135 -11.10 -25.19 -57.50
C GLN C 135 -11.88 -26.27 -56.74
N LYS C 136 -11.30 -26.77 -55.64
CA LYS C 136 -11.94 -27.78 -54.81
C LYS C 136 -13.16 -27.20 -54.09
N LEU C 137 -13.05 -25.94 -53.61
CA LEU C 137 -14.14 -25.24 -52.93
C LEU C 137 -15.22 -24.88 -53.94
N ASP C 138 -14.83 -24.42 -55.12
CA ASP C 138 -15.76 -24.05 -56.19
C ASP C 138 -16.64 -25.24 -56.62
N LEU C 139 -16.09 -26.46 -56.67
CA LEU C 139 -16.87 -27.62 -57.04
C LEU C 139 -17.91 -27.95 -55.96
N LEU C 140 -17.50 -27.90 -54.69
CA LEU C 140 -18.38 -28.20 -53.56
C LEU C 140 -19.51 -27.18 -53.45
N ILE C 141 -19.18 -25.88 -53.61
CA ILE C 141 -20.13 -24.78 -53.51
C ILE C 141 -21.17 -24.81 -54.64
N THR C 142 -20.75 -25.00 -55.90
CA THR C 142 -21.71 -25.05 -57.01
C THR C 142 -22.68 -26.22 -56.88
N GLN C 143 -22.27 -27.32 -56.24
CA GLN C 143 -23.16 -28.45 -56.00
C GLN C 143 -24.07 -28.18 -54.82
N LEU C 144 -23.58 -27.46 -53.80
CA LEU C 144 -24.36 -27.07 -52.63
C LEU C 144 -25.48 -26.10 -53.02
N LYS C 145 -25.22 -25.21 -54.00
CA LYS C 145 -26.23 -24.27 -54.48
C LYS C 145 -27.40 -25.00 -55.16
N GLN C 146 -27.11 -26.15 -55.81
CA GLN C 146 -28.11 -26.99 -56.47
C GLN C 146 -28.86 -27.92 -55.48
N GLU C 147 -28.49 -27.93 -54.19
CA GLU C 147 -29.13 -28.76 -53.19
C GLU C 147 -30.48 -28.20 -52.82
N SER C 148 -31.51 -28.72 -53.47
CA SER C 148 -32.89 -28.32 -53.21
C SER C 148 -33.43 -29.08 -51.99
N GLY C 149 -34.55 -28.60 -51.43
CA GLY C 149 -35.18 -29.27 -50.32
C GLY C 149 -35.09 -28.56 -49.00
N PRO C 150 -35.77 -29.10 -47.98
CA PRO C 150 -35.73 -28.46 -46.66
C PRO C 150 -34.42 -28.66 -45.94
N GLY C 151 -34.20 -27.84 -44.92
CA GLY C 151 -32.99 -27.91 -44.13
C GLY C 151 -32.16 -26.65 -44.23
N ASP C 152 -31.27 -26.45 -43.27
CA ASP C 152 -30.40 -25.28 -43.22
C ASP C 152 -28.95 -25.71 -42.91
N PHE C 153 -28.16 -24.89 -42.21
CA PHE C 153 -26.79 -25.24 -41.88
C PHE C 153 -26.63 -25.32 -40.36
N SER C 154 -27.62 -25.92 -39.69
CA SER C 154 -27.63 -26.03 -38.24
C SER C 154 -27.65 -27.49 -37.75
N PHE C 155 -27.19 -27.71 -36.53
CA PHE C 155 -27.21 -29.02 -35.91
C PHE C 155 -28.48 -29.14 -35.08
N THR C 156 -29.10 -30.32 -35.07
CA THR C 156 -30.35 -30.53 -34.36
C THR C 156 -30.15 -31.09 -32.96
N TYR C 157 -30.51 -30.30 -31.96
CA TYR C 157 -30.40 -30.70 -30.56
C TYR C 157 -31.79 -31.04 -30.04
N SER C 158 -31.92 -32.13 -29.27
CA SER C 158 -33.21 -32.50 -28.70
C SER C 158 -33.20 -32.47 -27.18
N ASN C 159 -32.36 -31.59 -26.58
CA ASN C 159 -32.18 -31.49 -25.14
C ASN C 159 -31.29 -30.27 -24.84
N PRO C 160 -31.61 -29.49 -23.80
CA PRO C 160 -30.77 -28.31 -23.49
C PRO C 160 -29.36 -28.65 -23.01
N GLN C 161 -29.20 -29.79 -22.30
CA GLN C 161 -27.90 -30.27 -21.84
C GLN C 161 -27.02 -30.72 -23.01
N GLU C 162 -27.65 -31.25 -24.07
CA GLU C 162 -27.02 -31.67 -25.31
C GLU C 162 -26.48 -30.44 -26.07
N ARG C 163 -27.22 -29.32 -26.04
CA ARG C 163 -26.85 -28.05 -26.66
C ARG C 163 -25.65 -27.42 -25.95
N ALA C 164 -25.54 -27.60 -24.62
CA ALA C 164 -24.44 -27.05 -23.82
C ALA C 164 -23.11 -27.84 -23.91
N SER C 165 -23.04 -28.87 -24.75
CA SER C 165 -21.83 -29.67 -24.89
C SER C 165 -21.35 -29.70 -26.34
N LEU C 166 -20.04 -29.58 -26.58
CA LEU C 166 -19.50 -29.64 -27.94
C LEU C 166 -19.42 -31.10 -28.39
N ALA C 167 -18.94 -31.98 -27.50
CA ALA C 167 -18.81 -33.40 -27.77
C ALA C 167 -20.10 -34.14 -27.39
N PRO C 168 -20.33 -35.38 -27.90
CA PRO C 168 -21.55 -36.11 -27.53
C PRO C 168 -21.59 -36.42 -26.03
N LEU C 169 -22.80 -36.42 -25.46
CA LEU C 169 -22.99 -36.66 -24.03
C LEU C 169 -22.63 -38.09 -23.63
N ASN C 170 -22.33 -38.29 -22.34
CA ASN C 170 -22.01 -39.59 -21.73
C ASN C 170 -20.81 -40.29 -22.36
N LYS C 171 -19.80 -39.50 -22.78
CA LYS C 171 -18.56 -39.96 -23.42
C LYS C 171 -18.79 -40.85 -24.65
N GLU C 172 -19.82 -40.53 -25.44
CA GLU C 172 -20.12 -41.29 -26.64
C GLU C 172 -19.30 -40.80 -27.84
N SER C 173 -19.01 -41.68 -28.79
CA SER C 173 -18.23 -41.33 -29.98
C SER C 173 -19.12 -40.75 -31.11
N ARG C 174 -20.43 -41.02 -31.07
CA ARG C 174 -21.35 -40.53 -32.09
C ARG C 174 -22.42 -39.60 -31.52
N TYR C 175 -22.86 -38.64 -32.32
CA TYR C 175 -23.95 -37.74 -31.95
C TYR C 175 -25.29 -38.47 -32.22
N PRO C 176 -26.39 -38.11 -31.53
CA PRO C 176 -27.68 -38.77 -31.81
C PRO C 176 -28.09 -38.68 -33.28
N THR C 177 -28.91 -39.65 -33.74
CA THR C 177 -29.34 -39.74 -35.14
C THR C 177 -29.85 -38.42 -35.76
N ALA C 178 -30.62 -37.63 -35.02
CA ALA C 178 -31.17 -36.37 -35.54
C ALA C 178 -30.17 -35.23 -35.75
N PHE C 179 -29.03 -35.26 -35.06
CA PHE C 179 -28.00 -34.20 -35.06
C PHE C 179 -27.67 -33.59 -36.44
N PHE C 180 -27.28 -34.41 -37.42
CA PHE C 180 -26.91 -33.89 -38.74
C PHE C 180 -28.02 -33.93 -39.79
N GLN C 181 -29.21 -34.45 -39.44
CA GLN C 181 -30.33 -34.63 -40.37
C GLN C 181 -30.85 -33.37 -41.09
N ARG C 182 -30.74 -32.20 -40.46
CA ARG C 182 -31.21 -30.95 -41.08
C ARG C 182 -30.08 -30.14 -41.76
N HIS C 183 -28.83 -30.60 -41.69
CA HIS C 183 -27.70 -29.89 -42.27
C HIS C 183 -27.52 -30.23 -43.76
N LYS C 184 -27.72 -29.24 -44.65
CA LYS C 184 -27.61 -29.38 -46.10
C LYS C 184 -26.23 -29.83 -46.57
N LEU C 185 -25.17 -29.28 -45.96
CA LEU C 185 -23.80 -29.61 -46.33
C LEU C 185 -23.46 -31.05 -45.96
N HIS C 186 -23.91 -31.49 -44.78
CA HIS C 186 -23.69 -32.87 -44.34
C HIS C 186 -24.45 -33.83 -45.27
N ALA C 187 -25.72 -33.50 -45.59
CA ALA C 187 -26.58 -34.31 -46.44
C ALA C 187 -26.00 -34.50 -47.84
N MET C 188 -25.41 -33.44 -48.40
CA MET C 188 -24.83 -33.52 -49.74
C MET C 188 -23.61 -34.44 -49.76
N MET C 189 -22.73 -34.32 -48.74
CA MET C 189 -21.53 -35.15 -48.64
C MET C 189 -21.88 -36.61 -48.31
N ALA C 190 -22.97 -36.83 -47.55
CA ALA C 190 -23.39 -38.18 -47.19
C ALA C 190 -23.94 -38.90 -48.42
N LYS C 191 -24.72 -38.17 -49.26
CA LYS C 191 -25.27 -38.71 -50.51
C LYS C 191 -24.14 -39.05 -51.50
N ALA C 192 -23.03 -38.29 -51.47
CA ALA C 192 -21.88 -38.54 -52.32
C ALA C 192 -21.05 -39.78 -51.90
N GLY C 193 -21.33 -40.35 -50.73
CA GLY C 193 -20.62 -41.53 -50.27
C GLY C 193 -19.52 -41.28 -49.27
N LEU C 194 -19.33 -40.02 -48.84
CA LEU C 194 -18.31 -39.70 -47.84
C LEU C 194 -18.73 -40.21 -46.46
N PHE C 195 -17.76 -40.41 -45.55
CA PHE C 195 -17.94 -40.89 -44.19
C PHE C 195 -19.02 -42.01 -44.05
N PRO C 196 -18.83 -43.21 -44.66
CA PRO C 196 -19.84 -44.25 -44.53
C PRO C 196 -19.71 -45.08 -43.26
N HIS C 197 -20.80 -45.73 -42.84
CA HIS C 197 -20.79 -46.58 -41.65
C HIS C 197 -20.53 -48.01 -42.08
N ASN C 198 -19.47 -48.64 -41.54
CA ASN C 198 -19.16 -50.02 -41.92
C ASN C 198 -19.29 -51.01 -40.76
N ALA C 209 -17.68 -50.48 -47.92
CA ALA C 209 -17.79 -49.15 -48.53
C ALA C 209 -16.52 -48.30 -48.32
N MET C 210 -15.88 -47.92 -49.43
CA MET C 210 -14.65 -47.10 -49.43
C MET C 210 -14.86 -45.75 -48.74
N ASP C 211 -13.96 -45.44 -47.79
CA ASP C 211 -14.00 -44.18 -47.04
C ASP C 211 -12.80 -43.33 -47.46
N LEU C 212 -13.03 -42.36 -48.35
CA LEU C 212 -11.99 -41.47 -48.85
C LEU C 212 -11.41 -40.59 -47.76
N VAL C 213 -12.24 -40.12 -46.82
CA VAL C 213 -11.75 -39.28 -45.73
C VAL C 213 -10.76 -40.05 -44.84
N PHE C 214 -11.08 -41.30 -44.51
CA PHE C 214 -10.22 -42.16 -43.70
C PHE C 214 -8.92 -42.51 -44.40
N ALA C 215 -8.95 -42.62 -45.74
CA ALA C 215 -7.74 -42.88 -46.50
C ALA C 215 -6.79 -41.67 -46.43
N ILE C 216 -7.35 -40.44 -46.41
CA ILE C 216 -6.57 -39.21 -46.31
C ILE C 216 -6.00 -39.05 -44.89
N THR C 217 -6.86 -39.21 -43.87
CA THR C 217 -6.42 -39.05 -42.48
C THR C 217 -5.37 -40.07 -42.05
N SER C 218 -5.51 -41.33 -42.48
CA SER C 218 -4.52 -42.36 -42.13
C SER C 218 -3.19 -42.21 -42.90
N ALA C 219 -3.15 -41.41 -43.96
CA ALA C 219 -1.93 -41.21 -44.72
C ALA C 219 -1.14 -39.98 -44.27
N MET C 220 -1.81 -38.97 -43.69
CA MET C 220 -1.13 -37.74 -43.28
C MET C 220 -1.19 -37.44 -41.79
N PHE C 221 -2.29 -37.83 -41.14
CA PHE C 221 -2.48 -37.49 -39.74
C PHE C 221 -2.38 -38.67 -38.75
N GLY C 222 -1.79 -39.77 -39.21
CA GLY C 222 -1.60 -40.94 -38.35
C GLY C 222 -2.79 -41.85 -38.21
N SER C 223 -2.55 -43.01 -37.59
CA SER C 223 -3.53 -44.06 -37.34
C SER C 223 -4.56 -43.73 -36.23
N ASP C 224 -4.26 -42.73 -35.39
CA ASP C 224 -5.12 -42.36 -34.28
C ASP C 224 -6.45 -41.73 -34.69
N ILE C 225 -6.52 -41.13 -35.89
CA ILE C 225 -7.76 -40.50 -36.34
C ILE C 225 -8.76 -41.55 -36.81
N PRO C 226 -9.89 -41.71 -36.10
CA PRO C 226 -10.88 -42.72 -36.49
C PRO C 226 -11.76 -42.28 -37.67
N PRO C 227 -12.51 -43.21 -38.31
CA PRO C 227 -13.40 -42.79 -39.40
C PRO C 227 -14.42 -41.76 -38.92
N PHE C 228 -14.74 -40.74 -39.74
CA PHE C 228 -15.65 -39.65 -39.37
C PHE C 228 -17.04 -40.10 -38.93
N SER C 229 -17.50 -41.24 -39.44
CA SER C 229 -18.81 -41.77 -39.07
C SER C 229 -18.77 -42.46 -37.69
N ALA C 230 -17.61 -43.00 -37.30
CA ALA C 230 -17.42 -43.69 -36.02
C ALA C 230 -17.16 -42.68 -34.88
N TYR C 231 -16.29 -41.69 -35.12
CA TYR C 231 -15.99 -40.65 -34.13
C TYR C 231 -16.37 -39.33 -34.81
N GLN C 232 -17.59 -38.87 -34.55
CA GLN C 232 -18.20 -37.75 -35.25
C GLN C 232 -17.79 -36.34 -34.83
N TRP C 233 -16.87 -36.16 -33.86
CA TRP C 233 -16.42 -34.80 -33.50
C TRP C 233 -15.70 -34.16 -34.67
N ASN C 234 -14.82 -34.92 -35.34
CA ASN C 234 -14.08 -34.41 -36.48
C ASN C 234 -15.00 -34.02 -37.64
N LEU C 235 -16.13 -34.72 -37.80
CA LEU C 235 -17.10 -34.41 -38.83
C LEU C 235 -17.81 -33.08 -38.50
N ARG C 236 -18.21 -32.88 -37.24
CA ARG C 236 -18.88 -31.66 -36.81
C ARG C 236 -17.94 -30.44 -36.90
N ALA C 237 -16.70 -30.58 -36.39
CA ALA C 237 -15.70 -29.50 -36.44
C ALA C 237 -15.31 -29.17 -37.89
N GLY C 238 -15.17 -30.20 -38.72
CA GLY C 238 -14.82 -30.05 -40.13
C GLY C 238 -15.90 -29.37 -40.94
N ILE C 239 -17.18 -29.67 -40.67
CA ILE C 239 -18.32 -29.06 -41.36
C ILE C 239 -18.34 -27.56 -41.07
N VAL C 240 -18.18 -27.17 -39.80
CA VAL C 240 -18.20 -25.77 -39.40
C VAL C 240 -17.01 -24.99 -40.00
N ALA C 241 -15.80 -25.58 -40.02
CA ALA C 241 -14.66 -24.91 -40.64
C ALA C 241 -14.83 -24.80 -42.15
N LEU C 242 -15.49 -25.79 -42.77
CA LEU C 242 -15.78 -25.78 -44.20
C LEU C 242 -16.76 -24.64 -44.53
N GLU C 243 -17.73 -24.35 -43.63
CA GLU C 243 -18.67 -23.25 -43.76
C GLU C 243 -17.92 -21.89 -43.80
N VAL C 244 -16.86 -21.76 -43.00
CA VAL C 244 -16.05 -20.54 -42.96
C VAL C 244 -15.31 -20.37 -44.31
N PHE C 245 -14.73 -21.47 -44.84
CA PHE C 245 -14.05 -21.44 -46.14
C PHE C 245 -15.03 -21.13 -47.28
N ILE C 246 -16.26 -21.66 -47.20
CA ILE C 246 -17.32 -21.43 -48.18
C ILE C 246 -17.72 -19.94 -48.19
N LEU C 247 -17.91 -19.36 -46.99
CA LEU C 247 -18.24 -17.94 -46.86
C LEU C 247 -17.11 -17.05 -47.35
N ALA C 248 -15.85 -17.43 -47.08
CA ALA C 248 -14.71 -16.66 -47.55
C ALA C 248 -14.63 -16.69 -49.08
N TYR C 249 -14.86 -17.87 -49.70
CA TYR C 249 -14.82 -18.02 -51.14
C TYR C 249 -15.94 -17.21 -51.79
N GLY C 250 -17.17 -17.34 -51.26
CA GLY C 250 -18.32 -16.63 -51.77
C GLY C 250 -18.19 -15.13 -51.69
N LEU C 251 -17.63 -14.60 -50.61
CA LEU C 251 -17.43 -13.16 -50.42
C LEU C 251 -16.47 -12.57 -51.45
N LEU C 252 -15.37 -13.27 -51.75
CA LEU C 252 -14.38 -12.78 -52.71
C LEU C 252 -14.56 -13.28 -54.14
N GLU C 253 -15.58 -14.12 -54.42
CA GLU C 253 -15.82 -14.73 -55.73
C GLU C 253 -15.69 -13.80 -56.93
N PHE C 254 -16.30 -12.61 -56.88
CA PHE C 254 -16.21 -11.65 -57.97
C PHE C 254 -15.47 -10.37 -57.55
N GLY C 255 -14.50 -10.51 -56.66
CA GLY C 255 -13.73 -9.40 -56.11
C GLY C 255 -12.73 -8.77 -57.06
N GLN C 256 -12.61 -7.45 -56.96
CA GLN C 256 -11.67 -6.63 -57.73
C GLN C 256 -10.95 -5.70 -56.71
N VAL C 257 -9.62 -5.49 -56.87
CA VAL C 257 -8.89 -4.65 -55.91
C VAL C 257 -8.21 -3.44 -56.56
N ALA C 258 -8.63 -3.04 -57.79
CA ALA C 258 -8.13 -1.83 -58.48
C ALA C 258 -8.05 -0.63 -57.56
N ARG C 259 -6.93 0.09 -57.62
CA ARG C 259 -6.64 1.13 -56.65
C ARG C 259 -7.55 2.34 -56.63
N GLY C 260 -7.91 2.68 -55.42
CA GLY C 260 -8.74 3.81 -55.12
C GLY C 260 -10.25 3.70 -55.32
N HIS C 261 -10.96 2.77 -54.62
CA HIS C 261 -12.44 2.81 -54.50
C HIS C 261 -12.71 4.05 -53.59
N PRO C 262 -13.79 4.80 -53.85
CA PRO C 262 -14.08 5.96 -52.98
C PRO C 262 -14.42 5.56 -51.53
N ASN C 263 -14.99 4.36 -51.34
CA ASN C 263 -15.39 3.86 -50.03
C ASN C 263 -14.37 2.93 -49.39
N ARG C 264 -13.09 2.96 -49.84
CA ARG C 264 -12.07 2.12 -49.25
C ARG C 264 -11.62 2.74 -47.93
N ARG C 265 -11.87 2.03 -46.83
CA ARG C 265 -11.50 2.45 -45.48
C ARG C 265 -10.02 2.21 -45.18
N LEU C 266 -9.49 1.00 -45.45
CA LEU C 266 -8.11 0.66 -45.14
C LEU C 266 -7.10 1.44 -45.97
N ASN C 267 -6.21 2.15 -45.29
CA ASN C 267 -5.18 2.94 -45.90
C ASN C 267 -3.88 2.55 -45.25
N LEU C 268 -3.19 1.58 -45.83
CA LEU C 268 -1.94 1.09 -45.27
C LEU C 268 -0.81 2.11 -45.34
N VAL C 269 -0.90 3.09 -46.25
CA VAL C 269 0.08 4.17 -46.33
C VAL C 269 -0.02 5.02 -45.06
N SER C 270 -1.23 5.29 -44.55
CA SER C 270 -1.45 6.04 -43.33
C SER C 270 -0.95 5.27 -42.10
N LEU C 271 -1.31 4.00 -42.01
CA LEU C 271 -0.98 3.16 -40.87
C LEU C 271 0.50 2.81 -40.73
N LEU C 272 1.17 2.51 -41.84
CA LEU C 272 2.54 2.00 -41.82
C LEU C 272 3.62 3.02 -42.17
N GLY C 273 3.25 4.04 -42.89
CA GLY C 273 4.19 5.06 -43.34
C GLY C 273 5.21 4.54 -44.34
N PRO C 274 6.48 4.79 -44.02
CA PRO C 274 7.56 4.35 -44.93
C PRO C 274 7.76 2.84 -45.02
N LYS C 275 7.20 2.07 -44.07
CA LYS C 275 7.31 0.61 -44.09
C LYS C 275 6.52 0.02 -45.28
N PHE C 276 5.45 0.71 -45.72
CA PHE C 276 4.59 0.28 -46.81
C PHE C 276 5.06 0.82 -48.14
N GLN C 277 5.37 -0.09 -49.08
CA GLN C 277 5.75 0.22 -50.46
C GLN C 277 4.51 -0.15 -51.28
N PRO C 278 3.67 0.84 -51.64
CA PRO C 278 2.41 0.54 -52.36
C PRO C 278 2.59 -0.08 -53.76
N GLY C 279 3.71 0.22 -54.40
CA GLY C 279 4.00 -0.35 -55.71
C GLY C 279 3.40 0.40 -56.87
N ALA C 280 3.57 -0.17 -58.07
CA ALA C 280 3.07 0.39 -59.31
C ALA C 280 1.55 0.36 -59.43
N LEU C 281 1.00 1.30 -60.21
CA LEU C 281 -0.43 1.38 -60.47
C LEU C 281 -0.76 0.66 -61.76
N PRO C 282 -1.94 0.00 -61.81
CA PRO C 282 -2.31 -0.69 -63.05
C PRO C 282 -2.65 0.29 -64.17
N ASP C 283 -2.37 -0.08 -65.42
CA ASP C 283 -2.68 0.76 -66.56
C ASP C 283 -4.21 0.94 -66.69
N PRO C 284 -4.72 2.01 -67.35
CA PRO C 284 -6.18 2.15 -67.49
C PRO C 284 -6.85 0.96 -68.21
N ASN C 285 -6.10 0.27 -69.07
CA ASN C 285 -6.62 -0.90 -69.78
C ASN C 285 -6.10 -2.21 -69.17
N ALA C 286 -5.78 -2.22 -67.86
CA ALA C 286 -5.27 -3.42 -67.19
C ALA C 286 -6.38 -4.44 -67.00
N PRO C 287 -6.09 -5.74 -67.19
CA PRO C 287 -7.14 -6.75 -67.05
C PRO C 287 -7.73 -6.86 -65.64
N MET C 288 -9.04 -7.08 -65.57
CA MET C 288 -9.75 -7.27 -64.31
C MET C 288 -9.49 -8.67 -63.77
N LEU C 289 -9.74 -8.89 -62.47
CA LEU C 289 -9.60 -10.23 -61.89
C LEU C 289 -10.78 -11.08 -62.34
N LYS C 290 -10.51 -12.28 -62.81
CA LYS C 290 -11.55 -13.22 -63.22
C LYS C 290 -12.23 -13.82 -61.97
N ARG C 291 -13.33 -14.54 -62.16
CA ARG C 291 -14.05 -15.18 -61.07
C ARG C 291 -13.16 -16.17 -60.32
N GLY C 292 -13.04 -15.97 -59.02
CA GLY C 292 -12.22 -16.83 -58.17
C GLY C 292 -10.75 -16.44 -58.06
N GLN C 293 -10.31 -15.42 -58.83
CA GLN C 293 -8.91 -15.00 -58.83
C GLN C 293 -8.47 -14.28 -57.55
N LEU C 294 -9.38 -13.53 -56.90
CA LEU C 294 -9.02 -12.85 -55.66
C LEU C 294 -8.84 -13.88 -54.54
N PHE C 295 -9.72 -14.90 -54.49
CA PHE C 295 -9.59 -15.96 -53.49
C PHE C 295 -8.36 -16.82 -53.79
N SER C 296 -8.02 -17.05 -55.06
CA SER C 296 -6.84 -17.82 -55.43
C SER C 296 -5.58 -17.13 -54.92
N PHE C 297 -5.54 -15.79 -54.98
CA PHE C 297 -4.41 -15.03 -54.50
C PHE C 297 -4.30 -15.19 -52.99
N ILE C 298 -5.42 -15.03 -52.25
CA ILE C 298 -5.39 -15.16 -50.80
C ILE C 298 -5.06 -16.60 -50.36
N SER C 299 -5.42 -17.60 -51.16
CA SER C 299 -5.14 -19.00 -50.83
C SER C 299 -3.67 -19.32 -51.01
N GLU C 300 -3.08 -18.87 -52.13
CA GLU C 300 -1.69 -19.13 -52.43
C GLU C 300 -0.72 -18.28 -51.61
N HIS C 301 -1.08 -17.02 -51.33
CA HIS C 301 -0.16 -16.11 -50.65
C HIS C 301 -0.46 -15.90 -49.18
N TYR C 302 -1.65 -16.30 -48.69
CA TYR C 302 -1.96 -16.16 -47.27
C TYR C 302 -2.30 -17.50 -46.60
N ILE C 303 -3.31 -18.24 -47.10
CA ILE C 303 -3.71 -19.50 -46.47
C ILE C 303 -2.56 -20.51 -46.42
N ILE C 304 -1.94 -20.80 -47.58
CA ILE C 304 -0.85 -21.76 -47.67
C ILE C 304 0.36 -21.36 -46.78
N PRO C 305 0.94 -20.14 -46.88
CA PRO C 305 2.08 -19.81 -46.00
C PRO C 305 1.72 -19.80 -44.51
N THR C 306 0.49 -19.45 -44.15
CA THR C 306 0.05 -19.45 -42.77
C THR C 306 -0.01 -20.87 -42.24
N LEU C 307 -0.54 -21.81 -43.04
CA LEU C 307 -0.62 -23.22 -42.63
C LEU C 307 0.72 -23.94 -42.69
N GLN C 308 1.67 -23.46 -43.51
CA GLN C 308 3.00 -24.02 -43.56
C GLN C 308 3.77 -23.66 -42.27
N ALA C 309 3.52 -22.46 -41.73
CA ALA C 309 4.16 -21.99 -40.51
C ALA C 309 3.43 -22.50 -39.26
N ASN C 310 2.10 -22.52 -39.27
CA ASN C 310 1.31 -23.02 -38.15
C ASN C 310 0.39 -24.13 -38.68
N PRO C 311 0.88 -25.37 -38.75
CA PRO C 311 0.07 -26.46 -39.32
C PRO C 311 -1.20 -26.79 -38.56
N ASN C 312 -1.23 -26.50 -37.26
CA ASN C 312 -2.39 -26.80 -36.44
C ASN C 312 -3.27 -25.58 -36.16
N ALA C 313 -3.24 -24.59 -37.07
CA ALA C 313 -4.03 -23.38 -36.89
C ALA C 313 -5.51 -23.64 -37.10
N PRO C 314 -6.35 -23.16 -36.16
CA PRO C 314 -7.81 -23.30 -36.36
C PRO C 314 -8.31 -22.35 -37.45
N VAL C 315 -9.51 -22.62 -38.02
CA VAL C 315 -10.04 -21.75 -39.08
C VAL C 315 -10.29 -20.32 -38.58
N SER C 316 -10.57 -20.16 -37.28
CA SER C 316 -10.76 -18.85 -36.66
C SER C 316 -9.45 -18.01 -36.64
N PHE C 317 -8.30 -18.67 -36.69
CA PHE C 317 -7.00 -18.00 -36.74
C PHE C 317 -6.72 -17.53 -38.19
N ILE C 318 -7.20 -18.27 -39.20
CA ILE C 318 -7.01 -17.92 -40.60
C ILE C 318 -7.94 -16.76 -40.97
N PHE C 319 -9.25 -16.89 -40.70
CA PHE C 319 -10.19 -15.83 -41.02
C PHE C 319 -11.03 -15.35 -39.81
N PRO C 320 -10.43 -14.60 -38.84
CA PRO C 320 -11.22 -14.12 -37.70
C PRO C 320 -12.35 -13.14 -38.07
N GLY C 321 -12.26 -12.50 -39.23
CA GLY C 321 -13.29 -11.61 -39.71
C GLY C 321 -14.59 -12.33 -39.99
N ILE C 322 -14.51 -13.57 -40.53
CA ILE C 322 -15.72 -14.37 -40.79
C ILE C 322 -16.38 -14.74 -39.45
N ILE C 323 -15.58 -15.08 -38.42
CA ILE C 323 -16.07 -15.40 -37.08
C ILE C 323 -16.82 -14.20 -36.49
N LEU C 324 -16.25 -12.99 -36.63
CA LEU C 324 -16.88 -11.76 -36.14
C LEU C 324 -18.15 -11.43 -36.89
N ALA C 325 -18.16 -11.61 -38.22
CA ALA C 325 -19.35 -11.37 -39.01
C ALA C 325 -20.46 -12.37 -38.63
N ALA C 326 -20.08 -13.63 -38.31
CA ALA C 326 -21.03 -14.67 -37.89
C ALA C 326 -21.63 -14.30 -36.54
N LEU C 327 -20.81 -13.86 -35.58
CA LEU C 327 -21.32 -13.42 -34.28
C LEU C 327 -22.30 -12.26 -34.42
N GLU C 328 -22.05 -11.37 -35.38
CA GLU C 328 -22.90 -10.22 -35.63
C GLU C 328 -24.18 -10.60 -36.36
N ALA C 329 -24.15 -11.65 -37.18
CA ALA C 329 -25.31 -12.14 -37.93
C ALA C 329 -26.41 -12.68 -37.03
N ARG C 330 -26.08 -13.13 -35.81
CA ARG C 330 -27.10 -13.62 -34.86
C ARG C 330 -28.02 -12.46 -34.47
N SER C 331 -27.44 -11.28 -34.21
CA SER C 331 -28.14 -10.06 -33.77
C SER C 331 -29.17 -9.59 -34.80
N THR C 332 -28.82 -9.68 -36.09
CA THR C 332 -29.70 -9.24 -37.20
C THR C 332 -31.01 -10.04 -37.28
N GLN C 337 -36.86 -3.07 -35.51
CA GLN C 337 -37.53 -1.89 -36.06
C GLN C 337 -36.68 -1.19 -37.15
N PRO C 338 -37.34 -0.72 -38.22
CA PRO C 338 -36.58 -0.06 -39.30
C PRO C 338 -36.37 1.44 -39.10
N GLY C 339 -35.19 1.92 -39.48
CA GLY C 339 -34.83 3.33 -39.36
C GLY C 339 -33.48 3.53 -38.71
N PRO C 340 -33.18 4.75 -38.25
CA PRO C 340 -31.89 4.98 -37.57
C PRO C 340 -31.86 4.27 -36.23
N PHE C 341 -30.70 3.73 -35.83
CA PHE C 341 -30.63 2.96 -34.59
C PHE C 341 -29.25 3.00 -33.93
N VAL C 342 -29.25 3.28 -32.62
CA VAL C 342 -28.07 3.33 -31.77
C VAL C 342 -28.11 2.10 -30.88
N ASN C 343 -27.10 1.23 -30.98
CA ASN C 343 -27.06 0.01 -30.19
C ASN C 343 -26.19 0.17 -28.93
N LEU C 344 -26.81 0.31 -27.75
CA LEU C 344 -26.13 0.42 -26.48
C LEU C 344 -26.14 -0.89 -25.66
N THR C 345 -26.45 -2.03 -26.30
CA THR C 345 -26.49 -3.33 -25.63
C THR C 345 -25.10 -3.99 -25.58
N GLY C 346 -24.89 -4.89 -24.62
CA GLY C 346 -23.62 -5.59 -24.46
C GLY C 346 -23.65 -7.09 -24.71
N SER C 347 -24.81 -7.60 -25.11
CA SER C 347 -25.04 -9.01 -25.39
C SER C 347 -24.12 -9.59 -26.47
N ARG C 348 -23.84 -8.80 -27.52
CA ARG C 348 -22.97 -9.26 -28.58
C ARG C 348 -21.50 -9.39 -28.16
N PHE C 349 -21.13 -8.84 -27.00
CA PHE C 349 -19.76 -8.94 -26.47
C PHE C 349 -19.65 -9.93 -25.30
N ASN C 350 -20.78 -10.46 -24.81
CA ASN C 350 -20.82 -11.37 -23.66
C ASN C 350 -19.89 -12.56 -23.74
N GLU C 351 -19.85 -13.24 -24.90
CA GLU C 351 -19.02 -14.43 -25.04
C GLU C 351 -17.53 -14.11 -25.02
N ILE C 352 -17.11 -13.04 -25.70
CA ILE C 352 -15.71 -12.62 -25.73
C ILE C 352 -15.29 -12.13 -24.34
N PHE C 353 -16.13 -11.29 -23.71
CA PHE C 353 -15.84 -10.73 -22.39
C PHE C 353 -15.77 -11.79 -21.30
N GLU C 354 -16.60 -12.85 -21.39
CA GLU C 354 -16.58 -13.93 -20.40
C GLU C 354 -15.28 -14.73 -20.47
N ILE C 355 -14.74 -14.94 -21.67
CA ILE C 355 -13.45 -15.62 -21.84
C ILE C 355 -12.36 -14.75 -21.23
N LEU C 356 -12.36 -13.44 -21.53
CA LEU C 356 -11.40 -12.48 -21.00
C LEU C 356 -11.44 -12.44 -19.47
N ASN C 357 -12.63 -12.47 -18.87
CA ASN C 357 -12.76 -12.45 -17.41
C ASN C 357 -12.26 -13.75 -16.80
N GLN C 358 -12.55 -14.88 -17.46
CA GLN C 358 -12.13 -16.18 -16.95
C GLN C 358 -10.65 -16.45 -17.06
N GLN C 359 -9.95 -15.87 -18.07
CA GLN C 359 -8.53 -16.14 -18.19
C GLN C 359 -7.64 -15.05 -17.60
N LEU C 360 -8.14 -13.80 -17.49
CA LEU C 360 -7.31 -12.73 -16.91
C LEU C 360 -7.64 -12.43 -15.44
N THR C 361 -8.87 -12.71 -15.00
CA THR C 361 -9.27 -12.37 -13.64
C THR C 361 -9.55 -13.58 -12.72
N PHE C 362 -10.48 -14.47 -13.09
CA PHE C 362 -10.89 -15.56 -12.21
C PHE C 362 -10.03 -16.80 -12.27
N ARG C 363 -9.44 -17.07 -13.45
CA ARG C 363 -8.59 -18.25 -13.67
C ARG C 363 -9.27 -19.57 -13.18
N ASP C 364 -10.51 -19.78 -13.64
CA ASP C 364 -11.30 -20.97 -13.31
C ASP C 364 -11.24 -21.83 -14.57
N PRO C 365 -10.62 -23.01 -14.48
CA PRO C 365 -10.47 -23.86 -15.68
C PRO C 365 -11.77 -24.36 -16.28
N LEU C 366 -12.74 -24.73 -15.43
CA LEU C 366 -14.02 -25.24 -15.89
C LEU C 366 -14.87 -24.13 -16.50
N ALA C 367 -14.94 -22.97 -15.84
CA ALA C 367 -15.72 -21.84 -16.33
C ALA C 367 -15.15 -21.29 -17.63
N LEU C 368 -13.82 -21.34 -17.80
CA LEU C 368 -13.16 -20.89 -19.04
C LEU C 368 -13.54 -21.82 -20.19
N LEU C 369 -13.62 -23.13 -19.91
CA LEU C 369 -13.99 -24.13 -20.90
C LEU C 369 -15.44 -23.95 -21.34
N GLN C 370 -16.33 -23.61 -20.40
CA GLN C 370 -17.75 -23.33 -20.70
C GLN C 370 -17.88 -22.06 -21.54
N ALA C 371 -17.07 -21.04 -21.23
CA ALA C 371 -17.04 -19.77 -21.96
C ALA C 371 -16.56 -19.98 -23.40
N ARG C 372 -15.58 -20.84 -23.58
CA ARG C 372 -15.04 -21.16 -24.90
C ARG C 372 -16.08 -21.89 -25.75
N THR C 373 -16.87 -22.78 -25.12
CA THR C 373 -17.94 -23.53 -25.76
C THR C 373 -19.05 -22.58 -26.20
N ALA C 374 -19.41 -21.62 -25.34
CA ALA C 374 -20.45 -20.63 -25.63
C ALA C 374 -20.08 -19.76 -26.83
N LEU C 375 -18.80 -19.36 -26.96
CA LEU C 375 -18.34 -18.57 -28.10
C LEU C 375 -18.39 -19.38 -29.39
N ARG C 376 -18.02 -20.67 -29.32
CA ARG C 376 -18.03 -21.57 -30.46
C ARG C 376 -19.45 -21.85 -30.93
N LEU C 377 -20.38 -22.09 -30.00
CA LEU C 377 -21.79 -22.33 -30.32
C LEU C 377 -22.46 -21.09 -30.92
N ALA C 378 -22.10 -19.90 -30.41
CA ALA C 378 -22.64 -18.63 -30.93
C ALA C 378 -22.17 -18.40 -32.36
N THR C 379 -20.91 -18.79 -32.67
CA THR C 379 -20.35 -18.66 -34.00
C THR C 379 -21.04 -19.61 -34.97
N GLU C 380 -21.29 -20.86 -34.54
CA GLU C 380 -22.01 -21.87 -35.35
C GLU C 380 -23.44 -21.41 -35.69
N GLU C 381 -24.07 -20.72 -34.74
CA GLU C 381 -25.42 -20.19 -34.88
C GLU C 381 -25.42 -19.08 -35.93
N GLY C 382 -24.42 -18.19 -35.87
CA GLY C 382 -24.27 -17.09 -36.81
C GLY C 382 -23.87 -17.50 -38.21
N LEU C 383 -23.05 -18.57 -38.33
CA LEU C 383 -22.65 -19.11 -39.63
C LEU C 383 -23.89 -19.68 -40.37
N ASP C 384 -24.82 -20.29 -39.61
CA ASP C 384 -26.06 -20.83 -40.16
C ASP C 384 -26.91 -19.66 -40.70
N VAL C 385 -26.96 -18.52 -39.98
CA VAL C 385 -27.71 -17.34 -40.43
C VAL C 385 -27.13 -16.83 -41.76
N LEU C 386 -25.80 -16.69 -41.82
CA LEU C 386 -25.10 -16.22 -43.01
C LEU C 386 -25.34 -17.14 -44.22
N LEU C 387 -25.18 -18.45 -44.06
CA LEU C 387 -25.36 -19.41 -45.14
C LEU C 387 -26.80 -19.66 -45.53
N SER C 388 -27.75 -19.42 -44.60
CA SER C 388 -29.17 -19.60 -44.89
C SER C 388 -29.79 -18.40 -45.64
N HIS C 389 -29.13 -17.24 -45.63
CA HIS C 389 -29.58 -16.03 -46.32
C HIS C 389 -29.62 -16.29 -47.84
N PRO C 390 -30.62 -15.76 -48.58
CA PRO C 390 -30.66 -16.03 -50.04
C PRO C 390 -29.44 -15.58 -50.84
N SER C 391 -28.73 -14.56 -50.35
CA SER C 391 -27.51 -14.09 -50.99
C SER C 391 -26.46 -13.89 -49.88
N PRO C 392 -25.81 -14.99 -49.43
CA PRO C 392 -24.84 -14.87 -48.34
C PRO C 392 -23.79 -13.78 -48.48
N PRO C 393 -23.08 -13.57 -49.63
CA PRO C 393 -22.10 -12.47 -49.68
C PRO C 393 -22.70 -11.07 -49.53
N THR C 394 -23.98 -10.89 -49.87
CA THR C 394 -24.65 -9.61 -49.73
C THR C 394 -24.87 -9.25 -48.26
N LEU C 395 -25.31 -10.22 -47.43
CA LEU C 395 -25.48 -10.00 -46.00
C LEU C 395 -24.11 -9.76 -45.35
N LEU C 396 -23.11 -10.54 -45.77
CA LEU C 396 -21.74 -10.45 -45.29
C LEU C 396 -21.16 -9.05 -45.60
N GLN C 397 -21.43 -8.52 -46.79
CA GLN C 397 -20.99 -7.18 -47.19
C GLN C 397 -21.62 -6.10 -46.31
N GLU C 398 -22.91 -6.26 -45.99
CA GLU C 398 -23.66 -5.32 -45.17
C GLU C 398 -23.09 -5.27 -43.75
N ILE C 399 -22.76 -6.44 -43.17
CA ILE C 399 -22.21 -6.50 -41.82
C ILE C 399 -20.81 -5.88 -41.77
N ILE C 400 -19.95 -6.21 -42.74
CA ILE C 400 -18.60 -5.65 -42.82
C ILE C 400 -18.64 -4.13 -43.01
N LYS C 401 -19.65 -3.60 -43.72
CA LYS C 401 -19.78 -2.16 -43.92
C LYS C 401 -20.30 -1.45 -42.67
N SER C 402 -21.43 -1.90 -42.13
CA SER C 402 -22.06 -1.28 -40.98
C SER C 402 -21.31 -1.41 -39.67
N GLN C 403 -20.78 -2.60 -39.39
CA GLN C 403 -20.13 -2.83 -38.12
C GLN C 403 -18.61 -2.67 -38.17
N PHE C 404 -18.00 -2.87 -39.33
CA PHE C 404 -16.54 -2.83 -39.42
C PHE C 404 -15.99 -1.77 -40.39
N GLY C 405 -16.85 -1.04 -41.08
CA GLY C 405 -16.44 0.05 -41.95
C GLY C 405 -15.90 -0.28 -43.32
N GLY C 406 -15.90 -1.57 -43.70
CA GLY C 406 -15.40 -2.00 -44.99
C GLY C 406 -16.30 -1.67 -46.17
N GLY C 407 -15.78 -0.92 -47.14
CA GLY C 407 -16.58 -0.53 -48.30
C GLY C 407 -16.27 -1.18 -49.65
N ASP C 408 -15.17 -1.96 -49.73
CA ASP C 408 -14.82 -2.60 -51.00
C ASP C 408 -14.20 -4.00 -50.81
N ASP C 409 -13.86 -4.68 -51.91
CA ASP C 409 -13.30 -6.03 -51.84
C ASP C 409 -11.94 -6.06 -51.15
N TYR C 410 -11.16 -4.99 -51.29
CA TYR C 410 -9.86 -4.81 -50.64
C TYR C 410 -10.07 -4.82 -49.12
N ASP C 411 -11.05 -4.05 -48.64
CA ASP C 411 -11.40 -3.97 -47.22
C ASP C 411 -11.91 -5.31 -46.72
N ARG C 412 -12.74 -6.00 -47.51
CA ARG C 412 -13.29 -7.29 -47.11
C ARG C 412 -12.23 -8.35 -46.98
N ALA C 413 -11.28 -8.40 -47.91
CA ALA C 413 -10.18 -9.37 -47.87
C ALA C 413 -9.31 -9.10 -46.63
N TYR C 414 -8.95 -7.83 -46.36
CA TYR C 414 -8.14 -7.50 -45.19
C TYR C 414 -8.89 -7.70 -43.88
N PHE C 415 -10.20 -7.45 -43.86
CA PHE C 415 -11.00 -7.65 -42.66
C PHE C 415 -11.06 -9.14 -42.29
N MET C 416 -11.20 -10.05 -43.28
CA MET C 416 -11.25 -11.49 -43.00
C MET C 416 -9.98 -11.94 -42.31
N VAL C 417 -8.82 -11.45 -42.76
CA VAL C 417 -7.53 -11.77 -42.20
C VAL C 417 -7.24 -11.09 -40.86
N LEU C 418 -7.44 -9.77 -40.75
CA LEU C 418 -7.12 -9.00 -39.55
C LEU C 418 -8.16 -9.01 -38.43
N GLY C 419 -9.41 -9.25 -38.77
CA GLY C 419 -10.50 -9.17 -37.79
C GLY C 419 -10.94 -7.74 -37.52
N CYS C 420 -10.35 -6.76 -38.21
CA CYS C 420 -10.66 -5.34 -38.05
C CYS C 420 -10.06 -4.54 -39.21
N LEU C 421 -10.44 -3.26 -39.31
CA LEU C 421 -9.89 -2.36 -40.33
C LEU C 421 -9.45 -1.09 -39.61
N PRO C 422 -8.21 -1.05 -39.11
CA PRO C 422 -7.75 0.12 -38.37
C PRO C 422 -7.59 1.37 -39.23
N VAL C 423 -7.89 2.53 -38.65
CA VAL C 423 -7.69 3.85 -39.28
C VAL C 423 -6.90 4.75 -38.32
N VAL C 424 -6.18 5.73 -38.85
CA VAL C 424 -5.45 6.67 -38.02
C VAL C 424 -6.34 7.86 -37.78
N LEU C 425 -6.52 8.27 -36.51
CA LEU C 425 -7.28 9.48 -36.21
C LEU C 425 -6.39 10.44 -35.45
N ALA C 426 -6.28 11.68 -35.94
CA ALA C 426 -5.45 12.67 -35.29
C ALA C 426 -5.90 12.94 -33.85
N VAL C 427 -4.93 12.96 -32.92
CA VAL C 427 -5.13 13.23 -31.51
C VAL C 427 -5.63 14.69 -31.32
N VAL C 428 -5.08 15.62 -32.10
CA VAL C 428 -5.52 17.01 -32.06
C VAL C 428 -6.36 17.31 -33.30
N PRO C 429 -7.62 17.76 -33.14
CA PRO C 429 -8.44 18.08 -34.31
C PRO C 429 -8.29 19.55 -34.71
N ARG D 5 -31.53 2.34 39.40
CA ARG D 5 -30.78 3.58 39.60
C ARG D 5 -30.03 4.08 38.33
N ASN D 6 -30.56 3.77 37.14
CA ASN D 6 -29.96 4.18 35.87
C ASN D 6 -30.24 5.65 35.61
N PHE D 7 -29.25 6.38 35.06
CA PHE D 7 -29.45 7.78 34.73
C PHE D 7 -28.91 8.11 33.34
N THR D 8 -29.42 9.19 32.74
CA THR D 8 -29.04 9.59 31.39
C THR D 8 -28.33 10.94 31.36
N VAL D 9 -27.27 11.07 30.53
CA VAL D 9 -26.54 12.32 30.36
C VAL D 9 -26.32 12.62 28.86
N ALA D 10 -26.11 13.89 28.52
CA ALA D 10 -25.79 14.32 27.16
C ALA D 10 -24.73 15.40 27.29
N ILE D 11 -23.69 15.36 26.43
CA ILE D 11 -22.57 16.28 26.57
C ILE D 11 -22.69 17.52 25.66
N VAL D 12 -22.96 17.31 24.35
CA VAL D 12 -23.09 18.43 23.41
C VAL D 12 -24.42 18.34 22.63
N PRO D 13 -24.98 19.47 22.16
CA PRO D 13 -26.25 19.40 21.41
C PRO D 13 -26.10 18.59 20.13
N GLY D 14 -27.16 17.86 19.75
CA GLY D 14 -27.16 17.04 18.56
C GLY D 14 -26.53 15.65 18.72
N ASP D 15 -25.83 15.43 19.83
CA ASP D 15 -25.18 14.14 20.10
C ASP D 15 -26.11 13.18 20.86
N PRO D 16 -25.79 11.86 20.89
CA PRO D 16 -26.67 10.93 21.61
C PRO D 16 -26.60 11.09 23.11
N HIS D 17 -27.63 10.62 23.79
CA HIS D 17 -27.71 10.58 25.23
C HIS D 17 -27.12 9.24 25.67
N PHE D 18 -26.42 9.20 26.80
CA PHE D 18 -25.82 7.98 27.31
C PHE D 18 -26.56 7.56 28.57
N SER D 19 -27.04 6.32 28.60
CA SER D 19 -27.69 5.78 29.77
C SER D 19 -26.66 4.95 30.50
N VAL D 20 -26.38 5.28 31.75
CA VAL D 20 -25.38 4.57 32.53
C VAL D 20 -25.95 4.13 33.88
N ASP D 21 -25.33 3.12 34.49
CA ASP D 21 -25.72 2.64 35.80
C ASP D 21 -25.18 3.58 36.89
N ARG D 22 -23.89 3.99 36.78
CA ARG D 22 -23.23 4.81 37.80
C ARG D 22 -22.25 5.85 37.25
N ASP D 23 -21.37 5.46 36.29
CA ASP D 23 -20.29 6.30 35.83
C ASP D 23 -20.07 6.17 34.32
N LEU D 24 -20.15 7.28 33.59
CA LEU D 24 -19.93 7.29 32.14
C LEU D 24 -18.52 6.83 31.74
N ARG D 25 -17.45 7.40 32.33
CA ARG D 25 -16.07 7.00 32.00
C ARG D 25 -15.82 5.53 32.31
N GLY D 26 -16.30 5.07 33.46
CA GLY D 26 -16.11 3.70 33.90
C GLY D 26 -16.82 2.67 33.07
N GLU D 27 -17.94 3.07 32.45
CA GLU D 27 -18.73 2.15 31.62
C GLU D 27 -18.43 2.26 30.13
N LEU D 28 -17.89 3.38 29.67
CA LEU D 28 -17.56 3.58 28.27
C LEU D 28 -16.23 2.92 27.88
N MET D 29 -15.16 3.17 28.67
CA MET D 29 -13.83 2.67 28.37
C MET D 29 -13.71 1.16 28.17
N PRO D 30 -14.31 0.27 29.00
CA PRO D 30 -14.15 -1.17 28.76
C PRO D 30 -14.69 -1.64 27.41
N THR D 31 -15.70 -0.94 26.87
CA THR D 31 -16.29 -1.30 25.59
C THR D 31 -15.32 -1.13 24.41
N LEU D 32 -14.20 -0.42 24.61
CA LEU D 32 -13.21 -0.19 23.57
C LEU D 32 -12.18 -1.34 23.43
N TYR D 33 -12.25 -2.35 24.32
CA TYR D 33 -11.33 -3.49 24.31
C TYR D 33 -12.05 -4.78 23.89
N MET D 34 -13.11 -4.67 23.09
CA MET D 34 -13.93 -5.82 22.71
C MET D 34 -13.78 -6.27 21.24
N ASN D 35 -12.81 -5.71 20.53
CA ASN D 35 -12.56 -6.00 19.12
C ASN D 35 -11.03 -6.06 18.94
N GLN D 36 -10.32 -6.73 19.87
CA GLN D 36 -8.86 -6.73 19.94
C GLN D 36 -8.14 -7.31 18.72
N ASN D 37 -8.86 -8.02 17.86
CA ASN D 37 -8.30 -8.55 16.63
C ASN D 37 -8.23 -7.47 15.53
N GLN D 38 -9.10 -6.44 15.60
CA GLN D 38 -9.14 -5.41 14.57
C GLN D 38 -8.62 -4.04 15.00
N TRP D 39 -8.90 -3.61 16.24
CA TRP D 39 -8.45 -2.32 16.69
C TRP D 39 -8.30 -2.22 18.20
N LEU D 40 -7.51 -1.24 18.66
CA LEU D 40 -7.26 -0.96 20.07
C LEU D 40 -7.33 0.55 20.28
N PRO D 41 -7.79 1.02 21.44
CA PRO D 41 -7.87 2.47 21.67
C PRO D 41 -6.53 3.15 21.93
N SER D 42 -6.46 4.45 21.63
CA SER D 42 -5.30 5.30 21.90
C SER D 42 -5.85 6.59 22.53
N PHE D 43 -5.25 7.04 23.65
CA PHE D 43 -5.81 8.16 24.41
C PHE D 43 -5.06 9.50 24.29
N GLY D 44 -4.16 9.63 23.33
CA GLY D 44 -3.48 10.90 23.11
C GLY D 44 -2.05 10.97 23.59
N PRO D 45 -1.32 12.03 23.17
CA PRO D 45 0.10 12.16 23.53
C PRO D 45 0.45 12.05 25.02
N TRP D 46 -0.35 12.68 25.90
CA TRP D 46 -0.10 12.63 27.33
C TRP D 46 -0.21 11.21 27.88
N PHE D 47 -1.24 10.46 27.42
CA PHE D 47 -1.42 9.07 27.85
C PHE D 47 -0.40 8.13 27.21
N ILE D 48 0.10 8.46 26.02
CA ILE D 48 1.16 7.68 25.36
C ILE D 48 2.44 7.84 26.19
N SER D 49 2.74 9.08 26.65
CA SER D 49 3.90 9.38 27.49
C SER D 49 3.74 8.72 28.87
N LEU D 50 2.51 8.71 29.41
CA LEU D 50 2.19 8.09 30.69
C LEU D 50 2.45 6.58 30.58
N THR D 51 2.00 5.95 29.49
CA THR D 51 2.16 4.52 29.26
C THR D 51 3.63 4.17 29.13
N ASP D 52 4.39 5.00 28.39
CA ASP D 52 5.84 4.83 28.23
C ASP D 52 6.53 4.87 29.59
N ASN D 53 6.17 5.85 30.43
CA ASN D 53 6.76 6.03 31.74
C ASN D 53 6.38 4.93 32.71
N ALA D 54 5.10 4.54 32.74
CA ALA D 54 4.61 3.49 33.62
C ALA D 54 5.33 2.17 33.40
N MET D 55 5.62 1.80 32.13
CA MET D 55 6.31 0.55 31.83
C MET D 55 7.79 0.56 32.24
N GLN D 56 8.39 1.75 32.40
CA GLN D 56 9.79 1.92 32.80
C GLN D 56 9.97 1.98 34.32
N ARG D 57 8.92 2.34 35.07
CA ARG D 57 8.97 2.46 36.52
C ARG D 57 9.42 1.17 37.20
N ARG D 58 10.43 1.26 38.06
CA ARG D 58 10.91 0.11 38.83
C ARG D 58 9.81 -0.31 39.82
N VAL D 59 9.17 0.68 40.47
CA VAL D 59 8.09 0.43 41.41
C VAL D 59 6.77 0.85 40.77
N PHE D 60 6.01 -0.14 40.28
CA PHE D 60 4.72 0.07 39.62
C PHE D 60 3.89 -1.21 39.72
N PRO D 61 2.56 -1.13 39.99
CA PRO D 61 1.77 -2.37 40.10
C PRO D 61 1.81 -3.26 38.85
N LYS D 62 2.16 -4.55 39.04
CA LYS D 62 2.25 -5.51 37.94
C LYS D 62 0.95 -5.71 37.16
N GLU D 63 -0.21 -5.60 37.83
CA GLU D 63 -1.49 -5.75 37.14
C GLU D 63 -1.77 -4.65 36.11
N LEU D 64 -1.07 -3.51 36.23
CA LEU D 64 -1.22 -2.40 35.27
C LEU D 64 -0.24 -2.48 34.09
N LYS D 65 0.56 -3.57 34.00
CA LYS D 65 1.55 -3.76 32.96
C LYS D 65 1.17 -4.82 31.91
N GLY D 66 -0.11 -4.90 31.56
CA GLY D 66 -0.62 -5.85 30.58
C GLY D 66 -0.10 -5.62 29.16
N THR D 67 -0.20 -6.65 28.29
CA THR D 67 0.34 -6.60 26.92
C THR D 67 -0.18 -5.48 26.03
N VAL D 68 -1.40 -5.02 26.26
CA VAL D 68 -2.00 -3.94 25.46
C VAL D 68 -1.17 -2.66 25.54
N ASN D 69 -0.45 -2.42 26.66
CA ASN D 69 0.42 -1.26 26.82
C ASN D 69 1.56 -1.21 25.79
N PHE D 70 1.97 -2.36 25.28
CA PHE D 70 3.06 -2.51 24.31
C PHE D 70 2.57 -2.64 22.87
N GLN D 71 1.27 -2.38 22.60
CA GLN D 71 0.66 -2.54 21.29
C GLN D 71 0.00 -1.22 20.84
N ASN D 72 0.72 -0.11 20.96
CA ASN D 72 0.26 1.24 20.59
C ASN D 72 -1.05 1.59 21.28
N SER D 73 -1.15 1.25 22.55
CA SER D 73 -2.36 1.46 23.32
C SER D 73 -2.00 1.54 24.82
N THR D 74 -3.02 1.58 25.68
CA THR D 74 -2.90 1.59 27.13
C THR D 74 -3.89 0.52 27.59
N SER D 75 -3.47 -0.38 28.48
CA SER D 75 -4.35 -1.43 28.97
C SER D 75 -5.57 -0.84 29.70
N LEU D 76 -6.69 -1.58 29.71
CA LEU D 76 -7.90 -1.13 30.38
C LEU D 76 -7.66 -0.89 31.87
N LYS D 77 -6.89 -1.75 32.53
CA LYS D 77 -6.59 -1.55 33.95
C LYS D 77 -5.82 -0.25 34.19
N LEU D 78 -4.81 0.06 33.35
CA LEU D 78 -4.06 1.28 33.51
C LEU D 78 -4.89 2.55 33.23
N ILE D 79 -5.66 2.59 32.11
CA ILE D 79 -6.45 3.77 31.78
C ILE D 79 -7.57 4.01 32.80
N SER D 80 -8.28 2.96 33.27
CA SER D 80 -9.36 3.12 34.22
C SER D 80 -8.87 3.50 35.61
N HIS D 81 -7.76 2.93 36.06
CA HIS D 81 -7.20 3.30 37.37
C HIS D 81 -6.65 4.73 37.34
N THR D 82 -6.09 5.16 36.19
CA THR D 82 -5.57 6.51 36.05
C THR D 82 -6.74 7.51 36.12
N LEU D 83 -7.80 7.27 35.31
CA LEU D 83 -8.97 8.15 35.29
C LEU D 83 -9.69 8.18 36.63
N THR D 84 -9.75 7.04 37.35
CA THR D 84 -10.37 7.01 38.67
C THR D 84 -9.57 7.86 39.65
N THR D 85 -8.23 7.80 39.57
CA THR D 85 -7.35 8.56 40.45
C THR D 85 -7.55 10.05 40.22
N VAL D 86 -7.65 10.48 38.95
CA VAL D 86 -7.87 11.87 38.59
C VAL D 86 -9.26 12.32 39.09
N ALA D 87 -10.29 11.47 38.90
CA ALA D 87 -11.65 11.76 39.36
C ALA D 87 -11.77 11.88 40.88
N SER D 88 -10.85 11.29 41.63
CA SER D 88 -10.88 11.37 43.10
C SER D 88 -10.01 12.51 43.67
N THR D 89 -9.41 13.37 42.81
CA THR D 89 -8.51 14.45 43.23
C THR D 89 -9.07 15.31 44.36
N THR D 90 -10.29 15.80 44.22
CA THR D 90 -10.89 16.65 45.22
C THR D 90 -11.94 15.94 46.07
N ALA D 91 -11.84 14.61 46.20
CA ALA D 91 -12.76 13.86 47.05
C ALA D 91 -12.33 14.06 48.51
N ASP D 92 -13.31 14.11 49.42
CA ASP D 92 -13.02 14.33 50.84
C ASP D 92 -12.66 13.01 51.53
N PHE D 93 -11.43 12.94 52.07
CA PHE D 93 -11.00 11.75 52.80
C PHE D 93 -10.93 11.96 54.33
N PHE D 94 -11.32 13.16 54.82
CA PHE D 94 -11.41 13.43 56.26
C PHE D 94 -12.83 13.02 56.62
N ALA D 95 -12.99 12.14 57.60
CA ALA D 95 -14.34 11.73 58.03
C ALA D 95 -14.87 12.80 58.98
N ASP D 96 -15.33 13.96 58.44
CA ASP D 96 -15.80 15.05 59.29
C ASP D 96 -17.23 15.51 58.95
N ALA D 97 -18.08 15.62 59.98
CA ALA D 97 -19.47 16.06 59.83
C ALA D 97 -19.60 17.55 59.49
N ARG D 98 -18.55 18.36 59.81
CA ARG D 98 -18.52 19.78 59.49
C ARG D 98 -18.19 20.05 58.01
N HIS D 99 -17.82 19.01 57.24
CA HIS D 99 -17.40 19.13 55.86
C HIS D 99 -18.48 18.96 54.81
N LEU D 100 -18.44 19.84 53.82
CA LEU D 100 -19.26 19.78 52.62
C LEU D 100 -18.35 19.19 51.53
N THR D 101 -18.93 18.71 50.41
CA THR D 101 -18.08 18.32 49.28
C THR D 101 -17.61 19.64 48.65
N ASP D 102 -16.48 19.63 47.93
CA ASP D 102 -15.98 20.86 47.31
C ASP D 102 -16.98 21.45 46.32
N THR D 103 -17.74 20.59 45.60
CA THR D 103 -18.79 21.02 44.67
C THR D 103 -19.89 21.75 45.43
N GLN D 104 -20.34 21.21 46.58
CA GLN D 104 -21.39 21.81 47.38
C GLN D 104 -20.93 23.16 47.94
N ALA D 105 -19.67 23.24 48.38
CA ALA D 105 -19.13 24.48 48.91
C ALA D 105 -19.00 25.55 47.80
N ALA D 106 -18.59 25.13 46.58
CA ALA D 106 -18.48 26.03 45.43
C ALA D 106 -19.85 26.55 45.02
N LEU D 107 -20.87 25.67 45.05
CA LEU D 107 -22.23 26.05 44.70
C LEU D 107 -22.81 27.02 45.72
N CYS D 108 -22.48 26.85 47.01
CA CYS D 108 -22.95 27.76 48.06
C CYS D 108 -22.31 29.13 47.87
N LEU D 109 -21.03 29.18 47.52
CA LEU D 109 -20.32 30.43 47.29
C LEU D 109 -20.87 31.21 46.08
N VAL D 110 -21.01 30.55 44.92
CA VAL D 110 -21.51 31.21 43.71
C VAL D 110 -22.99 31.62 43.86
N ASN D 111 -23.78 30.87 44.65
CA ASN D 111 -25.18 31.21 44.89
C ASN D 111 -25.31 32.37 45.86
N ALA D 112 -24.47 32.40 46.89
CA ALA D 112 -24.49 33.51 47.85
C ALA D 112 -24.05 34.79 47.17
N TYR D 113 -23.04 34.71 46.28
CA TYR D 113 -22.55 35.86 45.54
C TYR D 113 -23.63 36.42 44.62
N PHE D 114 -24.38 35.52 43.97
CA PHE D 114 -25.46 35.88 43.05
C PHE D 114 -26.58 36.58 43.80
N CYS D 115 -26.92 36.10 45.00
CA CYS D 115 -27.97 36.72 45.81
C CYS D 115 -27.54 38.07 46.35
N GLN D 116 -26.25 38.23 46.66
CA GLN D 116 -25.72 39.49 47.14
C GLN D 116 -25.70 40.54 46.03
N LYS D 117 -25.38 40.13 44.80
CA LYS D 117 -25.30 41.06 43.67
C LYS D 117 -26.63 41.32 42.95
N THR D 118 -27.59 40.38 43.02
CA THR D 118 -28.89 40.54 42.34
C THR D 118 -30.04 40.57 43.38
N SER D 119 -31.27 40.87 42.96
CA SER D 119 -32.40 40.85 43.89
C SER D 119 -32.94 39.42 44.14
N ARG D 120 -32.25 38.37 43.64
CA ARG D 120 -32.80 37.03 43.68
C ARG D 120 -32.84 36.38 45.05
N GLN D 121 -33.97 35.72 45.32
CA GLN D 121 -34.24 34.98 46.54
C GLN D 121 -33.19 33.88 46.74
N LEU D 122 -32.77 33.68 47.99
CA LEU D 122 -31.81 32.66 48.41
C LEU D 122 -32.29 31.26 47.99
N PRO D 123 -31.39 30.39 47.53
CA PRO D 123 -31.81 29.04 47.11
C PRO D 123 -32.40 28.25 48.27
N ALA D 124 -33.49 27.50 48.03
CA ALA D 124 -34.15 26.75 49.09
C ALA D 124 -33.75 25.28 49.13
N THR D 125 -33.65 24.65 47.96
CA THR D 125 -33.30 23.23 47.83
C THR D 125 -31.99 23.06 47.09
N PRO D 126 -31.31 21.90 47.19
CA PRO D 126 -30.07 21.71 46.41
C PRO D 126 -30.26 21.83 44.89
N ASP D 127 -31.50 21.64 44.40
CA ASP D 127 -31.82 21.79 42.98
C ASP D 127 -31.75 23.27 42.58
N ASP D 128 -32.15 24.18 43.49
CA ASP D 128 -32.09 25.63 43.27
C ASP D 128 -30.64 26.12 43.17
N LEU D 129 -29.67 25.41 43.79
CA LEU D 129 -28.24 25.74 43.68
C LEU D 129 -27.77 25.57 42.25
N LEU D 130 -28.27 24.54 41.55
CA LEU D 130 -27.89 24.24 40.18
C LEU D 130 -28.72 24.96 39.13
N ALA D 131 -29.89 25.48 39.51
CA ALA D 131 -30.77 26.22 38.60
C ALA D 131 -30.06 27.49 38.16
N ASP D 132 -30.00 27.73 36.84
CA ASP D 132 -29.34 28.90 36.28
C ASP D 132 -27.87 29.01 36.64
N LEU D 133 -27.18 27.85 36.75
CA LEU D 133 -25.75 27.81 37.03
C LEU D 133 -24.92 28.59 35.99
N PRO D 134 -25.19 28.49 34.66
CA PRO D 134 -24.41 29.30 33.71
C PRO D 134 -24.51 30.80 33.99
N GLN D 135 -25.69 31.29 34.35
CA GLN D 135 -25.94 32.69 34.65
C GLN D 135 -25.27 33.12 35.95
N LYS D 136 -25.27 32.24 36.96
CA LYS D 136 -24.63 32.51 38.24
C LYS D 136 -23.10 32.57 38.10
N LEU D 137 -22.53 31.68 37.27
CA LEU D 137 -21.10 31.64 37.02
C LEU D 137 -20.69 32.85 36.18
N ASP D 138 -21.50 33.19 35.16
CA ASP D 138 -21.24 34.32 34.28
C ASP D 138 -21.17 35.65 35.06
N LEU D 139 -22.01 35.82 36.10
CA LEU D 139 -21.97 37.04 36.89
C LEU D 139 -20.69 37.11 37.72
N LEU D 140 -20.28 35.99 38.34
CA LEU D 140 -19.07 35.94 39.16
C LEU D 140 -17.83 36.17 38.32
N ILE D 141 -17.75 35.54 37.13
CA ILE D 141 -16.61 35.66 36.22
C ILE D 141 -16.45 37.08 35.67
N THR D 142 -17.53 37.72 35.19
CA THR D 142 -17.42 39.09 34.66
C THR D 142 -16.97 40.09 35.73
N GLN D 143 -17.29 39.83 37.01
CA GLN D 143 -16.83 40.70 38.09
C GLN D 143 -15.37 40.39 38.44
N LEU D 144 -14.96 39.12 38.35
CA LEU D 144 -13.59 38.68 38.59
C LEU D 144 -12.63 39.26 37.54
N LYS D 145 -13.09 39.40 36.29
CA LYS D 145 -12.28 39.99 35.22
C LYS D 145 -11.99 41.47 35.50
N GLN D 146 -12.92 42.17 36.17
CA GLN D 146 -12.78 43.57 36.56
C GLN D 146 -11.95 43.76 37.84
N GLU D 147 -11.52 42.66 38.50
CA GLU D 147 -10.73 42.74 39.72
C GLU D 147 -9.30 43.12 39.39
N SER D 148 -9.02 44.41 39.49
CA SER D 148 -7.69 44.94 39.23
C SER D 148 -6.81 44.80 40.49
N GLY D 149 -5.50 44.94 40.33
CA GLY D 149 -4.58 44.88 41.44
C GLY D 149 -3.69 43.66 41.49
N PRO D 150 -2.75 43.63 42.45
CA PRO D 150 -1.87 42.47 42.57
C PRO D 150 -2.56 41.28 43.22
N GLY D 151 -1.93 40.12 43.08
CA GLY D 151 -2.48 38.88 43.62
C GLY D 151 -2.80 37.90 42.51
N ASP D 152 -2.90 36.63 42.85
CA ASP D 152 -3.17 35.58 41.89
C ASP D 152 -4.28 34.63 42.44
N PHE D 153 -4.26 33.33 42.10
CA PHE D 153 -5.24 32.38 42.59
C PHE D 153 -4.56 31.31 43.42
N SER D 154 -3.62 31.73 44.27
CA SER D 154 -2.85 30.82 45.11
C SER D 154 -3.05 31.09 46.60
N PHE D 155 -2.79 30.07 47.43
CA PHE D 155 -2.86 30.20 48.87
C PHE D 155 -1.44 30.48 49.38
N THR D 156 -1.33 31.36 50.39
CA THR D 156 -0.03 31.75 50.91
C THR D 156 0.39 30.92 52.12
N TYR D 157 1.46 30.16 51.96
CA TYR D 157 2.00 29.34 53.03
C TYR D 157 3.27 30.01 53.58
N SER D 158 3.45 30.00 54.91
CA SER D 158 4.64 30.58 55.52
C SER D 158 5.48 29.53 56.25
N ASN D 159 5.42 28.26 55.79
CA ASN D 159 6.11 27.15 56.43
C ASN D 159 5.97 25.90 55.55
N PRO D 160 7.03 25.08 55.39
CA PRO D 160 6.90 23.88 54.54
C PRO D 160 5.95 22.81 55.11
N GLN D 161 5.88 22.69 56.45
CA GLN D 161 4.96 21.76 57.12
C GLN D 161 3.50 22.18 56.92
N GLU D 162 3.25 23.49 56.83
CA GLU D 162 1.95 24.10 56.58
C GLU D 162 1.49 23.77 55.13
N ARG D 163 2.44 23.77 54.18
CA ARG D 163 2.21 23.44 52.78
C ARG D 163 1.85 21.96 52.60
N ALA D 164 2.43 21.08 53.43
CA ALA D 164 2.17 19.63 53.37
C ALA D 164 0.86 19.18 54.01
N SER D 165 0.02 20.12 54.48
CA SER D 165 -1.25 19.76 55.11
C SER D 165 -2.42 20.46 54.40
N LEU D 166 -3.52 19.73 54.18
CA LEU D 166 -4.70 20.32 53.54
C LEU D 166 -5.48 21.13 54.58
N ALA D 167 -5.63 20.60 55.79
CA ALA D 167 -6.32 21.26 56.89
C ALA D 167 -5.35 22.13 57.70
N PRO D 168 -5.85 23.12 58.50
CA PRO D 168 -4.93 23.94 59.30
C PRO D 168 -4.17 23.10 60.32
N LEU D 169 -2.91 23.49 60.60
CA LEU D 169 -2.08 22.76 61.55
C LEU D 169 -2.58 22.86 62.98
N ASN D 170 -2.18 21.88 63.82
CA ASN D 170 -2.49 21.79 65.25
C ASN D 170 -4.00 21.73 65.53
N LYS D 171 -4.75 21.06 64.65
CA LYS D 171 -6.20 20.87 64.72
C LYS D 171 -6.99 22.17 64.84
N GLU D 172 -6.52 23.23 64.19
CA GLU D 172 -7.20 24.52 64.23
C GLU D 172 -8.32 24.61 63.19
N SER D 173 -9.34 25.42 63.48
CA SER D 173 -10.48 25.59 62.57
C SER D 173 -10.22 26.66 61.49
N ARG D 174 -9.26 27.56 61.73
CA ARG D 174 -8.95 28.62 60.77
C ARG D 174 -7.52 28.54 60.26
N TYR D 175 -7.30 28.96 59.02
CA TYR D 175 -5.97 29.02 58.43
C TYR D 175 -5.31 30.33 58.89
N PRO D 176 -3.96 30.42 58.92
CA PRO D 176 -3.32 31.67 59.34
C PRO D 176 -3.76 32.88 58.50
N THR D 177 -3.69 34.08 59.08
CA THR D 177 -4.15 35.32 58.45
C THR D 177 -3.68 35.52 57.00
N ALA D 178 -2.41 35.19 56.69
CA ALA D 178 -1.87 35.38 55.33
C ALA D 178 -2.42 34.44 54.24
N PHE D 179 -2.95 33.27 54.64
CA PHE D 179 -3.42 32.21 53.73
C PHE D 179 -4.22 32.67 52.51
N PHE D 180 -5.32 33.41 52.71
CA PHE D 180 -6.16 33.84 51.59
C PHE D 180 -5.86 35.26 51.07
N GLN D 181 -4.91 35.99 51.69
CA GLN D 181 -4.60 37.38 51.38
C GLN D 181 -4.18 37.67 49.92
N ARG D 182 -3.57 36.73 49.22
CA ARG D 182 -3.16 36.95 47.83
C ARG D 182 -4.15 36.37 46.81
N HIS D 183 -5.24 35.72 47.25
CA HIS D 183 -6.21 35.11 46.34
C HIS D 183 -7.26 36.11 45.87
N LYS D 184 -7.28 36.41 44.57
CA LYS D 184 -8.22 37.37 43.95
C LYS D 184 -9.69 36.97 44.09
N LEU D 185 -10.00 35.69 43.95
CA LEU D 185 -11.36 35.20 44.05
C LEU D 185 -11.87 35.32 45.48
N HIS D 186 -11.01 35.01 46.47
CA HIS D 186 -11.39 35.14 47.87
C HIS D 186 -11.60 36.61 48.20
N ALA D 187 -10.69 37.48 47.76
CA ALA D 187 -10.76 38.92 48.00
C ALA D 187 -12.02 39.55 47.44
N MET D 188 -12.45 39.12 46.25
CA MET D 188 -13.65 39.68 45.63
C MET D 188 -14.90 39.30 46.42
N MET D 189 -14.98 38.02 46.86
CA MET D 189 -16.12 37.54 47.64
C MET D 189 -16.13 38.13 49.05
N ALA D 190 -14.96 38.39 49.63
CA ALA D 190 -14.85 38.98 50.96
C ALA D 190 -15.32 40.43 50.92
N LYS D 191 -14.95 41.18 49.86
CA LYS D 191 -15.37 42.56 49.67
C LYS D 191 -16.89 42.66 49.47
N ALA D 192 -17.49 41.63 48.85
CA ALA D 192 -18.93 41.56 48.63
C ALA D 192 -19.73 41.26 49.92
N GLY D 193 -19.06 40.91 51.02
CA GLY D 193 -19.73 40.65 52.28
C GLY D 193 -19.96 39.19 52.63
N LEU D 194 -19.48 38.28 51.76
CA LEU D 194 -19.63 36.85 52.02
C LEU D 194 -18.70 36.40 53.14
N PHE D 195 -19.03 35.26 53.80
CA PHE D 195 -18.29 34.67 54.92
C PHE D 195 -17.74 35.70 55.94
N PRO D 196 -18.60 36.47 56.65
CA PRO D 196 -18.07 37.44 57.63
C PRO D 196 -17.74 36.83 58.99
N HIS D 197 -16.87 37.49 59.77
CA HIS D 197 -16.50 37.02 61.08
C HIS D 197 -17.40 37.67 62.12
N ASN D 198 -18.11 36.85 62.92
CA ASN D 198 -19.00 37.39 63.95
C ASN D 198 -18.57 37.01 65.37
N PRO D 208 -23.56 42.02 64.04
CA PRO D 208 -24.35 40.84 63.63
C PRO D 208 -24.56 40.80 62.12
N ALA D 209 -23.45 40.72 61.38
CA ALA D 209 -23.39 40.68 59.93
C ALA D 209 -24.03 39.42 59.32
N MET D 210 -25.02 39.61 58.42
CA MET D 210 -25.70 38.54 57.70
C MET D 210 -24.73 37.68 56.88
N ASP D 211 -24.80 36.35 57.07
CA ASP D 211 -23.96 35.41 56.34
C ASP D 211 -24.85 34.60 55.39
N LEU D 212 -24.84 34.97 54.10
CA LEU D 212 -25.64 34.28 53.09
C LEU D 212 -25.23 32.83 52.90
N VAL D 213 -23.92 32.52 52.97
CA VAL D 213 -23.44 31.15 52.81
C VAL D 213 -23.98 30.26 53.94
N PHE D 214 -23.94 30.76 55.19
CA PHE D 214 -24.45 30.02 56.35
C PHE D 214 -25.95 29.80 56.30
N ALA D 215 -26.68 30.75 55.71
CA ALA D 215 -28.13 30.61 55.54
C ALA D 215 -28.44 29.48 54.55
N ILE D 216 -27.61 29.31 53.51
CA ILE D 216 -27.76 28.25 52.52
C ILE D 216 -27.38 26.89 53.11
N THR D 217 -26.22 26.81 53.77
CA THR D 217 -25.74 25.56 54.36
C THR D 217 -26.65 25.03 55.47
N SER D 218 -27.18 25.91 56.32
CA SER D 218 -28.08 25.48 57.40
C SER D 218 -29.49 25.09 56.90
N ALA D 219 -29.83 25.44 55.66
CA ALA D 219 -31.14 25.10 55.11
C ALA D 219 -31.11 23.80 54.30
N MET D 220 -29.95 23.43 53.72
CA MET D 220 -29.87 22.23 52.89
C MET D 220 -28.92 21.17 53.39
N PHE D 221 -27.83 21.58 54.05
CA PHE D 221 -26.81 20.63 54.48
C PHE D 221 -26.74 20.40 55.99
N GLY D 222 -27.79 20.77 56.72
CA GLY D 222 -27.85 20.56 58.16
C GLY D 222 -27.12 21.59 59.00
N SER D 223 -27.32 21.49 60.33
CA SER D 223 -26.74 22.37 61.33
C SER D 223 -25.24 22.12 61.60
N ASP D 224 -24.71 20.97 61.17
CA ASP D 224 -23.31 20.62 61.41
C ASP D 224 -22.31 21.47 60.65
N ILE D 225 -22.72 22.08 59.52
CA ILE D 225 -21.80 22.90 58.72
C ILE D 225 -21.61 24.27 59.38
N PRO D 226 -20.41 24.56 59.86
CA PRO D 226 -20.16 25.85 60.52
C PRO D 226 -19.99 27.00 59.52
N PRO D 227 -20.05 28.28 59.98
CA PRO D 227 -19.81 29.40 59.06
C PRO D 227 -18.43 29.31 58.40
N PHE D 228 -18.32 29.63 57.11
CA PHE D 228 -17.07 29.51 56.35
C PHE D 228 -15.88 30.28 56.95
N SER D 229 -16.16 31.37 57.65
CA SER D 229 -15.10 32.15 58.29
C SER D 229 -14.59 31.50 59.58
N ALA D 230 -15.46 30.72 60.27
CA ALA D 230 -15.12 30.04 61.51
C ALA D 230 -14.41 28.72 61.24
N TYR D 231 -14.89 27.92 60.27
CA TYR D 231 -14.27 26.66 59.89
C TYR D 231 -13.92 26.81 58.40
N GLN D 232 -12.68 27.21 58.13
CA GLN D 232 -12.24 27.61 56.80
C GLN D 232 -11.88 26.51 55.80
N TRP D 233 -12.01 25.20 56.16
CA TRP D 233 -11.73 24.13 55.18
C TRP D 233 -12.73 24.21 54.02
N ASN D 234 -14.01 24.41 54.35
CA ASN D 234 -15.06 24.50 53.34
C ASN D 234 -14.85 25.69 52.40
N LEU D 235 -14.29 26.78 52.91
CA LEU D 235 -13.99 27.95 52.10
C LEU D 235 -12.85 27.64 51.12
N ARG D 236 -11.79 26.98 51.59
CA ARG D 236 -10.66 26.62 50.75
C ARG D 236 -11.07 25.59 49.67
N ALA D 237 -11.79 24.54 50.05
CA ALA D 237 -12.24 23.50 49.12
C ALA D 237 -13.22 24.09 48.10
N GLY D 238 -14.11 24.96 48.56
CA GLY D 238 -15.10 25.61 47.71
C GLY D 238 -14.50 26.54 46.70
N ILE D 239 -13.46 27.30 47.09
CA ILE D 239 -12.77 28.23 46.20
C ILE D 239 -12.11 27.45 45.05
N VAL D 240 -11.41 26.36 45.38
CA VAL D 240 -10.75 25.53 44.37
C VAL D 240 -11.73 24.87 43.41
N ALA D 241 -12.87 24.35 43.91
CA ALA D 241 -13.88 23.76 43.02
C ALA D 241 -14.53 24.84 42.15
N LEU D 242 -14.68 26.07 42.68
CA LEU D 242 -15.22 27.19 41.93
C LEU D 242 -14.29 27.56 40.78
N GLU D 243 -12.96 27.46 40.99
CA GLU D 243 -11.96 27.71 39.96
C GLU D 243 -12.12 26.74 38.79
N VAL D 244 -12.44 25.46 39.08
CA VAL D 244 -12.68 24.43 38.07
C VAL D 244 -13.94 24.78 37.25
N PHE D 245 -15.03 25.19 37.91
CA PHE D 245 -16.26 25.61 37.23
C PHE D 245 -16.03 26.86 36.37
N ILE D 246 -15.21 27.81 36.85
CA ILE D 246 -14.87 29.05 36.14
C ILE D 246 -14.09 28.71 34.85
N LEU D 247 -13.10 27.81 34.95
CA LEU D 247 -12.33 27.37 33.81
C LEU D 247 -13.20 26.61 32.80
N ALA D 248 -14.13 25.78 33.28
CA ALA D 248 -15.04 25.05 32.40
C ALA D 248 -15.96 26.01 31.64
N TYR D 249 -16.48 27.04 32.34
CA TYR D 249 -17.36 28.02 31.72
C TYR D 249 -16.60 28.83 30.68
N GLY D 250 -15.41 29.32 31.03
CA GLY D 250 -14.57 30.12 30.16
C GLY D 250 -14.16 29.40 28.89
N LEU D 251 -13.84 28.11 29.01
CA LEU D 251 -13.43 27.28 27.87
C LEU D 251 -14.56 27.10 26.85
N LEU D 252 -15.80 26.88 27.31
CA LEU D 252 -16.92 26.68 26.41
C LEU D 252 -17.75 27.94 26.11
N GLU D 253 -17.38 29.11 26.68
CA GLU D 253 -18.12 30.37 26.53
C GLU D 253 -18.60 30.70 25.11
N PHE D 254 -17.73 30.56 24.11
CA PHE D 254 -18.10 30.83 22.73
C PHE D 254 -18.06 29.58 21.86
N GLY D 255 -18.34 28.43 22.45
CA GLY D 255 -18.29 27.15 21.77
C GLY D 255 -19.38 26.88 20.76
N GLN D 256 -19.00 26.21 19.66
CA GLN D 256 -19.89 25.79 18.58
C GLN D 256 -19.60 24.31 18.31
N VAL D 257 -20.64 23.48 18.13
CA VAL D 257 -20.43 22.05 17.87
C VAL D 257 -21.07 21.56 16.57
N ALA D 258 -22.02 22.31 16.01
CA ALA D 258 -22.73 21.90 14.80
C ALA D 258 -21.79 21.63 13.62
N ARG D 259 -20.73 22.43 13.49
CA ARG D 259 -19.75 22.34 12.40
C ARG D 259 -18.85 21.10 12.56
N GLY D 260 -18.71 20.33 11.49
CA GLY D 260 -17.84 19.15 11.47
C GLY D 260 -16.42 19.60 11.16
N HIS D 261 -15.66 19.89 12.21
CA HIS D 261 -14.32 20.44 12.13
C HIS D 261 -13.33 19.46 11.52
N PRO D 262 -12.37 19.93 10.70
CA PRO D 262 -11.36 19.01 10.15
C PRO D 262 -10.42 18.44 11.23
N ASN D 263 -10.20 19.19 12.33
CA ASN D 263 -9.33 18.78 13.44
C ASN D 263 -10.09 18.13 14.60
N ARG D 264 -11.32 17.65 14.37
CA ARG D 264 -12.08 16.98 15.40
C ARG D 264 -11.55 15.57 15.57
N ARG D 265 -10.96 15.29 16.72
CA ARG D 265 -10.38 14.00 17.07
C ARG D 265 -11.45 12.96 17.44
N LEU D 266 -12.38 13.31 18.35
CA LEU D 266 -13.40 12.37 18.80
C LEU D 266 -14.41 11.97 17.73
N ASN D 267 -14.53 10.67 17.50
CA ASN D 267 -15.44 10.10 16.51
C ASN D 267 -16.20 8.99 17.21
N LEU D 268 -17.38 9.31 17.76
CA LEU D 268 -18.19 8.34 18.47
C LEU D 268 -18.72 7.22 17.58
N VAL D 269 -18.86 7.46 16.28
CA VAL D 269 -19.30 6.42 15.36
C VAL D 269 -18.24 5.32 15.27
N SER D 270 -16.95 5.70 15.28
CA SER D 270 -15.82 4.77 15.27
C SER D 270 -15.75 3.98 16.56
N LEU D 271 -15.85 4.66 17.70
CA LEU D 271 -15.75 4.05 19.03
C LEU D 271 -16.89 3.16 19.42
N LEU D 272 -18.15 3.56 19.12
CA LEU D 272 -19.32 2.82 19.56
C LEU D 272 -19.85 1.80 18.58
N GLY D 273 -19.77 2.09 17.29
CA GLY D 273 -20.25 1.18 16.26
C GLY D 273 -21.75 0.93 16.32
N PRO D 274 -22.15 -0.35 16.45
CA PRO D 274 -23.60 -0.68 16.48
C PRO D 274 -24.35 -0.20 17.72
N LYS D 275 -23.65 0.18 18.79
CA LYS D 275 -24.28 0.71 20.01
C LYS D 275 -24.88 2.12 19.76
N PHE D 276 -24.31 2.86 18.81
CA PHE D 276 -24.74 4.21 18.44
C PHE D 276 -25.82 4.12 17.34
N ALA D 286 -27.60 25.69 9.78
CA ALA D 286 -28.05 25.52 11.15
C ALA D 286 -27.65 26.72 12.04
N PRO D 287 -28.58 27.22 12.88
CA PRO D 287 -28.26 28.38 13.73
C PRO D 287 -27.13 28.14 14.72
N MET D 288 -26.31 29.16 14.93
CA MET D 288 -25.17 29.08 15.83
C MET D 288 -25.58 29.14 17.29
N LEU D 289 -24.72 28.59 18.17
CA LEU D 289 -24.94 28.65 19.59
C LEU D 289 -24.57 30.04 20.06
N LYS D 290 -25.41 30.66 20.89
CA LYS D 290 -25.13 31.96 21.45
C LYS D 290 -24.10 31.82 22.60
N ARG D 291 -23.59 32.94 23.12
CA ARG D 291 -22.61 32.92 24.20
C ARG D 291 -23.18 32.25 25.45
N GLY D 292 -22.49 31.23 25.94
CA GLY D 292 -22.92 30.50 27.12
C GLY D 292 -23.87 29.34 26.87
N GLN D 293 -24.34 29.17 25.61
CA GLN D 293 -25.28 28.10 25.28
C GLN D 293 -24.68 26.69 25.31
N LEU D 294 -23.39 26.53 24.98
CA LEU D 294 -22.76 25.21 25.04
C LEU D 294 -22.60 24.79 26.50
N PHE D 295 -22.20 25.71 27.39
CA PHE D 295 -22.09 25.39 28.81
C PHE D 295 -23.47 25.14 29.42
N SER D 296 -24.50 25.87 28.96
CA SER D 296 -25.87 25.65 29.46
C SER D 296 -26.35 24.24 29.14
N PHE D 297 -25.98 23.72 27.96
CA PHE D 297 -26.36 22.37 27.58
C PHE D 297 -25.64 21.37 28.47
N ILE D 298 -24.33 21.54 28.69
CA ILE D 298 -23.58 20.63 29.54
C ILE D 298 -24.05 20.70 31.01
N SER D 299 -24.53 21.86 31.47
CA SER D 299 -25.00 22.03 32.83
C SER D 299 -26.35 21.32 33.03
N GLU D 300 -27.26 21.50 32.10
CA GLU D 300 -28.59 20.91 32.18
C GLU D 300 -28.61 19.42 31.89
N HIS D 301 -27.79 18.95 30.94
CA HIS D 301 -27.83 17.55 30.52
C HIS D 301 -26.71 16.69 31.09
N TYR D 302 -25.66 17.30 31.67
CA TYR D 302 -24.59 16.51 32.25
C TYR D 302 -24.38 16.83 33.73
N ILE D 303 -24.11 18.10 34.11
CA ILE D 303 -23.86 18.45 35.51
C ILE D 303 -25.03 18.11 36.42
N ILE D 304 -26.23 18.57 36.08
CA ILE D 304 -27.43 18.32 36.88
C ILE D 304 -27.75 16.82 37.01
N PRO D 305 -27.88 16.01 35.92
CA PRO D 305 -28.15 14.57 36.11
C PRO D 305 -27.05 13.83 36.86
N THR D 306 -25.79 14.23 36.70
CA THR D 306 -24.67 13.61 37.42
C THR D 306 -24.80 13.87 38.92
N LEU D 307 -25.12 15.12 39.30
CA LEU D 307 -25.28 15.47 40.71
C LEU D 307 -26.59 14.95 41.31
N GLN D 308 -27.60 14.68 40.48
CA GLN D 308 -28.85 14.08 40.96
C GLN D 308 -28.62 12.61 41.33
N ALA D 309 -27.74 11.92 40.57
CA ALA D 309 -27.39 10.52 40.81
C ALA D 309 -26.32 10.39 41.90
N ASN D 310 -25.32 11.27 41.91
CA ASN D 310 -24.25 11.26 42.90
C ASN D 310 -24.21 12.62 43.55
N PRO D 311 -25.02 12.87 44.58
CA PRO D 311 -25.05 14.20 45.20
C PRO D 311 -23.77 14.64 45.87
N ASN D 312 -22.93 13.69 46.29
CA ASN D 312 -21.67 13.99 46.95
C ASN D 312 -20.47 13.88 46.03
N ALA D 313 -20.67 14.07 44.73
CA ALA D 313 -19.57 13.97 43.76
C ALA D 313 -18.63 15.13 43.86
N PRO D 314 -17.31 14.86 43.91
CA PRO D 314 -16.35 15.96 43.90
C PRO D 314 -16.24 16.62 42.52
N VAL D 315 -15.71 17.86 42.45
CA VAL D 315 -15.62 18.56 41.16
C VAL D 315 -14.69 17.80 40.18
N SER D 316 -13.71 17.05 40.70
CA SER D 316 -12.80 16.24 39.89
C SER D 316 -13.52 15.07 39.18
N PHE D 317 -14.66 14.63 39.74
CA PHE D 317 -15.48 13.57 39.15
C PHE D 317 -16.33 14.17 38.01
N ILE D 318 -16.75 15.44 38.12
CA ILE D 318 -17.55 16.09 37.11
C ILE D 318 -16.67 16.45 35.91
N PHE D 319 -15.56 17.17 36.14
CA PHE D 319 -14.66 17.57 35.07
C PHE D 319 -13.20 17.11 35.25
N PRO D 320 -12.89 15.79 35.12
CA PRO D 320 -11.50 15.34 35.25
C PRO D 320 -10.53 15.92 34.22
N GLY D 321 -11.04 16.37 33.08
CA GLY D 321 -10.22 16.99 32.06
C GLY D 321 -9.60 18.30 32.52
N ILE D 322 -10.34 19.09 33.32
CA ILE D 322 -9.80 20.34 33.88
C ILE D 322 -8.68 20.02 34.86
N ILE D 323 -8.84 18.95 35.68
CA ILE D 323 -7.82 18.50 36.63
C ILE D 323 -6.54 18.12 35.88
N LEU D 324 -6.66 17.39 34.77
CA LEU D 324 -5.53 16.98 33.96
C LEU D 324 -4.85 18.16 33.28
N ALA D 325 -5.64 19.11 32.78
CA ALA D 325 -5.06 20.31 32.16
C ALA D 325 -4.33 21.15 33.21
N ALA D 326 -4.84 21.19 34.46
CA ALA D 326 -4.20 21.91 35.56
C ALA D 326 -2.88 21.25 35.93
N LEU D 327 -2.84 19.91 36.02
CA LEU D 327 -1.59 19.20 36.31
C LEU D 327 -0.55 19.45 35.21
N GLU D 328 -1.00 19.58 33.97
CA GLU D 328 -0.11 19.84 32.84
C GLU D 328 0.36 21.30 32.81
N ALA D 329 -0.46 22.24 33.30
CA ALA D 329 -0.10 23.65 33.34
C ALA D 329 1.06 23.95 34.26
N ARG D 330 1.33 23.09 35.27
CA ARG D 330 2.48 23.29 36.16
C ARG D 330 3.77 23.15 35.38
N SER D 331 3.84 22.15 34.48
CA SER D 331 5.01 21.83 33.65
C SER D 331 5.42 23.01 32.75
N THR D 332 4.42 23.68 32.16
CA THR D 332 4.63 24.82 31.25
C THR D 332 5.36 26.00 31.92
N LYS D 336 11.04 25.83 29.97
CA LYS D 336 12.44 26.06 30.30
C LYS D 336 13.24 26.56 29.09
N GLN D 337 13.13 25.87 27.94
CA GLN D 337 13.85 26.26 26.72
C GLN D 337 12.91 26.35 25.51
N PRO D 338 13.10 27.35 24.63
CA PRO D 338 12.20 27.48 23.47
C PRO D 338 12.61 26.66 22.23
N GLY D 339 11.59 26.09 21.58
CA GLY D 339 11.78 25.29 20.36
C GLY D 339 11.14 23.91 20.45
N PRO D 340 11.52 22.99 19.55
CA PRO D 340 10.98 21.63 19.64
C PRO D 340 11.53 20.92 20.89
N PHE D 341 10.71 20.09 21.53
CA PHE D 341 11.12 19.43 22.76
C PHE D 341 10.44 18.07 22.97
N VAL D 342 11.23 17.07 23.37
CA VAL D 342 10.78 15.71 23.64
C VAL D 342 10.81 15.53 25.15
N ASN D 343 9.66 15.27 25.75
CA ASN D 343 9.57 15.11 27.20
C ASN D 343 9.61 13.63 27.64
N LEU D 344 10.78 13.18 28.13
CA LEU D 344 10.96 11.82 28.64
C LEU D 344 10.97 11.78 30.19
N THR D 345 10.45 12.83 30.86
CA THR D 345 10.41 12.89 32.32
C THR D 345 9.13 12.24 32.85
N GLY D 346 9.17 11.81 34.10
CA GLY D 346 8.03 11.17 34.73
C GLY D 346 7.41 11.96 35.87
N SER D 347 7.90 13.19 36.12
CA SER D 347 7.44 14.06 37.18
C SER D 347 5.96 14.38 37.10
N ARG D 348 5.44 14.60 35.89
CA ARG D 348 4.01 14.90 35.72
C ARG D 348 3.09 13.73 36.05
N PHE D 349 3.63 12.52 36.17
CA PHE D 349 2.87 11.32 36.52
C PHE D 349 3.11 10.85 37.96
N ASN D 350 4.07 11.46 38.68
CA ASN D 350 4.44 11.09 40.04
C ASN D 350 3.31 11.01 41.02
N GLU D 351 2.43 12.01 41.05
CA GLU D 351 1.32 12.03 42.00
C GLU D 351 0.30 10.94 41.72
N ILE D 352 -0.05 10.73 40.44
CA ILE D 352 -1.00 9.68 40.06
C ILE D 352 -0.41 8.30 40.34
N PHE D 353 0.85 8.08 39.93
CA PHE D 353 1.54 6.80 40.12
C PHE D 353 1.75 6.46 41.58
N GLU D 354 2.00 7.46 42.44
CA GLU D 354 2.20 7.21 43.88
C GLU D 354 0.90 6.74 44.54
N ILE D 355 -0.25 7.28 44.11
CA ILE D 355 -1.55 6.84 44.63
C ILE D 355 -1.77 5.39 44.20
N LEU D 356 -1.52 5.08 42.90
CA LEU D 356 -1.66 3.72 42.35
C LEU D 356 -0.75 2.72 43.09
N ASN D 357 0.48 3.11 43.41
CA ASN D 357 1.40 2.22 44.13
C ASN D 357 0.94 2.02 45.55
N GLN D 358 0.43 3.08 46.21
CA GLN D 358 -0.01 2.99 47.59
C GLN D 358 -1.30 2.21 47.77
N GLN D 359 -2.19 2.20 46.77
CA GLN D 359 -3.45 1.48 46.96
C GLN D 359 -3.44 0.08 46.32
N LEU D 360 -2.62 -0.17 45.29
CA LEU D 360 -2.57 -1.50 44.68
C LEU D 360 -1.41 -2.38 45.15
N THR D 361 -0.31 -1.76 45.62
CA THR D 361 0.86 -2.53 46.00
C THR D 361 1.20 -2.48 47.51
N PHE D 362 1.43 -1.28 48.07
CA PHE D 362 1.88 -1.17 49.46
C PHE D 362 0.80 -1.19 50.50
N ARG D 363 -0.38 -0.69 50.16
CA ARG D 363 -1.52 -0.61 51.08
C ARG D 363 -1.12 0.02 52.47
N ASP D 364 -0.49 1.21 52.40
CA ASP D 364 -0.08 1.98 53.58
C ASP D 364 -1.10 3.12 53.68
N PRO D 365 -1.89 3.13 54.76
CA PRO D 365 -2.96 4.14 54.87
C PRO D 365 -2.47 5.59 54.97
N LEU D 366 -1.37 5.80 55.70
CA LEU D 366 -0.82 7.14 55.88
C LEU D 366 -0.16 7.64 54.61
N ALA D 367 0.64 6.79 53.95
CA ALA D 367 1.32 7.17 52.72
C ALA D 367 0.33 7.43 51.59
N LEU D 368 -0.81 6.70 51.57
CA LEU D 368 -1.86 6.91 50.56
C LEU D 368 -2.52 8.27 50.79
N LEU D 369 -2.72 8.66 52.05
CA LEU D 369 -3.30 9.95 52.41
C LEU D 369 -2.37 11.09 52.00
N GLN D 370 -1.06 10.92 52.17
CA GLN D 370 -0.08 11.91 51.77
C GLN D 370 -0.02 12.04 50.25
N ALA D 371 -0.16 10.91 49.53
CA ALA D 371 -0.17 10.88 48.08
C ALA D 371 -1.40 11.59 47.53
N ARG D 372 -2.55 11.43 48.20
CA ARG D 372 -3.79 12.09 47.82
C ARG D 372 -3.70 13.60 48.00
N THR D 373 -3.05 14.04 49.09
CA THR D 373 -2.80 15.44 49.40
C THR D 373 -1.89 16.06 48.35
N ALA D 374 -0.82 15.34 47.96
CA ALA D 374 0.13 15.81 46.95
C ALA D 374 -0.54 16.02 45.60
N LEU D 375 -1.47 15.14 45.20
CA LEU D 375 -2.19 15.28 43.94
C LEU D 375 -3.12 16.50 43.97
N ARG D 376 -3.77 16.73 45.11
CA ARG D 376 -4.67 17.86 45.31
C ARG D 376 -3.90 19.19 45.30
N LEU D 377 -2.74 19.24 45.98
CA LEU D 377 -1.90 20.45 46.01
C LEU D 377 -1.31 20.77 44.63
N ALA D 378 -0.94 19.73 43.87
CA ALA D 378 -0.41 19.91 42.52
C ALA D 378 -1.48 20.47 41.59
N THR D 379 -2.74 20.02 41.77
CA THR D 379 -3.87 20.51 40.98
C THR D 379 -4.15 21.98 41.31
N GLU D 380 -4.11 22.36 42.61
CA GLU D 380 -4.33 23.74 43.04
C GLU D 380 -3.25 24.67 42.48
N GLU D 381 -2.02 24.17 42.37
CA GLU D 381 -0.90 24.90 41.82
C GLU D 381 -1.12 25.15 40.31
N GLY D 382 -1.58 24.13 39.59
CA GLY D 382 -1.86 24.21 38.17
C GLY D 382 -3.07 25.05 37.83
N LEU D 383 -4.10 25.04 38.69
CA LEU D 383 -5.29 25.87 38.50
C LEU D 383 -4.91 27.36 38.59
N ASP D 384 -3.97 27.69 39.48
CA ASP D 384 -3.47 29.05 39.65
C ASP D 384 -2.73 29.48 38.38
N VAL D 385 -1.94 28.58 37.76
CA VAL D 385 -1.24 28.88 36.50
C VAL D 385 -2.27 29.17 35.40
N LEU D 386 -3.29 28.32 35.27
CA LEU D 386 -4.35 28.49 34.27
C LEU D 386 -5.11 29.80 34.43
N LEU D 387 -5.56 30.13 35.65
CA LEU D 387 -6.31 31.34 35.91
C LEU D 387 -5.47 32.61 35.94
N SER D 388 -4.15 32.49 36.18
CA SER D 388 -3.27 33.66 36.18
C SER D 388 -2.81 34.07 34.76
N HIS D 389 -2.95 33.17 33.78
CA HIS D 389 -2.59 33.42 32.38
C HIS D 389 -3.46 34.57 31.85
N PRO D 390 -2.91 35.48 31.02
CA PRO D 390 -3.73 36.61 30.52
C PRO D 390 -4.98 36.21 29.74
N SER D 391 -4.96 35.03 29.11
CA SER D 391 -6.12 34.52 28.39
C SER D 391 -6.30 33.04 28.76
N PRO D 392 -6.89 32.76 29.94
CA PRO D 392 -7.00 31.37 30.40
C PRO D 392 -7.57 30.36 29.39
N PRO D 393 -8.69 30.58 28.66
CA PRO D 393 -9.15 29.55 27.71
C PRO D 393 -8.18 29.30 26.56
N THR D 394 -7.31 30.26 26.22
CA THR D 394 -6.32 30.09 25.16
C THR D 394 -5.22 29.10 25.60
N LEU D 395 -4.73 29.20 26.85
CA LEU D 395 -3.74 28.28 27.38
C LEU D 395 -4.37 26.89 27.52
N LEU D 396 -5.62 26.84 27.98
CA LEU D 396 -6.40 25.61 28.14
C LEU D 396 -6.57 24.91 26.79
N GLN D 397 -6.85 25.66 25.73
CA GLN D 397 -7.00 25.12 24.38
C GLN D 397 -5.68 24.52 23.88
N GLU D 398 -4.56 25.20 24.16
CA GLU D 398 -3.22 24.75 23.78
C GLU D 398 -2.87 23.42 24.46
N ILE D 399 -3.17 23.29 25.75
CA ILE D 399 -2.89 22.06 26.49
C ILE D 399 -3.75 20.91 25.99
N ILE D 400 -5.04 21.14 25.78
CA ILE D 400 -5.94 20.11 25.28
C ILE D 400 -5.55 19.65 23.87
N LYS D 401 -5.01 20.57 23.04
CA LYS D 401 -4.57 20.22 21.69
C LYS D 401 -3.24 19.44 21.70
N SER D 402 -2.21 19.99 22.37
CA SER D 402 -0.89 19.39 22.40
C SER D 402 -0.79 18.09 23.18
N GLN D 403 -1.40 18.03 24.37
CA GLN D 403 -1.29 16.85 25.21
C GLN D 403 -2.42 15.88 25.07
N PHE D 404 -3.62 16.34 24.67
CA PHE D 404 -4.77 15.45 24.60
C PHE D 404 -5.39 15.30 23.20
N GLY D 405 -4.87 16.02 22.21
CA GLY D 405 -5.33 15.89 20.83
C GLY D 405 -6.61 16.57 20.43
N GLY D 406 -7.22 17.32 21.34
CA GLY D 406 -8.48 18.02 21.07
C GLY D 406 -8.32 19.23 20.18
N GLY D 407 -9.01 19.24 19.04
CA GLY D 407 -8.90 20.32 18.08
C GLY D 407 -10.07 21.28 17.95
N ASP D 408 -11.21 20.98 18.60
CA ASP D 408 -12.38 21.85 18.51
C ASP D 408 -13.20 21.90 19.82
N ASP D 409 -14.30 22.67 19.85
CA ASP D 409 -15.13 22.80 21.05
C ASP D 409 -15.81 21.49 21.45
N TYR D 410 -16.14 20.67 20.46
CA TYR D 410 -16.74 19.35 20.66
C TYR D 410 -15.76 18.47 21.44
N ASP D 411 -14.47 18.47 21.01
CA ASP D 411 -13.40 17.72 21.66
C ASP D 411 -13.16 18.25 23.07
N ARG D 412 -13.18 19.58 23.24
CA ARG D 412 -12.95 20.18 24.55
C ARG D 412 -14.03 19.84 25.55
N ALA D 413 -15.29 19.85 25.12
CA ALA D 413 -16.40 19.50 26.00
C ALA D 413 -16.32 18.04 26.43
N TYR D 414 -16.03 17.14 25.48
CA TYR D 414 -15.90 15.72 25.79
C TYR D 414 -14.68 15.40 26.61
N PHE D 415 -13.58 16.13 26.41
CA PHE D 415 -12.36 15.94 27.18
C PHE D 415 -12.57 16.33 28.64
N MET D 416 -13.33 17.41 28.92
CA MET D 416 -13.59 17.82 30.30
C MET D 416 -14.31 16.73 31.06
N VAL D 417 -15.27 16.10 30.42
CA VAL D 417 -16.07 15.02 30.99
C VAL D 417 -15.34 13.68 31.09
N LEU D 418 -14.71 13.23 30.00
CA LEU D 418 -14.04 11.93 29.96
C LEU D 418 -12.62 11.87 30.52
N GLY D 419 -11.92 12.99 30.54
CA GLY D 419 -10.53 13.02 30.96
C GLY D 419 -9.57 12.54 29.87
N CYS D 420 -10.09 12.26 28.67
CA CYS D 420 -9.31 11.78 27.53
C CYS D 420 -10.18 11.83 26.27
N LEU D 421 -9.57 11.63 25.10
CA LEU D 421 -10.28 11.59 23.83
C LEU D 421 -9.83 10.32 23.12
N PRO D 422 -10.49 9.20 23.38
CA PRO D 422 -10.07 7.94 22.74
C PRO D 422 -10.28 7.90 21.23
N VAL D 423 -9.37 7.25 20.51
CA VAL D 423 -9.47 7.01 19.07
C VAL D 423 -9.26 5.52 18.79
N VAL D 424 -9.81 5.01 17.67
CA VAL D 424 -9.62 3.61 17.31
C VAL D 424 -8.45 3.54 16.36
N LEU D 425 -7.47 2.66 16.64
CA LEU D 425 -6.34 2.49 15.74
C LEU D 425 -6.28 1.04 15.31
N ALA D 426 -6.24 0.79 13.99
CA ALA D 426 -6.18 -0.56 13.47
C ALA D 426 -4.94 -1.32 13.96
N VAL D 427 -5.17 -2.56 14.43
CA VAL D 427 -4.13 -3.46 14.91
C VAL D 427 -3.20 -3.87 13.74
N VAL D 428 -3.77 -4.04 12.55
CA VAL D 428 -3.00 -4.36 11.36
C VAL D 428 -2.83 -3.11 10.48
N PRO D 429 -1.59 -2.71 10.18
CA PRO D 429 -1.38 -1.54 9.32
C PRO D 429 -1.32 -1.96 7.85
N ARG E 5 41.54 -17.53 18.28
CA ARG E 5 41.72 -18.55 17.26
C ARG E 5 40.72 -18.44 16.10
N ASN E 6 40.40 -17.20 15.68
CA ASN E 6 39.48 -16.96 14.57
C ASN E 6 40.16 -17.24 13.24
N PHE E 7 39.44 -17.81 12.28
CA PHE E 7 39.99 -18.07 10.96
C PHE E 7 39.03 -17.68 9.84
N THR E 8 39.55 -17.42 8.65
CA THR E 8 38.76 -16.97 7.51
C THR E 8 38.76 -17.99 6.38
N VAL E 9 37.60 -18.19 5.73
CA VAL E 9 37.47 -19.09 4.58
C VAL E 9 36.68 -18.42 3.44
N ALA E 10 36.86 -18.88 2.21
CA ALA E 10 36.12 -18.40 1.05
C ALA E 10 35.81 -19.62 0.19
N ILE E 11 34.58 -19.74 -0.31
CA ILE E 11 34.16 -20.94 -1.04
C ILE E 11 34.31 -20.81 -2.57
N VAL E 12 33.78 -19.74 -3.17
CA VAL E 12 33.86 -19.53 -4.61
C VAL E 12 34.44 -18.13 -4.93
N PRO E 13 35.10 -17.96 -6.10
CA PRO E 13 35.66 -16.64 -6.42
C PRO E 13 34.57 -15.57 -6.53
N GLY E 14 34.90 -14.35 -6.13
CA GLY E 14 33.98 -13.22 -6.15
C GLY E 14 33.03 -13.13 -4.97
N ASP E 15 32.94 -14.19 -4.17
CA ASP E 15 32.05 -14.23 -3.02
C ASP E 15 32.72 -13.69 -1.74
N PRO E 16 31.95 -13.37 -0.67
CA PRO E 16 32.59 -12.87 0.55
C PRO E 16 33.37 -13.94 1.31
N HIS E 17 34.31 -13.49 2.13
CA HIS E 17 35.09 -14.34 3.02
C HIS E 17 34.30 -14.43 4.34
N PHE E 18 34.33 -15.58 5.00
CA PHE E 18 33.63 -15.75 6.26
C PHE E 18 34.64 -15.91 7.38
N SER E 19 34.52 -15.09 8.41
CA SER E 19 35.38 -15.21 9.59
C SER E 19 34.62 -15.98 10.63
N VAL E 20 35.15 -17.09 11.09
CA VAL E 20 34.48 -17.93 12.08
C VAL E 20 35.40 -18.23 13.26
N ASP E 21 34.82 -18.58 14.40
CA ASP E 21 35.59 -18.97 15.58
C ASP E 21 36.09 -20.41 15.42
N ARG E 22 35.21 -21.34 14.98
CA ARG E 22 35.55 -22.76 14.87
C ARG E 22 34.91 -23.47 13.69
N ASP E 23 33.62 -23.26 13.43
CA ASP E 23 32.88 -24.01 12.43
C ASP E 23 31.93 -23.14 11.61
N LEU E 24 32.10 -23.10 10.28
CA LEU E 24 31.24 -22.31 9.40
C LEU E 24 29.76 -22.73 9.46
N ARG E 25 29.45 -24.03 9.30
CA ARG E 25 28.06 -24.52 9.36
C ARG E 25 27.41 -24.21 10.70
N GLY E 26 28.12 -24.47 11.78
CA GLY E 26 27.60 -24.27 13.12
C GLY E 26 27.37 -22.83 13.50
N GLU E 27 28.09 -21.90 12.86
CA GLU E 27 27.94 -20.48 13.15
C GLU E 27 27.02 -19.75 12.16
N LEU E 28 26.85 -20.30 10.96
CA LEU E 28 25.98 -19.71 9.94
C LEU E 28 24.51 -20.03 10.16
N MET E 29 24.16 -21.33 10.37
CA MET E 29 22.79 -21.77 10.51
C MET E 29 21.96 -21.07 11.59
N PRO E 30 22.45 -20.83 12.83
CA PRO E 30 21.60 -20.13 13.81
C PRO E 30 21.15 -18.74 13.39
N THR E 31 21.95 -18.05 12.56
CA THR E 31 21.61 -16.72 12.10
C THR E 31 20.37 -16.69 11.19
N LEU E 32 19.92 -17.85 10.69
CA LEU E 32 18.73 -17.96 9.82
C LEU E 32 17.39 -18.03 10.59
N TYR E 33 17.45 -18.09 11.93
CA TYR E 33 16.27 -18.17 12.78
C TYR E 33 16.07 -16.91 13.59
N MET E 34 16.53 -15.76 13.09
CA MET E 34 16.47 -14.50 13.80
C MET E 34 15.47 -13.49 13.23
N ASN E 35 14.60 -13.92 12.33
CA ASN E 35 13.58 -13.09 11.69
C ASN E 35 12.31 -13.96 11.54
N GLN E 36 11.94 -14.68 12.61
CA GLN E 36 10.85 -15.65 12.62
C GLN E 36 9.47 -15.09 12.31
N ASN E 37 9.29 -13.78 12.39
CA ASN E 37 8.03 -13.14 12.03
C ASN E 37 7.89 -13.00 10.52
N GLN E 38 9.00 -12.93 9.77
CA GLN E 38 8.95 -12.71 8.33
C GLN E 38 9.33 -13.91 7.48
N TRP E 39 10.34 -14.68 7.90
CA TRP E 39 10.76 -15.83 7.12
C TRP E 39 11.44 -16.90 7.94
N LEU E 40 11.44 -18.13 7.41
CA LEU E 40 12.08 -19.29 8.03
C LEU E 40 12.86 -20.04 6.96
N PRO E 41 14.00 -20.66 7.32
CA PRO E 41 14.77 -21.38 6.30
C PRO E 41 14.16 -22.71 5.86
N SER E 42 14.50 -23.14 4.64
CA SER E 42 14.10 -24.42 4.08
C SER E 42 15.36 -25.03 3.48
N PHE E 43 15.66 -26.31 3.77
CA PHE E 43 16.93 -26.91 3.35
C PHE E 43 16.86 -27.92 2.18
N GLY E 44 15.74 -27.98 1.47
CA GLY E 44 15.62 -28.83 0.30
C GLY E 44 14.79 -30.08 0.48
N PRO E 45 14.48 -30.75 -0.64
CA PRO E 45 13.62 -31.95 -0.59
C PRO E 45 14.05 -33.06 0.38
N TRP E 46 15.34 -33.38 0.44
CA TRP E 46 15.86 -34.43 1.32
C TRP E 46 15.63 -34.05 2.79
N PHE E 47 15.87 -32.78 3.16
CA PHE E 47 15.66 -32.32 4.52
C PHE E 47 14.17 -32.17 4.85
N ILE E 48 13.32 -31.90 3.85
CA ILE E 48 11.86 -31.83 4.05
C ILE E 48 11.36 -33.26 4.37
N SER E 49 11.88 -34.27 3.66
CA SER E 49 11.55 -35.67 3.89
C SER E 49 12.09 -36.13 5.26
N LEU E 50 13.30 -35.66 5.64
CA LEU E 50 13.92 -35.96 6.92
C LEU E 50 13.07 -35.40 8.03
N THR E 51 12.60 -34.15 7.89
CA THR E 51 11.76 -33.48 8.88
C THR E 51 10.44 -34.20 9.03
N ASP E 52 9.83 -34.61 7.91
CA ASP E 52 8.58 -35.39 7.92
C ASP E 52 8.76 -36.68 8.70
N ASN E 53 9.84 -37.40 8.44
CA ASN E 53 10.14 -38.67 9.08
C ASN E 53 10.45 -38.52 10.55
N ALA E 54 11.27 -37.54 10.92
CA ALA E 54 11.66 -37.28 12.30
C ALA E 54 10.46 -37.01 13.20
N MET E 55 9.47 -36.28 12.70
CA MET E 55 8.28 -35.96 13.49
C MET E 55 7.34 -37.17 13.69
N GLN E 56 7.48 -38.21 12.85
CA GLN E 56 6.68 -39.45 12.93
C GLN E 56 7.34 -40.50 13.82
N ARG E 57 8.65 -40.43 14.04
CA ARG E 57 9.38 -41.40 14.85
C ARG E 57 8.84 -41.51 16.26
N ARG E 58 8.57 -42.74 16.70
CA ARG E 58 8.07 -43.03 18.06
C ARG E 58 9.19 -42.66 19.06
N VAL E 59 10.42 -43.06 18.76
CA VAL E 59 11.58 -42.75 19.60
C VAL E 59 12.46 -41.75 18.87
N PHE E 60 12.39 -40.50 19.32
CA PHE E 60 13.14 -39.39 18.76
C PHE E 60 13.31 -38.31 19.84
N PRO E 61 14.48 -37.65 19.96
CA PRO E 61 14.66 -36.64 21.02
C PRO E 61 13.63 -35.52 20.97
N LYS E 62 12.94 -35.25 22.09
CA LYS E 62 11.92 -34.21 22.19
C LYS E 62 12.43 -32.82 21.86
N GLU E 63 13.68 -32.51 22.20
CA GLU E 63 14.25 -31.20 21.92
C GLU E 63 14.39 -30.92 20.42
N LEU E 64 14.40 -31.96 19.58
CA LEU E 64 14.48 -31.79 18.14
C LEU E 64 13.10 -31.70 17.46
N LYS E 65 12.00 -31.70 18.23
CA LYS E 65 10.64 -31.64 17.71
C LYS E 65 9.96 -30.28 17.91
N GLY E 66 10.71 -29.18 17.81
CA GLY E 66 10.21 -27.83 17.98
C GLY E 66 9.20 -27.43 16.92
N THR E 67 8.37 -26.39 17.21
CA THR E 67 7.31 -25.91 16.32
C THR E 67 7.75 -25.54 14.91
N VAL E 68 8.98 -25.09 14.72
CA VAL E 68 9.49 -24.69 13.40
C VAL E 68 9.44 -25.85 12.40
N ASN E 69 9.55 -27.11 12.87
CA ASN E 69 9.46 -28.30 12.03
C ASN E 69 8.10 -28.43 11.32
N PHE E 70 7.04 -27.86 11.92
CA PHE E 70 5.68 -27.91 11.41
C PHE E 70 5.28 -26.62 10.66
N GLN E 71 6.23 -25.75 10.34
CA GLN E 71 5.98 -24.47 9.68
C GLN E 71 6.82 -24.36 8.38
N ASN E 72 6.79 -25.42 7.54
CA ASN E 72 7.51 -25.48 6.26
C ASN E 72 8.99 -25.19 6.44
N SER E 73 9.56 -25.76 7.49
CA SER E 73 10.96 -25.53 7.83
C SER E 73 11.47 -26.73 8.67
N THR E 74 12.68 -26.62 9.20
CA THR E 74 13.32 -27.58 10.08
C THR E 74 13.86 -26.74 11.25
N SER E 75 13.61 -27.17 12.48
CA SER E 75 14.08 -26.43 13.64
C SER E 75 15.61 -26.35 13.68
N LEU E 76 16.16 -25.31 14.33
CA LEU E 76 17.61 -25.12 14.42
C LEU E 76 18.28 -26.30 15.08
N LYS E 77 17.68 -26.84 16.13
CA LYS E 77 18.25 -27.97 16.83
C LYS E 77 18.31 -29.21 15.92
N LEU E 78 17.26 -29.47 15.14
CA LEU E 78 17.27 -30.61 14.22
C LEU E 78 18.28 -30.45 13.09
N ILE E 79 18.31 -29.29 12.41
CA ILE E 79 19.25 -29.08 11.30
C ILE E 79 20.72 -29.09 11.76
N SER E 80 21.05 -28.44 12.90
CA SER E 80 22.42 -28.42 13.37
C SER E 80 22.91 -29.76 13.88
N HIS E 81 22.05 -30.49 14.57
CA HIS E 81 22.42 -31.83 15.06
C HIS E 81 22.56 -32.82 13.91
N THR E 82 21.75 -32.67 12.85
CA THR E 82 21.85 -33.52 11.67
C THR E 82 23.17 -33.23 10.97
N LEU E 83 23.48 -31.95 10.70
CA LEU E 83 24.72 -31.58 10.03
C LEU E 83 25.96 -31.95 10.86
N THR E 84 25.89 -31.85 12.18
CA THR E 84 27.02 -32.24 13.05
C THR E 84 27.25 -33.75 12.94
N THR E 85 26.16 -34.54 12.89
CA THR E 85 26.23 -35.99 12.78
C THR E 85 26.87 -36.39 11.46
N VAL E 86 26.51 -35.70 10.36
CA VAL E 86 27.08 -35.96 9.04
C VAL E 86 28.56 -35.59 9.02
N ALA E 87 28.91 -34.44 9.62
CA ALA E 87 30.29 -33.98 9.70
C ALA E 87 31.19 -34.90 10.53
N SER E 88 30.62 -35.69 11.43
CA SER E 88 31.40 -36.61 12.26
C SER E 88 31.48 -38.02 11.66
N THR E 89 30.98 -38.25 10.45
CA THR E 89 30.94 -39.58 9.82
C THR E 89 32.27 -40.30 9.85
N THR E 90 33.34 -39.64 9.39
CA THR E 90 34.65 -40.26 9.35
C THR E 90 35.58 -39.77 10.45
N ALA E 91 35.03 -39.33 11.58
CA ALA E 91 35.84 -38.92 12.73
C ALA E 91 36.32 -40.17 13.44
N ASP E 92 37.54 -40.13 13.98
CA ASP E 92 38.12 -41.28 14.65
C ASP E 92 37.65 -41.37 16.09
N PHE E 93 36.95 -42.46 16.44
CA PHE E 93 36.48 -42.65 17.80
C PHE E 93 37.28 -43.75 18.56
N PHE E 94 38.28 -44.37 17.90
CA PHE E 94 39.18 -45.31 18.56
C PHE E 94 40.29 -44.43 19.14
N ALA E 95 40.55 -44.49 20.45
CA ALA E 95 41.63 -43.69 21.03
C ALA E 95 42.95 -44.44 20.79
N ASP E 96 43.49 -44.35 19.56
CA ASP E 96 44.71 -45.08 19.22
C ASP E 96 45.83 -44.18 18.69
N ALA E 97 47.03 -44.31 19.26
CA ALA E 97 48.20 -43.54 18.85
C ALA E 97 48.74 -43.94 17.46
N ARG E 98 48.42 -45.16 17.00
CA ARG E 98 48.82 -45.62 15.67
C ARG E 98 47.95 -45.03 14.55
N HIS E 99 46.86 -44.34 14.90
CA HIS E 99 45.89 -43.79 13.96
C HIS E 99 46.14 -42.36 13.49
N LEU E 100 46.00 -42.18 12.19
CA LEU E 100 46.01 -40.88 11.53
C LEU E 100 44.53 -40.52 11.33
N THR E 101 44.24 -39.24 11.06
CA THR E 101 42.86 -38.89 10.67
C THR E 101 42.73 -39.37 9.21
N ASP E 102 41.50 -39.65 8.76
CA ASP E 102 41.32 -40.13 7.39
C ASP E 102 41.83 -39.10 6.36
N THR E 103 41.73 -37.80 6.65
CA THR E 103 42.23 -36.74 5.79
C THR E 103 43.76 -36.82 5.69
N GLN E 104 44.45 -37.01 6.83
CA GLN E 104 45.90 -37.13 6.86
C GLN E 104 46.37 -38.35 6.11
N ALA E 105 45.66 -39.47 6.26
CA ALA E 105 46.01 -40.70 5.56
C ALA E 105 45.79 -40.55 4.05
N ALA E 106 44.72 -39.88 3.63
CA ALA E 106 44.42 -39.62 2.22
C ALA E 106 45.49 -38.72 1.60
N LEU E 107 45.94 -37.70 2.37
CA LEU E 107 46.96 -36.77 1.90
C LEU E 107 48.31 -37.47 1.76
N CYS E 108 48.62 -38.41 2.66
CA CYS E 108 49.86 -39.18 2.57
C CYS E 108 49.84 -40.07 1.33
N LEU E 109 48.69 -40.70 1.04
CA LEU E 109 48.53 -41.56 -0.13
C LEU E 109 48.68 -40.79 -1.44
N VAL E 110 47.94 -39.68 -1.62
CA VAL E 110 47.99 -38.89 -2.85
C VAL E 110 49.36 -38.23 -3.04
N ASN E 111 50.07 -37.90 -1.95
CA ASN E 111 51.40 -37.30 -2.04
C ASN E 111 52.45 -38.33 -2.38
N ALA E 112 52.33 -39.54 -1.82
CA ALA E 112 53.27 -40.62 -2.13
C ALA E 112 53.10 -41.04 -3.59
N TYR E 113 51.85 -41.10 -4.08
CA TYR E 113 51.56 -41.45 -5.47
C TYR E 113 52.14 -40.41 -6.42
N PHE E 114 52.05 -39.13 -6.07
CA PHE E 114 52.56 -38.03 -6.88
C PHE E 114 54.09 -38.10 -6.95
N CYS E 115 54.75 -38.42 -5.84
CA CYS E 115 56.22 -38.54 -5.83
C CYS E 115 56.69 -39.74 -6.63
N GLN E 116 55.91 -40.83 -6.59
CA GLN E 116 56.23 -42.04 -7.33
C GLN E 116 56.09 -41.80 -8.84
N LYS E 117 55.05 -41.06 -9.26
CA LYS E 117 54.80 -40.81 -10.68
C LYS E 117 55.54 -39.63 -11.29
N THR E 118 55.94 -38.64 -10.47
CA THR E 118 56.62 -37.46 -10.98
C THR E 118 58.06 -37.33 -10.57
N SER E 119 58.48 -38.02 -9.52
CA SER E 119 59.84 -37.93 -8.96
C SER E 119 60.13 -36.57 -8.27
N ARG E 120 59.10 -35.75 -8.05
CA ARG E 120 59.20 -34.51 -7.28
C ARG E 120 59.55 -34.89 -5.84
N GLN E 121 60.36 -34.06 -5.16
CA GLN E 121 60.80 -34.28 -3.79
C GLN E 121 59.63 -34.55 -2.82
N LEU E 122 59.83 -35.52 -1.91
CA LEU E 122 58.88 -35.95 -0.88
C LEU E 122 58.48 -34.75 -0.01
N PRO E 123 57.19 -34.64 0.36
CA PRO E 123 56.77 -33.50 1.20
C PRO E 123 57.47 -33.51 2.56
N ALA E 124 57.90 -32.34 3.03
CA ALA E 124 58.63 -32.26 4.30
C ALA E 124 57.75 -31.89 5.50
N THR E 125 56.84 -30.92 5.30
CA THR E 125 55.95 -30.44 6.36
C THR E 125 54.49 -30.72 6.01
N PRO E 126 53.56 -30.71 6.97
CA PRO E 126 52.14 -30.92 6.64
C PRO E 126 51.57 -29.89 5.64
N ASP E 127 52.19 -28.72 5.55
CA ASP E 127 51.78 -27.70 4.59
C ASP E 127 52.11 -28.14 3.15
N ASP E 128 53.24 -28.86 2.97
CA ASP E 128 53.67 -29.41 1.68
C ASP E 128 52.68 -30.48 1.18
N LEU E 129 51.97 -31.17 2.09
CA LEU E 129 50.96 -32.17 1.72
C LEU E 129 49.81 -31.48 0.98
N LEU E 130 49.43 -30.27 1.42
CA LEU E 130 48.32 -29.52 0.82
C LEU E 130 48.73 -28.63 -0.35
N ALA E 131 50.02 -28.36 -0.51
CA ALA E 131 50.54 -27.54 -1.61
C ALA E 131 50.29 -28.28 -2.91
N ASP E 132 49.70 -27.61 -3.90
CA ASP E 132 49.39 -28.20 -5.20
C ASP E 132 48.45 -29.41 -5.11
N LEU E 133 47.53 -29.40 -4.14
CA LEU E 133 46.54 -30.47 -3.99
C LEU E 133 45.69 -30.69 -5.26
N PRO E 134 45.22 -29.64 -5.97
CA PRO E 134 44.47 -29.89 -7.21
C PRO E 134 45.28 -30.68 -8.25
N GLN E 135 46.58 -30.35 -8.38
CA GLN E 135 47.48 -31.01 -9.33
C GLN E 135 47.79 -32.46 -8.91
N LYS E 136 47.92 -32.70 -7.61
CA LYS E 136 48.18 -34.03 -7.08
C LYS E 136 46.97 -34.93 -7.27
N LEU E 137 45.75 -34.39 -7.06
CA LEU E 137 44.51 -35.12 -7.25
C LEU E 137 44.27 -35.39 -8.73
N ASP E 138 44.52 -34.38 -9.58
CA ASP E 138 44.35 -34.49 -11.03
C ASP E 138 45.21 -35.61 -11.62
N LEU E 139 46.43 -35.80 -11.11
CA LEU E 139 47.30 -36.86 -11.61
C LEU E 139 46.74 -38.25 -11.23
N LEU E 140 46.30 -38.40 -9.96
CA LEU E 140 45.76 -39.66 -9.48
C LEU E 140 44.48 -40.04 -10.20
N ILE E 141 43.59 -39.06 -10.41
CA ILE E 141 42.31 -39.27 -11.09
C ILE E 141 42.48 -39.66 -12.57
N THR E 142 43.33 -38.94 -13.33
CA THR E 142 43.53 -39.28 -14.75
C THR E 142 44.13 -40.70 -14.93
N GLN E 143 44.90 -41.18 -13.95
CA GLN E 143 45.45 -42.53 -14.00
C GLN E 143 44.39 -43.55 -13.59
N LEU E 144 43.50 -43.20 -12.63
CA LEU E 144 42.39 -44.04 -12.19
C LEU E 144 41.38 -44.26 -13.31
N LYS E 145 41.17 -43.23 -14.16
CA LYS E 145 40.26 -43.35 -15.30
C LYS E 145 40.78 -44.37 -16.33
N GLN E 146 42.10 -44.49 -16.45
CA GLN E 146 42.76 -45.45 -17.34
C GLN E 146 42.83 -46.87 -16.75
N GLU E 147 42.38 -47.08 -15.49
CA GLU E 147 42.41 -48.38 -14.85
C GLU E 147 41.30 -49.27 -15.39
N SER E 148 41.65 -50.08 -16.38
CA SER E 148 40.71 -51.02 -16.97
C SER E 148 40.65 -52.30 -16.12
N GLY E 149 39.63 -53.13 -16.35
CA GLY E 149 39.51 -54.40 -15.65
C GLY E 149 38.36 -54.48 -14.69
N PRO E 150 38.14 -55.66 -14.12
CA PRO E 150 37.04 -55.82 -13.16
C PRO E 150 37.36 -55.23 -11.80
N GLY E 151 36.33 -55.04 -11.00
CA GLY E 151 36.49 -54.46 -9.68
C GLY E 151 35.76 -53.14 -9.56
N ASP E 152 35.50 -52.73 -8.32
CA ASP E 152 34.80 -51.48 -8.05
C ASP E 152 35.53 -50.70 -6.93
N PHE E 153 34.82 -49.93 -6.11
CA PHE E 153 35.44 -49.18 -5.02
C PHE E 153 34.90 -49.67 -3.68
N SER E 154 34.76 -50.99 -3.54
CA SER E 154 34.23 -51.60 -2.33
C SER E 154 35.23 -52.54 -1.65
N PHE E 155 35.03 -52.76 -0.35
CA PHE E 155 35.85 -53.68 0.42
C PHE E 155 35.15 -55.04 0.43
N THR E 156 35.92 -56.11 0.33
CA THR E 156 35.35 -57.45 0.29
C THR E 156 35.28 -58.12 1.65
N TYR E 157 34.05 -58.37 2.12
CA TYR E 157 33.81 -59.02 3.39
C TYR E 157 33.37 -60.47 3.13
N SER E 158 33.88 -61.41 3.92
CA SER E 158 33.50 -62.83 3.77
C SER E 158 32.76 -63.35 5.00
N ASN E 159 32.07 -62.47 5.74
CA ASN E 159 31.40 -62.83 6.99
C ASN E 159 30.57 -61.63 7.47
N PRO E 160 29.34 -61.84 7.98
CA PRO E 160 28.53 -60.70 8.44
C PRO E 160 29.09 -59.99 9.67
N GLN E 161 29.77 -60.72 10.56
CA GLN E 161 30.40 -60.15 11.76
C GLN E 161 31.60 -59.27 11.36
N GLU E 162 32.30 -59.63 10.28
CA GLU E 162 33.42 -58.91 9.70
C GLU E 162 32.93 -57.56 9.12
N ARG E 163 31.74 -57.57 8.50
CA ARG E 163 31.10 -56.39 7.93
C ARG E 163 30.66 -55.40 9.04
N ALA E 164 30.26 -55.90 10.21
CA ALA E 164 29.83 -55.05 11.33
C ALA E 164 30.97 -54.41 12.14
N SER E 165 32.23 -54.58 11.71
CA SER E 165 33.36 -54.01 12.43
C SER E 165 34.19 -53.11 11.49
N LEU E 166 34.64 -51.95 12.00
CA LEU E 166 35.48 -51.05 11.20
C LEU E 166 36.92 -51.56 11.18
N ALA E 167 37.41 -51.98 12.34
CA ALA E 167 38.76 -52.52 12.49
C ALA E 167 38.76 -54.04 12.24
N PRO E 168 39.93 -54.65 11.95
CA PRO E 168 39.95 -56.11 11.73
C PRO E 168 39.51 -56.88 12.97
N LEU E 169 38.85 -58.02 12.78
CA LEU E 169 38.37 -58.82 13.89
C LEU E 169 39.49 -59.44 14.73
N ASN E 170 39.18 -59.77 15.99
CA ASN E 170 40.08 -60.41 16.96
C ASN E 170 41.34 -59.58 17.25
N LYS E 171 41.19 -58.25 17.23
CA LYS E 171 42.23 -57.25 17.48
C LYS E 171 43.47 -57.43 16.59
N GLU E 172 43.25 -57.80 15.33
CA GLU E 172 44.33 -57.96 14.37
C GLU E 172 44.72 -56.63 13.71
N SER E 173 45.98 -56.51 13.30
CA SER E 173 46.48 -55.28 12.65
C SER E 173 46.19 -55.26 11.13
N ARG E 174 45.97 -56.43 10.51
CA ARG E 174 45.69 -56.51 9.09
C ARG E 174 44.32 -57.08 8.79
N TYR E 175 43.72 -56.62 7.70
CA TYR E 175 42.44 -57.14 7.23
C TYR E 175 42.70 -58.43 6.45
N PRO E 176 41.72 -59.36 6.34
CA PRO E 176 41.95 -60.59 5.55
C PRO E 176 42.40 -60.30 4.11
N THR E 177 43.13 -61.24 3.51
CA THR E 177 43.69 -61.10 2.15
C THR E 177 42.69 -60.59 1.09
N ALA E 178 41.43 -61.06 1.10
CA ALA E 178 40.44 -60.64 0.11
C ALA E 178 39.93 -59.20 0.23
N PHE E 179 40.04 -58.58 1.43
CA PHE E 179 39.51 -57.25 1.75
C PHE E 179 39.71 -56.17 0.68
N PHE E 180 40.95 -55.92 0.24
CA PHE E 180 41.21 -54.86 -0.74
C PHE E 180 41.30 -55.34 -2.19
N GLN E 181 41.21 -56.66 -2.43
CA GLN E 181 41.39 -57.28 -3.75
C GLN E 181 40.48 -56.76 -4.88
N ARG E 182 39.26 -56.32 -4.57
CA ARG E 182 38.34 -55.80 -5.59
C ARG E 182 38.34 -54.27 -5.71
N HIS E 183 39.13 -53.56 -4.89
CA HIS E 183 39.16 -52.11 -4.91
C HIS E 183 40.13 -51.57 -5.96
N LYS E 184 39.62 -50.88 -7.00
CA LYS E 184 40.41 -50.31 -8.10
C LYS E 184 41.43 -49.27 -7.64
N LEU E 185 41.07 -48.41 -6.69
CA LEU E 185 41.97 -47.37 -6.19
C LEU E 185 43.13 -47.99 -5.41
N HIS E 186 42.84 -49.02 -4.59
CA HIS E 186 43.87 -49.71 -3.84
C HIS E 186 44.80 -50.44 -4.81
N ALA E 187 44.23 -51.13 -5.82
CA ALA E 187 44.98 -51.88 -6.82
C ALA E 187 45.93 -51.00 -7.62
N MET E 188 45.49 -49.79 -7.98
CA MET E 188 46.33 -48.87 -8.74
C MET E 188 47.52 -48.40 -7.92
N MET E 189 47.28 -48.05 -6.65
CA MET E 189 48.36 -47.60 -5.75
C MET E 189 49.29 -48.75 -5.37
N ALA E 190 48.78 -49.98 -5.29
CA ALA E 190 49.59 -51.15 -4.96
C ALA E 190 50.53 -51.47 -6.13
N LYS E 191 50.02 -51.37 -7.37
CA LYS E 191 50.81 -51.59 -8.59
C LYS E 191 51.91 -50.53 -8.72
N ALA E 192 51.65 -49.30 -8.24
CA ALA E 192 52.62 -48.22 -8.27
C ALA E 192 53.75 -48.38 -7.23
N GLY E 193 53.64 -49.34 -6.32
CA GLY E 193 54.67 -49.59 -5.33
C GLY E 193 54.40 -49.03 -3.95
N LEU E 194 53.25 -48.38 -3.75
CA LEU E 194 52.91 -47.83 -2.44
C LEU E 194 52.56 -48.95 -1.44
N PHE E 195 52.68 -48.65 -0.13
CA PHE E 195 52.42 -49.56 1.00
C PHE E 195 52.89 -51.02 0.76
N PRO E 196 54.20 -51.28 0.61
CA PRO E 196 54.65 -52.67 0.40
C PRO E 196 54.85 -53.45 1.69
N HIS E 197 54.82 -54.79 1.60
CA HIS E 197 55.01 -55.64 2.78
C HIS E 197 56.47 -56.01 2.91
N ASN E 198 57.10 -55.68 4.06
CA ASN E 198 58.51 -55.99 4.26
C ASN E 198 58.75 -56.98 5.41
N ALA E 209 62.03 -52.98 0.17
CA ALA E 209 61.17 -52.18 -0.70
C ALA E 209 60.82 -50.82 -0.09
N MET E 210 61.19 -49.73 -0.77
CA MET E 210 60.95 -48.35 -0.33
C MET E 210 59.46 -48.05 -0.13
N ASP E 211 59.10 -47.55 1.05
CA ASP E 211 57.73 -47.20 1.40
C ASP E 211 57.64 -45.67 1.50
N LEU E 212 57.14 -45.02 0.44
CA LEU E 212 57.01 -43.56 0.41
C LEU E 212 56.02 -43.06 1.46
N VAL E 213 54.91 -43.79 1.70
CA VAL E 213 53.92 -43.38 2.69
C VAL E 213 54.53 -43.36 4.09
N PHE E 214 55.31 -44.40 4.45
CA PHE E 214 55.97 -44.49 5.74
C PHE E 214 57.03 -43.41 5.94
N ALA E 215 57.68 -42.99 4.85
CA ALA E 215 58.67 -41.91 4.91
C ALA E 215 57.97 -40.58 5.23
N ILE E 216 56.75 -40.37 4.71
CA ILE E 216 55.96 -39.17 4.96
C ILE E 216 55.41 -39.19 6.39
N THR E 217 54.79 -40.31 6.81
CA THR E 217 54.22 -40.41 8.16
C THR E 217 55.26 -40.29 9.28
N SER E 218 56.44 -40.90 9.10
CA SER E 218 57.49 -40.82 10.12
C SER E 218 58.19 -39.44 10.17
N ALA E 219 57.99 -38.60 9.16
CA ALA E 219 58.60 -37.27 9.14
C ALA E 219 57.66 -36.19 9.69
N MET E 220 56.33 -36.38 9.60
CA MET E 220 55.37 -35.38 10.06
C MET E 220 54.46 -35.81 11.18
N PHE E 221 54.09 -37.10 11.21
CA PHE E 221 53.14 -37.59 12.20
C PHE E 221 53.73 -38.47 13.30
N GLY E 222 55.05 -38.44 13.45
CA GLY E 222 55.73 -39.22 14.49
C GLY E 222 55.97 -40.68 14.15
N SER E 223 56.75 -41.34 15.02
CA SER E 223 57.13 -42.76 14.89
C SER E 223 55.99 -43.73 15.24
N ASP E 224 54.93 -43.27 15.89
CA ASP E 224 53.81 -44.11 16.30
C ASP E 224 52.98 -44.67 15.13
N ILE E 225 52.98 -43.98 13.98
CA ILE E 225 52.23 -44.44 12.81
C ILE E 225 52.95 -45.59 12.11
N PRO E 226 52.38 -46.79 12.14
CA PRO E 226 53.03 -47.94 11.49
C PRO E 226 52.88 -47.95 9.97
N PRO E 227 53.67 -48.76 9.23
CA PRO E 227 53.48 -48.83 7.77
C PRO E 227 52.07 -49.27 7.41
N PHE E 228 51.49 -48.67 6.37
CA PHE E 228 50.10 -48.94 5.96
C PHE E 228 49.80 -50.41 5.67
N SER E 229 50.81 -51.17 5.24
CA SER E 229 50.62 -52.60 4.97
C SER E 229 50.62 -53.44 6.25
N ALA E 230 51.30 -52.96 7.31
CA ALA E 230 51.37 -53.65 8.61
C ALA E 230 50.14 -53.36 9.48
N TYR E 231 49.72 -52.08 9.54
CA TYR E 231 48.54 -51.68 10.30
C TYR E 231 47.62 -51.04 9.26
N GLN E 232 46.69 -51.84 8.73
CA GLN E 232 45.86 -51.47 7.60
C GLN E 232 44.64 -50.58 7.87
N TRP E 233 44.39 -50.14 9.13
CA TRP E 233 43.25 -49.24 9.38
C TRP E 233 43.48 -47.91 8.66
N ASN E 234 44.70 -47.36 8.75
CA ASN E 234 45.05 -46.10 8.10
C ASN E 234 44.92 -46.17 6.58
N LEU E 235 45.17 -47.35 5.99
CA LEU E 235 45.03 -47.55 4.56
C LEU E 235 43.55 -47.53 4.16
N ARG E 236 42.70 -48.20 4.94
CA ARG E 236 41.26 -48.24 4.68
C ARG E 236 40.63 -46.86 4.86
N ALA E 237 40.94 -46.17 5.97
CA ALA E 237 40.41 -44.83 6.25
C ALA E 237 40.90 -43.81 5.21
N GLY E 238 42.18 -43.91 4.83
CA GLY E 238 42.78 -43.05 3.82
C GLY E 238 42.20 -43.20 2.44
N ILE E 239 41.90 -44.46 2.03
CA ILE E 239 41.29 -44.76 0.73
C ILE E 239 39.92 -44.12 0.64
N VAL E 240 39.11 -44.28 1.69
CA VAL E 240 37.75 -43.72 1.72
C VAL E 240 37.76 -42.18 1.71
N ALA E 241 38.68 -41.55 2.46
CA ALA E 241 38.78 -40.08 2.43
C ALA E 241 39.28 -39.58 1.08
N LEU E 242 40.15 -40.36 0.42
CA LEU E 242 40.66 -40.04 -0.89
C LEU E 242 39.53 -40.07 -1.93
N GLU E 243 38.58 -41.02 -1.77
CA GLU E 243 37.39 -41.15 -2.62
C GLU E 243 36.53 -39.87 -2.54
N VAL E 244 36.42 -39.28 -1.34
CA VAL E 244 35.67 -38.05 -1.13
C VAL E 244 36.37 -36.88 -1.86
N PHE E 245 37.71 -36.78 -1.74
CA PHE E 245 38.48 -35.74 -2.44
C PHE E 245 38.40 -35.90 -3.97
N ILE E 246 38.38 -37.16 -4.46
CA ILE E 246 38.27 -37.47 -5.89
C ILE E 246 36.92 -37.01 -6.42
N LEU E 247 35.84 -37.30 -5.67
CA LEU E 247 34.49 -36.90 -6.03
C LEU E 247 34.35 -35.38 -6.01
N ALA E 248 34.98 -34.71 -5.03
CA ALA E 248 34.93 -33.26 -4.94
C ALA E 248 35.66 -32.62 -6.13
N TYR E 249 36.82 -33.17 -6.52
CA TYR E 249 37.57 -32.64 -7.65
C TYR E 249 36.80 -32.82 -8.96
N GLY E 250 36.28 -34.03 -9.18
CA GLY E 250 35.53 -34.36 -10.37
C GLY E 250 34.28 -33.52 -10.55
N LEU E 251 33.58 -33.24 -9.45
CA LEU E 251 32.36 -32.43 -9.48
C LEU E 251 32.63 -30.99 -9.92
N LEU E 252 33.71 -30.38 -9.42
CA LEU E 252 34.04 -28.99 -9.75
C LEU E 252 35.00 -28.81 -10.91
N GLU E 253 35.48 -29.90 -11.54
CA GLU E 253 36.48 -29.89 -12.61
C GLU E 253 36.27 -28.81 -13.70
N PHE E 254 35.05 -28.69 -14.21
CA PHE E 254 34.75 -27.69 -15.24
C PHE E 254 33.79 -26.61 -14.75
N GLY E 255 33.84 -26.31 -13.46
CA GLY E 255 32.97 -25.36 -12.82
C GLY E 255 33.19 -23.90 -13.15
N GLN E 256 32.07 -23.17 -13.26
CA GLN E 256 32.03 -21.74 -13.52
C GLN E 256 31.07 -21.13 -12.50
N VAL E 257 31.41 -19.99 -11.90
CA VAL E 257 30.54 -19.33 -10.93
C VAL E 257 30.15 -17.91 -11.31
N ALA E 258 30.87 -17.29 -12.25
CA ALA E 258 30.61 -15.92 -12.67
C ALA E 258 29.17 -15.72 -13.16
N ARG E 259 28.64 -16.72 -13.89
CA ARG E 259 27.31 -16.70 -14.50
C ARG E 259 26.21 -16.75 -13.45
N GLY E 260 25.25 -15.83 -13.52
CA GLY E 260 24.09 -15.83 -12.62
C GLY E 260 23.05 -16.77 -13.20
N HIS E 261 23.13 -18.04 -12.82
CA HIS E 261 22.32 -19.12 -13.36
C HIS E 261 20.85 -18.98 -12.97
N PRO E 262 19.92 -19.32 -13.89
CA PRO E 262 18.48 -19.23 -13.53
C PRO E 262 18.08 -20.25 -12.45
N ASN E 263 18.78 -21.40 -12.40
CA ASN E 263 18.52 -22.46 -11.41
C ASN E 263 19.44 -22.39 -10.20
N ARG E 264 20.05 -21.22 -9.92
CA ARG E 264 20.88 -21.07 -8.73
C ARG E 264 19.98 -20.89 -7.52
N ARG E 265 20.00 -21.85 -6.63
CA ARG E 265 19.20 -21.88 -5.42
C ARG E 265 19.77 -20.96 -4.31
N LEU E 266 21.07 -21.06 -4.03
CA LEU E 266 21.67 -20.27 -2.96
C LEU E 266 21.75 -18.77 -3.25
N ASN E 267 21.20 -17.98 -2.33
CA ASN E 267 21.20 -16.53 -2.45
C ASN E 267 21.67 -15.98 -1.11
N LEU E 268 22.97 -15.70 -0.97
CA LEU E 268 23.52 -15.20 0.29
C LEU E 268 23.02 -13.82 0.67
N VAL E 269 22.59 -13.01 -0.30
CA VAL E 269 22.03 -11.68 0.00
C VAL E 269 20.71 -11.85 0.77
N SER E 270 19.91 -12.86 0.39
CA SER E 270 18.64 -13.18 1.06
C SER E 270 18.90 -13.71 2.48
N LEU E 271 19.83 -14.66 2.62
CA LEU E 271 20.13 -15.29 3.88
C LEU E 271 20.83 -14.41 4.91
N LEU E 272 21.78 -13.55 4.47
CA LEU E 272 22.57 -12.76 5.41
C LEU E 272 22.03 -11.37 5.67
N GLY E 273 21.43 -10.74 4.67
CA GLY E 273 20.89 -9.39 4.84
C GLY E 273 21.93 -8.35 5.16
N PRO E 274 21.76 -7.63 6.30
CA PRO E 274 22.72 -6.56 6.66
C PRO E 274 24.13 -7.02 7.02
N LYS E 275 24.31 -8.31 7.29
CA LYS E 275 25.64 -8.86 7.60
C LYS E 275 26.54 -8.88 6.35
N PHE E 276 25.93 -8.99 5.16
CA PHE E 276 26.63 -9.04 3.89
C PHE E 276 26.80 -7.62 3.31
N GLN E 277 28.05 -7.22 3.03
CA GLN E 277 28.41 -5.97 2.36
C GLN E 277 28.70 -6.38 0.89
N PRO E 278 27.74 -6.25 -0.04
CA PRO E 278 28.00 -6.71 -1.43
C PRO E 278 28.99 -5.84 -2.20
N PRO E 284 29.21 -9.01 -17.17
CA PRO E 284 30.27 -8.48 -16.29
C PRO E 284 31.60 -8.31 -16.98
N ASN E 285 31.87 -9.16 -18.03
CA ASN E 285 33.05 -9.21 -18.89
C ASN E 285 34.25 -9.97 -18.28
N ALA E 286 34.08 -10.57 -17.08
CA ALA E 286 35.16 -11.28 -16.42
C ALA E 286 35.51 -12.61 -17.11
N PRO E 287 36.81 -12.95 -17.23
CA PRO E 287 37.19 -14.21 -17.89
C PRO E 287 36.71 -15.46 -17.15
N MET E 288 36.44 -16.51 -17.92
CA MET E 288 35.96 -17.79 -17.38
C MET E 288 37.03 -18.56 -16.64
N LEU E 289 36.60 -19.44 -15.73
CA LEU E 289 37.51 -20.27 -14.98
C LEU E 289 38.02 -21.40 -15.86
N LYS E 290 39.32 -21.65 -15.83
CA LYS E 290 39.91 -22.75 -16.57
C LYS E 290 39.64 -24.10 -15.83
N ARG E 291 39.95 -25.24 -16.47
CA ARG E 291 39.73 -26.55 -15.86
C ARG E 291 40.54 -26.69 -14.55
N GLY E 292 39.86 -27.01 -13.47
CA GLY E 292 40.52 -27.16 -12.18
C GLY E 292 40.64 -25.90 -11.35
N GLN E 293 40.28 -24.73 -11.92
CA GLN E 293 40.40 -23.46 -11.21
C GLN E 293 39.40 -23.26 -10.08
N LEU E 294 38.18 -23.83 -10.19
CA LEU E 294 37.20 -23.71 -9.12
C LEU E 294 37.63 -24.53 -7.92
N PHE E 295 38.16 -25.76 -8.16
CA PHE E 295 38.66 -26.59 -7.08
C PHE E 295 39.90 -25.98 -6.46
N SER E 296 40.76 -25.34 -7.26
CA SER E 296 41.96 -24.68 -6.74
C SER E 296 41.60 -23.57 -5.77
N PHE E 297 40.52 -22.82 -6.06
CA PHE E 297 40.06 -21.76 -5.19
C PHE E 297 39.56 -22.36 -3.87
N ILE E 298 38.74 -23.41 -3.94
CA ILE E 298 38.22 -24.04 -2.73
C ILE E 298 39.34 -24.69 -1.90
N SER E 299 40.39 -25.18 -2.55
CA SER E 299 41.51 -25.81 -1.85
C SER E 299 42.35 -24.75 -1.12
N GLU E 300 42.67 -23.64 -1.79
CA GLU E 300 43.46 -22.59 -1.19
C GLU E 300 42.72 -21.74 -0.16
N HIS E 301 41.42 -21.48 -0.39
CA HIS E 301 40.67 -20.60 0.50
C HIS E 301 39.75 -21.31 1.48
N TYR E 302 39.50 -22.61 1.30
CA TYR E 302 38.65 -23.33 2.24
C TYR E 302 39.36 -24.54 2.85
N ILE E 303 39.86 -25.50 2.04
CA ILE E 303 40.52 -26.69 2.58
C ILE E 303 41.73 -26.35 3.45
N ILE E 304 42.68 -25.56 2.90
CA ILE E 304 43.89 -25.18 3.63
C ILE E 304 43.59 -24.41 4.92
N PRO E 305 42.80 -23.30 4.93
CA PRO E 305 42.52 -22.63 6.22
C PRO E 305 41.75 -23.47 7.23
N THR E 306 40.88 -24.37 6.75
CA THR E 306 40.13 -25.27 7.63
C THR E 306 41.10 -26.23 8.32
N LEU E 307 42.04 -26.80 7.56
CA LEU E 307 43.02 -27.73 8.12
C LEU E 307 44.09 -27.05 8.95
N GLN E 308 44.36 -25.75 8.70
CA GLN E 308 45.32 -25.00 9.50
C GLN E 308 44.73 -24.73 10.90
N ALA E 309 43.41 -24.51 10.98
CA ALA E 309 42.70 -24.26 12.23
C ALA E 309 42.39 -25.57 12.96
N ASN E 310 41.93 -26.60 12.23
CA ASN E 310 41.61 -27.90 12.80
C ASN E 310 42.43 -28.94 12.06
N PRO E 311 43.69 -29.18 12.51
CA PRO E 311 44.55 -30.14 11.82
C PRO E 311 44.04 -31.59 11.82
N ASN E 312 43.20 -31.95 12.79
CA ASN E 312 42.68 -33.30 12.90
C ASN E 312 41.25 -33.44 12.39
N ALA E 313 40.83 -32.56 11.48
CA ALA E 313 39.48 -32.59 10.94
C ALA E 313 39.27 -33.77 10.01
N PRO E 314 38.19 -34.52 10.20
CA PRO E 314 37.89 -35.62 9.28
C PRO E 314 37.39 -35.12 7.92
N VAL E 315 37.47 -35.95 6.87
CA VAL E 315 37.04 -35.52 5.53
C VAL E 315 35.54 -35.18 5.51
N SER E 316 34.73 -35.81 6.38
CA SER E 316 33.29 -35.54 6.51
C SER E 316 33.01 -34.13 7.06
N PHE E 317 33.97 -33.55 7.79
CA PHE E 317 33.88 -32.18 8.31
C PHE E 317 34.21 -31.17 7.19
N ILE E 318 35.11 -31.53 6.27
CA ILE E 318 35.48 -30.68 5.16
C ILE E 318 34.37 -30.67 4.12
N PHE E 319 33.94 -31.84 3.64
CA PHE E 319 32.86 -31.92 2.64
C PHE E 319 31.65 -32.79 3.06
N PRO E 320 30.80 -32.32 4.01
CA PRO E 320 29.62 -33.12 4.40
C PRO E 320 28.59 -33.35 3.28
N GLY E 321 28.61 -32.52 2.25
CA GLY E 321 27.72 -32.67 1.10
C GLY E 321 28.02 -33.94 0.33
N ILE E 322 29.31 -34.30 0.21
CA ILE E 322 29.70 -35.54 -0.48
C ILE E 322 29.19 -36.75 0.32
N ILE E 323 29.27 -36.69 1.67
CA ILE E 323 28.79 -37.74 2.56
C ILE E 323 27.29 -37.94 2.38
N LEU E 324 26.53 -36.83 2.30
CA LEU E 324 25.08 -36.88 2.11
C LEU E 324 24.71 -37.41 0.74
N ALA E 325 25.45 -37.01 -0.31
CA ALA E 325 25.19 -37.52 -1.66
C ALA E 325 25.48 -39.00 -1.72
N ALA E 326 26.51 -39.48 -0.99
CA ALA E 326 26.87 -40.89 -0.92
C ALA E 326 25.77 -41.69 -0.21
N LEU E 327 25.23 -41.18 0.91
CA LEU E 327 24.12 -41.84 1.61
C LEU E 327 22.88 -41.94 0.71
N GLU E 328 22.65 -40.93 -0.13
CA GLU E 328 21.55 -40.92 -1.06
C GLU E 328 21.77 -41.85 -2.26
N ALA E 329 23.02 -42.04 -2.67
CA ALA E 329 23.35 -42.92 -3.77
C ALA E 329 23.04 -44.40 -3.49
N ARG E 330 22.97 -44.81 -2.21
CA ARG E 330 22.62 -46.20 -1.85
C ARG E 330 21.19 -46.49 -2.28
N SER E 331 20.28 -45.52 -2.05
CA SER E 331 18.85 -45.62 -2.36
C SER E 331 18.59 -45.81 -3.85
N THR E 332 19.35 -45.11 -4.71
CA THR E 332 19.20 -45.17 -6.16
C THR E 332 19.47 -46.59 -6.74
N GLN E 337 11.41 -49.70 -9.03
CA GLN E 337 10.32 -49.62 -10.00
C GLN E 337 10.41 -48.34 -10.83
N PRO E 338 10.17 -48.44 -12.15
CA PRO E 338 10.24 -47.23 -13.00
C PRO E 338 8.92 -46.44 -13.09
N GLY E 339 9.03 -45.12 -13.03
CA GLY E 339 7.88 -44.23 -13.11
C GLY E 339 7.83 -43.21 -11.99
N PRO E 340 6.66 -42.59 -11.76
CA PRO E 340 6.58 -41.62 -10.64
C PRO E 340 6.67 -42.34 -9.30
N PHE E 341 7.29 -41.70 -8.30
CA PHE E 341 7.50 -42.36 -7.02
C PHE E 341 7.53 -41.39 -5.84
N VAL E 342 6.79 -41.72 -4.77
CA VAL E 342 6.73 -40.94 -3.54
C VAL E 342 7.46 -41.75 -2.48
N ASN E 343 8.53 -41.20 -1.91
CA ASN E 343 9.32 -41.90 -0.91
C ASN E 343 8.93 -41.53 0.53
N LEU E 344 8.13 -42.41 1.17
CA LEU E 344 7.72 -42.23 2.57
C LEU E 344 8.51 -43.14 3.53
N THR E 345 9.64 -43.69 3.10
CA THR E 345 10.47 -44.55 3.93
C THR E 345 11.46 -43.72 4.76
N GLY E 346 11.88 -44.30 5.87
CA GLY E 346 12.81 -43.62 6.76
C GLY E 346 14.17 -44.26 6.84
N SER E 347 14.44 -45.29 6.00
CA SER E 347 15.70 -46.04 5.96
C SER E 347 16.90 -45.15 5.69
N ARG E 348 16.76 -44.18 4.80
CA ARG E 348 17.88 -43.28 4.49
C ARG E 348 18.26 -42.36 5.68
N PHE E 349 17.39 -42.24 6.69
CA PHE E 349 17.66 -41.41 7.88
C PHE E 349 17.97 -42.27 9.14
N ASN E 350 17.86 -43.59 9.07
CA ASN E 350 18.09 -44.50 10.19
C ASN E 350 19.40 -44.34 10.90
N GLU E 351 20.50 -44.23 10.16
CA GLU E 351 21.81 -44.12 10.75
C GLU E 351 21.99 -42.80 11.47
N ILE E 352 21.53 -41.69 10.86
CA ILE E 352 21.63 -40.36 11.48
C ILE E 352 20.74 -40.29 12.73
N PHE E 353 19.50 -40.78 12.63
CA PHE E 353 18.54 -40.76 13.74
C PHE E 353 18.95 -41.63 14.92
N GLU E 354 19.61 -42.75 14.65
CA GLU E 354 20.08 -43.63 15.73
C GLU E 354 21.19 -42.96 16.53
N ILE E 355 22.07 -42.21 15.87
CA ILE E 355 23.14 -41.49 16.55
C ILE E 355 22.52 -40.40 17.42
N LEU E 356 21.54 -39.66 16.86
CA LEU E 356 20.83 -38.61 17.59
C LEU E 356 20.11 -39.15 18.84
N ASN E 357 19.48 -40.32 18.72
CA ASN E 357 18.79 -40.93 19.87
C ASN E 357 19.79 -41.37 20.93
N GLN E 358 20.92 -41.94 20.48
CA GLN E 358 21.93 -42.44 21.40
C GLN E 358 22.71 -41.36 22.10
N GLN E 359 22.90 -40.17 21.50
CA GLN E 359 23.67 -39.13 22.19
C GLN E 359 22.81 -38.09 22.89
N LEU E 360 21.54 -37.90 22.46
CA LEU E 360 20.68 -36.93 23.13
C LEU E 360 19.70 -37.53 24.13
N THR E 361 19.32 -38.80 23.94
CA THR E 361 18.32 -39.42 24.80
C THR E 361 18.86 -40.54 25.69
N PHE E 362 19.44 -41.60 25.11
CA PHE E 362 19.85 -42.77 25.88
C PHE E 362 21.21 -42.68 26.52
N ARG E 363 22.13 -41.95 25.89
CA ARG E 363 23.51 -41.80 26.35
C ARG E 363 24.18 -43.16 26.68
N ASP E 364 24.10 -44.09 25.72
CA ASP E 364 24.70 -45.43 25.83
C ASP E 364 25.95 -45.37 24.98
N PRO E 365 27.13 -45.50 25.61
CA PRO E 365 28.38 -45.38 24.85
C PRO E 365 28.61 -46.46 23.81
N LEU E 366 28.23 -47.71 24.11
CA LEU E 366 28.41 -48.81 23.19
C LEU E 366 27.45 -48.71 22.00
N ALA E 367 26.17 -48.44 22.27
CA ALA E 367 25.16 -48.30 21.22
C ALA E 367 25.45 -47.12 20.31
N LEU E 368 26.02 -46.03 20.86
CA LEU E 368 26.40 -44.86 20.05
C LEU E 368 27.56 -45.21 19.12
N LEU E 369 28.51 -46.03 19.60
CA LEU E 369 29.65 -46.48 18.81
C LEU E 369 29.19 -47.38 17.66
N GLN E 370 28.20 -48.24 17.90
CA GLN E 370 27.65 -49.11 16.86
C GLN E 370 26.91 -48.27 15.81
N ALA E 371 26.20 -47.23 16.25
CA ALA E 371 25.48 -46.31 15.38
C ALA E 371 26.45 -45.52 14.50
N ARG E 372 27.59 -45.10 15.07
CA ARG E 372 28.61 -44.37 14.33
C ARG E 372 29.26 -45.24 13.26
N THR E 373 29.46 -46.53 13.56
CA THR E 373 30.02 -47.50 12.64
C THR E 373 29.06 -47.72 11.47
N ALA E 374 27.76 -47.85 11.77
CA ALA E 374 26.74 -48.06 10.76
C ALA E 374 26.67 -46.89 9.77
N LEU E 375 26.81 -45.65 10.26
CA LEU E 375 26.77 -44.47 9.40
C LEU E 375 28.00 -44.43 8.48
N ARG E 376 29.16 -44.82 9.02
CA ARG E 376 30.42 -44.85 8.27
C ARG E 376 30.39 -45.92 7.18
N LEU E 377 29.85 -47.11 7.50
CA LEU E 377 29.73 -48.20 6.53
C LEU E 377 28.72 -47.88 5.42
N ALA E 378 27.62 -47.18 5.77
CA ALA E 378 26.62 -46.77 4.79
C ALA E 378 27.20 -45.74 3.83
N THR E 379 28.08 -44.85 4.33
CA THR E 379 28.73 -43.85 3.50
C THR E 379 29.72 -44.51 2.54
N GLU E 380 30.49 -45.49 3.02
CA GLU E 380 31.44 -46.23 2.19
C GLU E 380 30.73 -46.99 1.06
N GLU E 381 29.52 -47.50 1.35
CA GLU E 381 28.69 -48.21 0.39
C GLU E 381 28.20 -47.25 -0.70
N GLY E 382 27.79 -46.05 -0.30
CA GLY E 382 27.32 -45.02 -1.22
C GLY E 382 28.42 -44.39 -2.07
N LEU E 383 29.63 -44.26 -1.49
CA LEU E 383 30.79 -43.72 -2.23
C LEU E 383 31.16 -44.69 -3.38
N ASP E 384 31.02 -46.00 -3.15
CA ASP E 384 31.27 -47.02 -4.15
C ASP E 384 30.24 -46.90 -5.28
N VAL E 385 28.97 -46.61 -4.96
CA VAL E 385 27.93 -46.42 -5.98
C VAL E 385 28.28 -45.20 -6.85
N LEU E 386 28.65 -44.09 -6.23
CA LEU E 386 29.03 -42.86 -6.92
C LEU E 386 30.24 -43.05 -7.84
N LEU E 387 31.31 -43.67 -7.33
CA LEU E 387 32.52 -43.89 -8.12
C LEU E 387 32.39 -45.01 -9.14
N SER E 388 31.46 -45.96 -8.94
CA SER E 388 31.25 -47.04 -9.92
C SER E 388 30.39 -46.63 -11.10
N HIS E 389 29.69 -45.50 -11.01
CA HIS E 389 28.86 -44.96 -12.09
C HIS E 389 29.78 -44.59 -13.26
N PRO E 390 29.36 -44.81 -14.53
CA PRO E 390 30.26 -44.47 -15.67
C PRO E 390 30.68 -43.00 -15.74
N SER E 391 29.85 -42.08 -15.21
CA SER E 391 30.18 -40.66 -15.17
C SER E 391 29.84 -40.15 -13.77
N PRO E 392 30.75 -40.37 -12.79
CA PRO E 392 30.47 -39.98 -11.40
C PRO E 392 29.98 -38.54 -11.19
N PRO E 393 30.57 -37.46 -11.77
CA PRO E 393 30.00 -36.12 -11.52
C PRO E 393 28.58 -35.93 -12.05
N THR E 394 28.17 -36.72 -13.06
CA THR E 394 26.82 -36.62 -13.61
C THR E 394 25.79 -37.15 -12.61
N LEU E 395 26.08 -38.30 -11.97
CA LEU E 395 25.19 -38.85 -10.96
C LEU E 395 25.15 -37.93 -9.74
N LEU E 396 26.32 -37.40 -9.35
CA LEU E 396 26.48 -36.47 -8.24
C LEU E 396 25.65 -35.20 -8.49
N GLN E 397 25.66 -34.66 -9.71
CA GLN E 397 24.88 -33.49 -10.09
C GLN E 397 23.38 -33.76 -9.99
N GLU E 398 22.95 -34.97 -10.40
CA GLU E 398 21.56 -35.40 -10.37
C GLU E 398 21.05 -35.48 -8.92
N ILE E 399 21.85 -36.05 -8.01
CA ILE E 399 21.50 -36.16 -6.60
C ILE E 399 21.42 -34.78 -5.93
N ILE E 400 22.40 -33.92 -6.20
CA ILE E 400 22.41 -32.58 -5.63
C ILE E 400 21.22 -31.75 -6.13
N LYS E 401 20.78 -31.97 -7.37
CA LYS E 401 19.64 -31.26 -7.92
C LYS E 401 18.31 -31.78 -7.35
N SER E 402 18.06 -33.09 -7.45
CA SER E 402 16.84 -33.72 -7.00
C SER E 402 16.60 -33.72 -5.50
N GLN E 403 17.63 -34.03 -4.72
CA GLN E 403 17.47 -34.13 -3.28
C GLN E 403 17.86 -32.88 -2.53
N PHE E 404 18.75 -32.06 -3.08
CA PHE E 404 19.23 -30.89 -2.36
C PHE E 404 18.96 -29.53 -3.05
N GLY E 405 18.36 -29.56 -4.23
CA GLY E 405 17.98 -28.33 -4.94
C GLY E 405 19.07 -27.54 -5.65
N GLY E 406 20.29 -28.06 -5.67
CA GLY E 406 21.41 -27.39 -6.33
C GLY E 406 21.36 -27.45 -7.84
N GLY E 407 21.31 -26.29 -8.49
CA GLY E 407 21.20 -26.25 -9.93
C GLY E 407 22.41 -25.83 -10.72
N ASP E 408 23.47 -25.35 -10.04
CA ASP E 408 24.68 -24.90 -10.75
C ASP E 408 25.98 -25.20 -9.97
N ASP E 409 27.15 -24.84 -10.53
CA ASP E 409 28.42 -25.10 -9.88
C ASP E 409 28.60 -24.34 -8.58
N TYR E 410 28.02 -23.14 -8.48
CA TYR E 410 28.03 -22.32 -7.28
C TYR E 410 27.31 -23.07 -6.16
N ASP E 411 26.13 -23.63 -6.47
CA ASP E 411 25.33 -24.41 -5.53
C ASP E 411 26.07 -25.68 -5.13
N ARG E 412 26.72 -26.35 -6.09
CA ARG E 412 27.43 -27.59 -5.80
C ARG E 412 28.61 -27.35 -4.89
N ALA E 413 29.37 -26.26 -5.10
CA ALA E 413 30.52 -25.96 -4.25
C ALA E 413 30.04 -25.65 -2.83
N TYR E 414 28.99 -24.83 -2.68
CA TYR E 414 28.46 -24.50 -1.37
C TYR E 414 27.80 -25.69 -0.68
N PHE E 415 27.15 -26.58 -1.44
CA PHE E 415 26.53 -27.78 -0.88
C PHE E 415 27.57 -28.72 -0.30
N MET E 416 28.73 -28.88 -0.97
CA MET E 416 29.78 -29.76 -0.47
C MET E 416 30.26 -29.30 0.89
N VAL E 417 30.43 -27.97 1.05
CA VAL E 417 30.88 -27.36 2.29
C VAL E 417 29.81 -27.32 3.38
N LEU E 418 28.60 -26.85 3.07
CA LEU E 418 27.53 -26.67 4.05
C LEU E 418 26.70 -27.91 4.38
N GLY E 419 26.64 -28.86 3.46
CA GLY E 419 25.79 -30.04 3.64
C GLY E 419 24.33 -29.78 3.30
N CYS E 420 24.01 -28.55 2.86
CA CYS E 420 22.66 -28.15 2.51
C CYS E 420 22.72 -26.80 1.76
N LEU E 421 21.59 -26.38 1.19
CA LEU E 421 21.48 -25.12 0.50
C LEU E 421 20.24 -24.42 1.05
N PRO E 422 20.41 -23.65 2.13
CA PRO E 422 19.23 -22.99 2.73
C PRO E 422 18.63 -21.90 1.86
N VAL E 423 17.30 -21.78 1.88
CA VAL E 423 16.55 -20.71 1.20
C VAL E 423 15.65 -20.01 2.21
N VAL E 424 15.32 -18.74 1.96
CA VAL E 424 14.41 -18.02 2.84
C VAL E 424 13.01 -18.15 2.28
N LEU E 425 12.03 -18.57 3.10
CA LEU E 425 10.65 -18.67 2.63
C LEU E 425 9.79 -17.81 3.52
N ALA E 426 9.00 -16.90 2.93
CA ALA E 426 8.13 -16.01 3.70
C ALA E 426 7.13 -16.77 4.54
N VAL E 427 7.01 -16.40 5.82
CA VAL E 427 6.09 -16.99 6.78
C VAL E 427 4.64 -16.68 6.38
N VAL E 428 4.40 -15.46 5.88
CA VAL E 428 3.08 -15.06 5.42
C VAL E 428 3.06 -15.06 3.88
N PRO E 429 2.13 -15.81 3.26
CA PRO E 429 2.05 -15.81 1.80
C PRO E 429 1.15 -14.67 1.29
N ARG F 5 -32.18 -10.02 -22.74
CA ARG F 5 -33.27 -9.14 -22.31
C ARG F 5 -33.08 -7.69 -22.80
N ASN F 6 -32.61 -7.52 -24.04
CA ASN F 6 -32.40 -6.22 -24.66
C ASN F 6 -33.75 -5.65 -25.12
N PHE F 7 -33.94 -4.34 -24.96
CA PHE F 7 -35.17 -3.70 -25.40
C PHE F 7 -34.89 -2.39 -26.15
N THR F 8 -35.81 -1.97 -26.99
CA THR F 8 -35.65 -0.79 -27.81
C THR F 8 -36.64 0.31 -27.45
N VAL F 9 -36.19 1.57 -27.42
CA VAL F 9 -37.04 2.72 -27.13
C VAL F 9 -36.82 3.84 -28.17
N ALA F 10 -37.80 4.71 -28.34
CA ALA F 10 -37.69 5.88 -29.21
C ALA F 10 -38.39 7.04 -28.47
N ILE F 11 -37.78 8.22 -28.46
CA ILE F 11 -38.32 9.34 -27.70
C ILE F 11 -39.20 10.28 -28.54
N VAL F 12 -38.72 10.72 -29.70
CA VAL F 12 -39.50 11.62 -30.56
C VAL F 12 -39.58 11.07 -32.00
N PRO F 13 -40.65 11.40 -32.77
CA PRO F 13 -40.75 10.88 -34.14
C PRO F 13 -39.60 11.37 -35.02
N GLY F 14 -39.14 10.53 -35.94
CA GLY F 14 -38.04 10.88 -36.84
C GLY F 14 -36.65 10.69 -36.28
N ASP F 15 -36.53 10.45 -34.98
CA ASP F 15 -35.26 10.24 -34.31
C ASP F 15 -34.87 8.75 -34.28
N PRO F 16 -33.61 8.40 -33.99
CA PRO F 16 -33.24 6.98 -33.94
C PRO F 16 -33.82 6.25 -32.73
N HIS F 17 -33.92 4.93 -32.86
CA HIS F 17 -34.33 4.04 -31.78
C HIS F 17 -33.07 3.64 -31.02
N PHE F 18 -33.15 3.49 -29.71
CA PHE F 18 -32.02 3.11 -28.88
C PHE F 18 -32.23 1.71 -28.34
N SER F 19 -31.25 0.82 -28.55
CA SER F 19 -31.33 -0.53 -28.00
C SER F 19 -30.51 -0.52 -26.74
N VAL F 20 -31.10 -0.88 -25.61
CA VAL F 20 -30.39 -0.90 -24.34
C VAL F 20 -30.56 -2.25 -23.63
N ASP F 21 -29.66 -2.56 -22.71
CA ASP F 21 -29.75 -3.79 -21.92
C ASP F 21 -30.77 -3.61 -20.80
N ARG F 22 -30.71 -2.45 -20.09
CA ARG F 22 -31.57 -2.19 -18.94
C ARG F 22 -32.01 -0.72 -18.80
N ASP F 23 -31.08 0.24 -18.95
CA ASP F 23 -31.36 1.64 -18.66
C ASP F 23 -30.73 2.58 -19.70
N LEU F 24 -31.56 3.40 -20.36
CA LEU F 24 -31.06 4.36 -21.35
C LEU F 24 -30.09 5.39 -20.76
N ARG F 25 -30.45 6.08 -19.65
CA ARG F 25 -29.57 7.07 -19.03
C ARG F 25 -28.24 6.45 -18.57
N GLY F 26 -28.32 5.28 -17.95
CA GLY F 26 -27.14 4.60 -17.43
C GLY F 26 -26.19 4.09 -18.49
N GLU F 27 -26.72 3.81 -19.69
CA GLU F 27 -25.90 3.32 -20.78
C GLU F 27 -25.47 4.40 -21.76
N LEU F 28 -26.17 5.51 -21.81
CA LEU F 28 -25.84 6.61 -22.70
C LEU F 28 -24.73 7.49 -22.14
N MET F 29 -24.85 7.94 -20.86
CA MET F 29 -23.89 8.86 -20.23
C MET F 29 -22.45 8.40 -20.25
N PRO F 30 -22.06 7.15 -19.93
CA PRO F 30 -20.64 6.78 -19.98
C PRO F 30 -20.00 6.95 -21.35
N THR F 31 -20.77 6.79 -22.43
CA THR F 31 -20.26 6.94 -23.79
C THR F 31 -19.79 8.35 -24.11
N LEU F 32 -20.15 9.35 -23.28
CA LEU F 32 -19.76 10.74 -23.47
C LEU F 32 -18.36 11.08 -22.91
N TYR F 33 -17.73 10.13 -22.22
CA TYR F 33 -16.41 10.31 -21.62
C TYR F 33 -15.36 9.47 -22.33
N MET F 34 -15.54 9.19 -23.61
CA MET F 34 -14.65 8.32 -24.37
C MET F 34 -13.80 9.05 -25.42
N ASN F 35 -13.81 10.39 -25.40
CA ASN F 35 -13.07 11.23 -26.34
C ASN F 35 -12.50 12.41 -25.53
N GLN F 36 -11.93 12.13 -24.34
CA GLN F 36 -11.49 13.14 -23.39
C GLN F 36 -10.40 14.08 -23.89
N ASN F 37 -9.73 13.73 -24.99
CA ASN F 37 -8.73 14.61 -25.60
C ASN F 37 -9.38 15.71 -26.44
N GLN F 38 -10.61 15.49 -26.95
CA GLN F 38 -11.27 16.45 -27.82
C GLN F 38 -12.45 17.17 -27.22
N TRP F 39 -13.27 16.48 -26.41
CA TRP F 39 -14.43 17.11 -25.81
C TRP F 39 -14.91 16.42 -24.54
N LEU F 40 -15.65 17.16 -23.72
CA LEU F 40 -16.24 16.66 -22.48
C LEU F 40 -17.70 17.14 -22.41
N PRO F 41 -18.61 16.34 -21.80
CA PRO F 41 -20.01 16.76 -21.72
C PRO F 41 -20.30 17.87 -20.70
N SER F 42 -21.36 18.65 -20.93
CA SER F 42 -21.83 19.70 -20.02
C SER F 42 -23.35 19.50 -19.91
N PHE F 43 -23.90 19.51 -18.70
CA PHE F 43 -25.30 19.15 -18.50
C PHE F 43 -26.26 20.32 -18.17
N GLY F 44 -25.83 21.56 -18.35
CA GLY F 44 -26.73 22.70 -18.15
C GLY F 44 -26.49 23.50 -16.90
N PRO F 45 -27.12 24.69 -16.82
CA PRO F 45 -26.91 25.58 -15.66
C PRO F 45 -27.11 24.95 -14.28
N TRP F 46 -28.16 24.17 -14.07
CA TRP F 46 -28.45 23.53 -12.79
C TRP F 46 -27.35 22.54 -12.42
N PHE F 47 -26.86 21.75 -13.40
CA PHE F 47 -25.77 20.81 -13.12
C PHE F 47 -24.42 21.50 -12.96
N ILE F 48 -24.22 22.67 -13.59
CA ILE F 48 -23.01 23.46 -13.41
C ILE F 48 -22.99 23.99 -11.97
N SER F 49 -24.14 24.49 -11.48
CA SER F 49 -24.29 24.98 -10.11
C SER F 49 -24.14 23.83 -9.12
N LEU F 50 -24.68 22.64 -9.45
CA LEU F 50 -24.58 21.44 -8.62
C LEU F 50 -23.11 21.06 -8.48
N THR F 51 -22.36 21.06 -9.59
CA THR F 51 -20.95 20.68 -9.61
C THR F 51 -20.14 21.68 -8.80
N ASP F 52 -20.43 22.98 -8.94
CA ASP F 52 -19.77 24.05 -8.17
C ASP F 52 -19.98 23.82 -6.68
N ASN F 53 -21.24 23.53 -6.27
CA ASN F 53 -21.61 23.31 -4.88
C ASN F 53 -21.01 22.04 -4.32
N ALA F 54 -21.07 20.94 -5.05
CA ALA F 54 -20.53 19.65 -4.64
C ALA F 54 -19.05 19.73 -4.31
N MET F 55 -18.26 20.48 -5.11
CA MET F 55 -16.82 20.59 -4.87
C MET F 55 -16.47 21.44 -3.65
N GLN F 56 -17.43 22.29 -3.18
CA GLN F 56 -17.24 23.16 -2.01
C GLN F 56 -17.67 22.47 -0.71
N ARG F 57 -18.55 21.45 -0.79
CA ARG F 57 -19.05 20.73 0.37
C ARG F 57 -17.95 20.14 1.23
N ARG F 58 -17.98 20.42 2.54
CA ARG F 58 -17.03 19.83 3.49
C ARG F 58 -17.30 18.32 3.58
N VAL F 59 -18.57 17.92 3.64
CA VAL F 59 -18.95 16.52 3.70
C VAL F 59 -19.54 16.12 2.36
N PHE F 60 -18.73 15.42 1.54
CA PHE F 60 -19.12 14.96 0.20
C PHE F 60 -18.23 13.76 -0.19
N PRO F 61 -18.78 12.70 -0.83
CA PRO F 61 -17.94 11.54 -1.18
C PRO F 61 -16.76 11.88 -2.09
N LYS F 62 -15.55 11.48 -1.69
CA LYS F 62 -14.32 11.76 -2.44
C LYS F 62 -14.32 11.18 -3.85
N GLU F 63 -14.96 10.02 -4.07
CA GLU F 63 -15.00 9.42 -5.41
C GLU F 63 -15.78 10.24 -6.42
N LEU F 64 -16.65 11.15 -5.94
CA LEU F 64 -17.43 12.03 -6.81
C LEU F 64 -16.73 13.35 -7.11
N LYS F 65 -15.48 13.55 -6.61
CA LYS F 65 -14.72 14.78 -6.80
C LYS F 65 -13.57 14.65 -7.82
N GLY F 66 -13.77 13.86 -8.88
CA GLY F 66 -12.77 13.65 -9.91
C GLY F 66 -12.41 14.90 -10.70
N THR F 67 -11.24 14.89 -11.40
CA THR F 67 -10.74 16.04 -12.16
C THR F 67 -11.69 16.60 -13.22
N VAL F 68 -12.54 15.77 -13.82
CA VAL F 68 -13.46 16.21 -14.85
C VAL F 68 -14.42 17.30 -14.34
N ASN F 69 -14.71 17.32 -13.01
CA ASN F 69 -15.56 18.34 -12.40
C ASN F 69 -14.98 19.76 -12.51
N PHE F 70 -13.65 19.86 -12.61
CA PHE F 70 -12.92 21.11 -12.70
C PHE F 70 -12.52 21.48 -14.13
N GLN F 71 -13.10 20.80 -15.14
CA GLN F 71 -12.76 21.01 -16.54
C GLN F 71 -14.03 21.32 -17.35
N ASN F 72 -14.85 22.25 -16.84
CA ASN F 72 -16.09 22.69 -17.46
C ASN F 72 -17.01 21.51 -17.77
N SER F 73 -17.11 20.60 -16.81
CA SER F 73 -17.89 19.39 -16.98
C SER F 73 -18.29 18.85 -15.59
N THR F 74 -18.87 17.67 -15.54
CA THR F 74 -19.24 16.96 -14.34
C THR F 74 -18.69 15.56 -14.56
N SER F 75 -18.01 14.99 -13.56
CA SER F 75 -17.46 13.64 -13.69
C SER F 75 -18.56 12.61 -13.91
N LEU F 76 -18.22 11.48 -14.57
CA LEU F 76 -19.20 10.42 -14.82
C LEU F 76 -19.79 9.89 -13.53
N LYS F 77 -18.98 9.73 -12.49
CA LYS F 77 -19.46 9.25 -11.20
C LYS F 77 -20.48 10.22 -10.59
N LEU F 78 -20.21 11.53 -10.63
CA LEU F 78 -21.15 12.50 -10.08
C LEU F 78 -22.46 12.58 -10.87
N ILE F 79 -22.40 12.68 -12.21
CA ILE F 79 -23.62 12.77 -13.02
C ILE F 79 -24.49 11.48 -12.95
N SER F 80 -23.86 10.28 -12.98
CA SER F 80 -24.62 9.04 -12.92
C SER F 80 -25.22 8.79 -11.56
N HIS F 81 -24.49 9.11 -10.47
CA HIS F 81 -25.03 8.95 -9.12
C HIS F 81 -26.14 9.97 -8.86
N THR F 82 -26.03 11.18 -9.42
CA THR F 82 -27.08 12.20 -9.27
C THR F 82 -28.34 11.74 -9.99
N LEU F 83 -28.23 11.34 -11.25
CA LEU F 83 -29.37 10.87 -12.03
C LEU F 83 -29.99 9.61 -11.44
N THR F 84 -29.18 8.70 -10.88
CA THR F 84 -29.71 7.48 -10.24
C THR F 84 -30.51 7.87 -9.00
N THR F 85 -30.02 8.85 -8.22
CA THR F 85 -30.69 9.34 -7.02
C THR F 85 -32.05 9.93 -7.38
N VAL F 86 -32.11 10.73 -8.45
CA VAL F 86 -33.35 11.34 -8.93
C VAL F 86 -34.31 10.26 -9.42
N ALA F 87 -33.81 9.28 -10.18
CA ALA F 87 -34.61 8.17 -10.70
C ALA F 87 -35.18 7.27 -9.59
N SER F 88 -34.57 7.29 -8.40
CA SER F 88 -35.07 6.48 -7.29
C SER F 88 -35.98 7.25 -6.35
N THR F 89 -36.37 8.51 -6.67
CA THR F 89 -37.20 9.34 -5.81
C THR F 89 -38.46 8.65 -5.33
N THR F 90 -39.24 8.07 -6.24
CA THR F 90 -40.47 7.41 -5.87
C THR F 90 -40.37 5.88 -5.85
N ALA F 91 -39.16 5.34 -5.65
CA ALA F 91 -38.99 3.90 -5.54
C ALA F 91 -39.46 3.45 -4.16
N ASP F 92 -40.05 2.26 -4.08
CA ASP F 92 -40.57 1.75 -2.82
C ASP F 92 -39.47 1.08 -2.01
N PHE F 93 -39.19 1.60 -0.82
CA PHE F 93 -38.18 1.01 0.05
C PHE F 93 -38.78 0.28 1.26
N PHE F 94 -40.12 0.25 1.38
CA PHE F 94 -40.80 -0.53 2.43
C PHE F 94 -40.96 -1.92 1.82
N ALA F 95 -40.46 -2.97 2.47
CA ALA F 95 -40.64 -4.32 1.91
C ALA F 95 -42.03 -4.79 2.31
N ASP F 96 -43.08 -4.34 1.57
CA ASP F 96 -44.45 -4.71 1.92
C ASP F 96 -45.23 -5.34 0.77
N ALA F 97 -45.86 -6.48 1.03
CA ALA F 97 -46.66 -7.23 0.04
C ALA F 97 -47.96 -6.50 -0.34
N ARG F 98 -48.46 -5.60 0.52
CA ARG F 98 -49.66 -4.81 0.25
C ARG F 98 -49.38 -3.63 -0.70
N HIS F 99 -48.10 -3.36 -1.02
CA HIS F 99 -47.69 -2.24 -1.85
C HIS F 99 -47.58 -2.51 -3.34
N LEU F 100 -48.09 -1.56 -4.10
CA LEU F 100 -47.95 -1.49 -5.55
C LEU F 100 -46.81 -0.48 -5.80
N THR F 101 -46.23 -0.45 -7.01
CA THR F 101 -45.29 0.63 -7.34
C THR F 101 -46.17 1.87 -7.58
N ASP F 102 -45.60 3.08 -7.42
CA ASP F 102 -46.41 4.29 -7.62
C ASP F 102 -46.95 4.38 -9.06
N THR F 103 -46.20 3.87 -10.05
CA THR F 103 -46.63 3.82 -11.45
C THR F 103 -47.85 2.90 -11.59
N GLN F 104 -47.82 1.72 -10.97
CA GLN F 104 -48.92 0.76 -11.02
C GLN F 104 -50.16 1.33 -10.35
N ALA F 105 -49.99 2.02 -9.23
CA ALA F 105 -51.11 2.64 -8.52
C ALA F 105 -51.70 3.79 -9.33
N ALA F 106 -50.86 4.59 -10.01
CA ALA F 106 -51.30 5.68 -10.86
C ALA F 106 -52.06 5.15 -12.07
N LEU F 107 -51.59 4.02 -12.64
CA LEU F 107 -52.24 3.40 -13.79
C LEU F 107 -53.59 2.80 -13.39
N CYS F 108 -53.70 2.25 -12.18
CA CYS F 108 -54.97 1.71 -11.70
C CYS F 108 -55.97 2.83 -11.50
N LEU F 109 -55.52 3.98 -10.97
CA LEU F 109 -56.38 5.14 -10.75
C LEU F 109 -56.91 5.74 -12.07
N VAL F 110 -56.01 6.02 -13.03
CA VAL F 110 -56.41 6.60 -14.31
C VAL F 110 -57.27 5.63 -15.13
N ASN F 111 -57.06 4.31 -14.98
CA ASN F 111 -57.85 3.31 -15.70
C ASN F 111 -59.22 3.14 -15.08
N ALA F 112 -59.31 3.19 -13.74
CA ALA F 112 -60.60 3.09 -13.06
C ALA F 112 -61.44 4.33 -13.37
N TYR F 113 -60.81 5.51 -13.42
CA TYR F 113 -61.48 6.75 -13.73
C TYR F 113 -62.03 6.72 -15.16
N PHE F 114 -61.26 6.17 -16.10
CA PHE F 114 -61.63 6.06 -17.50
C PHE F 114 -62.82 5.12 -17.67
N CYS F 115 -62.83 4.00 -16.92
CA CYS F 115 -63.95 3.05 -17.00
C CYS F 115 -65.22 3.63 -16.39
N GLN F 116 -65.07 4.43 -15.34
CA GLN F 116 -66.20 5.08 -14.67
C GLN F 116 -66.82 6.14 -15.59
N LYS F 117 -65.99 6.90 -16.32
CA LYS F 117 -66.48 7.98 -17.18
C LYS F 117 -66.86 7.55 -18.59
N THR F 118 -66.31 6.44 -19.10
CA THR F 118 -66.61 5.97 -20.45
C THR F 118 -67.30 4.57 -20.44
N SER F 119 -67.72 4.06 -21.60
CA SER F 119 -68.30 2.73 -21.71
C SER F 119 -67.24 1.63 -21.77
N ARG F 120 -65.97 1.93 -21.51
CA ARG F 120 -64.91 0.97 -21.72
C ARG F 120 -64.78 -0.12 -20.67
N GLN F 121 -64.63 -1.35 -21.16
CA GLN F 121 -64.43 -2.56 -20.39
C GLN F 121 -63.24 -2.41 -19.45
N LEU F 122 -63.35 -2.93 -18.22
CA LEU F 122 -62.28 -2.89 -17.21
C LEU F 122 -61.01 -3.56 -17.76
N PRO F 123 -59.80 -2.99 -17.53
CA PRO F 123 -58.58 -3.61 -18.06
C PRO F 123 -58.39 -5.02 -17.51
N ALA F 124 -57.96 -5.97 -18.35
CA ALA F 124 -57.78 -7.35 -17.92
C ALA F 124 -56.33 -7.67 -17.57
N THR F 125 -55.38 -7.21 -18.40
CA THR F 125 -53.95 -7.47 -18.22
C THR F 125 -53.19 -6.17 -17.97
N PRO F 126 -51.97 -6.22 -17.42
CA PRO F 126 -51.19 -4.99 -17.23
C PRO F 126 -50.91 -4.23 -18.54
N ASP F 127 -50.97 -4.91 -19.69
CA ASP F 127 -50.80 -4.27 -21.00
C ASP F 127 -52.00 -3.38 -21.32
N ASP F 128 -53.22 -3.80 -20.91
CA ASP F 128 -54.45 -3.04 -21.08
C ASP F 128 -54.43 -1.73 -20.28
N LEU F 129 -53.68 -1.68 -19.16
CA LEU F 129 -53.51 -0.47 -18.34
C LEU F 129 -52.81 0.61 -19.16
N LEU F 130 -51.81 0.21 -19.96
CA LEU F 130 -51.03 1.13 -20.77
C LEU F 130 -51.62 1.43 -22.15
N ALA F 131 -52.54 0.59 -22.63
CA ALA F 131 -53.19 0.79 -23.91
C ALA F 131 -54.00 2.07 -23.86
N ASP F 132 -53.81 2.97 -24.84
CA ASP F 132 -54.52 4.24 -24.93
C ASP F 132 -54.28 5.14 -23.72
N LEU F 133 -53.07 5.10 -23.16
CA LEU F 133 -52.69 5.94 -22.04
C LEU F 133 -52.84 7.45 -22.35
N PRO F 134 -52.47 7.97 -23.56
CA PRO F 134 -52.70 9.39 -23.84
C PRO F 134 -54.17 9.78 -23.73
N GLN F 135 -55.07 8.92 -24.21
CA GLN F 135 -56.52 9.15 -24.19
C GLN F 135 -57.06 9.08 -22.76
N LYS F 136 -56.53 8.16 -21.94
CA LYS F 136 -56.94 8.00 -20.56
C LYS F 136 -56.51 9.21 -19.72
N LEU F 137 -55.29 9.72 -19.97
CA LEU F 137 -54.76 10.89 -19.28
C LEU F 137 -55.50 12.15 -19.73
N ASP F 138 -55.75 12.28 -21.03
CA ASP F 138 -56.47 13.42 -21.59
C ASP F 138 -57.87 13.58 -20.99
N LEU F 139 -58.57 12.46 -20.73
CA LEU F 139 -59.90 12.53 -20.12
C LEU F 139 -59.81 13.03 -18.68
N LEU F 140 -58.85 12.50 -17.89
CA LEU F 140 -58.68 12.87 -16.50
C LEU F 140 -58.29 14.34 -16.36
N ILE F 141 -57.35 14.81 -17.21
CA ILE F 141 -56.88 16.19 -17.20
C ILE F 141 -57.96 17.20 -17.59
N THR F 142 -58.73 16.96 -18.67
CA THR F 142 -59.79 17.90 -19.06
C THR F 142 -60.88 18.02 -17.99
N GLN F 143 -61.09 16.98 -17.19
CA GLN F 143 -62.06 17.03 -16.10
C GLN F 143 -61.47 17.75 -14.90
N LEU F 144 -60.16 17.58 -14.64
CA LEU F 144 -59.44 18.24 -13.57
C LEU F 144 -59.39 19.76 -13.81
N LYS F 145 -59.29 20.19 -15.07
CA LYS F 145 -59.29 21.62 -15.40
C LYS F 145 -60.64 22.27 -15.07
N GLN F 146 -61.75 21.50 -15.17
CA GLN F 146 -63.09 21.95 -14.82
C GLN F 146 -63.38 21.91 -13.31
N GLU F 147 -62.44 21.40 -12.50
CA GLU F 147 -62.61 21.32 -11.04
C GLU F 147 -62.42 22.69 -10.41
N SER F 148 -63.53 23.38 -10.22
CA SER F 148 -63.52 24.70 -9.60
C SER F 148 -63.49 24.58 -8.07
N GLY F 149 -63.16 25.66 -7.39
CA GLY F 149 -63.16 25.70 -5.93
C GLY F 149 -61.81 25.79 -5.28
N PRO F 150 -61.78 25.93 -3.95
CA PRO F 150 -60.49 26.01 -3.25
C PRO F 150 -59.80 24.67 -3.13
N GLY F 151 -58.52 24.71 -2.80
CA GLY F 151 -57.72 23.50 -2.70
C GLY F 151 -56.60 23.50 -3.71
N ASP F 152 -55.58 22.70 -3.45
CA ASP F 152 -54.43 22.61 -4.32
C ASP F 152 -54.05 21.12 -4.55
N PHE F 153 -52.76 20.79 -4.75
CA PHE F 153 -52.33 19.42 -4.96
C PHE F 153 -51.39 18.99 -3.83
N SER F 154 -51.74 19.36 -2.60
CA SER F 154 -50.92 19.07 -1.43
C SER F 154 -51.65 18.22 -0.41
N PHE F 155 -50.88 17.50 0.42
CA PHE F 155 -51.43 16.70 1.50
C PHE F 155 -51.41 17.54 2.77
N THR F 156 -52.44 17.42 3.58
CA THR F 156 -52.57 18.22 4.79
C THR F 156 -52.02 17.51 6.02
N TYR F 157 -50.97 18.07 6.60
CA TYR F 157 -50.35 17.53 7.79
C TYR F 157 -50.73 18.41 8.99
N SER F 158 -51.04 17.80 10.13
CA SER F 158 -51.40 18.55 11.33
C SER F 158 -50.41 18.30 12.48
N ASN F 159 -49.14 17.99 12.14
CA ASN F 159 -48.11 17.66 13.11
C ASN F 159 -46.76 17.54 12.38
N PRO F 160 -45.66 18.05 12.96
CA PRO F 160 -44.36 17.95 12.27
C PRO F 160 -43.83 16.52 12.14
N GLN F 161 -44.13 15.66 13.14
CA GLN F 161 -43.73 14.25 13.12
C GLN F 161 -44.49 13.48 12.03
N GLU F 162 -45.74 13.88 11.76
CA GLU F 162 -46.60 13.34 10.72
C GLU F 162 -46.02 13.68 9.34
N ARG F 163 -45.48 14.90 9.19
CA ARG F 163 -44.85 15.39 7.96
C ARG F 163 -43.55 14.62 7.66
N ALA F 164 -42.81 14.21 8.70
CA ALA F 164 -41.55 13.47 8.54
C ALA F 164 -41.71 11.97 8.23
N SER F 165 -42.94 11.50 8.02
CA SER F 165 -43.18 10.09 7.73
C SER F 165 -43.95 9.93 6.41
N LEU F 166 -43.57 8.95 5.58
CA LEU F 166 -44.28 8.70 4.33
C LEU F 166 -45.54 7.90 4.61
N ALA F 167 -45.43 6.89 5.46
CA ALA F 167 -46.56 6.04 5.86
C ALA F 167 -47.28 6.66 7.08
N PRO F 168 -48.55 6.27 7.36
CA PRO F 168 -49.25 6.82 8.52
C PRO F 168 -48.55 6.47 9.82
N LEU F 169 -48.61 7.35 10.83
CA LEU F 169 -47.94 7.11 12.10
C LEU F 169 -48.53 5.96 12.89
N ASN F 170 -47.72 5.36 13.78
CA ASN F 170 -48.09 4.26 14.68
C ASN F 170 -48.55 3.00 13.93
N LYS F 171 -47.93 2.74 12.76
CA LYS F 171 -48.20 1.61 11.87
C LYS F 171 -49.67 1.47 11.48
N GLU F 172 -50.36 2.60 11.28
CA GLU F 172 -51.76 2.60 10.87
C GLU F 172 -51.92 2.44 9.36
N SER F 173 -53.05 1.87 8.92
CA SER F 173 -53.32 1.65 7.50
C SER F 173 -53.92 2.88 6.81
N ARG F 174 -54.53 3.79 7.56
CA ARG F 174 -55.12 4.99 6.99
C ARG F 174 -54.47 6.28 7.49
N TYR F 175 -54.45 7.30 6.64
CA TYR F 175 -53.96 8.62 7.02
C TYR F 175 -55.09 9.38 7.74
N PRO F 176 -54.77 10.36 8.61
CA PRO F 176 -55.85 11.11 9.29
C PRO F 176 -56.85 11.75 8.33
N THR F 177 -58.06 11.99 8.80
CA THR F 177 -59.16 12.54 8.00
C THR F 177 -58.79 13.76 7.13
N ALA F 178 -58.02 14.70 7.67
CA ALA F 178 -57.66 15.92 6.94
C ALA F 178 -56.66 15.75 5.80
N PHE F 179 -55.87 14.67 5.81
CA PHE F 179 -54.79 14.39 4.85
C PHE F 179 -55.11 14.69 3.37
N PHE F 180 -56.17 14.10 2.81
CA PHE F 180 -56.50 14.30 1.41
C PHE F 180 -57.55 15.38 1.13
N GLN F 181 -58.11 16.00 2.19
CA GLN F 181 -59.20 16.98 2.09
C GLN F 181 -58.95 18.20 1.19
N ARG F 182 -57.70 18.65 1.08
CA ARG F 182 -57.38 19.81 0.24
C ARG F 182 -56.85 19.46 -1.16
N HIS F 183 -56.70 18.16 -1.47
CA HIS F 183 -56.17 17.73 -2.77
C HIS F 183 -57.26 17.64 -3.83
N LYS F 184 -57.19 18.50 -4.87
CA LYS F 184 -58.16 18.56 -5.97
C LYS F 184 -58.27 17.27 -6.78
N LEU F 185 -57.14 16.60 -7.03
CA LEU F 185 -57.13 15.36 -7.80
C LEU F 185 -57.80 14.24 -7.00
N HIS F 186 -57.54 14.17 -5.70
CA HIS F 186 -58.17 13.15 -4.84
C HIS F 186 -59.67 13.43 -4.78
N ALA F 187 -60.07 14.69 -4.59
CA ALA F 187 -61.47 15.09 -4.50
C ALA F 187 -62.26 14.77 -5.76
N MET F 188 -61.65 14.96 -6.94
CA MET F 188 -62.33 14.66 -8.19
C MET F 188 -62.58 13.17 -8.35
N MET F 189 -61.57 12.34 -8.02
CA MET F 189 -61.69 10.89 -8.11
C MET F 189 -62.64 10.33 -7.05
N ALA F 190 -62.69 10.96 -5.87
CA ALA F 190 -63.58 10.53 -4.80
C ALA F 190 -65.04 10.81 -5.19
N LYS F 191 -65.29 11.97 -5.80
CA LYS F 191 -66.64 12.35 -6.28
C LYS F 191 -67.09 11.41 -7.40
N ALA F 192 -66.16 10.91 -8.22
CA ALA F 192 -66.46 9.96 -9.29
C ALA F 192 -66.79 8.54 -8.80
N GLY F 193 -66.59 8.26 -7.51
CA GLY F 193 -66.91 6.96 -6.94
C GLY F 193 -65.74 6.02 -6.74
N LEU F 194 -64.52 6.47 -7.07
CA LEU F 194 -63.33 5.64 -6.89
C LEU F 194 -62.98 5.50 -5.39
N PHE F 195 -62.24 4.44 -5.04
CA PHE F 195 -61.80 4.10 -3.68
C PHE F 195 -62.85 4.37 -2.57
N PRO F 196 -64.02 3.68 -2.58
CA PRO F 196 -65.01 3.93 -1.52
C PRO F 196 -64.75 3.13 -0.24
N HIS F 197 -65.31 3.59 0.89
CA HIS F 197 -65.13 2.91 2.17
C HIS F 197 -66.27 1.92 2.40
N ASN F 198 -65.95 0.63 2.57
CA ASN F 198 -66.98 -0.39 2.81
C ASN F 198 -66.83 -1.06 4.16
N ALA F 209 -70.66 -0.80 -2.14
CA ALA F 209 -70.21 0.15 -3.16
C ALA F 209 -69.08 -0.41 -4.03
N MET F 210 -69.32 -0.50 -5.35
CA MET F 210 -68.36 -1.00 -6.34
C MET F 210 -67.05 -0.24 -6.33
N ASP F 211 -65.94 -0.97 -6.18
CA ASP F 211 -64.60 -0.39 -6.18
C ASP F 211 -63.88 -0.85 -7.45
N LEU F 212 -63.83 0.02 -8.46
CA LEU F 212 -63.17 -0.31 -9.73
C LEU F 212 -61.67 -0.52 -9.56
N VAL F 213 -61.02 0.26 -8.68
CA VAL F 213 -59.57 0.12 -8.45
C VAL F 213 -59.26 -1.27 -7.87
N PHE F 214 -60.05 -1.72 -6.89
CA PHE F 214 -59.87 -3.03 -6.26
C PHE F 214 -60.13 -4.18 -7.24
N ALA F 215 -61.05 -3.99 -8.19
CA ALA F 215 -61.32 -5.00 -9.21
C ALA F 215 -60.10 -5.14 -10.14
N ILE F 216 -59.40 -4.03 -10.44
CA ILE F 216 -58.20 -4.03 -11.27
C ILE F 216 -57.02 -4.65 -10.52
N THR F 217 -56.77 -4.21 -9.28
CA THR F 217 -55.65 -4.72 -8.48
C THR F 217 -55.77 -6.22 -8.17
N SER F 218 -56.97 -6.69 -7.84
CA SER F 218 -57.17 -8.12 -7.55
C SER F 218 -57.12 -9.02 -8.80
N ALA F 219 -57.18 -8.44 -10.01
CA ALA F 219 -57.12 -9.22 -11.24
C ALA F 219 -55.69 -9.29 -11.80
N MET F 220 -54.84 -8.28 -11.53
CA MET F 220 -53.49 -8.26 -12.08
C MET F 220 -52.37 -8.30 -11.07
N PHE F 221 -52.59 -7.72 -9.89
CA PHE F 221 -51.53 -7.62 -8.88
C PHE F 221 -51.74 -8.51 -7.65
N GLY F 222 -52.61 -9.51 -7.76
CA GLY F 222 -52.86 -10.43 -6.67
C GLY F 222 -53.80 -9.95 -5.58
N SER F 223 -54.15 -10.87 -4.67
CA SER F 223 -55.06 -10.64 -3.55
C SER F 223 -54.44 -9.82 -2.40
N ASP F 224 -53.10 -9.69 -2.37
CA ASP F 224 -52.43 -8.96 -1.29
C ASP F 224 -52.67 -7.46 -1.29
N ILE F 225 -53.02 -6.87 -2.45
CA ILE F 225 -53.26 -5.42 -2.52
C ILE F 225 -54.64 -5.09 -1.93
N PRO F 226 -54.67 -4.37 -0.81
CA PRO F 226 -55.96 -4.03 -0.19
C PRO F 226 -56.68 -2.87 -0.89
N PRO F 227 -57.98 -2.64 -0.62
CA PRO F 227 -58.66 -1.48 -1.23
C PRO F 227 -57.96 -0.17 -0.86
N PHE F 228 -57.85 0.76 -1.81
CA PHE F 228 -57.14 2.03 -1.61
C PHE F 228 -57.65 2.86 -0.43
N SER F 229 -58.94 2.73 -0.08
CA SER F 229 -59.50 3.46 1.05
C SER F 229 -59.13 2.82 2.40
N ALA F 230 -58.90 1.50 2.41
CA ALA F 230 -58.52 0.75 3.62
C ALA F 230 -57.02 0.87 3.92
N TYR F 231 -56.16 0.74 2.88
CA TYR F 231 -54.72 0.87 3.02
C TYR F 231 -54.33 2.02 2.07
N GLN F 232 -54.24 3.22 2.63
CA GLN F 232 -54.09 4.45 1.86
C GLN F 232 -52.70 4.81 1.35
N TRP F 233 -51.66 3.98 1.58
CA TRP F 233 -50.33 4.28 1.03
C TRP F 233 -50.38 4.24 -0.49
N ASN F 234 -51.03 3.21 -1.05
CA ASN F 234 -51.14 3.08 -2.50
C ASN F 234 -51.90 4.24 -3.14
N LEU F 235 -52.87 4.82 -2.42
CA LEU F 235 -53.62 5.96 -2.91
C LEU F 235 -52.73 7.21 -2.95
N ARG F 236 -51.93 7.43 -1.88
CA ARG F 236 -51.02 8.57 -1.82
C ARG F 236 -49.90 8.46 -2.86
N ALA F 237 -49.27 7.28 -2.99
CA ALA F 237 -48.21 7.06 -3.96
C ALA F 237 -48.72 7.16 -5.39
N GLY F 238 -49.92 6.62 -5.62
CA GLY F 238 -50.56 6.66 -6.93
C GLY F 238 -50.95 8.06 -7.38
N ILE F 239 -51.44 8.89 -6.44
CA ILE F 239 -51.82 10.27 -6.73
C ILE F 239 -50.60 11.06 -7.18
N VAL F 240 -49.48 10.93 -6.45
CA VAL F 240 -48.24 11.64 -6.77
C VAL F 240 -47.66 11.20 -8.11
N ALA F 241 -47.67 9.89 -8.42
CA ALA F 241 -47.19 9.41 -9.71
C ALA F 241 -48.11 9.89 -10.84
N LEU F 242 -49.42 9.98 -10.58
CA LEU F 242 -50.39 10.47 -11.54
C LEU F 242 -50.13 11.94 -11.86
N GLU F 243 -49.70 12.74 -10.86
CA GLU F 243 -49.33 14.15 -11.03
C GLU F 243 -48.15 14.28 -12.01
N VAL F 244 -47.19 13.35 -11.94
CA VAL F 244 -46.03 13.33 -12.84
C VAL F 244 -46.48 13.04 -14.28
N PHE F 245 -47.37 12.06 -14.46
CA PHE F 245 -47.92 11.73 -15.78
C PHE F 245 -48.75 12.90 -16.35
N ILE F 246 -49.50 13.60 -15.49
CA ILE F 246 -50.32 14.75 -15.88
C ILE F 246 -49.43 15.88 -16.38
N LEU F 247 -48.33 16.16 -15.64
CA LEU F 247 -47.38 17.19 -16.02
C LEU F 247 -46.67 16.82 -17.32
N ALA F 248 -46.34 15.54 -17.51
CA ALA F 248 -45.70 15.08 -18.75
C ALA F 248 -46.63 15.25 -19.95
N TYR F 249 -47.92 14.90 -19.78
CA TYR F 249 -48.89 15.04 -20.86
C TYR F 249 -49.11 16.51 -21.23
N GLY F 250 -49.29 17.35 -20.21
CA GLY F 250 -49.53 18.77 -20.39
C GLY F 250 -48.38 19.47 -21.08
N LEU F 251 -47.14 19.09 -20.74
CA LEU F 251 -45.94 19.69 -21.32
C LEU F 251 -45.82 19.40 -22.82
N LEU F 252 -46.12 18.16 -23.25
CA LEU F 252 -46.01 17.79 -24.66
C LEU F 252 -47.30 17.91 -25.46
N GLU F 253 -48.42 18.36 -24.84
CA GLU F 253 -49.75 18.45 -25.46
C GLU F 253 -49.77 19.04 -26.87
N PHE F 254 -49.09 20.16 -27.10
CA PHE F 254 -49.05 20.78 -28.42
C PHE F 254 -47.66 20.76 -29.05
N GLY F 255 -46.89 19.73 -28.73
CA GLY F 255 -45.52 19.59 -29.18
C GLY F 255 -45.30 19.26 -30.64
N GLN F 256 -44.26 19.87 -31.22
CA GLN F 256 -43.82 19.66 -32.60
C GLN F 256 -42.31 19.43 -32.56
N VAL F 257 -41.79 18.48 -33.35
CA VAL F 257 -40.35 18.19 -33.35
C VAL F 257 -39.70 18.27 -34.73
N ALA F 258 -40.48 18.22 -35.80
CA ALA F 258 -39.96 18.13 -37.15
C ALA F 258 -38.93 19.19 -37.51
N ARG F 259 -39.21 20.46 -37.15
CA ARG F 259 -38.27 21.50 -37.57
C ARG F 259 -37.20 21.77 -36.55
N GLY F 260 -36.04 22.10 -37.11
CA GLY F 260 -34.84 22.42 -36.36
C GLY F 260 -34.89 23.81 -35.74
N HIS F 261 -35.39 23.89 -34.50
CA HIS F 261 -35.51 25.13 -33.71
C HIS F 261 -34.14 25.79 -33.47
N PRO F 262 -34.07 27.13 -33.48
CA PRO F 262 -32.79 27.80 -33.23
C PRO F 262 -32.29 27.59 -31.79
N ASN F 263 -33.22 27.42 -30.83
CA ASN F 263 -32.89 27.22 -29.42
C ASN F 263 -32.86 25.74 -29.02
N ARG F 264 -32.72 24.82 -29.98
CA ARG F 264 -32.64 23.39 -29.64
C ARG F 264 -31.22 23.10 -29.16
N ARG F 265 -31.11 22.73 -27.90
CA ARG F 265 -29.87 22.41 -27.22
C ARG F 265 -29.36 21.00 -27.58
N LEU F 266 -30.20 19.98 -27.48
CA LEU F 266 -29.77 18.61 -27.75
C LEU F 266 -29.40 18.35 -29.21
N ASN F 267 -28.19 17.81 -29.42
CA ASN F 267 -27.67 17.48 -30.75
C ASN F 267 -27.11 16.07 -30.67
N LEU F 268 -27.91 15.07 -31.02
CA LEU F 268 -27.48 13.68 -30.96
C LEU F 268 -26.36 13.33 -31.95
N VAL F 269 -26.25 14.07 -33.05
CA VAL F 269 -25.16 13.85 -34.01
C VAL F 269 -23.82 14.17 -33.35
N SER F 270 -23.78 15.26 -32.54
CA SER F 270 -22.60 15.66 -31.80
C SER F 270 -22.25 14.65 -30.71
N LEU F 271 -23.25 14.22 -29.91
CA LEU F 271 -23.05 13.30 -28.81
C LEU F 271 -22.70 11.87 -29.20
N LEU F 272 -23.31 11.35 -30.26
CA LEU F 272 -23.13 9.95 -30.62
C LEU F 272 -22.03 9.70 -31.65
N GLY F 273 -21.89 10.61 -32.61
CA GLY F 273 -20.87 10.47 -33.66
C GLY F 273 -21.07 9.24 -34.54
N PRO F 274 -20.07 8.35 -34.61
CA PRO F 274 -20.18 7.17 -35.48
C PRO F 274 -21.23 6.13 -35.06
N LYS F 275 -21.73 6.21 -33.82
CA LYS F 275 -22.77 5.30 -33.34
C LYS F 275 -24.14 5.61 -34.01
N PHE F 276 -24.34 6.87 -34.41
CA PHE F 276 -25.56 7.33 -35.05
C PHE F 276 -25.45 7.20 -36.58
N GLN F 277 -26.40 6.48 -37.20
CA GLN F 277 -26.53 6.35 -38.65
C GLN F 277 -27.67 7.32 -39.04
N PRO F 278 -27.36 8.56 -39.48
CA PRO F 278 -28.46 9.51 -39.79
C PRO F 278 -29.24 9.16 -41.06
N PRO F 287 -48.34 17.50 -42.30
CA PRO F 287 -47.15 16.89 -41.70
C PRO F 287 -46.97 17.18 -40.21
N MET F 288 -47.66 18.20 -39.68
CA MET F 288 -47.51 18.56 -38.26
C MET F 288 -48.17 17.56 -37.32
N LEU F 289 -47.66 17.49 -36.09
CA LEU F 289 -48.22 16.59 -35.10
C LEU F 289 -49.52 17.20 -34.58
N LYS F 290 -50.56 16.39 -34.48
CA LYS F 290 -51.83 16.82 -33.92
C LYS F 290 -51.70 16.89 -32.37
N ARG F 291 -52.71 17.46 -31.70
CA ARG F 291 -52.69 17.57 -30.23
C ARG F 291 -52.63 16.18 -29.59
N GLY F 292 -51.63 15.98 -28.73
CA GLY F 292 -51.45 14.72 -28.04
C GLY F 292 -50.62 13.70 -28.78
N GLN F 293 -50.23 13.98 -30.05
CA GLN F 293 -49.45 13.04 -30.85
C GLN F 293 -48.01 12.86 -30.39
N LEU F 294 -47.38 13.90 -29.82
CA LEU F 294 -46.01 13.77 -29.33
C LEU F 294 -45.99 12.90 -28.08
N PHE F 295 -46.96 13.07 -27.17
CA PHE F 295 -47.06 12.22 -25.99
C PHE F 295 -47.43 10.79 -26.38
N SER F 296 -48.27 10.61 -27.41
CA SER F 296 -48.64 9.26 -27.88
C SER F 296 -47.42 8.51 -28.36
N PHE F 297 -46.50 9.20 -29.04
CA PHE F 297 -45.28 8.59 -29.53
C PHE F 297 -44.42 8.17 -28.34
N ILE F 298 -44.23 9.06 -27.35
CA ILE F 298 -43.43 8.74 -26.18
C ILE F 298 -44.06 7.62 -25.34
N SER F 299 -45.39 7.51 -25.34
CA SER F 299 -46.08 6.47 -24.58
C SER F 299 -45.92 5.10 -25.25
N GLU F 300 -46.10 5.04 -26.56
CA GLU F 300 -45.98 3.80 -27.31
C GLU F 300 -44.54 3.33 -27.49
N HIS F 301 -43.59 4.25 -27.68
CA HIS F 301 -42.22 3.89 -27.98
C HIS F 301 -41.25 4.03 -26.81
N TYR F 302 -41.65 4.68 -25.71
CA TYR F 302 -40.79 4.80 -24.55
C TYR F 302 -41.45 4.24 -23.28
N ILE F 303 -42.62 4.76 -22.87
CA ILE F 303 -43.26 4.29 -21.65
C ILE F 303 -43.57 2.80 -21.66
N ILE F 304 -44.28 2.32 -22.71
CA ILE F 304 -44.63 0.91 -22.83
C ILE F 304 -43.40 -0.01 -22.88
N PRO F 305 -42.39 0.18 -23.77
CA PRO F 305 -41.22 -0.71 -23.75
C PRO F 305 -40.43 -0.66 -22.44
N THR F 306 -40.37 0.51 -21.77
CA THR F 306 -39.68 0.64 -20.50
C THR F 306 -40.37 -0.19 -19.42
N LEU F 307 -41.71 -0.12 -19.36
CA LEU F 307 -42.47 -0.88 -18.38
C LEU F 307 -42.56 -2.36 -18.72
N GLN F 308 -42.41 -2.74 -19.99
CA GLN F 308 -42.39 -4.15 -20.38
C GLN F 308 -41.08 -4.80 -19.89
N ALA F 309 -39.98 -4.04 -19.91
CA ALA F 309 -38.67 -4.51 -19.46
C ALA F 309 -38.53 -4.42 -17.94
N ASN F 310 -39.00 -3.32 -17.33
CA ASN F 310 -38.94 -3.13 -15.89
C ASN F 310 -40.36 -2.88 -15.40
N PRO F 311 -41.13 -3.95 -15.13
CA PRO F 311 -42.53 -3.75 -14.71
C PRO F 311 -42.72 -3.02 -13.39
N ASN F 312 -41.71 -3.06 -12.52
CA ASN F 312 -41.79 -2.41 -11.22
C ASN F 312 -41.05 -1.07 -11.16
N ALA F 313 -40.90 -0.41 -12.31
CA ALA F 313 -40.20 0.87 -12.37
C ALA F 313 -41.01 1.98 -11.74
N PRO F 314 -40.38 2.79 -10.86
CA PRO F 314 -41.09 3.95 -10.29
C PRO F 314 -41.27 5.06 -11.33
N VAL F 315 -42.23 5.99 -11.10
CA VAL F 315 -42.47 7.07 -12.06
C VAL F 315 -41.23 7.98 -12.21
N SER F 316 -40.40 8.09 -11.16
CA SER F 316 -39.16 8.87 -11.18
C SER F 316 -38.12 8.26 -12.13
N PHE F 317 -38.20 6.95 -12.41
CA PHE F 317 -37.32 6.26 -13.35
C PHE F 317 -37.80 6.51 -14.79
N ILE F 318 -39.12 6.67 -15.00
CA ILE F 318 -39.66 6.94 -16.33
C ILE F 318 -39.39 8.40 -16.71
N PHE F 319 -39.79 9.36 -15.86
CA PHE F 319 -39.57 10.78 -16.14
C PHE F 319 -38.76 11.53 -15.05
N PRO F 320 -37.43 11.28 -14.93
CA PRO F 320 -36.65 12.03 -13.91
C PRO F 320 -36.58 13.54 -14.13
N GLY F 321 -36.81 14.00 -15.34
CA GLY F 321 -36.83 15.41 -15.64
C GLY F 321 -37.96 16.14 -14.94
N ILE F 322 -39.14 15.49 -14.82
CA ILE F 322 -40.26 16.09 -14.10
C ILE F 322 -39.92 16.22 -12.61
N ILE F 323 -39.25 15.21 -12.03
CA ILE F 323 -38.81 15.22 -10.63
C ILE F 323 -37.86 16.40 -10.39
N LEU F 324 -36.91 16.62 -11.31
CA LEU F 324 -35.95 17.71 -11.20
C LEU F 324 -36.62 19.06 -11.34
N ALA F 325 -37.59 19.19 -12.27
CA ALA F 325 -38.31 20.44 -12.44
C ALA F 325 -39.15 20.73 -11.18
N ALA F 326 -39.72 19.68 -10.55
CA ALA F 326 -40.50 19.82 -9.32
C ALA F 326 -39.60 20.30 -8.17
N LEU F 327 -38.40 19.72 -8.02
CA LEU F 327 -37.47 20.17 -6.97
C LEU F 327 -37.07 21.63 -7.17
N GLU F 328 -36.93 22.05 -8.43
CA GLU F 328 -36.59 23.43 -8.76
C GLU F 328 -37.76 24.40 -8.55
N ALA F 329 -39.02 23.92 -8.72
CA ALA F 329 -40.21 24.73 -8.53
C ALA F 329 -40.40 25.19 -7.10
N ARG F 330 -39.84 24.47 -6.11
CA ARG F 330 -39.94 24.89 -4.71
C ARG F 330 -39.21 26.22 -4.51
N SER F 331 -38.02 26.35 -5.13
CA SER F 331 -37.13 27.52 -5.03
C SER F 331 -37.80 28.79 -5.57
N THR F 332 -38.56 28.68 -6.67
CA THR F 332 -39.25 29.80 -7.30
C THR F 332 -40.30 30.46 -6.39
N HIS F 335 -37.73 33.86 -7.09
CA HIS F 335 -37.14 34.45 -5.89
C HIS F 335 -37.87 35.77 -5.47
N LYS F 336 -37.40 36.43 -4.37
CA LYS F 336 -38.04 37.60 -3.79
C LYS F 336 -37.70 38.97 -4.42
N GLN F 337 -36.67 39.06 -5.28
CA GLN F 337 -36.33 40.34 -5.92
C GLN F 337 -36.29 40.23 -7.45
N PRO F 338 -36.81 41.25 -8.17
CA PRO F 338 -36.81 41.18 -9.64
C PRO F 338 -35.54 41.71 -10.31
N GLY F 339 -35.10 41.01 -11.35
CA GLY F 339 -33.92 41.40 -12.12
C GLY F 339 -32.96 40.25 -12.33
N PRO F 340 -31.72 40.57 -12.73
CA PRO F 340 -30.71 39.49 -12.91
C PRO F 340 -30.35 38.88 -11.55
N PHE F 341 -30.05 37.58 -11.53
CA PHE F 341 -29.77 36.91 -10.27
C PHE F 341 -28.82 35.73 -10.41
N VAL F 342 -27.81 35.67 -9.52
CA VAL F 342 -26.81 34.60 -9.48
C VAL F 342 -27.10 33.78 -8.23
N ASN F 343 -27.39 32.49 -8.39
CA ASN F 343 -27.70 31.63 -7.25
C ASN F 343 -26.50 30.81 -6.78
N LEU F 344 -25.89 31.22 -5.68
CA LEU F 344 -24.74 30.50 -5.10
C LEU F 344 -25.12 29.66 -3.86
N THR F 345 -26.42 29.38 -3.66
CA THR F 345 -26.90 28.58 -2.53
C THR F 345 -26.86 27.07 -2.85
N GLY F 346 -26.80 26.24 -1.82
CA GLY F 346 -26.75 24.79 -1.99
C GLY F 346 -27.96 24.03 -1.48
N SER F 347 -28.98 24.76 -1.02
CA SER F 347 -30.22 24.20 -0.49
C SER F 347 -30.96 23.31 -1.47
N ARG F 348 -30.98 23.68 -2.76
CA ARG F 348 -31.65 22.87 -3.77
C ARG F 348 -30.97 21.52 -4.04
N PHE F 349 -29.72 21.35 -3.58
CA PHE F 349 -28.99 20.09 -3.74
C PHE F 349 -28.91 19.27 -2.45
N ASN F 350 -29.36 19.82 -1.31
CA ASN F 350 -29.30 19.17 0.00
C ASN F 350 -29.87 17.75 0.06
N GLU F 351 -31.05 17.52 -0.52
CA GLU F 351 -31.67 16.21 -0.48
C GLU F 351 -30.91 15.18 -1.31
N ILE F 352 -30.47 15.55 -2.50
CA ILE F 352 -29.70 14.64 -3.36
C ILE F 352 -28.34 14.33 -2.70
N PHE F 353 -27.65 15.38 -2.21
CA PHE F 353 -26.34 15.24 -1.60
C PHE F 353 -26.38 14.43 -0.32
N GLU F 354 -27.47 14.52 0.46
CA GLU F 354 -27.59 13.74 1.70
C GLU F 354 -27.73 12.24 1.41
N ILE F 355 -28.44 11.89 0.33
CA ILE F 355 -28.57 10.48 -0.08
C ILE F 355 -27.20 9.97 -0.51
N LEU F 356 -26.49 10.76 -1.33
CA LEU F 356 -25.14 10.40 -1.80
C LEU F 356 -24.16 10.21 -0.63
N ASN F 357 -24.23 11.08 0.39
CA ASN F 357 -23.36 10.96 1.56
C ASN F 357 -23.71 9.72 2.38
N GLN F 358 -25.01 9.44 2.52
CA GLN F 358 -25.45 8.29 3.31
C GLN F 358 -25.19 6.96 2.65
N GLN F 359 -25.19 6.87 1.30
CA GLN F 359 -24.95 5.57 0.67
C GLN F 359 -23.52 5.35 0.23
N LEU F 360 -22.74 6.42 -0.01
CA LEU F 360 -21.34 6.25 -0.42
C LEU F 360 -20.34 6.44 0.69
N THR F 361 -20.69 7.23 1.73
CA THR F 361 -19.73 7.53 2.79
C THR F 361 -20.09 6.93 4.16
N PHE F 362 -21.26 7.25 4.72
CA PHE F 362 -21.61 6.84 6.07
C PHE F 362 -22.21 5.47 6.18
N ARG F 363 -22.94 5.02 5.14
CA ARG F 363 -23.62 3.72 5.11
C ARG F 363 -24.44 3.47 6.40
N ASP F 364 -25.33 4.42 6.71
CA ASP F 364 -26.23 4.33 7.87
C ASP F 364 -27.58 4.01 7.25
N PRO F 365 -28.14 2.82 7.55
CA PRO F 365 -29.42 2.43 6.92
C PRO F 365 -30.62 3.30 7.28
N LEU F 366 -30.69 3.73 8.54
CA LEU F 366 -31.80 4.58 8.99
C LEU F 366 -31.69 5.98 8.43
N ALA F 367 -30.49 6.59 8.46
CA ALA F 367 -30.28 7.92 7.95
C ALA F 367 -30.48 7.99 6.44
N LEU F 368 -30.16 6.90 5.70
CA LEU F 368 -30.38 6.83 4.26
C LEU F 368 -31.88 6.80 3.96
N LEU F 369 -32.65 6.09 4.79
CA LEU F 369 -34.10 6.00 4.65
C LEU F 369 -34.75 7.36 4.90
N GLN F 370 -34.24 8.12 5.88
CA GLN F 370 -34.74 9.46 6.18
C GLN F 370 -34.40 10.43 5.04
N ALA F 371 -33.21 10.28 4.44
CA ALA F 371 -32.77 11.10 3.32
C ALA F 371 -33.64 10.82 2.08
N ARG F 372 -34.02 9.56 1.86
CA ARG F 372 -34.88 9.18 0.75
C ARG F 372 -36.28 9.75 0.91
N THR F 373 -36.78 9.79 2.15
CA THR F 373 -38.08 10.35 2.49
C THR F 373 -38.08 11.86 2.25
N ALA F 374 -36.98 12.55 2.64
CA ALA F 374 -36.83 14.00 2.45
C ALA F 374 -36.86 14.38 0.99
N LEU F 375 -36.22 13.59 0.12
CA LEU F 375 -36.22 13.84 -1.32
C LEU F 375 -37.61 13.65 -1.92
N ARG F 376 -38.33 12.63 -1.45
CA ARG F 376 -39.68 12.32 -1.91
C ARG F 376 -40.67 13.41 -1.49
N LEU F 377 -40.57 13.89 -0.24
CA LEU F 377 -41.42 14.96 0.27
C LEU F 377 -41.15 16.30 -0.43
N ALA F 378 -39.87 16.58 -0.74
CA ALA F 378 -39.50 17.80 -1.46
C ALA F 378 -40.06 17.79 -2.87
N THR F 379 -40.11 16.60 -3.51
CA THR F 379 -40.65 16.43 -4.86
C THR F 379 -42.15 16.65 -4.83
N GLU F 380 -42.84 16.09 -3.82
CA GLU F 380 -44.30 16.25 -3.67
C GLU F 380 -44.68 17.73 -3.46
N GLU F 381 -43.83 18.48 -2.75
CA GLU F 381 -44.00 19.89 -2.49
C GLU F 381 -43.86 20.69 -3.80
N GLY F 382 -42.86 20.34 -4.62
CA GLY F 382 -42.62 20.98 -5.90
C GLY F 382 -43.65 20.65 -6.96
N LEU F 383 -44.19 19.41 -6.94
CA LEU F 383 -45.24 18.99 -7.88
C LEU F 383 -46.52 19.81 -7.63
N ASP F 384 -46.80 20.13 -6.36
CA ASP F 384 -47.93 20.95 -5.95
C ASP F 384 -47.73 22.39 -6.49
N VAL F 385 -46.50 22.93 -6.44
CA VAL F 385 -46.21 24.26 -6.98
C VAL F 385 -46.48 24.27 -8.49
N LEU F 386 -45.98 23.26 -9.22
CA LEU F 386 -46.16 23.13 -10.66
C LEU F 386 -47.63 23.02 -11.06
N LEU F 387 -48.39 22.15 -10.40
CA LEU F 387 -49.80 21.96 -10.72
C LEU F 387 -50.71 23.07 -10.21
N SER F 388 -50.27 23.83 -9.19
CA SER F 388 -51.07 24.94 -8.68
C SER F 388 -50.91 26.23 -9.51
N HIS F 389 -49.87 26.30 -10.36
CA HIS F 389 -49.63 27.45 -11.23
C HIS F 389 -50.80 27.56 -12.22
N PRO F 390 -51.25 28.79 -12.59
CA PRO F 390 -52.39 28.90 -13.52
C PRO F 390 -52.18 28.23 -14.89
N SER F 391 -50.92 28.13 -15.34
CA SER F 391 -50.58 27.47 -16.60
C SER F 391 -49.38 26.57 -16.35
N PRO F 392 -49.62 25.37 -15.78
CA PRO F 392 -48.50 24.47 -15.44
C PRO F 392 -47.45 24.24 -16.54
N PRO F 393 -47.78 23.94 -17.82
CA PRO F 393 -46.70 23.74 -18.81
C PRO F 393 -45.86 24.99 -19.06
N THR F 394 -46.39 26.18 -18.81
CA THR F 394 -45.64 27.43 -19.00
C THR F 394 -44.54 27.56 -17.96
N LEU F 395 -44.85 27.25 -16.68
CA LEU F 395 -43.87 27.28 -15.60
C LEU F 395 -42.82 26.20 -15.83
N LEU F 396 -43.27 25.01 -16.25
CA LEU F 396 -42.43 23.87 -16.55
C LEU F 396 -41.45 24.22 -17.69
N GLN F 397 -41.91 24.90 -18.74
CA GLN F 397 -41.08 25.33 -19.85
C GLN F 397 -40.01 26.32 -19.39
N GLU F 398 -40.37 27.24 -18.49
CA GLU F 398 -39.47 28.25 -17.95
C GLU F 398 -38.34 27.60 -17.14
N ILE F 399 -38.67 26.62 -16.30
CA ILE F 399 -37.68 25.90 -15.50
C ILE F 399 -36.74 25.07 -16.39
N ILE F 400 -37.28 24.35 -17.37
CA ILE F 400 -36.48 23.56 -18.29
C ILE F 400 -35.54 24.44 -19.12
N LYS F 401 -35.96 25.66 -19.44
CA LYS F 401 -35.13 26.58 -20.21
C LYS F 401 -34.03 27.22 -19.36
N SER F 402 -34.40 27.83 -18.22
CA SER F 402 -33.47 28.50 -17.33
C SER F 402 -32.48 27.60 -16.62
N GLN F 403 -32.94 26.46 -16.08
CA GLN F 403 -32.09 25.59 -15.31
C GLN F 403 -31.49 24.45 -16.11
N PHE F 404 -32.15 24.02 -17.18
CA PHE F 404 -31.68 22.84 -17.92
C PHE F 404 -31.34 23.10 -19.40
N GLY F 405 -31.54 24.33 -19.87
CA GLY F 405 -31.17 24.73 -21.22
C GLY F 405 -32.06 24.29 -22.36
N GLY F 406 -33.19 23.65 -22.05
CA GLY F 406 -34.13 23.19 -23.06
C GLY F 406 -34.94 24.30 -23.70
N GLY F 407 -34.83 24.45 -25.00
CA GLY F 407 -35.52 25.52 -25.71
C GLY F 407 -36.69 25.15 -26.58
N ASP F 408 -36.93 23.85 -26.80
CA ASP F 408 -38.03 23.42 -27.65
C ASP F 408 -38.70 22.13 -27.17
N ASP F 409 -39.74 21.64 -27.88
CA ASP F 409 -40.45 20.44 -27.50
C ASP F 409 -39.57 19.18 -27.57
N TYR F 410 -38.63 19.15 -28.51
CA TYR F 410 -37.66 18.07 -28.68
C TYR F 410 -36.80 17.98 -27.42
N ASP F 411 -36.30 19.13 -26.94
CA ASP F 411 -35.49 19.22 -25.73
C ASP F 411 -36.31 18.83 -24.51
N ARG F 412 -37.57 19.28 -24.43
CA ARG F 412 -38.42 18.96 -23.29
C ARG F 412 -38.72 17.48 -23.19
N ALA F 413 -38.98 16.81 -24.33
CA ALA F 413 -39.25 15.38 -24.34
C ALA F 413 -38.01 14.61 -23.90
N TYR F 414 -36.84 14.97 -24.43
CA TYR F 414 -35.59 14.30 -24.06
C TYR F 414 -35.18 14.60 -22.61
N PHE F 415 -35.45 15.81 -22.11
CA PHE F 415 -35.14 16.17 -20.74
C PHE F 415 -35.96 15.35 -19.76
N MET F 416 -37.26 15.12 -20.04
CA MET F 416 -38.11 14.33 -19.16
C MET F 416 -37.56 12.93 -18.99
N VAL F 417 -37.10 12.32 -20.08
CA VAL F 417 -36.53 10.98 -20.11
C VAL F 417 -35.11 10.91 -19.49
N LEU F 418 -34.19 11.78 -19.93
CA LEU F 418 -32.80 11.74 -19.49
C LEU F 418 -32.48 12.42 -18.15
N GLY F 419 -33.29 13.38 -17.74
CA GLY F 419 -33.01 14.16 -16.55
C GLY F 419 -31.99 15.27 -16.78
N CYS F 420 -31.54 15.42 -18.02
CA CYS F 420 -30.55 16.42 -18.40
C CYS F 420 -30.48 16.51 -19.93
N LEU F 421 -29.78 17.52 -20.43
CA LEU F 421 -29.59 17.69 -21.87
C LEU F 421 -28.11 17.89 -22.11
N PRO F 422 -27.36 16.79 -22.28
CA PRO F 422 -25.90 16.92 -22.45
C PRO F 422 -25.50 17.58 -23.76
N VAL F 423 -24.44 18.39 -23.72
CA VAL F 423 -23.84 19.02 -24.88
C VAL F 423 -22.35 18.68 -24.94
N VAL F 424 -21.76 18.70 -26.13
CA VAL F 424 -20.32 18.45 -26.24
C VAL F 424 -19.62 19.78 -26.24
N LEU F 425 -18.60 19.96 -25.38
CA LEU F 425 -17.84 21.20 -25.39
C LEU F 425 -16.38 20.85 -25.66
N ALA F 426 -15.78 21.49 -26.66
CA ALA F 426 -14.40 21.25 -27.01
C ALA F 426 -13.45 21.54 -25.84
N VAL F 427 -12.53 20.61 -25.58
CA VAL F 427 -11.53 20.71 -24.53
C VAL F 427 -10.54 21.86 -24.86
N VAL F 428 -10.22 22.05 -26.15
CA VAL F 428 -9.38 23.14 -26.60
C VAL F 428 -10.23 24.24 -27.25
N PRO F 429 -10.17 25.49 -26.74
CA PRO F 429 -10.96 26.57 -27.36
C PRO F 429 -10.15 27.27 -28.45
N ARG G 5 41.22 15.69 -20.35
CA ARG G 5 41.54 14.94 -21.57
C ARG G 5 40.52 15.18 -22.68
N ASN G 6 40.19 16.46 -22.94
CA ASN G 6 39.25 16.84 -23.99
C ASN G 6 39.94 16.76 -25.34
N PHE G 7 39.23 16.28 -26.36
CA PHE G 7 39.79 16.22 -27.72
C PHE G 7 38.81 16.73 -28.77
N THR G 8 39.33 17.17 -29.90
CA THR G 8 38.51 17.76 -30.96
C THR G 8 38.54 16.90 -32.22
N VAL G 9 37.38 16.76 -32.88
CA VAL G 9 37.28 16.02 -34.14
C VAL G 9 36.47 16.84 -35.17
N ALA G 10 36.66 16.54 -36.44
CA ALA G 10 35.90 17.17 -37.53
C ALA G 10 35.64 16.06 -38.54
N ILE G 11 34.41 15.99 -39.08
CA ILE G 11 34.02 14.90 -39.96
C ILE G 11 34.17 15.26 -41.44
N VAL G 12 33.62 16.42 -41.87
CA VAL G 12 33.70 16.83 -43.28
C VAL G 12 34.25 18.26 -43.39
N PRO G 13 34.91 18.62 -44.52
CA PRO G 13 35.43 19.98 -44.65
C PRO G 13 34.33 21.03 -44.63
N GLY G 14 34.63 22.19 -44.04
CA GLY G 14 33.68 23.29 -43.93
C GLY G 14 32.71 23.19 -42.76
N ASP G 15 32.65 22.03 -42.11
CA ASP G 15 31.75 21.81 -40.99
C ASP G 15 32.40 22.16 -39.64
N PRO G 16 31.62 22.33 -38.55
CA PRO G 16 32.26 22.64 -37.27
C PRO G 16 33.06 21.50 -36.68
N HIS G 17 33.99 21.86 -35.80
CA HIS G 17 34.78 20.90 -35.05
C HIS G 17 33.99 20.60 -33.76
N PHE G 18 34.04 19.37 -33.28
CA PHE G 18 33.34 18.99 -32.07
C PHE G 18 34.35 18.72 -30.97
N SER G 19 34.21 19.38 -29.82
CA SER G 19 35.07 19.13 -28.69
C SER G 19 34.32 18.20 -27.78
N VAL G 20 34.91 17.06 -27.47
CA VAL G 20 34.28 16.06 -26.62
C VAL G 20 35.22 15.64 -25.48
N ASP G 21 34.64 15.11 -24.41
CA ASP G 21 35.42 14.60 -23.28
C ASP G 21 35.97 13.20 -23.63
N ARG G 22 35.11 12.31 -24.21
CA ARG G 22 35.49 10.93 -24.52
C ARG G 22 34.89 10.37 -25.80
N ASP G 23 33.58 10.57 -26.02
CA ASP G 23 32.87 9.94 -27.14
C ASP G 23 31.89 10.90 -27.81
N LEU G 24 32.04 11.13 -29.12
CA LEU G 24 31.14 12.02 -29.87
C LEU G 24 29.68 11.53 -29.86
N ARG G 25 29.40 10.25 -30.22
CA ARG G 25 28.05 9.71 -30.22
C ARG G 25 27.40 9.80 -28.83
N GLY G 26 28.16 9.42 -27.81
CA GLY G 26 27.67 9.40 -26.44
C GLY G 26 27.37 10.76 -25.87
N GLU G 27 28.04 11.80 -26.36
CA GLU G 27 27.83 13.17 -25.87
C GLU G 27 26.89 13.99 -26.73
N LEU G 28 26.70 13.61 -28.00
CA LEU G 28 25.80 14.32 -28.89
C LEU G 28 24.33 13.91 -28.70
N MET G 29 24.05 12.60 -28.64
CA MET G 29 22.67 12.10 -28.55
C MET G 29 21.87 12.61 -27.35
N PRO G 30 22.38 12.68 -26.10
CA PRO G 30 21.55 13.19 -25.00
C PRO G 30 21.05 14.62 -25.20
N THR G 31 21.82 15.45 -25.93
CA THR G 31 21.43 16.83 -26.18
C THR G 31 20.19 16.97 -27.04
N LEU G 32 19.75 15.89 -27.68
CA LEU G 32 18.56 15.89 -28.54
C LEU G 32 17.25 15.66 -27.75
N TYR G 33 17.33 15.41 -26.44
CA TYR G 33 16.17 15.16 -25.60
C TYR G 33 15.95 16.29 -24.58
N MET G 34 16.38 17.51 -24.93
CA MET G 34 16.30 18.64 -24.03
C MET G 34 15.25 19.70 -24.40
N ASN G 35 14.38 19.39 -25.36
CA ASN G 35 13.34 20.28 -25.86
C ASN G 35 12.09 19.44 -26.12
N GLN G 36 11.75 18.53 -25.17
CA GLN G 36 10.71 17.53 -25.33
C GLN G 36 9.30 18.08 -25.54
N ASN G 37 9.08 19.36 -25.26
CA ASN G 37 7.78 20.00 -25.50
C ASN G 37 7.62 20.37 -26.98
N GLN G 38 8.73 20.61 -27.70
CA GLN G 38 8.68 21.04 -29.09
C GLN G 38 9.09 20.02 -30.12
N TRP G 39 10.12 19.21 -29.83
CA TRP G 39 10.57 18.22 -30.78
C TRP G 39 11.29 17.06 -30.14
N LEU G 40 11.34 15.92 -30.85
CA LEU G 40 12.02 14.71 -30.42
C LEU G 40 12.80 14.15 -31.60
N PRO G 41 13.95 13.50 -31.37
CA PRO G 41 14.71 12.94 -32.49
C PRO G 41 14.14 11.68 -33.12
N SER G 42 14.47 11.45 -34.40
CA SER G 42 14.09 10.26 -35.15
C SER G 42 15.36 9.79 -35.88
N PHE G 43 15.69 8.48 -35.82
CA PHE G 43 16.96 7.98 -36.32
C PHE G 43 16.91 7.17 -37.64
N GLY G 44 15.79 7.22 -38.36
CA GLY G 44 15.69 6.56 -39.65
C GLY G 44 14.90 5.26 -39.66
N PRO G 45 14.58 4.77 -40.87
CA PRO G 45 13.75 3.54 -40.99
C PRO G 45 14.19 2.32 -40.18
N TRP G 46 15.49 2.01 -40.19
CA TRP G 46 16.01 0.86 -39.47
C TRP G 46 15.80 1.00 -37.96
N PHE G 47 16.03 2.21 -37.40
CA PHE G 47 15.81 2.46 -35.98
C PHE G 47 14.32 2.56 -35.60
N ILE G 48 13.47 2.97 -36.55
CA ILE G 48 12.02 2.99 -36.34
C ILE G 48 11.53 1.55 -36.23
N SER G 49 12.05 0.64 -37.11
CA SER G 49 11.72 -0.78 -37.10
C SER G 49 12.26 -1.44 -35.83
N LEU G 50 13.46 -1.03 -35.39
CA LEU G 50 14.10 -1.55 -34.18
C LEU G 50 13.24 -1.18 -32.98
N THR G 51 12.76 0.08 -32.92
CA THR G 51 11.93 0.57 -31.82
C THR G 51 10.61 -0.18 -31.78
N ASP G 52 9.99 -0.41 -32.95
CA ASP G 52 8.75 -1.16 -33.07
C ASP G 52 8.93 -2.57 -32.50
N ASN G 53 10.02 -3.24 -32.90
CA ASN G 53 10.32 -4.60 -32.48
C ASN G 53 10.65 -4.70 -30.99
N ALA G 54 11.48 -3.78 -30.48
CA ALA G 54 11.88 -3.74 -29.08
C ALA G 54 10.68 -3.64 -28.13
N MET G 55 9.68 -2.83 -28.49
CA MET G 55 8.50 -2.67 -27.64
C MET G 55 7.58 -3.90 -27.63
N GLN G 56 7.70 -4.79 -28.64
CA GLN G 56 6.90 -6.01 -28.75
C GLN G 56 7.57 -7.20 -28.08
N ARG G 57 8.91 -7.18 -27.90
CA ARG G 57 9.66 -8.26 -27.29
C ARG G 57 9.16 -8.64 -25.90
N ARG G 58 8.90 -9.94 -25.69
CA ARG G 58 8.47 -10.45 -24.39
C ARG G 58 9.64 -10.28 -23.40
N VAL G 59 10.86 -10.62 -23.84
CA VAL G 59 12.04 -10.48 -23.01
C VAL G 59 12.87 -9.31 -23.51
N PHE G 60 12.78 -8.17 -22.82
CA PHE G 60 13.49 -6.94 -23.17
C PHE G 60 13.65 -6.07 -21.92
N PRO G 61 14.82 -5.43 -21.70
CA PRO G 61 14.98 -4.61 -20.48
C PRO G 61 13.94 -3.50 -20.33
N LYS G 62 13.26 -3.45 -19.17
CA LYS G 62 12.23 -2.45 -18.89
C LYS G 62 12.72 -1.01 -18.95
N GLU G 63 13.99 -0.76 -18.57
CA GLU G 63 14.54 0.60 -18.62
C GLU G 63 14.67 1.15 -20.04
N LEU G 64 14.66 0.27 -21.06
CA LEU G 64 14.73 0.68 -22.46
C LEU G 64 13.34 0.90 -23.09
N LYS G 65 12.26 0.76 -22.31
CA LYS G 65 10.88 0.89 -22.80
C LYS G 65 10.20 2.20 -22.35
N GLY G 66 10.95 3.30 -22.27
CA GLY G 66 10.44 4.60 -21.87
C GLY G 66 9.42 5.18 -22.82
N THR G 67 8.62 6.15 -22.36
CA THR G 67 7.52 6.76 -23.14
C THR G 67 7.92 7.37 -24.47
N VAL G 68 9.15 7.85 -24.61
CA VAL G 68 9.62 8.48 -25.84
C VAL G 68 9.56 7.50 -27.03
N ASN G 69 9.69 6.19 -26.77
CA ASN G 69 9.59 5.15 -27.81
C ASN G 69 8.23 5.14 -28.49
N PHE G 70 7.18 5.58 -27.79
CA PHE G 70 5.80 5.61 -28.27
C PHE G 70 5.37 6.99 -28.80
N GLN G 71 6.32 7.91 -29.00
CA GLN G 71 6.04 9.26 -29.44
C GLN G 71 6.85 9.60 -30.71
N ASN G 72 6.82 8.71 -31.71
CA ASN G 72 7.51 8.86 -33.00
C ASN G 72 8.99 9.10 -32.81
N SER G 73 9.59 8.38 -31.87
CA SER G 73 10.98 8.56 -31.54
C SER G 73 11.53 7.26 -30.90
N THR G 74 12.75 7.30 -30.39
CA THR G 74 13.41 6.20 -29.70
C THR G 74 13.95 6.85 -28.42
N SER G 75 13.73 6.23 -27.27
CA SER G 75 14.22 6.76 -26.01
C SER G 75 15.75 6.86 -26.00
N LEU G 76 16.29 7.80 -25.20
CA LEU G 76 17.74 7.99 -25.10
C LEU G 76 18.44 6.72 -24.63
N LYS G 77 17.86 6.02 -23.65
CA LYS G 77 18.43 4.77 -23.17
C LYS G 77 18.50 3.71 -24.27
N LEU G 78 17.44 3.56 -25.07
CA LEU G 78 17.45 2.58 -26.16
C LEU G 78 18.45 2.94 -27.27
N ILE G 79 18.46 4.20 -27.76
CA ILE G 79 19.38 4.59 -28.83
C ILE G 79 20.84 4.53 -28.40
N SER G 80 21.17 4.99 -27.17
CA SER G 80 22.56 4.97 -26.71
C SER G 80 23.07 3.56 -26.43
N HIS G 81 22.24 2.70 -25.85
CA HIS G 81 22.63 1.30 -25.60
C HIS G 81 22.78 0.53 -26.91
N THR G 82 21.94 0.85 -27.93
CA THR G 82 22.05 0.20 -29.23
C THR G 82 23.36 0.62 -29.91
N LEU G 83 23.64 1.94 -29.97
CA LEU G 83 24.87 2.43 -30.57
C LEU G 83 26.13 1.96 -29.82
N THR G 84 26.07 1.82 -28.49
CA THR G 84 27.21 1.31 -27.73
C THR G 84 27.44 -0.16 -28.08
N THR G 85 26.37 -0.94 -28.25
CA THR G 85 26.45 -2.35 -28.62
C THR G 85 27.10 -2.51 -29.98
N VAL G 86 26.72 -1.67 -30.94
CA VAL G 86 27.29 -1.68 -32.29
C VAL G 86 28.77 -1.30 -32.25
N ALA G 87 29.11 -0.24 -31.48
CA ALA G 87 30.48 0.22 -31.32
C ALA G 87 31.39 -0.81 -30.64
N SER G 88 30.83 -1.77 -29.89
CA SER G 88 31.62 -2.80 -29.24
C SER G 88 31.72 -4.09 -30.04
N THR G 89 31.20 -4.14 -31.29
CA THR G 89 31.21 -5.34 -32.11
C THR G 89 32.57 -6.02 -32.22
N THR G 90 33.62 -5.27 -32.55
CA THR G 90 34.94 -5.83 -32.68
C THR G 90 35.86 -5.53 -31.50
N ALA G 91 35.30 -5.28 -30.33
CA ALA G 91 36.10 -5.06 -29.13
C ALA G 91 36.62 -6.42 -28.63
N ASP G 92 37.82 -6.46 -28.08
CA ASP G 92 38.41 -7.70 -27.60
C ASP G 92 37.93 -8.04 -26.19
N PHE G 93 37.24 -9.18 -26.04
CA PHE G 93 36.76 -9.62 -24.74
C PHE G 93 37.54 -10.83 -24.18
N PHE G 94 38.57 -11.32 -24.92
CA PHE G 94 39.44 -12.37 -24.43
C PHE G 94 40.53 -11.61 -23.66
N ALA G 95 40.75 -11.94 -22.38
CA ALA G 95 41.79 -11.26 -21.61
C ALA G 95 43.14 -11.90 -21.99
N ASP G 96 43.69 -11.56 -23.16
CA ASP G 96 44.94 -12.16 -23.62
C ASP G 96 46.03 -11.15 -23.96
N ALA G 97 47.22 -11.35 -23.40
CA ALA G 97 48.37 -10.48 -23.63
C ALA G 97 48.93 -10.61 -25.05
N ARG G 98 48.66 -11.74 -25.74
CA ARG G 98 49.09 -11.96 -27.12
C ARG G 98 48.22 -11.20 -28.14
N HIS G 99 47.12 -10.59 -27.70
CA HIS G 99 46.17 -9.91 -28.56
C HIS G 99 46.40 -8.41 -28.76
N LEU G 100 46.25 -7.99 -30.00
CA LEU G 100 46.24 -6.60 -30.41
C LEU G 100 44.77 -6.23 -30.59
N THR G 101 44.43 -4.91 -30.65
CA THR G 101 43.06 -4.54 -31.01
C THR G 101 42.95 -4.79 -32.53
N ASP G 102 41.75 -5.01 -33.06
CA ASP G 102 41.60 -5.25 -34.49
C ASP G 102 42.10 -4.07 -35.34
N THR G 103 41.95 -2.83 -34.83
CA THR G 103 42.45 -1.62 -35.51
C THR G 103 43.98 -1.66 -35.57
N GLN G 104 44.64 -2.04 -34.47
CA GLN G 104 46.10 -2.12 -34.42
C GLN G 104 46.62 -3.19 -35.36
N ALA G 105 45.93 -4.34 -35.41
CA ALA G 105 46.32 -5.42 -36.29
C ALA G 105 46.13 -5.02 -37.77
N ALA G 106 45.04 -4.30 -38.08
CA ALA G 106 44.77 -3.83 -39.44
C ALA G 106 45.82 -2.81 -39.86
N LEU G 107 46.23 -1.92 -38.92
CA LEU G 107 47.25 -0.91 -39.21
C LEU G 107 48.60 -1.55 -39.42
N CYS G 108 48.92 -2.62 -38.69
CA CYS G 108 50.19 -3.33 -38.87
C CYS G 108 50.22 -4.01 -40.24
N LEU G 109 49.10 -4.59 -40.67
CA LEU G 109 49.00 -5.25 -41.96
C LEU G 109 49.15 -4.25 -43.13
N VAL G 110 48.38 -3.16 -43.13
CA VAL G 110 48.43 -2.16 -44.21
C VAL G 110 49.79 -1.45 -44.24
N ASN G 111 50.45 -1.27 -43.08
CA ASN G 111 51.77 -0.64 -43.02
C ASN G 111 52.87 -1.57 -43.49
N ALA G 112 52.76 -2.87 -43.15
CA ALA G 112 53.76 -3.84 -43.60
C ALA G 112 53.64 -4.01 -45.12
N TYR G 113 52.42 -4.01 -45.66
CA TYR G 113 52.18 -4.14 -47.09
C TYR G 113 52.77 -2.92 -47.84
N PHE G 114 52.61 -1.73 -47.26
CA PHE G 114 53.11 -0.49 -47.84
C PHE G 114 54.64 -0.48 -47.87
N CYS G 115 55.28 -0.98 -46.81
CA CYS G 115 56.74 -1.07 -46.77
C CYS G 115 57.26 -2.10 -47.73
N GLN G 116 56.54 -3.20 -47.92
CA GLN G 116 56.94 -4.24 -48.84
C GLN G 116 56.84 -3.76 -50.30
N LYS G 117 55.80 -2.97 -50.62
CA LYS G 117 55.58 -2.48 -51.98
C LYS G 117 56.31 -1.19 -52.33
N THR G 118 56.63 -0.34 -51.34
CA THR G 118 57.33 0.93 -51.58
C THR G 118 58.72 0.92 -50.92
N SER G 119 59.56 1.92 -51.18
CA SER G 119 60.87 1.97 -50.53
C SER G 119 60.80 2.53 -49.10
N ARG G 120 59.59 2.74 -48.53
CA ARG G 120 59.44 3.41 -47.26
C ARG G 120 59.90 2.61 -46.05
N GLN G 121 60.65 3.29 -45.17
CA GLN G 121 61.15 2.73 -43.94
C GLN G 121 60.00 2.30 -43.03
N LEU G 122 60.20 1.20 -42.30
CA LEU G 122 59.23 0.60 -41.38
C LEU G 122 58.77 1.62 -40.34
N PRO G 123 57.47 1.64 -39.99
CA PRO G 123 56.99 2.61 -38.99
C PRO G 123 57.65 2.39 -37.65
N ALA G 124 58.03 3.47 -36.96
CA ALA G 124 58.73 3.37 -35.68
C ALA G 124 57.80 3.53 -34.49
N THR G 125 56.88 4.50 -34.55
CA THR G 125 55.94 4.79 -33.47
C THR G 125 54.50 4.54 -33.92
N PRO G 126 53.53 4.39 -32.98
CA PRO G 126 52.13 4.19 -33.41
C PRO G 126 51.57 5.37 -34.24
N ASP G 127 52.18 6.55 -34.13
CA ASP G 127 51.79 7.72 -34.93
C ASP G 127 52.16 7.52 -36.39
N ASP G 128 53.31 6.86 -36.65
CA ASP G 128 53.78 6.53 -38.00
C ASP G 128 52.85 5.54 -38.70
N LEU G 129 52.12 4.69 -37.94
CA LEU G 129 51.13 3.75 -38.49
C LEU G 129 49.98 4.53 -39.14
N LEU G 130 49.57 5.64 -38.53
CA LEU G 130 48.48 6.45 -39.03
C LEU G 130 48.87 7.52 -40.04
N ALA G 131 50.17 7.86 -40.10
CA ALA G 131 50.67 8.84 -41.04
C ALA G 131 50.46 8.34 -42.46
N ASP G 132 49.83 9.16 -43.32
CA ASP G 132 49.56 8.80 -44.72
C ASP G 132 48.66 7.58 -44.85
N LEU G 133 47.70 7.41 -43.92
CA LEU G 133 46.76 6.30 -43.98
C LEU G 133 45.94 6.26 -45.29
N PRO G 134 45.44 7.40 -45.84
CA PRO G 134 44.70 7.31 -47.13
C PRO G 134 45.58 6.75 -48.25
N GLN G 135 46.87 7.12 -48.28
CA GLN G 135 47.82 6.66 -49.29
C GLN G 135 48.16 5.18 -49.10
N LYS G 136 48.27 4.74 -47.85
CA LYS G 136 48.56 3.34 -47.54
C LYS G 136 47.36 2.44 -47.91
N LEU G 137 46.13 2.91 -47.66
CA LEU G 137 44.92 2.18 -48.01
C LEU G 137 44.72 2.17 -49.51
N ASP G 138 44.96 3.31 -50.17
CA ASP G 138 44.83 3.44 -51.62
C ASP G 138 45.75 2.47 -52.36
N LEU G 139 46.97 2.24 -51.86
CA LEU G 139 47.89 1.31 -52.51
C LEU G 139 47.38 -0.14 -52.36
N LEU G 140 46.90 -0.52 -51.17
CA LEU G 140 46.41 -1.85 -50.92
C LEU G 140 45.15 -2.14 -51.74
N ILE G 141 44.21 -1.17 -51.81
CA ILE G 141 42.97 -1.30 -52.55
C ILE G 141 43.20 -1.42 -54.06
N THR G 142 44.05 -0.56 -54.67
CA THR G 142 44.30 -0.65 -56.11
C THR G 142 44.96 -1.99 -56.52
N GLN G 143 45.71 -2.62 -55.61
CA GLN G 143 46.29 -3.93 -55.87
C GLN G 143 45.23 -5.03 -55.68
N LEU G 144 44.32 -4.85 -54.71
CA LEU G 144 43.22 -5.79 -54.44
C LEU G 144 42.24 -5.82 -55.62
N LYS G 145 42.03 -4.67 -56.29
CA LYS G 145 41.17 -4.61 -57.47
C LYS G 145 41.73 -5.43 -58.63
N GLN G 146 43.06 -5.51 -58.73
CA GLN G 146 43.75 -6.31 -59.74
C GLN G 146 43.84 -7.81 -59.39
N GLU G 147 43.35 -8.21 -58.20
CA GLU G 147 43.37 -9.61 -57.77
C GLU G 147 42.30 -10.40 -58.48
N SER G 148 42.71 -11.04 -59.56
CA SER G 148 41.82 -11.88 -60.37
C SER G 148 41.71 -13.29 -59.73
N GLY G 149 40.70 -14.03 -60.14
CA GLY G 149 40.53 -15.39 -59.69
C GLY G 149 39.35 -15.64 -58.78
N PRO G 150 39.12 -16.91 -58.44
CA PRO G 150 38.01 -17.23 -57.53
C PRO G 150 38.33 -16.89 -56.08
N GLY G 151 37.29 -16.85 -55.26
CA GLY G 151 37.44 -16.52 -53.85
C GLY G 151 36.68 -15.25 -53.51
N ASP G 152 36.39 -15.08 -52.23
CA ASP G 152 35.65 -13.94 -51.75
C ASP G 152 36.34 -13.34 -50.50
N PHE G 153 35.59 -12.76 -49.56
CA PHE G 153 36.17 -12.19 -48.35
C PHE G 153 35.63 -12.93 -47.12
N SER G 154 35.54 -14.26 -47.23
CA SER G 154 35.01 -15.10 -46.17
C SER G 154 36.01 -16.09 -45.64
N PHE G 155 35.79 -16.53 -44.40
CA PHE G 155 36.61 -17.55 -43.78
C PHE G 155 35.94 -18.92 -44.00
N THR G 156 36.74 -19.95 -44.28
CA THR G 156 36.21 -21.26 -44.55
C THR G 156 36.13 -22.15 -43.32
N TYR G 157 34.91 -22.51 -42.92
CA TYR G 157 34.67 -23.37 -41.78
C TYR G 157 34.29 -24.77 -42.27
N SER G 158 34.82 -25.82 -41.64
CA SER G 158 34.48 -27.18 -42.03
C SER G 158 33.78 -27.95 -40.90
N ASN G 159 33.04 -27.23 -40.03
CA ASN G 159 32.37 -27.80 -38.87
C ASN G 159 31.49 -26.72 -38.21
N PRO G 160 30.27 -27.05 -37.75
CA PRO G 160 29.41 -26.03 -37.12
C PRO G 160 29.95 -25.51 -35.78
N GLN G 161 30.64 -26.36 -35.01
CA GLN G 161 31.25 -25.98 -33.73
C GLN G 161 32.42 -25.01 -33.95
N GLU G 162 33.14 -25.17 -35.09
CA GLU G 162 34.24 -24.32 -35.52
C GLU G 162 33.71 -22.92 -35.88
N ARG G 163 32.52 -22.86 -36.50
CA ARG G 163 31.84 -21.62 -36.87
C ARG G 163 31.37 -20.85 -35.63
N ALA G 164 30.98 -21.55 -34.56
CA ALA G 164 30.51 -20.92 -33.33
C ALA G 164 31.62 -20.40 -32.40
N SER G 165 32.88 -20.45 -32.83
CA SER G 165 33.99 -19.97 -32.02
C SER G 165 34.80 -18.92 -32.77
N LEU G 166 35.21 -17.83 -32.09
CA LEU G 166 36.03 -16.80 -32.71
C LEU G 166 37.48 -17.27 -32.79
N ALA G 167 37.97 -17.87 -31.71
CA ALA G 167 39.34 -18.39 -31.62
C ALA G 167 39.38 -19.84 -32.11
N PRO G 168 40.57 -20.38 -32.49
CA PRO G 168 40.63 -21.77 -32.94
C PRO G 168 40.22 -22.74 -31.83
N LEU G 169 39.60 -23.87 -32.22
CA LEU G 169 39.13 -24.85 -31.26
C LEU G 169 40.27 -25.57 -30.53
N ASN G 170 39.96 -26.12 -29.34
CA ASN G 170 40.87 -26.89 -28.50
C ASN G 170 42.11 -26.12 -28.08
N LYS G 171 41.95 -24.81 -27.82
CA LYS G 171 43.01 -23.89 -27.39
C LYS G 171 44.22 -23.85 -28.34
N GLU G 172 43.98 -24.00 -29.65
CA GLU G 172 45.06 -23.97 -30.63
C GLU G 172 45.41 -22.54 -31.03
N SER G 173 46.67 -22.32 -31.41
CA SER G 173 47.12 -20.99 -31.83
C SER G 173 46.86 -20.71 -33.32
N ARG G 174 46.65 -21.75 -34.13
CA ARG G 174 46.40 -21.60 -35.56
C ARG G 174 45.04 -22.13 -35.97
N TYR G 175 44.45 -21.51 -36.98
CA TYR G 175 43.19 -21.97 -37.55
C TYR G 175 43.49 -23.11 -38.55
N PRO G 176 42.55 -24.03 -38.83
CA PRO G 176 42.82 -25.09 -39.80
C PRO G 176 43.27 -24.57 -41.17
N THR G 177 44.02 -25.38 -41.92
CA THR G 177 44.59 -25.01 -43.21
C THR G 177 43.60 -24.31 -44.19
N ALA G 178 42.36 -24.79 -44.28
CA ALA G 178 41.38 -24.23 -45.20
C ALA G 178 40.83 -22.85 -44.84
N PHE G 179 40.92 -22.45 -43.56
CA PHE G 179 40.34 -21.20 -43.03
C PHE G 179 40.54 -19.95 -43.89
N PHE G 180 41.79 -19.60 -44.25
CA PHE G 180 42.04 -18.38 -45.04
C PHE G 180 42.20 -18.61 -46.54
N GLN G 181 42.11 -19.87 -47.01
CA GLN G 181 42.34 -20.25 -48.41
C GLN G 181 41.43 -19.56 -49.45
N ARG G 182 40.20 -19.20 -49.10
CA ARG G 182 39.29 -18.55 -50.04
C ARG G 182 39.24 -17.00 -49.89
N HIS G 183 40.00 -16.43 -48.94
CA HIS G 183 39.98 -14.99 -48.70
C HIS G 183 40.96 -14.25 -49.62
N LYS G 184 40.45 -13.40 -50.52
CA LYS G 184 41.24 -12.64 -51.49
C LYS G 184 42.24 -11.68 -50.86
N LEU G 185 41.85 -11.00 -49.78
CA LEU G 185 42.72 -10.06 -49.11
C LEU G 185 43.88 -10.78 -48.41
N HIS G 186 43.59 -11.94 -47.79
CA HIS G 186 44.64 -12.73 -47.15
C HIS G 186 45.61 -13.24 -48.21
N ALA G 187 45.08 -13.77 -49.32
CA ALA G 187 45.87 -14.32 -50.41
C ALA G 187 46.82 -13.29 -51.03
N MET G 188 46.35 -12.05 -51.18
CA MET G 188 47.19 -11.00 -51.75
C MET G 188 48.35 -10.64 -50.83
N MET G 189 48.08 -10.52 -49.52
CA MET G 189 49.11 -10.20 -48.54
C MET G 189 50.09 -11.36 -48.34
N ALA G 190 49.60 -12.61 -48.46
CA ALA G 190 50.44 -13.80 -48.33
C ALA G 190 51.43 -13.87 -49.50
N LYS G 191 50.93 -13.57 -50.72
CA LYS G 191 51.76 -13.55 -51.94
C LYS G 191 52.83 -12.45 -51.86
N ALA G 192 52.53 -11.33 -51.18
CA ALA G 192 53.48 -10.25 -50.99
C ALA G 192 54.58 -10.55 -49.96
N GLY G 193 54.47 -11.66 -49.24
CA GLY G 193 55.49 -12.05 -48.27
C GLY G 193 55.18 -11.74 -46.82
N LEU G 194 54.00 -11.18 -46.55
CA LEU G 194 53.61 -10.87 -45.18
C LEU G 194 53.27 -12.15 -44.40
N PHE G 195 53.35 -12.08 -43.06
CA PHE G 195 53.09 -13.19 -42.12
C PHE G 195 53.61 -14.57 -42.60
N PRO G 196 54.94 -14.76 -42.76
CA PRO G 196 55.44 -16.07 -43.22
C PRO G 196 55.59 -17.08 -42.09
N HIS G 197 55.59 -18.38 -42.43
CA HIS G 197 55.76 -19.45 -41.45
C HIS G 197 57.23 -19.81 -41.33
N ASN G 198 57.80 -19.73 -40.14
CA ASN G 198 59.21 -20.06 -39.94
C ASN G 198 59.38 -21.24 -38.98
N PRO G 208 64.75 -18.41 -42.74
CA PRO G 208 64.39 -17.43 -41.71
C PRO G 208 63.81 -16.14 -42.30
N ALA G 209 62.77 -16.32 -43.14
CA ALA G 209 62.00 -15.31 -43.87
C ALA G 209 61.59 -14.09 -43.03
N MET G 210 61.99 -12.89 -43.48
CA MET G 210 61.68 -11.62 -42.82
C MET G 210 60.18 -11.38 -42.67
N ASP G 211 59.74 -11.09 -41.44
CA ASP G 211 58.35 -10.83 -41.11
C ASP G 211 58.21 -9.35 -40.76
N LEU G 212 57.73 -8.54 -41.70
CA LEU G 212 57.55 -7.10 -41.48
C LEU G 212 56.52 -6.80 -40.40
N VAL G 213 55.43 -7.59 -40.33
CA VAL G 213 54.40 -7.38 -39.32
C VAL G 213 54.98 -7.59 -37.91
N PHE G 214 55.77 -8.65 -37.72
CA PHE G 214 56.41 -8.95 -36.43
C PHE G 214 57.44 -7.89 -36.03
N ALA G 215 58.12 -7.29 -37.00
CA ALA G 215 59.06 -6.22 -36.72
C ALA G 215 58.32 -4.97 -36.20
N ILE G 216 57.10 -4.71 -36.72
CA ILE G 216 56.27 -3.58 -36.29
C ILE G 216 55.69 -3.84 -34.90
N THR G 217 55.10 -5.03 -34.69
CA THR G 217 54.49 -5.38 -33.41
C THR G 217 55.49 -5.43 -32.27
N SER G 218 56.69 -5.98 -32.50
CA SER G 218 57.71 -6.05 -31.45
C SER G 218 58.36 -4.69 -31.13
N ALA G 219 58.17 -3.67 -32.00
CA ALA G 219 58.72 -2.35 -31.75
C ALA G 219 57.74 -1.40 -31.06
N MET G 220 56.42 -1.61 -31.24
CA MET G 220 55.44 -0.72 -30.64
C MET G 220 54.51 -1.38 -29.64
N PHE G 221 54.19 -2.66 -29.83
CA PHE G 221 53.22 -3.34 -28.98
C PHE G 221 53.81 -4.40 -28.04
N GLY G 222 55.11 -4.35 -27.83
CA GLY G 222 55.79 -5.27 -26.92
C GLY G 222 56.09 -6.64 -27.50
N SER G 223 56.86 -7.43 -26.73
CA SER G 223 57.29 -8.78 -27.08
C SER G 223 56.19 -9.85 -26.97
N ASP G 224 55.08 -9.54 -26.29
CA ASP G 224 54.00 -10.50 -26.10
C ASP G 224 53.23 -10.84 -27.37
N ILE G 225 53.23 -9.95 -28.38
CA ILE G 225 52.51 -10.23 -29.62
C ILE G 225 53.29 -11.21 -30.49
N PRO G 226 52.74 -12.41 -30.71
CA PRO G 226 53.45 -13.41 -31.52
C PRO G 226 53.33 -13.16 -33.01
N PRO G 227 54.15 -13.83 -33.87
CA PRO G 227 54.01 -13.64 -35.32
C PRO G 227 52.60 -14.04 -35.79
N PHE G 228 52.01 -13.27 -36.72
CA PHE G 228 50.65 -13.50 -37.21
C PHE G 228 50.40 -14.90 -37.76
N SER G 229 51.42 -15.55 -38.31
CA SER G 229 51.28 -16.91 -38.83
C SER G 229 51.28 -17.96 -37.70
N ALA G 230 51.94 -17.67 -36.57
CA ALA G 230 52.00 -18.57 -35.42
C ALA G 230 50.76 -18.46 -34.54
N TYR G 231 50.29 -17.23 -34.26
CA TYR G 231 49.09 -16.98 -33.47
C TYR G 231 48.16 -16.19 -34.39
N GLN G 232 47.26 -16.91 -35.07
CA GLN G 232 46.44 -16.37 -36.14
C GLN G 232 45.20 -15.57 -35.75
N TRP G 233 44.90 -15.37 -34.45
CA TRP G 233 43.75 -14.54 -34.06
C TRP G 233 43.96 -13.09 -34.54
N ASN G 234 45.17 -12.56 -34.33
CA ASN G 234 45.48 -11.19 -34.74
C ASN G 234 45.37 -11.01 -36.26
N LEU G 235 45.68 -12.06 -37.03
CA LEU G 235 45.57 -12.02 -38.48
C LEU G 235 44.09 -11.96 -38.90
N ARG G 236 43.24 -12.78 -38.27
CA ARG G 236 41.81 -12.80 -38.55
C ARG G 236 41.14 -11.50 -38.14
N ALA G 237 41.41 -10.99 -36.93
CA ALA G 237 40.84 -9.74 -36.45
C ALA G 237 41.32 -8.55 -37.28
N GLY G 238 42.59 -8.56 -37.65
CA GLY G 238 43.19 -7.51 -38.47
C GLY G 238 42.64 -7.45 -39.88
N ILE G 239 42.38 -8.62 -40.49
CA ILE G 239 41.81 -8.69 -41.84
C ILE G 239 40.41 -8.09 -41.84
N VAL G 240 39.58 -8.46 -40.85
CA VAL G 240 38.21 -7.95 -40.74
C VAL G 240 38.18 -6.44 -40.50
N ALA G 241 39.06 -5.91 -39.65
CA ALA G 241 39.12 -4.46 -39.42
C ALA G 241 39.62 -3.73 -40.67
N LEU G 242 40.52 -4.36 -41.43
CA LEU G 242 41.04 -3.80 -42.67
C LEU G 242 39.93 -3.71 -43.71
N GLU G 243 39.00 -4.69 -43.74
CA GLU G 243 37.81 -4.69 -44.60
C GLU G 243 36.92 -3.48 -44.30
N VAL G 244 36.77 -3.11 -43.02
CA VAL G 244 35.99 -1.93 -42.62
C VAL G 244 36.67 -0.65 -43.13
N PHE G 245 38.00 -0.54 -43.00
CA PHE G 245 38.75 0.62 -43.51
C PHE G 245 38.68 0.71 -45.04
N ILE G 246 38.72 -0.45 -45.73
CA ILE G 246 38.62 -0.52 -47.19
C ILE G 246 37.26 -0.03 -47.66
N LEU G 247 36.18 -0.47 -46.98
CA LEU G 247 34.82 -0.05 -47.28
C LEU G 247 34.64 1.44 -47.01
N ALA G 248 35.24 1.95 -45.94
CA ALA G 248 35.14 3.37 -45.62
C ALA G 248 35.85 4.21 -46.68
N TYR G 249 37.03 3.77 -47.14
CA TYR G 249 37.80 4.48 -48.17
C TYR G 249 37.03 4.48 -49.50
N GLY G 250 36.54 3.31 -49.89
CA GLY G 250 35.79 3.14 -51.12
C GLY G 250 34.52 3.96 -51.18
N LEU G 251 33.78 4.04 -50.06
CA LEU G 251 32.54 4.81 -49.98
C LEU G 251 32.77 6.31 -50.19
N LEU G 252 33.84 6.87 -49.60
CA LEU G 252 34.13 8.29 -49.71
C LEU G 252 35.10 8.66 -50.83
N GLU G 253 35.61 7.69 -51.61
CA GLU G 253 36.62 7.89 -52.66
C GLU G 253 36.37 9.10 -53.58
N PHE G 254 35.14 9.26 -54.09
CA PHE G 254 34.82 10.39 -54.97
C PHE G 254 33.80 11.34 -54.34
N GLY G 255 33.84 11.46 -53.02
CA GLY G 255 32.93 12.27 -52.25
C GLY G 255 33.11 13.77 -52.36
N GLN G 256 31.99 14.49 -52.37
CA GLN G 256 31.92 15.94 -52.39
C GLN G 256 30.94 16.36 -51.30
N VAL G 257 31.26 17.41 -50.54
CA VAL G 257 30.36 17.90 -49.49
C VAL G 257 29.94 19.37 -49.65
N ALA G 258 30.67 20.14 -50.47
CA ALA G 258 30.39 21.56 -50.67
C ALA G 258 28.96 21.82 -51.15
N ARG G 259 28.44 20.98 -52.05
CA ARG G 259 27.10 21.09 -52.61
C ARG G 259 25.99 20.79 -51.59
N GLY G 260 25.01 21.69 -51.50
CA GLY G 260 23.87 21.47 -50.62
C GLY G 260 22.85 20.62 -51.33
N HIS G 261 22.96 19.29 -51.15
CA HIS G 261 22.14 18.30 -51.83
C HIS G 261 20.67 18.37 -51.41
N PRO G 262 19.73 18.16 -52.36
CA PRO G 262 18.30 18.17 -51.96
C PRO G 262 17.93 17.00 -51.04
N ASN G 263 18.64 15.87 -51.16
CA ASN G 263 18.40 14.67 -50.35
C ASN G 263 19.32 14.57 -49.13
N ARG G 264 19.91 15.69 -48.69
CA ARG G 264 20.75 15.66 -47.50
C ARG G 264 19.84 15.65 -46.27
N ARG G 265 19.87 14.56 -45.52
CA ARG G 265 19.09 14.33 -44.33
C ARG G 265 19.65 15.08 -43.11
N LEU G 266 20.95 14.97 -42.83
CA LEU G 266 21.55 15.60 -41.66
C LEU G 266 21.56 17.12 -41.71
N ASN G 267 21.00 17.75 -40.67
CA ASN G 267 20.93 19.19 -40.53
C ASN G 267 21.42 19.55 -39.14
N LEU G 268 22.72 19.85 -39.00
CA LEU G 268 23.29 20.19 -37.69
C LEU G 268 22.77 21.48 -37.09
N VAL G 269 22.29 22.41 -37.93
CA VAL G 269 21.71 23.65 -37.42
C VAL G 269 20.42 23.34 -36.66
N SER G 270 19.61 22.37 -37.15
CA SER G 270 18.38 21.93 -36.51
C SER G 270 18.67 21.20 -35.21
N LEU G 271 19.62 20.27 -35.23
CA LEU G 271 19.97 19.45 -34.08
C LEU G 271 20.64 20.21 -32.94
N LEU G 272 21.56 21.12 -33.26
CA LEU G 272 22.35 21.80 -32.24
C LEU G 272 21.78 23.13 -31.77
N GLY G 273 21.17 23.89 -32.66
CA GLY G 273 20.60 25.19 -32.31
C GLY G 273 21.63 26.20 -31.84
N PRO G 274 21.43 26.75 -30.62
CA PRO G 274 22.38 27.76 -30.09
C PRO G 274 23.79 27.27 -29.79
N LYS G 275 24.00 25.95 -29.71
CA LYS G 275 25.32 25.38 -29.48
C LYS G 275 26.23 25.53 -30.72
N PHE G 276 25.63 25.61 -31.91
CA PHE G 276 26.34 25.76 -33.17
C PHE G 276 26.52 27.26 -33.50
N GLN G 277 27.78 27.69 -33.72
CA GLN G 277 28.15 29.03 -34.18
C GLN G 277 28.37 28.92 -35.70
N PRO G 278 27.37 29.23 -36.57
CA PRO G 278 27.60 29.04 -38.03
C PRO G 278 28.55 30.08 -38.63
N ALA G 286 33.88 27.57 -54.56
CA ALA G 286 34.90 26.79 -53.86
C ALA G 286 35.35 25.57 -54.68
N PRO G 287 36.67 25.29 -54.72
CA PRO G 287 37.15 24.12 -55.48
C PRO G 287 36.63 22.78 -54.97
N MET G 288 36.39 21.85 -55.91
CA MET G 288 35.87 20.51 -55.59
C MET G 288 36.94 19.63 -54.96
N LEU G 289 36.50 18.62 -54.22
CA LEU G 289 37.42 17.69 -53.59
C LEU G 289 37.95 16.72 -54.63
N LYS G 290 39.26 16.50 -54.63
CA LYS G 290 39.87 15.53 -55.53
C LYS G 290 39.63 14.10 -54.99
N ARG G 291 39.98 13.06 -55.78
CA ARG G 291 39.81 11.68 -55.36
C ARG G 291 40.62 11.39 -54.09
N GLY G 292 39.94 10.89 -53.06
CA GLY G 292 40.58 10.55 -51.81
C GLY G 292 40.67 11.69 -50.80
N GLN G 293 40.28 12.92 -51.20
CA GLN G 293 40.36 14.08 -50.31
C GLN G 293 39.35 14.07 -49.18
N LEU G 294 38.15 13.50 -49.39
CA LEU G 294 37.15 13.43 -48.33
C LEU G 294 37.61 12.45 -47.24
N PHE G 295 38.17 11.29 -47.65
CA PHE G 295 38.68 10.32 -46.69
C PHE G 295 39.92 10.88 -45.99
N SER G 296 40.77 11.66 -46.69
CA SER G 296 41.95 12.25 -46.06
C SER G 296 41.55 13.20 -44.94
N PHE G 297 40.44 13.94 -45.14
CA PHE G 297 39.94 14.85 -44.12
C PHE G 297 39.46 14.06 -42.92
N ILE G 298 38.66 13.01 -43.15
CA ILE G 298 38.15 12.19 -42.05
C ILE G 298 39.29 11.44 -41.32
N SER G 299 40.36 11.10 -42.02
CA SER G 299 41.49 10.40 -41.41
C SER G 299 42.30 11.34 -40.51
N GLU G 300 42.59 12.54 -41.00
CA GLU G 300 43.37 13.52 -40.26
C GLU G 300 42.60 14.17 -39.14
N HIS G 301 41.30 14.44 -39.33
CA HIS G 301 40.52 15.16 -38.34
C HIS G 301 39.61 14.30 -37.49
N TYR G 302 39.40 13.04 -37.85
CA TYR G 302 38.55 12.16 -37.04
C TYR G 302 39.30 10.89 -36.61
N ILE G 303 39.82 10.08 -37.55
CA ILE G 303 40.50 8.83 -37.19
C ILE G 303 41.69 9.05 -36.28
N ILE G 304 42.63 9.93 -36.66
CA ILE G 304 43.82 10.21 -35.89
C ILE G 304 43.49 10.79 -34.50
N PRO G 305 42.70 11.87 -34.33
CA PRO G 305 42.39 12.36 -32.97
C PRO G 305 41.64 11.34 -32.12
N THR G 306 40.79 10.50 -32.72
CA THR G 306 40.05 9.47 -32.00
C THR G 306 41.02 8.43 -31.46
N LEU G 307 41.97 7.99 -32.27
CA LEU G 307 42.96 7.00 -31.84
C LEU G 307 44.02 7.58 -30.92
N GLN G 308 44.26 8.89 -30.96
CA GLN G 308 45.19 9.54 -30.04
C GLN G 308 44.58 9.58 -28.63
N ALA G 309 43.25 9.76 -28.53
CA ALA G 309 42.52 9.79 -27.27
C ALA G 309 42.21 8.38 -26.77
N ASN G 310 41.81 7.46 -27.65
CA ASN G 310 41.50 6.08 -27.29
C ASN G 310 42.38 5.17 -28.15
N PRO G 311 43.64 4.90 -27.74
CA PRO G 311 44.53 4.07 -28.56
C PRO G 311 44.08 2.63 -28.77
N ASN G 312 43.25 2.11 -27.87
CA ASN G 312 42.78 0.73 -27.98
C ASN G 312 41.37 0.63 -28.53
N ALA G 313 40.92 1.63 -29.30
CA ALA G 313 39.57 1.63 -29.84
C ALA G 313 39.41 0.59 -30.93
N PRO G 314 38.34 -0.21 -30.86
CA PRO G 314 38.09 -1.18 -31.94
C PRO G 314 37.59 -0.46 -33.21
N VAL G 315 37.67 -1.12 -34.38
CA VAL G 315 37.24 -0.49 -35.64
C VAL G 315 35.73 -0.18 -35.61
N SER G 316 34.94 -0.95 -34.86
CA SER G 316 33.50 -0.73 -34.70
C SER G 316 33.20 0.58 -33.92
N PHE G 317 34.14 1.06 -33.11
CA PHE G 317 34.01 2.32 -32.40
C PHE G 317 34.32 3.50 -33.34
N ILE G 318 35.23 3.30 -34.31
CA ILE G 318 35.59 4.34 -35.25
C ILE G 318 34.47 4.50 -36.29
N PHE G 319 34.07 3.40 -36.94
CA PHE G 319 33.01 3.45 -37.95
C PHE G 319 31.81 2.51 -37.67
N PRO G 320 30.95 2.81 -36.66
CA PRO G 320 29.79 1.93 -36.40
C PRO G 320 28.77 1.85 -37.54
N GLY G 321 28.77 2.85 -38.43
CA GLY G 321 27.89 2.84 -39.58
C GLY G 321 28.21 1.72 -40.55
N ILE G 322 29.50 1.42 -40.73
CA ILE G 322 29.93 0.31 -41.61
C ILE G 322 29.44 -1.02 -41.01
N ILE G 323 29.52 -1.18 -39.67
CA ILE G 323 29.06 -2.36 -38.95
C ILE G 323 27.57 -2.56 -39.17
N LEU G 324 26.78 -1.48 -39.07
CA LEU G 324 25.33 -1.53 -39.27
C LEU G 324 24.97 -1.84 -40.71
N ALA G 325 25.70 -1.27 -41.67
CA ALA G 325 25.45 -1.56 -43.08
C ALA G 325 25.78 -3.02 -43.38
N ALA G 326 26.82 -3.59 -42.74
CA ALA G 326 27.23 -4.98 -42.90
C ALA G 326 26.15 -5.90 -42.35
N LEU G 327 25.61 -5.60 -41.15
CA LEU G 327 24.52 -6.39 -40.56
C LEU G 327 23.27 -6.39 -41.46
N GLU G 328 23.01 -5.25 -42.12
CA GLU G 328 21.87 -5.12 -43.01
C GLU G 328 22.12 -5.83 -44.34
N ALA G 329 23.38 -5.92 -44.80
CA ALA G 329 23.75 -6.59 -46.06
C ALA G 329 23.47 -8.09 -46.02
N ARG G 330 23.43 -8.72 -44.84
CA ARG G 330 23.12 -10.14 -44.74
C ARG G 330 21.69 -10.40 -45.19
N SER G 331 20.75 -9.52 -44.77
CA SER G 331 19.32 -9.60 -45.07
C SER G 331 19.04 -9.55 -46.56
N THR G 332 19.76 -8.69 -47.29
CA THR G 332 19.60 -8.52 -48.75
C THR G 332 19.90 -9.79 -49.55
N GLN G 337 12.30 -13.03 -50.68
CA GLN G 337 11.22 -12.91 -51.65
C GLN G 337 11.28 -11.59 -52.43
N PRO G 338 11.00 -11.64 -53.74
CA PRO G 338 11.06 -10.40 -54.55
C PRO G 338 9.76 -9.61 -54.61
N GLY G 339 9.89 -8.29 -54.54
CA GLY G 339 8.77 -7.38 -54.66
C GLY G 339 8.70 -6.36 -53.54
N PRO G 340 7.61 -5.58 -53.49
CA PRO G 340 7.44 -4.64 -52.35
C PRO G 340 7.19 -5.45 -51.06
N PHE G 341 7.73 -5.01 -49.92
CA PHE G 341 7.60 -5.79 -48.70
C PHE G 341 7.71 -4.94 -47.43
N VAL G 342 6.93 -5.32 -46.41
CA VAL G 342 6.87 -4.70 -45.09
C VAL G 342 7.57 -5.64 -44.13
N ASN G 343 8.65 -5.18 -43.50
CA ASN G 343 9.42 -6.01 -42.61
C ASN G 343 9.03 -5.90 -41.15
N LEU G 344 8.23 -6.88 -40.66
CA LEU G 344 7.82 -6.98 -39.25
C LEU G 344 8.62 -8.04 -38.49
N THR G 345 9.75 -8.53 -39.05
CA THR G 345 10.59 -9.53 -38.41
C THR G 345 11.62 -8.84 -37.48
N GLY G 346 12.06 -9.60 -36.49
CA GLY G 346 13.03 -9.09 -35.53
C GLY G 346 14.39 -9.73 -35.61
N SER G 347 14.62 -10.60 -36.60
CA SER G 347 15.88 -11.33 -36.79
C SER G 347 17.08 -10.42 -36.96
N ARG G 348 16.94 -9.31 -37.67
CA ARG G 348 18.06 -8.37 -37.84
C ARG G 348 18.46 -7.65 -36.54
N PHE G 349 17.61 -7.70 -35.51
CA PHE G 349 17.90 -7.07 -34.21
C PHE G 349 18.25 -8.11 -33.13
N ASN G 350 18.16 -9.41 -33.42
CA ASN G 350 18.42 -10.48 -32.47
C ASN G 350 19.76 -10.40 -31.78
N GLU G 351 20.84 -10.18 -32.53
CA GLU G 351 22.17 -10.14 -31.94
C GLU G 351 22.34 -8.93 -31.02
N ILE G 352 21.85 -7.75 -31.42
CA ILE G 352 21.94 -6.54 -30.58
C ILE G 352 21.08 -6.70 -29.32
N PHE G 353 19.83 -7.17 -29.49
CA PHE G 353 18.88 -7.34 -28.39
C PHE G 353 19.32 -8.40 -27.39
N GLU G 354 19.98 -9.47 -27.85
CA GLU G 354 20.47 -10.51 -26.95
C GLU G 354 21.60 -9.98 -26.06
N ILE G 355 22.46 -9.11 -26.59
CA ILE G 355 23.53 -8.50 -25.80
C ILE G 355 22.89 -7.59 -24.74
N LEU G 356 21.91 -6.77 -25.15
CA LEU G 356 21.19 -5.88 -24.24
C LEU G 356 20.48 -6.63 -23.11
N ASN G 357 19.86 -7.78 -23.43
CA ASN G 357 19.19 -8.60 -22.42
C ASN G 357 20.19 -9.22 -21.47
N GLN G 358 21.33 -9.68 -22.00
CA GLN G 358 22.34 -10.32 -21.19
C GLN G 358 23.10 -9.38 -20.30
N GLN G 359 23.26 -8.09 -20.67
CA GLN G 359 24.02 -7.19 -19.80
C GLN G 359 23.13 -6.31 -18.91
N LEU G 360 21.87 -6.07 -19.30
CA LEU G 360 20.97 -5.24 -18.47
C LEU G 360 20.01 -6.05 -17.62
N THR G 361 19.66 -7.27 -18.05
CA THR G 361 18.66 -8.06 -17.33
C THR G 361 19.21 -9.33 -16.65
N PHE G 362 19.82 -10.24 -17.43
CA PHE G 362 20.23 -11.53 -16.89
C PHE G 362 21.60 -11.54 -16.23
N ARG G 363 22.51 -10.69 -16.71
CA ARG G 363 23.88 -10.60 -16.21
C ARG G 363 24.57 -11.99 -16.14
N ASP G 364 24.52 -12.73 -17.26
CA ASP G 364 25.14 -14.04 -17.40
C ASP G 364 26.39 -13.81 -18.23
N PRO G 365 27.57 -14.02 -17.64
CA PRO G 365 28.82 -13.75 -18.36
C PRO G 365 29.06 -14.64 -19.57
N LEU G 366 28.68 -15.92 -19.50
CA LEU G 366 28.88 -16.85 -20.60
C LEU G 366 27.93 -16.56 -21.75
N ALA G 367 26.65 -16.34 -21.44
CA ALA G 367 25.64 -16.04 -22.45
C ALA G 367 25.91 -14.71 -23.14
N LEU G 368 26.46 -13.72 -22.41
CA LEU G 368 26.82 -12.42 -22.97
C LEU G 368 27.98 -12.59 -23.95
N LEU G 369 28.94 -13.47 -23.63
CA LEU G 369 30.09 -13.74 -24.48
C LEU G 369 29.66 -14.42 -25.77
N GLN G 370 28.68 -15.33 -25.69
CA GLN G 370 28.13 -16.01 -26.87
C GLN G 370 27.38 -15.02 -27.76
N ALA G 371 26.64 -14.08 -27.13
CA ALA G 371 25.90 -13.05 -27.83
C ALA G 371 26.86 -12.09 -28.56
N ARG G 372 27.99 -11.77 -27.94
CA ARG G 372 29.01 -10.91 -28.53
C ARG G 372 29.66 -11.57 -29.73
N THR G 373 29.89 -12.90 -29.66
CA THR G 373 30.47 -13.69 -30.74
C THR G 373 29.51 -13.72 -31.93
N ALA G 374 28.21 -13.92 -31.65
CA ALA G 374 27.19 -13.97 -32.69
C ALA G 374 27.09 -12.65 -33.45
N LEU G 375 27.21 -11.51 -32.74
CA LEU G 375 27.15 -10.19 -33.39
C LEU G 375 28.39 -9.98 -34.28
N ARG G 376 29.57 -10.43 -33.81
CA ARG G 376 30.81 -10.30 -34.55
C ARG G 376 30.81 -11.18 -35.81
N LEU G 377 30.31 -12.42 -35.70
CA LEU G 377 30.22 -13.33 -36.84
C LEU G 377 29.21 -12.84 -37.88
N ALA G 378 28.10 -12.25 -37.42
CA ALA G 378 27.08 -11.70 -38.31
C ALA G 378 27.66 -10.52 -39.10
N THR G 379 28.50 -9.70 -38.46
CA THR G 379 29.15 -8.56 -39.09
C THR G 379 30.14 -9.05 -40.14
N GLU G 380 30.94 -10.08 -39.82
CA GLU G 380 31.91 -10.66 -40.76
C GLU G 380 31.23 -11.24 -42.00
N GLU G 381 30.04 -11.81 -41.82
CA GLU G 381 29.23 -12.38 -42.89
C GLU G 381 28.75 -11.26 -43.81
N GLY G 382 28.28 -10.16 -43.22
CA GLY G 382 27.80 -8.98 -43.94
C GLY G 382 28.89 -8.21 -44.65
N LEU G 383 30.11 -8.15 -44.07
CA LEU G 383 31.26 -7.47 -44.69
C LEU G 383 31.67 -8.22 -45.96
N ASP G 384 31.57 -9.55 -45.96
CA ASP G 384 31.88 -10.38 -47.12
C ASP G 384 30.83 -10.09 -48.22
N VAL G 385 29.54 -9.90 -47.87
CA VAL G 385 28.50 -9.57 -48.84
C VAL G 385 28.82 -8.22 -49.50
N LEU G 386 29.15 -7.22 -48.69
CA LEU G 386 29.51 -5.88 -49.15
C LEU G 386 30.73 -5.88 -50.08
N LEU G 387 31.82 -6.54 -49.67
CA LEU G 387 33.04 -6.58 -50.48
C LEU G 387 32.98 -7.51 -51.68
N SER G 388 32.09 -8.50 -51.65
CA SER G 388 31.93 -9.41 -52.79
C SER G 388 31.06 -8.84 -53.90
N HIS G 389 30.29 -7.77 -53.61
CA HIS G 389 29.45 -7.11 -54.59
C HIS G 389 30.35 -6.50 -55.68
N PRO G 390 29.95 -6.54 -56.97
CA PRO G 390 30.81 -5.98 -58.03
C PRO G 390 31.18 -4.50 -57.85
N SER G 391 30.31 -3.73 -57.18
CA SER G 391 30.57 -2.31 -56.90
C SER G 391 30.22 -2.06 -55.44
N PRO G 392 31.12 -2.41 -54.52
CA PRO G 392 30.82 -2.27 -53.08
C PRO G 392 30.25 -0.90 -52.64
N PRO G 393 30.78 0.28 -53.04
CA PRO G 393 30.18 1.53 -52.58
C PRO G 393 28.73 1.73 -53.07
N THR G 394 28.34 1.10 -54.18
CA THR G 394 26.98 1.22 -54.71
C THR G 394 25.98 0.51 -53.79
N LEU G 395 26.33 -0.71 -53.34
CA LEU G 395 25.47 -1.45 -52.42
C LEU G 395 25.39 -0.73 -51.07
N LEU G 396 26.54 -0.23 -50.61
CA LEU G 396 26.67 0.52 -49.38
C LEU G 396 25.80 1.78 -49.41
N GLN G 397 25.79 2.49 -50.55
CA GLN G 397 24.96 3.69 -50.73
C GLN G 397 23.48 3.36 -50.65
N GLU G 398 23.07 2.22 -51.25
CA GLU G 398 21.69 1.76 -51.27
C GLU G 398 21.19 1.46 -49.85
N ILE G 399 22.02 0.78 -49.04
CA ILE G 399 21.67 0.43 -47.67
C ILE G 399 21.57 1.69 -46.78
N ILE G 400 22.52 2.60 -46.90
CA ILE G 400 22.51 3.84 -46.14
C ILE G 400 21.30 4.71 -46.50
N LYS G 401 20.86 4.68 -47.75
CA LYS G 401 19.69 5.45 -48.18
C LYS G 401 18.38 4.81 -47.69
N SER G 402 18.16 3.52 -48.00
CA SER G 402 16.95 2.80 -47.65
C SER G 402 16.73 2.59 -46.16
N GLN G 403 17.76 2.17 -45.42
CA GLN G 403 17.62 1.86 -44.02
C GLN G 403 17.98 2.99 -43.08
N PHE G 404 18.86 3.90 -43.52
CA PHE G 404 19.32 4.95 -42.62
C PHE G 404 19.03 6.40 -43.09
N GLY G 405 18.42 6.55 -44.26
CA GLY G 405 18.02 7.85 -44.76
C GLY G 405 19.08 8.76 -45.36
N GLY G 406 20.31 8.28 -45.47
CA GLY G 406 21.41 9.06 -46.04
C GLY G 406 21.34 9.22 -47.55
N GLY G 407 21.27 10.47 -48.02
CA GLY G 407 21.14 10.73 -49.44
C GLY G 407 22.34 11.28 -50.17
N ASP G 408 23.41 11.67 -49.45
CA ASP G 408 24.59 12.23 -50.10
C ASP G 408 25.91 11.84 -49.38
N ASP G 409 27.07 12.30 -49.89
CA ASP G 409 28.37 11.97 -49.30
C ASP G 409 28.54 12.52 -47.89
N TYR G 410 27.93 13.69 -47.62
CA TYR G 410 27.92 14.34 -46.31
C TYR G 410 27.22 13.40 -45.31
N ASP G 411 26.05 12.88 -45.69
CA ASP G 411 25.27 11.96 -44.86
C ASP G 411 26.03 10.67 -44.67
N ARG G 412 26.67 10.15 -45.71
CA ARG G 412 27.41 8.89 -45.61
C ARG G 412 28.60 9.01 -44.68
N ALA G 413 29.33 10.13 -44.72
CA ALA G 413 30.47 10.34 -43.85
C ALA G 413 30.00 10.42 -42.39
N TYR G 414 28.93 11.19 -42.13
CA TYR G 414 28.39 11.31 -40.78
C TYR G 414 27.77 10.02 -40.27
N PHE G 415 27.14 9.23 -41.14
CA PHE G 415 26.54 7.97 -40.76
C PHE G 415 27.61 6.96 -40.35
N MET G 416 28.76 6.93 -41.04
CA MET G 416 29.85 6.00 -40.68
C MET G 416 30.33 6.28 -39.26
N VAL G 417 30.46 7.54 -38.91
CA VAL G 417 30.91 7.98 -37.59
C VAL G 417 29.84 7.82 -36.50
N LEU G 418 28.61 8.30 -36.75
CA LEU G 418 27.54 8.31 -35.73
C LEU G 418 26.74 7.02 -35.59
N GLY G 419 26.71 6.21 -36.64
CA GLY G 419 25.89 5.00 -36.66
C GLY G 419 24.43 5.27 -36.93
N CYS G 420 24.06 6.54 -37.19
CA CYS G 420 22.69 6.97 -37.44
C CYS G 420 22.71 8.41 -37.97
N LEU G 421 21.58 8.90 -38.46
CA LEU G 421 21.45 10.27 -38.93
C LEU G 421 20.21 10.84 -38.26
N PRO G 422 20.37 11.43 -37.07
CA PRO G 422 19.20 11.98 -36.36
C PRO G 422 18.58 13.19 -37.05
N VAL G 423 17.25 13.28 -36.96
CA VAL G 423 16.49 14.44 -37.44
C VAL G 423 15.59 14.94 -36.32
N VAL G 424 15.21 16.23 -36.36
CA VAL G 424 14.30 16.78 -35.36
C VAL G 424 12.89 16.71 -35.94
N LEU G 425 11.93 16.15 -35.19
CA LEU G 425 10.55 16.10 -35.66
C LEU G 425 9.67 16.79 -34.66
N ALA G 426 8.87 17.76 -35.11
CA ALA G 426 7.97 18.49 -34.23
C ALA G 426 6.98 17.58 -33.50
N VAL G 427 6.86 17.77 -32.18
CA VAL G 427 5.96 17.00 -31.32
C VAL G 427 4.49 17.31 -31.70
N VAL G 428 4.19 18.56 -32.03
CA VAL G 428 2.86 18.96 -32.48
C VAL G 428 2.88 19.18 -33.99
N PRO G 429 2.02 18.46 -34.74
CA PRO G 429 1.99 18.64 -36.20
C PRO G 429 1.01 19.76 -36.60
N ARG H 5 -32.17 -42.23 20.41
CA ARG H 5 -33.32 -41.32 20.52
C ARG H 5 -33.14 -40.05 19.69
N ASN H 6 -32.67 -40.18 18.43
CA ASN H 6 -32.47 -39.04 17.54
C ASN H 6 -33.81 -38.59 16.98
N PHE H 7 -34.02 -37.28 16.86
CA PHE H 7 -35.25 -36.75 16.28
C PHE H 7 -34.97 -35.65 15.27
N THR H 8 -35.92 -35.43 14.37
CA THR H 8 -35.76 -34.47 13.30
C THR H 8 -36.76 -33.33 13.42
N VAL H 9 -36.33 -32.09 13.15
CA VAL H 9 -37.19 -30.91 13.17
C VAL H 9 -36.98 -30.05 11.91
N ALA H 10 -37.96 -29.24 11.54
CA ALA H 10 -37.86 -28.31 10.43
C ALA H 10 -38.56 -27.03 10.89
N ILE H 11 -37.97 -25.87 10.62
CA ILE H 11 -38.51 -24.60 11.11
C ILE H 11 -39.40 -23.89 10.08
N VAL H 12 -38.90 -23.72 8.84
CA VAL H 12 -39.68 -23.03 7.79
C VAL H 12 -39.76 -23.91 6.52
N PRO H 13 -40.83 -23.76 5.70
CA PRO H 13 -40.91 -24.57 4.47
C PRO H 13 -39.76 -24.28 3.51
N GLY H 14 -39.31 -25.32 2.80
CA GLY H 14 -38.22 -25.19 1.85
C GLY H 14 -36.83 -25.28 2.45
N ASP H 15 -36.72 -25.19 3.78
CA ASP H 15 -35.44 -25.25 4.48
C ASP H 15 -35.05 -26.69 4.85
N PRO H 16 -33.78 -26.96 5.20
CA PRO H 16 -33.41 -28.32 5.57
C PRO H 16 -33.98 -28.76 6.91
N HIS H 17 -34.08 -30.07 7.09
CA HIS H 17 -34.49 -30.69 8.34
C HIS H 17 -33.21 -30.89 9.16
N PHE H 18 -33.31 -30.73 10.48
CA PHE H 18 -32.16 -30.91 11.36
C PHE H 18 -32.36 -32.16 12.20
N SER H 19 -31.39 -33.07 12.17
CA SER H 19 -31.44 -34.27 13.00
C SER H 19 -30.59 -34.00 14.21
N VAL H 20 -31.17 -34.08 15.40
CA VAL H 20 -30.45 -33.81 16.63
C VAL H 20 -30.61 -34.96 17.62
N ASP H 21 -29.69 -35.07 18.57
CA ASP H 21 -29.75 -36.09 19.60
C ASP H 21 -30.76 -35.66 20.68
N ARG H 22 -30.70 -34.38 21.13
CA ARG H 22 -31.55 -33.88 22.21
C ARG H 22 -32.02 -32.42 22.05
N ASP H 23 -31.11 -31.51 21.69
CA ASP H 23 -31.42 -30.08 21.65
C ASP H 23 -30.81 -29.39 20.43
N LEU H 24 -31.63 -28.74 19.58
CA LEU H 24 -31.16 -28.01 18.42
C LEU H 24 -30.19 -26.85 18.77
N ARG H 25 -30.55 -25.95 19.69
CA ARG H 25 -29.69 -24.84 20.08
C ARG H 25 -28.35 -25.33 20.67
N GLY H 26 -28.41 -26.33 21.53
CA GLY H 26 -27.24 -26.87 22.19
C GLY H 26 -26.29 -27.59 21.26
N GLU H 27 -26.81 -28.14 20.15
CA GLU H 27 -25.98 -28.86 19.19
C GLU H 27 -25.55 -28.01 18.00
N LEU H 28 -26.27 -26.94 17.70
CA LEU H 28 -25.93 -26.06 16.58
C LEU H 28 -24.84 -25.05 16.94
N MET H 29 -24.97 -24.36 18.08
CA MET H 29 -24.03 -23.31 18.48
C MET H 29 -22.55 -23.75 18.56
N PRO H 30 -22.17 -24.90 19.15
CA PRO H 30 -20.74 -25.26 19.19
C PRO H 30 -20.09 -25.39 17.82
N THR H 31 -20.87 -25.77 16.80
CA THR H 31 -20.35 -25.93 15.44
C THR H 31 -19.90 -24.61 14.80
N LEU H 32 -20.27 -23.46 15.39
CA LEU H 32 -19.87 -22.14 14.88
C LEU H 32 -18.48 -21.69 15.37
N TYR H 33 -17.84 -22.47 16.25
CA TYR H 33 -16.53 -22.15 16.80
C TYR H 33 -15.45 -23.13 16.30
N MET H 34 -15.64 -23.67 15.10
CA MET H 34 -14.74 -24.67 14.54
C MET H 34 -13.92 -24.18 13.34
N ASN H 35 -13.91 -22.85 13.10
CA ASN H 35 -13.18 -22.23 12.01
C ASN H 35 -12.59 -20.90 12.55
N GLN H 36 -12.02 -20.94 13.77
CA GLN H 36 -11.58 -19.76 14.51
C GLN H 36 -10.48 -18.94 13.83
N ASN H 37 -9.81 -19.51 12.82
CA ASN H 37 -8.79 -18.79 12.06
C ASN H 37 -9.43 -17.87 11.01
N GLN H 38 -10.65 -18.18 10.55
CA GLN H 38 -11.31 -17.43 9.49
C GLN H 38 -12.51 -16.60 9.93
N TRP H 39 -13.34 -17.13 10.84
CA TRP H 39 -14.50 -16.40 11.28
C TRP H 39 -14.99 -16.80 12.66
N LEU H 40 -15.76 -15.92 13.30
CA LEU H 40 -16.35 -16.15 14.61
C LEU H 40 -17.79 -15.67 14.56
N PRO H 41 -18.70 -16.31 15.32
CA PRO H 41 -20.12 -15.87 15.29
C PRO H 41 -20.40 -14.56 16.04
N SER H 42 -21.47 -13.87 15.64
CA SER H 42 -21.97 -12.66 16.27
C SER H 42 -23.49 -12.85 16.40
N PHE H 43 -24.06 -12.58 17.58
CA PHE H 43 -25.46 -12.89 17.85
C PHE H 43 -26.42 -11.69 17.91
N GLY H 44 -26.00 -10.51 17.43
CA GLY H 44 -26.90 -9.36 17.38
C GLY H 44 -26.65 -8.30 18.42
N PRO H 45 -27.28 -7.13 18.23
CA PRO H 45 -27.07 -6.00 19.16
C PRO H 45 -27.27 -6.29 20.65
N TRP H 46 -28.33 -7.02 21.01
CA TRP H 46 -28.62 -7.36 22.41
C TRP H 46 -27.52 -8.23 23.00
N PHE H 47 -27.02 -9.22 22.24
CA PHE H 47 -25.95 -10.08 22.72
C PHE H 47 -24.58 -9.38 22.72
N ILE H 48 -24.39 -8.39 21.84
CA ILE H 48 -23.17 -7.59 21.82
C ILE H 48 -23.14 -6.72 23.10
N SER H 49 -24.30 -6.14 23.48
CA SER H 49 -24.45 -5.34 24.70
C SER H 49 -24.30 -6.23 25.93
N LEU H 50 -24.83 -7.46 25.87
CA LEU H 50 -24.74 -8.44 26.95
C LEU H 50 -23.29 -8.78 27.18
N THR H 51 -22.53 -9.03 26.09
CA THR H 51 -21.11 -9.40 26.17
C THR H 51 -20.31 -8.25 26.74
N ASP H 52 -20.58 -7.01 26.31
CA ASP H 52 -19.94 -5.81 26.84
C ASP H 52 -20.16 -5.70 28.35
N ASN H 53 -21.41 -5.90 28.80
CA ASN H 53 -21.77 -5.79 30.20
C ASN H 53 -21.18 -6.90 31.04
N ALA H 54 -21.25 -8.15 30.56
CA ALA H 54 -20.72 -9.31 31.25
C ALA H 54 -19.22 -9.17 31.55
N MET H 55 -18.44 -8.61 30.62
CA MET H 55 -16.99 -8.45 30.84
C MET H 55 -16.65 -7.34 31.83
N GLN H 56 -17.59 -6.41 32.08
CA GLN H 56 -17.41 -5.31 33.03
C GLN H 56 -17.85 -5.69 34.45
N ARG H 57 -18.74 -6.68 34.60
CA ARG H 57 -19.27 -7.11 35.89
C ARG H 57 -18.17 -7.51 36.87
N ARG H 58 -18.20 -6.93 38.07
CA ARG H 58 -17.26 -7.25 39.14
C ARG H 58 -17.50 -8.71 39.57
N VAL H 59 -18.78 -9.10 39.70
CA VAL H 59 -19.16 -10.45 40.08
C VAL H 59 -19.74 -11.16 38.86
N PHE H 60 -18.95 -12.03 38.24
CA PHE H 60 -19.35 -12.78 37.05
C PHE H 60 -18.48 -14.04 36.93
N PRO H 61 -19.04 -15.20 36.53
CA PRO H 61 -18.20 -16.42 36.45
C PRO H 61 -17.01 -16.30 35.51
N LYS H 62 -15.79 -16.61 36.00
CA LYS H 62 -14.56 -16.53 35.22
C LYS H 62 -14.57 -17.40 33.96
N GLU H 63 -15.22 -18.58 34.02
CA GLU H 63 -15.27 -19.47 32.85
C GLU H 63 -16.06 -18.89 31.67
N LEU H 64 -16.92 -17.89 31.92
CA LEU H 64 -17.67 -17.23 30.87
C LEU H 64 -16.94 -16.00 30.29
N LYS H 65 -15.70 -15.71 30.74
CA LYS H 65 -14.92 -14.56 30.29
C LYS H 65 -13.77 -14.94 29.35
N GLY H 66 -13.99 -15.94 28.49
CA GLY H 66 -12.99 -16.40 27.54
C GLY H 66 -12.60 -15.37 26.50
N THR H 67 -11.41 -15.53 25.86
CA THR H 67 -10.89 -14.58 24.85
C THR H 67 -11.81 -14.26 23.69
N VAL H 68 -12.67 -15.20 23.28
CA VAL H 68 -13.59 -14.97 22.15
C VAL H 68 -14.52 -13.77 22.40
N ASN H 69 -14.84 -13.47 23.68
CA ASN H 69 -15.66 -12.32 24.05
C ASN H 69 -15.04 -10.97 23.65
N PHE H 70 -13.72 -10.93 23.55
CA PHE H 70 -12.95 -9.73 23.20
C PHE H 70 -12.53 -9.70 21.73
N GLN H 71 -13.12 -10.57 20.89
CA GLN H 71 -12.77 -10.67 19.47
C GLN H 71 -14.03 -10.50 18.62
N ASN H 72 -14.85 -9.46 18.91
CA ASN H 72 -16.08 -9.14 18.19
C ASN H 72 -17.03 -10.35 18.12
N SER H 73 -17.13 -11.05 19.24
CA SER H 73 -17.94 -12.24 19.33
C SER H 73 -18.36 -12.48 20.81
N THR H 74 -18.96 -13.62 21.10
CA THR H 74 -19.36 -14.06 22.43
C THR H 74 -18.84 -15.49 22.53
N SER H 75 -18.16 -15.82 23.63
CA SER H 75 -17.63 -17.17 23.80
C SER H 75 -18.74 -18.22 23.82
N LEU H 76 -18.41 -19.46 23.43
CA LEU H 76 -19.38 -20.56 23.41
C LEU H 76 -19.98 -20.78 24.78
N LYS H 77 -19.16 -20.73 25.85
CA LYS H 77 -19.68 -20.90 27.20
C LYS H 77 -20.68 -19.80 27.58
N LEU H 78 -20.41 -18.54 27.25
CA LEU H 78 -21.35 -17.46 27.55
C LEU H 78 -22.66 -17.56 26.77
N ILE H 79 -22.60 -17.78 25.45
CA ILE H 79 -23.80 -17.87 24.63
C ILE H 79 -24.66 -19.09 25.00
N SER H 80 -24.04 -20.27 25.24
CA SER H 80 -24.81 -21.46 25.57
C SER H 80 -25.42 -21.40 26.97
N HIS H 81 -24.70 -20.85 27.95
CA HIS H 81 -25.24 -20.71 29.30
C HIS H 81 -26.37 -19.66 29.33
N THR H 82 -26.26 -18.60 28.50
CA THR H 82 -27.31 -17.58 28.42
C THR H 82 -28.57 -18.21 27.82
N LEU H 83 -28.44 -18.90 26.67
CA LEU H 83 -29.57 -19.54 26.02
C LEU H 83 -30.20 -20.63 26.88
N THR H 84 -29.39 -21.38 27.65
CA THR H 84 -29.93 -22.41 28.54
C THR H 84 -30.75 -21.76 29.66
N THR H 85 -30.28 -20.63 30.20
CA THR H 85 -30.96 -19.88 31.25
C THR H 85 -32.31 -19.39 30.76
N VAL H 86 -32.35 -18.86 29.52
CA VAL H 86 -33.59 -18.38 28.93
C VAL H 86 -34.55 -19.55 28.69
N ALA H 87 -34.04 -20.68 28.18
CA ALA H 87 -34.84 -21.88 27.94
C ALA H 87 -35.42 -22.50 29.21
N SER H 88 -34.82 -22.21 30.38
CA SER H 88 -35.32 -22.74 31.65
C SER H 88 -36.27 -21.78 32.38
N THR H 89 -36.64 -20.64 31.77
CA THR H 89 -37.48 -19.62 32.41
C THR H 89 -38.74 -20.18 33.04
N THR H 90 -39.51 -20.96 32.28
CA THR H 90 -40.76 -21.52 32.79
C THR H 90 -40.66 -22.99 33.16
N ALA H 91 -39.45 -23.47 33.50
CA ALA H 91 -39.27 -24.85 33.94
C ALA H 91 -39.76 -24.95 35.39
N ASP H 92 -40.34 -26.09 35.75
CA ASP H 92 -40.88 -26.30 37.09
C ASP H 92 -39.77 -26.73 38.04
N PHE H 93 -39.52 -25.94 39.09
CA PHE H 93 -38.52 -26.29 40.08
C PHE H 93 -39.14 -26.75 41.43
N PHE H 94 -40.48 -26.79 41.53
CA PHE H 94 -41.18 -27.30 42.70
C PHE H 94 -41.34 -28.79 42.43
N ALA H 95 -40.86 -29.67 43.32
CA ALA H 95 -41.03 -31.11 43.09
C ALA H 95 -42.44 -31.49 43.57
N ASP H 96 -43.47 -31.22 42.74
CA ASP H 96 -44.85 -31.50 43.13
C ASP H 96 -45.60 -32.40 42.15
N ALA H 97 -46.25 -33.45 42.66
CA ALA H 97 -47.04 -34.40 41.86
C ALA H 97 -48.33 -33.79 41.31
N ARG H 98 -48.83 -32.72 41.95
CA ARG H 98 -50.03 -32.01 41.49
C ARG H 98 -49.74 -31.09 40.29
N HIS H 99 -48.47 -30.90 39.92
CA HIS H 99 -48.05 -29.99 38.87
C HIS H 99 -47.93 -30.59 37.48
N LEU H 100 -48.41 -29.85 36.50
CA LEU H 100 -48.25 -30.13 35.09
C LEU H 100 -47.12 -29.20 34.62
N THR H 101 -46.53 -29.47 33.43
CA THR H 101 -45.58 -28.49 32.86
C THR H 101 -46.45 -27.33 32.34
N ASP H 102 -45.90 -26.12 32.24
CA ASP H 102 -46.70 -24.99 31.76
C ASP H 102 -47.25 -25.24 30.34
N THR H 103 -46.48 -25.95 29.49
CA THR H 103 -46.91 -26.32 28.14
C THR H 103 -48.14 -27.26 28.20
N GLN H 104 -48.10 -28.26 29.07
CA GLN H 104 -49.20 -29.22 29.24
C GLN H 104 -50.44 -28.52 29.76
N ALA H 105 -50.28 -27.59 30.71
CA ALA H 105 -51.41 -26.83 31.25
C ALA H 105 -52.02 -25.91 30.19
N ALA H 106 -51.18 -25.28 29.36
CA ALA H 106 -51.63 -24.41 28.27
C ALA H 106 -52.39 -25.23 27.23
N LEU H 107 -51.89 -26.44 26.91
CA LEU H 107 -52.54 -27.30 25.95
C LEU H 107 -53.88 -27.81 26.46
N CYS H 108 -54.00 -28.07 27.77
CA CYS H 108 -55.27 -28.49 28.36
C CYS H 108 -56.28 -27.36 28.29
N LEU H 109 -55.85 -26.12 28.55
CA LEU H 109 -56.72 -24.95 28.49
C LEU H 109 -57.23 -24.68 27.08
N VAL H 110 -56.34 -24.61 26.08
CA VAL H 110 -56.74 -24.35 24.69
C VAL H 110 -57.60 -25.49 24.11
N ASN H 111 -57.37 -26.74 24.56
CA ASN H 111 -58.16 -27.88 24.08
C ASN H 111 -59.53 -27.90 24.73
N ALA H 112 -59.62 -27.55 26.02
CA ALA H 112 -60.90 -27.49 26.71
C ALA H 112 -61.74 -26.37 26.12
N TYR H 113 -61.12 -25.22 25.81
CA TYR H 113 -61.82 -24.09 25.22
C TYR H 113 -62.38 -24.45 23.84
N PHE H 114 -61.61 -25.21 23.05
CA PHE H 114 -62.00 -25.64 21.72
C PHE H 114 -63.18 -26.60 21.79
N CYS H 115 -63.17 -27.52 22.77
CA CYS H 115 -64.27 -28.46 22.93
C CYS H 115 -65.55 -27.78 23.42
N GLN H 116 -65.39 -26.73 24.25
CA GLN H 116 -66.52 -25.96 24.75
C GLN H 116 -67.16 -25.15 23.63
N LYS H 117 -66.34 -24.57 22.74
CA LYS H 117 -66.85 -23.72 21.66
C LYS H 117 -67.27 -24.48 20.40
N THR H 118 -66.73 -25.67 20.16
CA THR H 118 -67.04 -26.42 18.94
C THR H 118 -67.80 -27.72 19.17
N SER H 119 -67.76 -28.27 20.37
CA SER H 119 -68.37 -29.57 20.70
C SER H 119 -67.67 -30.77 20.01
N ARG H 120 -66.46 -30.55 19.50
CA ARG H 120 -65.59 -31.61 18.97
C ARG H 120 -65.18 -32.48 20.14
N GLN H 121 -65.04 -33.79 19.90
CA GLN H 121 -64.67 -34.77 20.91
C GLN H 121 -63.44 -34.38 21.73
N LEU H 122 -63.51 -34.58 23.06
CA LEU H 122 -62.45 -34.30 24.01
C LEU H 122 -61.19 -35.07 23.63
N PRO H 123 -60.01 -34.45 23.73
CA PRO H 123 -58.77 -35.17 23.35
C PRO H 123 -58.56 -36.41 24.22
N ALA H 124 -58.11 -37.53 23.62
CA ALA H 124 -57.93 -38.78 24.35
C ALA H 124 -56.48 -39.01 24.76
N THR H 125 -55.53 -38.73 23.86
CA THR H 125 -54.09 -38.92 24.10
C THR H 125 -53.36 -37.59 24.06
N PRO H 126 -52.13 -37.49 24.62
CA PRO H 126 -51.38 -36.23 24.52
C PRO H 126 -51.11 -35.79 23.07
N ASP H 127 -51.13 -36.72 22.11
CA ASP H 127 -50.96 -36.40 20.68
C ASP H 127 -52.17 -35.62 20.16
N ASP H 128 -53.38 -35.94 20.66
CA ASP H 128 -54.63 -35.27 20.31
C ASP H 128 -54.63 -33.80 20.79
N LEU H 129 -53.88 -33.49 21.87
CA LEU H 129 -53.74 -32.13 22.38
C LEU H 129 -53.04 -31.25 21.34
N LEU H 130 -52.05 -31.81 20.64
CA LEU H 130 -51.26 -31.10 19.64
C LEU H 130 -51.85 -31.14 18.24
N ALA H 131 -52.77 -32.07 17.97
CA ALA H 131 -53.42 -32.18 16.67
C ALA H 131 -54.26 -30.93 16.44
N ASP H 132 -54.10 -30.29 15.28
CA ASP H 132 -54.84 -29.08 14.92
C ASP H 132 -54.58 -27.93 15.89
N LEU H 133 -53.36 -27.84 16.43
CA LEU H 133 -52.99 -26.75 17.34
C LEU H 133 -53.15 -25.35 16.69
N PRO H 134 -52.77 -25.12 15.41
CA PRO H 134 -53.00 -23.80 14.82
C PRO H 134 -54.48 -23.41 14.82
N GLN H 135 -55.38 -24.37 14.53
CA GLN H 135 -56.82 -24.14 14.50
C GLN H 135 -57.38 -23.89 15.90
N LYS H 136 -56.86 -24.60 16.90
CA LYS H 136 -57.29 -24.44 18.29
C LYS H 136 -56.86 -23.08 18.83
N LEU H 137 -55.63 -22.64 18.49
CA LEU H 137 -55.11 -21.33 18.90
C LEU H 137 -55.85 -20.21 18.18
N ASP H 138 -56.11 -20.39 16.88
CA ASP H 138 -56.82 -19.41 16.07
C ASP H 138 -58.23 -19.12 16.61
N LEU H 139 -58.93 -20.15 17.10
CA LEU H 139 -60.27 -19.94 17.66
C LEU H 139 -60.18 -19.13 18.96
N LEU H 140 -59.22 -19.46 19.84
CA LEU H 140 -59.05 -18.77 21.11
C LEU H 140 -58.65 -17.30 20.91
N ILE H 141 -57.71 -17.05 19.97
CA ILE H 141 -57.23 -15.71 19.67
C ILE H 141 -58.31 -14.81 19.06
N THR H 142 -59.08 -15.30 18.07
CA THR H 142 -60.12 -14.47 17.46
C THR H 142 -61.21 -14.08 18.48
N GLN H 143 -61.45 -14.92 19.50
CA GLN H 143 -62.41 -14.61 20.55
C GLN H 143 -61.80 -13.63 21.55
N LEU H 144 -60.49 -13.75 21.82
CA LEU H 144 -59.75 -12.85 22.72
C LEU H 144 -59.70 -11.43 22.14
N LYS H 145 -59.61 -11.30 20.81
CA LYS H 145 -59.59 -10.00 20.15
C LYS H 145 -60.94 -9.28 20.32
N GLN H 146 -62.04 -10.03 20.40
CA GLN H 146 -63.39 -9.50 20.63
C GLN H 146 -63.68 -9.19 22.11
N GLU H 147 -62.74 -9.51 23.03
CA GLU H 147 -62.91 -9.26 24.45
C GLU H 147 -62.74 -7.78 24.75
N SER H 148 -63.85 -7.07 24.80
CA SER H 148 -63.85 -5.65 25.10
C SER H 148 -63.83 -5.43 26.62
N GLY H 149 -63.50 -4.21 27.04
CA GLY H 149 -63.51 -3.85 28.45
C GLY H 149 -62.15 -3.58 29.04
N PRO H 150 -62.14 -3.15 30.31
CA PRO H 150 -60.85 -2.89 30.96
C PRO H 150 -60.14 -4.18 31.39
N GLY H 151 -58.86 -4.04 31.70
CA GLY H 151 -58.05 -5.19 32.08
C GLY H 151 -56.93 -5.43 31.10
N ASP H 152 -55.91 -6.15 31.54
CA ASP H 152 -54.75 -6.43 30.70
C ASP H 152 -54.37 -7.93 30.83
N PHE H 153 -53.08 -8.29 30.72
CA PHE H 153 -52.65 -9.67 30.83
C PHE H 153 -51.73 -9.83 32.03
N SER H 154 -52.08 -9.18 33.14
CA SER H 154 -51.26 -9.19 34.35
C SER H 154 -52.00 -9.80 35.54
N PHE H 155 -51.22 -10.29 36.52
CA PHE H 155 -51.79 -10.82 37.74
C PHE H 155 -51.78 -9.71 38.79
N THR H 156 -52.83 -9.64 39.60
CA THR H 156 -52.96 -8.58 40.60
C THR H 156 -52.43 -8.98 41.96
N TYR H 157 -51.36 -8.31 42.40
CA TYR H 157 -50.76 -8.57 43.70
C TYR H 157 -51.16 -7.44 44.66
N SER H 158 -51.52 -7.78 45.91
CA SER H 158 -51.88 -6.76 46.90
C SER H 158 -50.90 -6.73 48.09
N ASN H 159 -49.64 -7.12 47.85
CA ASN H 159 -48.62 -7.22 48.88
C ASN H 159 -47.25 -7.51 48.22
N PRO H 160 -46.15 -6.88 48.69
CA PRO H 160 -44.84 -7.14 48.06
C PRO H 160 -44.32 -8.57 48.28
N GLN H 161 -44.64 -9.17 49.43
CA GLN H 161 -44.25 -10.56 49.74
C GLN H 161 -44.99 -11.55 48.83
N GLU H 162 -46.23 -11.22 48.45
CA GLU H 162 -47.08 -11.98 47.54
C GLU H 162 -46.48 -11.95 46.13
N ARG H 163 -45.93 -10.80 45.73
CA ARG H 163 -45.27 -10.60 44.43
C ARG H 163 -43.97 -11.41 44.33
N ALA H 164 -43.25 -11.58 45.44
CA ALA H 164 -42.00 -12.33 45.48
C ALA H 164 -42.15 -13.86 45.50
N SER H 165 -43.37 -14.38 45.38
CA SER H 165 -43.61 -15.82 45.41
C SER H 165 -44.36 -16.27 44.16
N LEU H 166 -43.97 -17.41 43.57
CA LEU H 166 -44.67 -17.93 42.40
C LEU H 166 -45.95 -18.65 42.84
N ALA H 167 -45.86 -19.44 43.91
CA ALA H 167 -46.99 -20.17 44.47
C ALA H 167 -47.73 -19.30 45.51
N PRO H 168 -49.00 -19.63 45.85
CA PRO H 168 -49.71 -18.83 46.87
C PRO H 168 -49.03 -18.88 48.22
N LEU H 169 -49.10 -17.80 48.99
CA LEU H 169 -48.44 -17.74 50.30
C LEU H 169 -49.05 -18.68 51.34
N ASN H 170 -48.27 -19.04 52.36
CA ASN H 170 -48.66 -19.91 53.48
C ASN H 170 -49.13 -21.30 53.03
N LYS H 171 -48.49 -21.84 51.97
CA LYS H 171 -48.77 -23.15 51.38
C LYS H 171 -50.24 -23.36 51.00
N GLU H 172 -50.89 -22.30 50.52
CA GLU H 172 -52.29 -22.38 50.09
C GLU H 172 -52.42 -22.89 48.67
N SER H 173 -53.54 -23.55 48.36
CA SER H 173 -53.79 -24.10 47.03
C SER H 173 -54.37 -23.06 46.05
N ARG H 174 -54.98 -21.99 46.56
CA ARG H 174 -55.58 -20.95 45.74
C ARG H 174 -54.93 -19.59 45.94
N TYR H 175 -54.90 -18.79 44.88
CA TYR H 175 -54.40 -17.42 44.94
C TYR H 175 -55.53 -16.51 45.47
N PRO H 176 -55.23 -15.36 46.09
CA PRO H 176 -56.30 -14.47 46.57
C PRO H 176 -57.29 -14.08 45.47
N THR H 177 -58.53 -13.74 45.86
CA THR H 177 -59.61 -13.40 44.94
C THR H 177 -59.23 -12.39 43.84
N ALA H 178 -58.46 -11.34 44.16
CA ALA H 178 -58.09 -10.32 43.18
C ALA H 178 -57.08 -10.75 42.11
N PHE H 179 -56.28 -11.80 42.38
CA PHE H 179 -55.20 -12.29 41.51
C PHE H 179 -55.50 -12.35 40.01
N PHE H 180 -56.56 -13.06 39.59
CA PHE H 180 -56.88 -13.19 38.18
C PHE H 180 -57.94 -12.21 37.66
N GLN H 181 -58.51 -11.37 38.53
CA GLN H 181 -59.59 -10.44 38.20
C GLN H 181 -59.32 -9.45 37.05
N ARG H 182 -58.08 -9.03 36.85
CA ARG H 182 -57.74 -8.09 35.77
C ARG H 182 -57.19 -8.77 34.50
N HIS H 183 -57.06 -10.10 34.50
CA HIS H 183 -56.51 -10.82 33.34
C HIS H 183 -57.60 -11.15 32.32
N LYS H 184 -57.52 -10.55 31.11
CA LYS H 184 -58.47 -10.75 30.03
C LYS H 184 -58.58 -12.20 29.53
N LEU H 185 -57.46 -12.91 29.46
CA LEU H 185 -57.45 -14.29 28.99
C LEU H 185 -58.11 -15.21 30.01
N HIS H 186 -57.86 -14.96 31.31
CA HIS H 186 -58.50 -15.74 32.37
C HIS H 186 -60.01 -15.48 32.36
N ALA H 187 -60.40 -14.20 32.26
CA ALA H 187 -61.80 -13.78 32.25
C ALA H 187 -62.58 -14.40 31.10
N MET H 188 -61.97 -14.49 29.92
CA MET H 188 -62.66 -15.06 28.76
C MET H 188 -62.91 -16.56 28.96
N MET H 189 -61.90 -17.29 29.47
CA MET H 189 -62.02 -18.72 29.72
C MET H 189 -62.96 -19.02 30.88
N ALA H 190 -63.02 -18.13 31.88
CA ALA H 190 -63.92 -18.30 33.03
C ALA H 190 -65.35 -18.12 32.59
N LYS H 191 -65.63 -17.14 31.72
CA LYS H 191 -66.96 -16.88 31.18
C LYS H 191 -67.42 -18.04 30.30
N ALA H 192 -66.49 -18.73 29.62
CA ALA H 192 -66.80 -19.90 28.79
C ALA H 192 -67.13 -21.16 29.60
N GLY H 193 -66.93 -21.13 30.92
CA GLY H 193 -67.26 -22.26 31.77
C GLY H 193 -66.09 -23.13 32.16
N LEU H 194 -64.87 -22.77 31.73
CA LEU H 194 -63.68 -23.55 32.09
C LEU H 194 -63.33 -23.35 33.58
N PHE H 195 -62.59 -24.31 34.16
CA PHE H 195 -62.17 -24.32 35.56
C PHE H 195 -63.23 -23.81 36.57
N PRO H 196 -64.40 -24.49 36.72
CA PRO H 196 -65.40 -24.00 37.67
C PRO H 196 -65.17 -24.49 39.11
N HIS H 197 -65.74 -23.78 40.09
CA HIS H 197 -65.60 -24.16 41.50
C HIS H 197 -66.76 -25.03 41.90
N ASN H 198 -66.49 -26.26 42.38
CA ASN H 198 -67.58 -27.16 42.79
C ASN H 198 -67.52 -27.49 44.28
N ALA H 209 -71.19 -28.60 37.97
CA ALA H 209 -70.66 -27.91 36.77
C ALA H 209 -69.52 -28.69 36.10
N MET H 210 -69.72 -29.06 34.83
CA MET H 210 -68.77 -29.82 34.01
C MET H 210 -67.43 -29.12 33.89
N ASP H 211 -66.33 -29.83 34.23
CA ASP H 211 -64.98 -29.30 34.13
C ASP H 211 -64.25 -30.05 33.01
N LEU H 212 -64.18 -29.45 31.82
CA LEU H 212 -63.50 -30.06 30.68
C LEU H 212 -62.00 -30.20 30.90
N VAL H 213 -61.36 -29.24 31.59
CA VAL H 213 -59.92 -29.31 31.85
C VAL H 213 -59.61 -30.52 32.72
N PHE H 214 -60.40 -30.74 33.77
CA PHE H 214 -60.23 -31.86 34.68
C PHE H 214 -60.47 -33.21 33.99
N ALA H 215 -61.38 -33.25 33.02
CA ALA H 215 -61.62 -34.47 32.26
C ALA H 215 -60.41 -34.81 31.38
N ILE H 216 -59.70 -33.80 30.85
CA ILE H 216 -58.50 -33.99 30.06
C ILE H 216 -57.32 -34.40 30.94
N THR H 217 -57.09 -33.69 32.04
CA THR H 217 -55.97 -33.99 32.95
C THR H 217 -56.09 -35.37 33.59
N SER H 218 -57.30 -35.78 33.99
CA SER H 218 -57.48 -37.10 34.60
C SER H 218 -57.42 -38.25 33.59
N ALA H 219 -57.48 -37.96 32.28
CA ALA H 219 -57.39 -39.01 31.26
C ALA H 219 -55.97 -39.19 30.73
N MET H 220 -55.10 -38.14 30.79
CA MET H 220 -53.75 -38.25 30.26
C MET H 220 -52.65 -38.05 31.28
N PHE H 221 -52.89 -37.20 32.28
CA PHE H 221 -51.84 -36.87 33.25
C PHE H 221 -52.06 -37.44 34.65
N GLY H 222 -52.92 -38.45 34.77
CA GLY H 222 -53.18 -39.10 36.05
C GLY H 222 -54.13 -38.38 36.98
N SER H 223 -54.51 -39.06 38.07
CA SER H 223 -55.42 -38.58 39.10
C SER H 223 -54.80 -37.52 40.03
N ASP H 224 -53.46 -37.38 40.03
CA ASP H 224 -52.78 -36.45 40.92
C ASP H 224 -53.03 -34.97 40.58
N ILE H 225 -53.38 -34.67 39.32
CA ILE H 225 -53.62 -33.28 38.92
C ILE H 225 -55.01 -32.82 39.40
N PRO H 226 -55.05 -31.86 40.34
CA PRO H 226 -56.34 -31.40 40.86
C PRO H 226 -57.06 -30.44 39.90
N PRO H 227 -58.37 -30.17 40.10
CA PRO H 227 -59.06 -29.19 39.23
C PRO H 227 -58.37 -27.81 39.30
N PHE H 228 -58.25 -27.13 38.16
CA PHE H 228 -57.54 -25.84 38.07
C PHE H 228 -58.07 -24.76 39.02
N SER H 229 -59.35 -24.82 39.39
CA SER H 229 -59.93 -23.86 40.32
C SER H 229 -59.56 -24.17 41.78
N ALA H 230 -59.31 -25.46 42.10
CA ALA H 230 -58.94 -25.90 43.44
C ALA H 230 -57.43 -25.69 43.69
N TYR H 231 -56.58 -26.06 42.72
CA TYR H 231 -55.13 -25.89 42.82
C TYR H 231 -54.75 -25.00 41.65
N GLN H 232 -54.66 -23.69 41.91
CA GLN H 232 -54.51 -22.67 40.88
C GLN H 232 -53.11 -22.44 40.31
N TRP H 233 -52.06 -23.19 40.76
CA TRP H 233 -50.73 -23.00 40.16
C TRP H 233 -50.77 -23.40 38.69
N ASN H 234 -51.42 -24.53 38.37
CA ASN H 234 -51.51 -25.01 37.00
C ASN H 234 -52.26 -24.03 36.09
N LEU H 235 -53.24 -23.30 36.64
CA LEU H 235 -53.99 -22.31 35.91
C LEU H 235 -53.09 -21.10 35.59
N ARG H 236 -52.30 -20.63 36.58
CA ARG H 236 -51.39 -19.51 36.39
C ARG H 236 -50.26 -19.84 35.41
N ALA H 237 -49.62 -21.01 35.57
CA ALA H 237 -48.55 -21.45 34.68
C ALA H 237 -49.07 -21.69 33.25
N GLY H 238 -50.26 -22.28 33.15
CA GLY H 238 -50.90 -22.55 31.86
C GLY H 238 -51.29 -21.30 31.11
N ILE H 239 -51.78 -20.27 31.82
CA ILE H 239 -52.15 -18.99 31.22
C ILE H 239 -50.92 -18.31 30.62
N VAL H 240 -49.81 -18.28 31.37
CA VAL H 240 -48.57 -17.67 30.89
C VAL H 240 -47.98 -18.41 29.69
N ALA H 241 -47.99 -19.74 29.70
CA ALA H 241 -47.50 -20.50 28.54
C ALA H 241 -48.41 -20.31 27.33
N LEU H 242 -49.72 -20.16 27.56
CA LEU H 242 -50.69 -19.91 26.52
C LEU H 242 -50.42 -18.55 25.86
N GLU H 243 -50.01 -17.54 26.65
CA GLU H 243 -49.63 -16.20 26.16
C GLU H 243 -48.45 -16.30 25.19
N VAL H 244 -47.47 -17.17 25.49
CA VAL H 244 -46.31 -17.39 24.62
C VAL H 244 -46.76 -18.01 23.28
N PHE H 245 -47.65 -19.02 23.33
CA PHE H 245 -48.19 -19.66 22.11
C PHE H 245 -49.01 -18.66 21.28
N ILE H 246 -49.78 -17.77 21.96
CA ILE H 246 -50.60 -16.74 21.31
C ILE H 246 -49.70 -15.76 20.57
N LEU H 247 -48.62 -15.31 21.23
CA LEU H 247 -47.65 -14.39 20.64
C LEU H 247 -46.94 -15.04 19.46
N ALA H 248 -46.60 -16.34 19.57
CA ALA H 248 -45.94 -17.05 18.48
C ALA H 248 -46.88 -17.18 17.26
N TYR H 249 -48.18 -17.48 17.50
CA TYR H 249 -49.16 -17.60 16.43
C TYR H 249 -49.39 -16.25 15.74
N GLY H 250 -49.58 -15.21 16.54
CA GLY H 250 -49.79 -13.85 16.04
C GLY H 250 -48.62 -13.33 15.22
N LEU H 251 -47.38 -13.61 15.65
CA LEU H 251 -46.19 -13.16 14.94
C LEU H 251 -46.07 -13.79 13.55
N LEU H 252 -46.38 -15.09 13.43
CA LEU H 252 -46.26 -15.78 12.14
C LEU H 252 -47.55 -15.84 11.32
N GLU H 253 -48.68 -15.29 11.83
CA GLU H 253 -50.00 -15.33 11.20
C GLU H 253 -50.02 -15.08 9.68
N PHE H 254 -49.34 -14.03 9.22
CA PHE H 254 -49.31 -13.71 7.79
C PHE H 254 -47.90 -13.86 7.19
N GLY H 255 -47.13 -14.78 7.75
CA GLY H 255 -45.75 -15.02 7.34
C GLY H 255 -45.53 -15.67 6.00
N GLN H 256 -44.50 -15.21 5.29
CA GLN H 256 -44.06 -15.73 4.00
C GLN H 256 -42.54 -15.95 4.10
N VAL H 257 -42.03 -17.07 3.58
CA VAL H 257 -40.58 -17.35 3.63
C VAL H 257 -39.96 -17.58 2.25
N ALA H 258 -40.77 -17.88 1.23
CA ALA H 258 -40.26 -18.17 -0.12
C ALA H 258 -39.40 -17.05 -0.69
N ARG H 259 -39.79 -15.80 -0.44
CA ARG H 259 -39.07 -14.64 -0.94
C ARG H 259 -37.75 -14.38 -0.21
N GLY H 260 -36.69 -14.15 -0.98
CA GLY H 260 -35.37 -13.82 -0.43
C GLY H 260 -35.31 -12.34 -0.10
N HIS H 261 -35.67 -12.01 1.14
CA HIS H 261 -35.77 -10.63 1.63
C HIS H 261 -34.41 -9.94 1.69
N PRO H 262 -34.35 -8.64 1.34
CA PRO H 262 -33.06 -7.93 1.44
C PRO H 262 -32.56 -7.78 2.88
N ASN H 263 -33.47 -7.74 3.86
CA ASN H 263 -33.15 -7.61 5.28
C ASN H 263 -33.11 -8.95 6.02
N ARG H 264 -32.96 -10.07 5.30
CA ARG H 264 -32.86 -11.37 5.95
C ARG H 264 -31.44 -11.53 6.51
N ARG H 265 -31.32 -11.61 7.83
CA ARG H 265 -30.09 -11.75 8.56
C ARG H 265 -29.54 -13.19 8.55
N LEU H 266 -30.40 -14.17 8.86
CA LEU H 266 -29.96 -15.57 8.92
C LEU H 266 -29.59 -16.17 7.56
N ASN H 267 -28.37 -16.71 7.49
CA ASN H 267 -27.83 -17.33 6.29
C ASN H 267 -27.25 -18.68 6.71
N LEU H 268 -28.06 -19.75 6.61
CA LEU H 268 -27.61 -21.08 7.00
C LEU H 268 -26.50 -21.64 6.13
N VAL H 269 -26.38 -21.18 4.87
CA VAL H 269 -25.29 -21.63 4.01
C VAL H 269 -23.95 -21.12 4.56
N SER H 270 -23.92 -19.89 5.11
CA SER H 270 -22.73 -19.31 5.72
C SER H 270 -22.38 -20.03 7.00
N LEU H 271 -23.35 -20.27 7.88
CA LEU H 271 -23.16 -20.90 9.17
C LEU H 271 -22.79 -22.37 9.12
N LEU H 272 -23.42 -23.15 8.22
CA LEU H 272 -23.23 -24.60 8.18
C LEU H 272 -22.15 -25.07 7.22
N GLY H 273 -22.00 -24.41 6.08
CA GLY H 273 -21.00 -24.81 5.10
C GLY H 273 -21.21 -26.19 4.51
N PRO H 274 -20.20 -27.08 4.64
CA PRO H 274 -20.31 -28.44 4.07
C PRO H 274 -21.35 -29.35 4.73
N LYS H 275 -21.84 -28.99 5.92
CA LYS H 275 -22.87 -29.77 6.61
C LYS H 275 -24.23 -29.63 5.92
N PHE H 276 -24.47 -28.50 5.23
CA PHE H 276 -25.70 -28.20 4.52
C PHE H 276 -25.60 -28.74 3.08
N ALA H 286 -44.22 -20.31 -7.48
CA ALA H 286 -44.57 -21.05 -6.26
C ALA H 286 -45.70 -20.38 -5.49
N PRO H 287 -46.68 -21.17 -4.99
CA PRO H 287 -47.78 -20.55 -4.23
C PRO H 287 -47.36 -19.94 -2.90
N MET H 288 -48.01 -18.82 -2.54
CA MET H 288 -47.73 -18.13 -1.27
C MET H 288 -48.39 -18.88 -0.12
N LEU H 289 -47.88 -18.66 1.09
CA LEU H 289 -48.45 -19.28 2.27
C LEU H 289 -49.73 -18.56 2.64
N LYS H 290 -50.79 -19.33 2.92
CA LYS H 290 -52.06 -18.76 3.36
C LYS H 290 -51.94 -18.35 4.85
N ARG H 291 -52.94 -17.65 5.38
CA ARG H 291 -52.95 -17.23 6.77
C ARG H 291 -52.89 -18.44 7.72
N GLY H 292 -51.91 -18.46 8.60
CA GLY H 292 -51.75 -19.56 9.54
C GLY H 292 -50.90 -20.71 9.05
N GLN H 293 -50.49 -20.70 7.77
CA GLN H 293 -49.71 -21.80 7.19
C GLN H 293 -48.27 -21.85 7.68
N LEU H 294 -47.65 -20.70 8.00
CA LEU H 294 -46.27 -20.72 8.51
C LEU H 294 -46.25 -21.30 9.91
N PHE H 295 -47.24 -20.94 10.76
CA PHE H 295 -47.32 -21.50 12.10
C PHE H 295 -47.69 -22.99 12.04
N SER H 296 -48.52 -23.40 11.07
CA SER H 296 -48.86 -24.82 10.91
C SER H 296 -47.63 -25.65 10.60
N PHE H 297 -46.71 -25.10 9.79
CA PHE H 297 -45.47 -25.79 9.46
C PHE H 297 -44.62 -25.92 10.71
N ILE H 298 -44.45 -24.83 11.49
CA ILE H 298 -43.64 -24.87 12.69
C ILE H 298 -44.27 -25.79 13.76
N SER H 299 -45.60 -25.91 13.79
CA SER H 299 -46.30 -26.76 14.76
C SER H 299 -46.11 -28.24 14.41
N GLU H 300 -46.28 -28.59 13.14
CA GLU H 300 -46.15 -29.97 12.70
C GLU H 300 -44.71 -30.45 12.63
N HIS H 301 -43.77 -29.58 12.24
CA HIS H 301 -42.38 -30.00 12.04
C HIS H 301 -41.43 -29.61 13.16
N TYR H 302 -41.83 -28.72 14.06
CA TYR H 302 -40.98 -28.33 15.18
C TYR H 302 -41.64 -28.60 16.52
N ILE H 303 -42.82 -28.01 16.81
CA ILE H 303 -43.48 -28.19 18.11
C ILE H 303 -43.77 -29.66 18.42
N ILE H 304 -44.45 -30.36 17.51
CA ILE H 304 -44.80 -31.77 17.72
C ILE H 304 -43.55 -32.66 17.88
N PRO H 305 -42.55 -32.67 16.97
CA PRO H 305 -41.37 -33.53 17.20
C PRO H 305 -40.59 -33.18 18.46
N THR H 306 -40.55 -31.90 18.85
CA THR H 306 -39.86 -31.46 20.06
C THR H 306 -40.57 -32.03 21.29
N LEU H 307 -41.91 -31.96 21.31
CA LEU H 307 -42.68 -32.47 22.43
C LEU H 307 -42.76 -34.02 22.44
N GLN H 308 -42.59 -34.66 21.29
CA GLN H 308 -42.55 -36.13 21.24
C GLN H 308 -41.23 -36.64 21.86
N ALA H 309 -40.13 -35.90 21.68
CA ALA H 309 -38.84 -36.24 22.23
C ALA H 309 -38.70 -35.80 23.70
N ASN H 310 -39.19 -34.59 24.03
CA ASN H 310 -39.15 -34.07 25.40
C ASN H 310 -40.59 -33.72 25.80
N PRO H 311 -41.36 -34.70 26.30
CA PRO H 311 -42.76 -34.41 26.66
C PRO H 311 -42.97 -33.41 27.77
N ASN H 312 -41.95 -33.24 28.64
CA ASN H 312 -42.05 -32.31 29.76
C ASN H 312 -41.33 -31.00 29.52
N ALA H 313 -41.16 -30.60 28.25
CA ALA H 313 -40.45 -29.38 27.92
C ALA H 313 -41.25 -28.15 28.29
N PRO H 314 -40.62 -27.18 28.97
CA PRO H 314 -41.34 -25.93 29.27
C PRO H 314 -41.52 -25.07 28.01
N VAL H 315 -42.49 -24.13 28.00
CA VAL H 315 -42.71 -23.29 26.82
C VAL H 315 -41.47 -22.43 26.47
N SER H 316 -40.65 -22.09 27.48
CA SER H 316 -39.41 -21.33 27.28
C SER H 316 -38.35 -22.14 26.50
N PHE H 317 -38.43 -23.48 26.54
CA PHE H 317 -37.55 -24.36 25.78
C PHE H 317 -38.01 -24.44 24.31
N ILE H 318 -39.32 -24.33 24.06
CA ILE H 318 -39.87 -24.38 22.71
C ILE H 318 -39.59 -23.05 22.00
N PHE H 319 -39.98 -21.93 22.62
CA PHE H 319 -39.77 -20.60 22.02
C PHE H 319 -38.97 -19.62 22.91
N PRO H 320 -37.64 -19.82 23.09
CA PRO H 320 -36.86 -18.87 23.91
C PRO H 320 -36.79 -17.45 23.36
N GLY H 321 -37.03 -17.28 22.06
CA GLY H 321 -37.05 -15.96 21.43
C GLY H 321 -38.18 -15.10 21.96
N ILE H 322 -39.36 -15.71 22.22
CA ILE H 322 -40.50 -14.97 22.78
C ILE H 322 -40.15 -14.50 24.20
N ILE H 323 -39.49 -15.35 24.99
CA ILE H 323 -39.04 -15.02 26.35
C ILE H 323 -38.10 -13.82 26.33
N LEU H 324 -37.13 -13.82 25.39
CA LEU H 324 -36.18 -12.71 25.25
C LEU H 324 -36.85 -11.42 24.79
N ALA H 325 -37.79 -11.52 23.86
CA ALA H 325 -38.53 -10.34 23.41
C ALA H 325 -39.39 -9.78 24.55
N ALA H 326 -39.95 -10.66 25.41
CA ALA H 326 -40.75 -10.25 26.56
C ALA H 326 -39.87 -9.53 27.58
N LEU H 327 -38.66 -10.04 27.87
CA LEU H 327 -37.73 -9.37 28.79
C LEU H 327 -37.36 -7.99 28.26
N GLU H 328 -37.20 -7.86 26.94
CA GLU H 328 -36.84 -6.60 26.32
C GLU H 328 -38.01 -5.61 26.30
N ALA H 329 -39.26 -6.12 26.24
CA ALA H 329 -40.48 -5.29 26.22
C ALA H 329 -40.67 -4.52 27.51
N ARG H 330 -40.12 -4.99 28.64
CA ARG H 330 -40.23 -4.27 29.91
C ARG H 330 -39.51 -2.92 29.81
N SER H 331 -38.31 -2.92 29.19
CA SER H 331 -37.43 -1.77 29.03
C SER H 331 -38.11 -0.65 28.23
N THR H 332 -38.84 -1.02 27.17
CA THR H 332 -39.52 -0.07 26.28
C THR H 332 -40.60 0.78 27.02
N LYS H 336 -37.31 8.63 30.17
CA LYS H 336 -37.16 8.30 28.76
C LYS H 336 -37.03 9.57 27.92
N GLN H 337 -36.06 9.59 26.99
CA GLN H 337 -35.82 10.75 26.12
C GLN H 337 -35.81 10.37 24.63
N PRO H 338 -36.40 11.20 23.76
CA PRO H 338 -36.41 10.87 22.33
C PRO H 338 -35.16 11.35 21.56
N GLY H 339 -34.65 10.51 20.68
CA GLY H 339 -33.47 10.83 19.88
C GLY H 339 -32.43 9.74 19.92
N PRO H 340 -31.17 10.05 19.55
CA PRO H 340 -30.12 9.03 19.61
C PRO H 340 -29.80 8.65 21.05
N PHE H 341 -29.52 7.37 21.30
CA PHE H 341 -29.25 6.90 22.65
C PHE H 341 -28.34 5.69 22.67
N VAL H 342 -27.33 5.70 23.56
CA VAL H 342 -26.38 4.61 23.74
C VAL H 342 -26.71 3.94 25.05
N ASN H 343 -27.06 2.63 25.02
CA ASN H 343 -27.44 1.91 26.23
C ASN H 343 -26.27 1.16 26.88
N LEU H 344 -25.69 1.77 27.94
CA LEU H 344 -24.60 1.13 28.71
C LEU H 344 -25.08 0.60 30.06
N THR H 345 -26.40 0.39 30.23
CA THR H 345 -26.95 -0.15 31.46
C THR H 345 -26.95 -1.68 31.44
N GLY H 346 -26.93 -2.29 32.61
CA GLY H 346 -26.93 -3.74 32.72
C GLY H 346 -28.17 -4.35 33.35
N SER H 347 -29.17 -3.52 33.63
CA SER H 347 -30.43 -3.93 34.25
C SER H 347 -31.18 -5.01 33.47
N ARG H 348 -31.18 -4.92 32.15
CA ARG H 348 -31.86 -5.92 31.32
C ARG H 348 -31.19 -7.31 31.35
N PHE H 349 -29.96 -7.40 31.85
CA PHE H 349 -29.24 -8.66 31.96
C PHE H 349 -29.18 -9.18 33.41
N ASN H 350 -29.64 -8.39 34.40
CA ASN H 350 -29.58 -8.74 35.82
C ASN H 350 -30.16 -10.09 36.19
N GLU H 351 -31.35 -10.44 35.68
CA GLU H 351 -31.97 -11.72 36.01
C GLU H 351 -31.23 -12.91 35.45
N ILE H 352 -30.76 -12.82 34.19
CA ILE H 352 -29.98 -13.89 33.57
C ILE H 352 -28.64 -14.05 34.27
N PHE H 353 -27.94 -12.92 34.52
CA PHE H 353 -26.62 -12.91 35.15
C PHE H 353 -26.67 -13.40 36.59
N GLU H 354 -27.77 -13.12 37.33
CA GLU H 354 -27.90 -13.59 38.71
C GLU H 354 -28.03 -15.10 38.77
N ILE H 355 -28.74 -15.71 37.81
CA ILE H 355 -28.86 -17.16 37.75
C ILE H 355 -27.49 -17.76 37.46
N LEU H 356 -26.77 -17.20 36.47
CA LEU H 356 -25.43 -17.64 36.10
C LEU H 356 -24.45 -17.55 37.27
N ASN H 357 -24.52 -16.46 38.06
CA ASN H 357 -23.64 -16.30 39.21
C ASN H 357 -23.99 -17.30 40.30
N GLN H 358 -25.29 -17.55 40.52
CA GLN H 358 -25.72 -18.48 41.55
C GLN H 358 -25.45 -19.93 41.23
N GLN H 359 -25.45 -20.33 39.95
CA GLN H 359 -25.22 -21.75 39.65
C GLN H 359 -23.78 -22.06 39.26
N LEU H 360 -23.01 -21.07 38.77
CA LEU H 360 -21.61 -21.34 38.41
C LEU H 360 -20.60 -20.88 39.46
N THR H 361 -20.95 -19.88 40.28
CA THR H 361 -19.99 -19.33 41.24
C THR H 361 -20.35 -19.58 42.71
N PHE H 362 -21.52 -19.13 43.16
CA PHE H 362 -21.88 -19.22 44.58
C PHE H 362 -22.48 -20.53 45.01
N ARG H 363 -23.20 -21.21 44.10
CA ARG H 363 -23.87 -22.48 44.39
C ARG H 363 -24.72 -22.43 45.67
N ASP H 364 -25.59 -21.41 45.76
CA ASP H 364 -26.50 -21.21 46.88
C ASP H 364 -27.86 -21.66 46.36
N PRO H 365 -28.42 -22.73 46.94
CA PRO H 365 -29.70 -23.26 46.43
C PRO H 365 -30.89 -22.31 46.59
N LEU H 366 -30.94 -21.58 47.72
CA LEU H 366 -32.04 -20.66 47.98
C LEU H 366 -31.96 -19.43 47.09
N ALA H 367 -30.76 -18.84 46.97
CA ALA H 367 -30.56 -17.66 46.14
C ALA H 367 -30.77 -17.96 44.67
N LEU H 368 -30.45 -19.19 44.21
CA LEU H 368 -30.68 -19.60 42.83
C LEU H 368 -32.19 -19.72 42.57
N LEU H 369 -32.95 -20.21 43.55
CA LEU H 369 -34.40 -20.33 43.45
C LEU H 369 -35.07 -18.97 43.37
N GLN H 370 -34.55 -17.99 44.13
CA GLN H 370 -35.07 -16.62 44.10
C GLN H 370 -34.75 -15.97 42.76
N ALA H 371 -33.56 -16.24 42.21
CA ALA H 371 -33.12 -15.72 40.92
C ALA H 371 -33.99 -16.28 39.79
N ARG H 372 -34.36 -17.56 39.89
CA ARG H 372 -35.21 -18.21 38.90
C ARG H 372 -36.62 -17.63 38.92
N THR H 373 -37.13 -17.29 40.11
CA THR H 373 -38.43 -16.68 40.31
C THR H 373 -38.43 -15.28 39.71
N ALA H 374 -37.35 -14.50 39.94
CA ALA H 374 -37.21 -13.15 39.41
C ALA H 374 -37.21 -13.13 37.89
N LEU H 375 -36.56 -14.10 37.24
CA LEU H 375 -36.54 -14.19 35.78
C LEU H 375 -37.93 -14.53 35.24
N ARG H 376 -38.66 -15.42 35.92
CA ARG H 376 -40.00 -15.83 35.52
C ARG H 376 -41.00 -14.68 35.68
N LEU H 377 -40.90 -13.92 36.78
CA LEU H 377 -41.76 -12.77 37.03
C LEU H 377 -41.49 -11.64 36.03
N ALA H 378 -40.21 -11.43 35.67
CA ALA H 378 -39.82 -10.40 34.69
C ALA H 378 -40.37 -10.76 33.31
N THR H 379 -40.39 -12.06 32.96
CA THR H 379 -40.93 -12.53 31.70
C THR H 379 -42.44 -12.33 31.66
N GLU H 380 -43.16 -12.65 32.76
CA GLU H 380 -44.61 -12.45 32.85
C GLU H 380 -44.98 -10.97 32.72
N GLU H 381 -44.13 -10.08 33.24
CA GLU H 381 -44.31 -8.64 33.17
C GLU H 381 -44.16 -8.16 31.72
N GLY H 382 -43.16 -8.68 31.02
CA GLY H 382 -42.91 -8.36 29.62
C GLY H 382 -43.92 -8.93 28.66
N LEU H 383 -44.46 -10.13 28.95
CA LEU H 383 -45.51 -10.76 28.14
C LEU H 383 -46.80 -9.89 28.19
N ASP H 384 -47.08 -9.29 29.36
CA ASP H 384 -48.22 -8.41 29.54
C ASP H 384 -48.03 -7.15 28.69
N VAL H 385 -46.80 -6.60 28.61
CA VAL H 385 -46.50 -5.42 27.79
C VAL H 385 -46.77 -5.76 26.31
N LEU H 386 -46.25 -6.91 25.85
CA LEU H 386 -46.43 -7.38 24.47
C LEU H 386 -47.91 -7.58 24.11
N LEU H 387 -48.67 -8.28 24.95
CA LEU H 387 -50.08 -8.55 24.68
C LEU H 387 -51.00 -7.34 24.90
N SER H 388 -50.57 -6.38 25.73
CA SER H 388 -51.38 -5.18 25.97
C SER H 388 -51.24 -4.13 24.86
N HIS H 389 -50.20 -4.23 24.03
CA HIS H 389 -49.95 -3.33 22.91
C HIS H 389 -51.12 -3.46 21.91
N PRO H 390 -51.57 -2.35 21.28
CA PRO H 390 -52.70 -2.47 20.32
C PRO H 390 -52.47 -3.42 19.15
N SER H 391 -51.21 -3.62 18.74
CA SER H 391 -50.85 -4.55 17.68
C SER H 391 -49.65 -5.36 18.15
N PRO H 392 -49.89 -6.40 18.96
CA PRO H 392 -48.77 -7.18 19.52
C PRO H 392 -47.70 -7.67 18.52
N PRO H 393 -48.01 -8.25 17.34
CA PRO H 393 -46.92 -8.66 16.44
C PRO H 393 -46.08 -7.50 15.91
N THR H 394 -46.64 -6.28 15.88
CA THR H 394 -45.89 -5.11 15.42
C THR H 394 -44.79 -4.74 16.40
N LEU H 395 -45.10 -4.75 17.71
CA LEU H 395 -44.12 -4.46 18.75
C LEU H 395 -43.05 -5.56 18.79
N LEU H 396 -43.50 -6.81 18.65
CA LEU H 396 -42.65 -7.99 18.61
C LEU H 396 -41.66 -7.91 17.44
N GLN H 397 -42.13 -7.47 16.27
CA GLN H 397 -41.29 -7.31 15.08
C GLN H 397 -40.23 -6.24 15.31
N GLU H 398 -40.61 -5.14 15.97
CA GLU H 398 -39.71 -4.03 16.27
C GLU H 398 -38.57 -4.46 17.21
N ILE H 399 -38.89 -5.25 18.25
CA ILE H 399 -37.90 -5.74 19.19
C ILE H 399 -36.94 -6.73 18.53
N ILE H 400 -37.47 -7.67 17.75
CA ILE H 400 -36.65 -8.65 17.04
C ILE H 400 -35.73 -7.97 16.03
N LYS H 401 -36.16 -6.86 15.42
CA LYS H 401 -35.33 -6.13 14.46
C LYS H 401 -34.23 -5.32 15.16
N SER H 402 -34.61 -4.47 16.13
CA SER H 402 -33.68 -3.60 16.84
C SER H 402 -32.68 -4.31 17.74
N GLN H 403 -33.13 -5.28 18.51
CA GLN H 403 -32.27 -5.96 19.46
C GLN H 403 -31.66 -7.24 18.95
N PHE H 404 -32.33 -7.91 18.02
CA PHE H 404 -31.85 -9.21 17.57
C PHE H 404 -31.50 -9.30 16.06
N GLY H 405 -31.72 -8.22 15.32
CA GLY H 405 -31.36 -8.14 13.91
C GLY H 405 -32.25 -8.82 12.89
N GLY H 406 -33.38 -9.39 13.33
CA GLY H 406 -34.32 -10.07 12.45
C GLY H 406 -35.14 -9.14 11.58
N GLY H 407 -35.02 -9.30 10.26
CA GLY H 407 -35.72 -8.42 9.33
C GLY H 407 -36.90 -8.99 8.57
N ASP H 408 -37.13 -10.30 8.66
CA ASP H 408 -38.25 -10.91 7.92
C ASP H 408 -38.91 -12.08 8.69
N ASP H 409 -39.94 -12.72 8.12
CA ASP H 409 -40.65 -13.81 8.78
C ASP H 409 -39.77 -15.03 9.00
N TYR H 410 -38.82 -15.27 8.09
CA TYR H 410 -37.85 -16.35 8.15
C TYR H 410 -36.99 -16.14 9.41
N ASP H 411 -36.49 -14.91 9.61
CA ASP H 411 -35.67 -14.55 10.76
C ASP H 411 -36.48 -14.66 12.04
N ARG H 412 -37.75 -14.21 12.02
CA ARG H 412 -38.60 -14.26 13.21
C ARG H 412 -38.91 -15.68 13.64
N ALA H 413 -39.17 -16.59 12.68
CA ALA H 413 -39.44 -17.98 13.00
C ALA H 413 -38.18 -18.63 13.59
N TYR H 414 -37.01 -18.39 13.00
CA TYR H 414 -35.76 -18.95 13.51
C TYR H 414 -35.35 -18.34 14.85
N PHE H 415 -35.62 -17.05 15.06
CA PHE H 415 -35.31 -16.39 16.32
C PHE H 415 -36.14 -16.96 17.46
N MET H 416 -37.43 -17.26 17.23
CA MET H 416 -38.30 -17.83 18.27
C MET H 416 -37.74 -19.16 18.75
N VAL H 417 -37.27 -19.98 17.82
CA VAL H 417 -36.69 -21.29 18.11
C VAL H 417 -35.29 -21.23 18.72
N LEU H 418 -34.36 -20.46 18.11
CA LEU H 418 -32.97 -20.41 18.54
C LEU H 418 -32.66 -19.44 19.70
N GLY H 419 -33.47 -18.42 19.89
CA GLY H 419 -33.20 -17.39 20.87
C GLY H 419 -32.17 -16.36 20.40
N CYS H 420 -31.70 -16.48 19.16
CA CYS H 420 -30.71 -15.58 18.57
C CYS H 420 -30.64 -15.83 17.04
N LEU H 421 -29.93 -14.96 16.33
CA LEU H 421 -29.74 -15.10 14.89
C LEU H 421 -28.26 -14.95 14.63
N PRO H 422 -27.50 -16.05 14.70
CA PRO H 422 -26.04 -15.95 14.50
C PRO H 422 -25.64 -15.60 13.08
N VAL H 423 -24.57 -14.81 12.95
CA VAL H 423 -23.96 -14.44 11.67
C VAL H 423 -22.47 -14.75 11.72
N VAL H 424 -21.85 -14.99 10.56
CA VAL H 424 -20.41 -15.25 10.51
C VAL H 424 -19.72 -13.92 10.23
N LEU H 425 -18.70 -13.57 11.02
CA LEU H 425 -17.93 -12.35 10.76
C LEU H 425 -16.48 -12.72 10.60
N ALA H 426 -15.84 -12.28 9.51
CA ALA H 426 -14.44 -12.59 9.26
C ALA H 426 -13.53 -12.06 10.36
N VAL H 427 -12.61 -12.91 10.83
CA VAL H 427 -11.63 -12.60 11.85
C VAL H 427 -10.64 -11.55 11.33
N VAL H 428 -10.25 -11.67 10.05
CA VAL H 428 -9.35 -10.70 9.43
C VAL H 428 -10.15 -9.82 8.48
N PRO H 429 -10.11 -8.49 8.67
CA PRO H 429 -10.84 -7.59 7.76
C PRO H 429 -9.94 -7.17 6.59
N ARG I 5 -31.27 29.41 5.79
CA ARG I 5 -30.83 30.78 6.09
C ARG I 5 -30.08 31.44 4.94
N ASN I 6 -30.63 31.33 3.72
CA ASN I 6 -30.07 31.95 2.52
C ASN I 6 -30.42 33.44 2.52
N PHE I 7 -29.50 34.28 2.10
CA PHE I 7 -29.76 35.71 2.01
C PHE I 7 -29.28 36.30 0.68
N THR I 8 -29.85 37.43 0.28
CA THR I 8 -29.53 38.05 -0.99
C THR I 8 -28.89 39.41 -0.82
N VAL I 9 -27.86 39.72 -1.63
CA VAL I 9 -27.19 41.02 -1.61
C VAL I 9 -27.04 41.57 -3.04
N ALA I 10 -26.90 42.89 -3.17
CA ALA I 10 -26.64 43.54 -4.45
C ALA I 10 -25.61 44.64 -4.16
N ILE I 11 -24.61 44.78 -5.02
CA ILE I 11 -23.52 45.73 -4.78
C ILE I 11 -23.74 47.09 -5.48
N VAL I 12 -24.04 47.08 -6.78
CA VAL I 12 -24.25 48.32 -7.53
C VAL I 12 -25.61 48.28 -8.28
N PRO I 13 -26.24 49.44 -8.54
CA PRO I 13 -27.53 49.41 -9.27
C PRO I 13 -27.39 48.83 -10.67
N GLY I 14 -28.42 48.12 -11.11
CA GLY I 14 -28.43 47.50 -12.44
C GLY I 14 -27.73 46.15 -12.52
N ASP I 15 -26.97 45.79 -11.49
CA ASP I 15 -26.26 44.52 -11.45
C ASP I 15 -27.09 43.39 -10.85
N PRO I 16 -26.71 42.10 -11.04
CA PRO I 16 -27.51 41.02 -10.46
C PRO I 16 -27.41 40.96 -8.94
N HIS I 17 -28.42 40.34 -8.35
CA HIS I 17 -28.47 40.07 -6.92
C HIS I 17 -27.80 38.70 -6.72
N PHE I 18 -27.06 38.53 -5.64
CA PHE I 18 -26.39 37.27 -5.35
C PHE I 18 -27.06 36.62 -4.17
N SER I 19 -27.51 35.37 -4.33
CA SER I 19 -28.09 34.62 -3.23
C SER I 19 -26.99 33.73 -2.68
N VAL I 20 -26.69 33.87 -1.40
CA VAL I 20 -25.63 33.10 -0.76
C VAL I 20 -26.13 32.41 0.50
N ASP I 21 -25.45 31.35 0.91
CA ASP I 21 -25.79 30.65 2.14
C ASP I 21 -25.25 31.44 3.35
N ARG I 22 -23.98 31.92 3.28
CA ARG I 22 -23.33 32.61 4.39
C ARG I 22 -22.40 33.75 3.98
N ASP I 23 -21.55 33.53 2.96
CA ASP I 23 -20.50 34.48 2.61
C ASP I 23 -20.33 34.61 1.09
N LEU I 24 -20.48 35.83 0.56
CA LEU I 24 -20.32 36.07 -0.87
C LEU I 24 -18.92 35.74 -1.39
N ARG I 25 -17.85 36.26 -0.76
CA ARG I 25 -16.46 35.98 -1.17
C ARG I 25 -16.15 34.47 -1.13
N GLY I 26 -16.56 33.81 -0.05
CA GLY I 26 -16.29 32.40 0.15
C GLY I 26 -17.03 31.48 -0.81
N GLU I 27 -18.17 31.94 -1.34
CA GLU I 27 -18.96 31.14 -2.27
C GLU I 27 -18.70 31.49 -3.74
N LEU I 28 -18.20 32.69 -4.02
CA LEU I 28 -17.92 33.13 -5.37
C LEU I 28 -16.57 32.60 -5.89
N MET I 29 -15.50 32.75 -5.10
CA MET I 29 -14.15 32.37 -5.51
C MET I 29 -13.98 30.93 -5.96
N PRO I 30 -14.51 29.90 -5.27
CA PRO I 30 -14.30 28.51 -5.76
C PRO I 30 -14.85 28.25 -7.15
N THR I 31 -15.91 28.97 -7.55
CA THR I 31 -16.52 28.81 -8.86
C THR I 31 -15.60 29.23 -10.02
N LEU I 32 -14.51 29.94 -9.73
CA LEU I 32 -13.56 30.40 -10.74
C LEU I 32 -12.48 29.35 -11.09
N TYR I 33 -12.48 28.19 -10.41
CA TYR I 33 -11.51 27.12 -10.63
C TYR I 33 -12.16 25.90 -11.25
N MET I 34 -13.26 26.09 -11.99
CA MET I 34 -14.03 24.98 -12.53
C MET I 34 -13.95 24.81 -14.06
N ASN I 35 -13.03 25.52 -14.69
CA ASN I 35 -12.81 25.50 -16.15
C ASN I 35 -11.28 25.54 -16.37
N GLN I 36 -10.52 24.73 -15.62
CA GLN I 36 -9.07 24.75 -15.59
C GLN I 36 -8.38 24.43 -16.92
N ASN I 37 -9.11 23.85 -17.87
CA ASN I 37 -8.57 23.59 -19.20
C ASN I 37 -8.57 24.86 -20.08
N GLN I 38 -9.47 25.82 -19.80
CA GLN I 38 -9.58 27.01 -20.62
C GLN I 38 -9.09 28.31 -19.97
N TRP I 39 -9.34 28.49 -18.67
CA TRP I 39 -8.92 29.70 -18.01
C TRP I 39 -8.72 29.55 -16.51
N LEU I 40 -7.96 30.45 -15.92
CA LEU I 40 -7.69 30.49 -14.49
C LEU I 40 -7.80 31.94 -14.01
N PRO I 41 -8.25 32.19 -12.76
CA PRO I 41 -8.39 33.57 -12.30
C PRO I 41 -7.06 34.25 -11.95
N SER I 42 -7.04 35.58 -12.04
CA SER I 42 -5.91 36.42 -11.65
C SER I 42 -6.51 37.56 -10.81
N PHE I 43 -5.89 37.86 -9.64
CA PHE I 43 -6.48 38.81 -8.69
C PHE I 43 -5.79 40.18 -8.59
N GLY I 44 -4.93 40.51 -9.55
CA GLY I 44 -4.30 41.82 -9.59
C GLY I 44 -2.84 41.87 -9.16
N PRO I 45 -2.19 43.02 -9.42
CA PRO I 45 -0.76 43.17 -9.07
C PRO I 45 -0.35 42.80 -7.64
N TRP I 46 -1.12 43.24 -6.63
CA TRP I 46 -0.84 42.96 -5.23
C TRP I 46 -0.89 41.47 -4.94
N PHE I 47 -1.89 40.77 -5.48
CA PHE I 47 -2.01 39.32 -5.28
C PHE I 47 -0.98 38.52 -6.11
N ILE I 48 -0.54 39.06 -7.25
CA ILE I 48 0.49 38.43 -8.05
C ILE I 48 1.81 38.48 -7.26
N SER I 49 2.11 39.65 -6.62
CA SER I 49 3.28 39.84 -5.77
C SER I 49 3.18 38.95 -4.53
N LEU I 50 1.98 38.82 -3.95
CA LEU I 50 1.73 37.98 -2.78
C LEU I 50 2.03 36.54 -3.12
N THR I 51 1.55 36.07 -4.29
CA THR I 51 1.75 34.69 -4.75
C THR I 51 3.22 34.42 -4.99
N ASP I 52 3.92 35.38 -5.62
CA ASP I 52 5.37 35.28 -5.85
C ASP I 52 6.11 35.12 -4.54
N ASN I 53 5.76 35.96 -3.53
CA ASN I 53 6.41 35.94 -2.23
C ASN I 53 6.11 34.69 -1.45
N ALA I 54 4.83 34.26 -1.42
CA ALA I 54 4.39 33.06 -0.71
C ALA I 54 5.15 31.81 -1.16
N MET I 55 5.40 31.67 -2.47
CA MET I 55 6.10 30.50 -2.99
C MET I 55 7.60 30.48 -2.66
N GLN I 56 8.17 31.65 -2.31
CA GLN I 56 9.58 31.79 -1.94
C GLN I 56 9.81 31.60 -0.44
N ARG I 57 8.77 31.82 0.40
CA ARG I 57 8.88 31.70 1.86
C ARG I 57 9.36 30.32 2.29
N ARG I 58 10.40 30.27 3.13
CA ARG I 58 10.90 29.00 3.65
C ARG I 58 9.84 28.40 4.60
N VAL I 59 9.22 29.25 5.45
CA VAL I 59 8.18 28.83 6.35
C VAL I 59 6.83 29.33 5.85
N PHE I 60 6.08 28.42 5.21
CA PHE I 60 4.77 28.71 4.64
C PHE I 60 3.98 27.41 4.55
N PRO I 61 2.66 27.40 4.85
CA PRO I 61 1.90 26.14 4.78
C PRO I 61 1.92 25.46 3.42
N LYS I 62 2.31 24.17 3.38
CA LYS I 62 2.41 23.40 2.14
C LYS I 62 1.11 23.30 1.36
N GLU I 63 -0.05 23.25 2.05
CA GLU I 63 -1.34 23.17 1.36
C GLU I 63 -1.67 24.41 0.55
N LEU I 64 -1.02 25.54 0.85
CA LEU I 64 -1.23 26.79 0.10
C LEU I 64 -0.26 26.93 -1.09
N LYS I 65 0.57 25.92 -1.36
CA LYS I 65 1.55 25.94 -2.45
C LYS I 65 1.16 25.03 -3.64
N GLY I 66 -0.14 24.95 -3.96
CA GLY I 66 -0.64 24.14 -5.06
C GLY I 66 -0.19 24.60 -6.42
N THR I 67 -0.28 23.71 -7.44
CA THR I 67 0.21 23.99 -8.80
C THR I 67 -0.38 25.21 -9.48
N VAL I 68 -1.61 25.61 -9.13
CA VAL I 68 -2.26 26.77 -9.73
C VAL I 68 -1.46 28.07 -9.48
N ASN I 69 -0.71 28.14 -8.37
CA ASN I 69 0.14 29.30 -8.06
C ASN I 69 1.24 29.53 -9.10
N PHE I 70 1.65 28.48 -9.81
CA PHE I 70 2.70 28.50 -10.83
C PHE I 70 2.15 28.56 -12.26
N GLN I 71 0.84 28.84 -12.42
CA GLN I 71 0.18 28.89 -13.70
C GLN I 71 -0.52 30.24 -13.91
N ASN I 72 0.19 31.35 -13.65
CA ASN I 72 -0.29 32.72 -13.80
C ASN I 72 -1.58 32.95 -13.02
N SER I 73 -1.63 32.41 -11.81
CA SER I 73 -2.81 32.47 -10.98
C SER I 73 -2.41 32.31 -9.50
N THR I 74 -3.41 32.18 -8.61
CA THR I 74 -3.24 31.96 -7.18
C THR I 74 -4.18 30.81 -6.88
N SER I 75 -3.71 29.79 -6.16
CA SER I 75 -4.54 28.64 -5.83
C SER I 75 -5.75 29.04 -4.99
N LEU I 76 -6.82 28.26 -5.06
CA LEU I 76 -8.05 28.55 -4.31
C LEU I 76 -7.79 28.59 -2.82
N LYS I 77 -6.98 27.67 -2.31
CA LYS I 77 -6.64 27.65 -0.89
C LYS I 77 -5.90 28.92 -0.48
N LEU I 78 -4.93 29.39 -1.28
CA LEU I 78 -4.21 30.62 -0.94
C LEU I 78 -5.10 31.87 -0.98
N ILE I 79 -5.89 32.04 -2.06
CA ILE I 79 -6.74 33.24 -2.17
C ILE I 79 -7.85 33.27 -1.10
N SER I 80 -8.50 32.14 -0.80
CA SER I 80 -9.56 32.11 0.19
C SER I 80 -9.05 32.28 1.61
N HIS I 81 -7.89 31.68 1.95
CA HIS I 81 -7.30 31.86 3.28
C HIS I 81 -6.80 33.29 3.46
N THR I 82 -6.29 33.93 2.40
CA THR I 82 -5.84 35.32 2.46
C THR I 82 -7.04 36.23 2.71
N LEU I 83 -8.11 36.09 1.91
CA LEU I 83 -9.31 36.90 2.07
C LEU I 83 -9.99 36.69 3.42
N THR I 84 -9.98 35.45 3.94
CA THR I 84 -10.57 35.18 5.25
C THR I 84 -9.76 35.89 6.34
N THR I 85 -8.43 35.89 6.21
CA THR I 85 -7.54 36.54 7.17
C THR I 85 -7.82 38.04 7.20
N VAL I 86 -7.99 38.65 6.02
CA VAL I 86 -8.27 40.09 5.91
C VAL I 86 -9.64 40.39 6.52
N ALA I 87 -10.65 39.55 6.22
CA ALA I 87 -12.01 39.72 6.74
C ALA I 87 -12.09 39.58 8.26
N SER I 88 -11.12 38.91 8.89
CA SER I 88 -11.10 38.74 10.33
C SER I 88 -10.28 39.79 11.06
N THR I 89 -9.75 40.81 10.35
CA THR I 89 -8.88 41.83 10.95
C THR I 89 -9.44 42.46 12.21
N THR I 90 -10.68 42.95 12.17
CA THR I 90 -11.29 43.59 13.32
C THR I 90 -12.29 42.71 14.05
N ALA I 91 -12.13 41.38 13.97
CA ALA I 91 -12.99 40.46 14.70
C ALA I 91 -12.52 40.44 16.15
N ASP I 92 -13.46 40.31 17.09
CA ASP I 92 -13.13 40.30 18.51
C ASP I 92 -12.66 38.92 18.96
N PHE I 93 -11.42 38.82 19.44
CA PHE I 93 -10.91 37.56 19.95
C PHE I 93 -10.77 37.54 21.48
N PHE I 94 -11.18 38.62 22.18
CA PHE I 94 -11.22 38.67 23.64
C PHE I 94 -12.58 38.11 24.00
N ALA I 95 -12.60 37.13 24.89
CA ALA I 95 -13.84 36.52 25.35
C ALA I 95 -14.47 37.43 26.41
N ASP I 96 -15.05 38.58 26.00
CA ASP I 96 -15.58 39.52 27.00
C ASP I 96 -17.04 39.94 26.77
N ALA I 97 -17.86 39.83 27.83
CA ALA I 97 -19.26 40.22 27.80
C ALA I 97 -19.47 41.74 27.73
N ARG I 98 -18.46 42.53 28.15
CA ARG I 98 -18.51 43.99 28.07
C ARG I 98 -18.26 44.52 26.65
N HIS I 99 -17.88 43.65 25.71
CA HIS I 99 -17.52 44.01 24.35
C HIS I 99 -18.64 43.98 23.34
N LEU I 100 -18.68 45.01 22.51
CA LEU I 100 -19.55 45.11 21.35
C LEU I 100 -18.66 44.75 20.15
N THR I 101 -19.25 44.44 18.98
CA THR I 101 -18.44 44.27 17.78
C THR I 101 -18.05 45.69 17.35
N ASP I 102 -16.94 45.85 16.61
CA ASP I 102 -16.51 47.18 16.20
C ASP I 102 -17.59 47.89 15.34
N THR I 103 -18.33 47.12 14.53
CA THR I 103 -19.42 47.64 13.71
C THR I 103 -20.55 48.19 14.61
N GLN I 104 -20.91 47.44 15.66
CA GLN I 104 -21.97 47.86 16.59
C GLN I 104 -21.56 49.11 17.35
N ALA I 105 -20.29 49.19 17.76
CA ALA I 105 -19.78 50.36 18.47
C ALA I 105 -19.75 51.58 17.55
N ALA I 106 -19.37 51.40 16.28
CA ALA I 106 -19.33 52.48 15.29
C ALA I 106 -20.76 52.98 15.02
N LEU I 107 -21.73 52.06 14.94
CA LEU I 107 -23.12 52.42 14.70
C LEU I 107 -23.70 53.18 15.90
N CYS I 108 -23.32 52.81 17.12
CA CYS I 108 -23.78 53.52 18.31
C CYS I 108 -23.23 54.93 18.33
N LEU I 109 -21.95 55.11 17.94
CA LEU I 109 -21.31 56.42 17.91
C LEU I 109 -21.96 57.34 16.86
N VAL I 110 -22.10 56.89 15.62
CA VAL I 110 -22.68 57.71 14.55
C VAL I 110 -24.17 58.02 14.81
N ASN I 111 -24.90 57.11 15.50
CA ASN I 111 -26.30 57.34 15.82
C ASN I 111 -26.47 58.30 16.98
N ALA I 112 -25.58 58.21 17.99
CA ALA I 112 -25.62 59.13 19.11
C ALA I 112 -25.26 60.54 18.63
N TYR I 113 -24.27 60.66 17.72
CA TYR I 113 -23.86 61.94 17.16
C TYR I 113 -25.02 62.59 16.37
N PHE I 114 -25.75 61.78 15.61
CA PHE I 114 -26.87 62.24 14.81
C PHE I 114 -28.00 62.76 15.70
N CYS I 115 -28.27 62.06 16.82
CA CYS I 115 -29.32 62.49 17.75
C CYS I 115 -28.92 63.77 18.49
N GLN I 116 -27.63 63.91 18.78
CA GLN I 116 -27.12 65.09 19.46
C GLN I 116 -27.21 66.32 18.54
N LYS I 117 -26.90 66.14 17.25
CA LYS I 117 -26.90 67.25 16.29
C LYS I 117 -28.25 67.58 15.68
N THR I 118 -29.16 66.59 15.57
CA THR I 118 -30.46 66.82 14.96
C THR I 118 -31.62 66.85 15.93
N SER I 119 -31.45 66.29 17.13
CA SER I 119 -32.51 66.18 18.15
C SER I 119 -33.60 65.16 17.77
N ARG I 120 -33.37 64.35 16.72
CA ARG I 120 -34.25 63.27 16.32
C ARG I 120 -34.22 62.18 17.41
N GLN I 121 -35.34 61.48 17.60
CA GLN I 121 -35.48 60.43 18.60
C GLN I 121 -34.39 59.35 18.48
N LEU I 122 -33.88 58.92 19.64
CA LEU I 122 -32.86 57.90 19.81
C LEU I 122 -33.31 56.60 19.15
N PRO I 123 -32.38 55.86 18.49
CA PRO I 123 -32.77 54.58 17.87
C PRO I 123 -33.28 53.58 18.91
N ALA I 124 -34.34 52.83 18.58
CA ALA I 124 -34.92 51.87 19.53
C ALA I 124 -34.44 50.43 19.33
N THR I 125 -34.35 49.99 18.06
CA THR I 125 -33.94 48.64 17.70
C THR I 125 -32.64 48.66 16.90
N PRO I 126 -31.91 47.54 16.80
CA PRO I 126 -30.69 47.53 15.97
C PRO I 126 -30.94 47.87 14.49
N ASP I 127 -32.18 47.68 14.01
CA ASP I 127 -32.54 48.05 12.63
C ASP I 127 -32.56 49.57 12.46
N ASP I 128 -32.98 50.31 13.51
CA ASP I 128 -33.00 51.77 13.54
C ASP I 128 -31.57 52.36 13.46
N LEU I 129 -30.55 51.60 13.94
CA LEU I 129 -29.15 52.01 13.85
C LEU I 129 -28.71 52.10 12.39
N LEU I 130 -29.18 51.16 11.56
CA LEU I 130 -28.83 51.10 10.15
C LEU I 130 -29.72 51.93 9.24
N ALA I 131 -30.91 52.32 9.72
CA ALA I 131 -31.84 53.13 8.95
C ALA I 131 -31.21 54.49 8.71
N ASP I 132 -31.21 54.95 7.44
CA ASP I 132 -30.64 56.24 7.06
C ASP I 132 -29.15 56.35 7.38
N LEU I 133 -28.41 55.24 7.29
CA LEU I 133 -26.97 55.23 7.52
C LEU I 133 -26.22 56.20 6.60
N PRO I 134 -26.53 56.33 5.28
CA PRO I 134 -25.82 57.32 4.45
C PRO I 134 -25.99 58.75 4.98
N GLN I 135 -27.19 59.10 5.45
CA GLN I 135 -27.50 60.42 5.98
C GLN I 135 -26.81 60.67 7.32
N LYS I 136 -26.72 59.64 8.16
CA LYS I 136 -26.05 59.74 9.46
C LYS I 136 -24.55 59.90 9.27
N LEU I 137 -23.96 59.19 8.30
CA LEU I 137 -22.53 59.27 7.99
C LEU I 137 -22.22 60.61 7.34
N ASP I 138 -23.07 61.06 6.42
CA ASP I 138 -22.91 62.35 5.74
C ASP I 138 -22.88 63.53 6.72
N LEU I 139 -23.70 63.49 7.79
CA LEU I 139 -23.71 64.56 8.79
C LEU I 139 -22.40 64.57 9.57
N LEU I 140 -21.91 63.38 9.99
CA LEU I 140 -20.67 63.26 10.75
C LEU I 140 -19.47 63.69 9.93
N ILE I 141 -19.41 63.29 8.65
CA ILE I 141 -18.32 63.62 7.75
C ILE I 141 -18.25 65.11 7.42
N THR I 142 -19.39 65.76 7.10
CA THR I 142 -19.36 67.20 6.79
C THR I 142 -18.93 68.04 8.01
N GLN I 143 -19.17 67.56 9.22
CA GLN I 143 -18.72 68.25 10.43
C GLN I 143 -17.23 67.97 10.69
N LEU I 144 -16.76 66.75 10.35
CA LEU I 144 -15.36 66.36 10.49
C LEU I 144 -14.49 67.15 9.51
N LYS I 145 -15.01 67.49 8.32
CA LYS I 145 -14.28 68.31 7.34
C LYS I 145 -14.05 69.72 7.86
N GLN I 146 -14.98 70.24 8.68
CA GLN I 146 -14.87 71.56 9.30
C GLN I 146 -13.99 71.57 10.56
N GLU I 147 -13.48 70.39 11.00
CA GLU I 147 -12.63 70.28 12.18
C GLU I 147 -11.22 70.76 11.86
N SER I 148 -10.99 72.03 12.16
CA SER I 148 -9.68 72.66 11.94
C SER I 148 -8.75 72.33 13.11
N GLY I 149 -7.45 72.55 12.92
CA GLY I 149 -6.47 72.36 13.97
C GLY I 149 -5.54 71.19 13.80
N PRO I 150 -4.58 71.07 14.73
CA PRO I 150 -3.63 69.95 14.66
C PRO I 150 -4.25 68.63 15.11
N GLY I 151 -3.56 67.56 14.77
CA GLY I 151 -4.04 66.23 15.10
C GLY I 151 -4.34 65.42 13.85
N ASP I 152 -4.36 64.11 14.01
CA ASP I 152 -4.61 63.20 12.90
C ASP I 152 -5.65 62.12 13.32
N PHE I 153 -5.58 60.89 12.78
CA PHE I 153 -6.51 59.85 13.14
C PHE I 153 -5.75 58.69 13.79
N SER I 154 -4.80 59.03 14.66
CA SER I 154 -3.96 58.05 15.33
C SER I 154 -4.11 58.05 16.83
N PHE I 155 -3.78 56.94 17.46
CA PHE I 155 -3.80 56.82 18.91
C PHE I 155 -2.38 57.10 19.42
N THR I 156 -2.28 57.81 20.54
CA THR I 156 -0.99 58.18 21.09
C THR I 156 -0.47 57.19 22.12
N TYR I 157 0.64 56.52 21.80
CA TYR I 157 1.27 55.56 22.68
C TYR I 157 2.53 56.21 23.29
N SER I 158 2.76 56.00 24.59
CA SER I 158 3.95 56.53 25.24
C SER I 158 4.89 55.42 25.76
N ASN I 159 4.85 54.24 25.12
CA ASN I 159 5.62 53.08 25.54
C ASN I 159 5.50 51.98 24.48
N PRO I 160 6.59 51.25 24.16
CA PRO I 160 6.49 50.19 23.13
C PRO I 160 5.62 49.00 23.55
N GLN I 161 5.60 48.66 24.85
CA GLN I 161 4.75 47.59 25.38
C GLN I 161 3.27 47.95 25.29
N GLU I 162 2.96 49.25 25.43
CA GLU I 162 1.61 49.82 25.32
C GLU I 162 1.12 49.70 23.86
N ARG I 163 2.02 49.90 22.90
CA ARG I 163 1.75 49.78 21.47
C ARG I 163 1.46 48.32 21.07
N ALA I 164 2.13 47.36 21.71
CA ALA I 164 1.93 45.93 21.41
C ALA I 164 0.66 45.29 22.01
N SER I 165 -0.20 46.09 22.65
CA SER I 165 -1.42 45.58 23.26
C SER I 165 -2.65 46.30 22.71
N LEU I 166 -3.72 45.56 22.42
CA LEU I 166 -4.95 46.19 21.93
C LEU I 166 -5.72 46.81 23.10
N ALA I 167 -5.80 46.08 24.20
CA ALA I 167 -6.47 46.53 25.42
C ALA I 167 -5.51 47.30 26.33
N PRO I 168 -6.00 48.11 27.29
CA PRO I 168 -5.10 48.84 28.17
C PRO I 168 -4.25 47.90 29.03
N LEU I 169 -3.01 48.30 29.34
CA LEU I 169 -2.10 47.48 30.12
C LEU I 169 -2.54 47.30 31.57
N ASN I 170 -2.07 46.22 32.22
CA ASN I 170 -2.34 45.87 33.61
C ASN I 170 -3.83 45.66 33.91
N LYS I 171 -4.57 45.12 32.93
CA LYS I 171 -6.00 44.83 32.99
C LYS I 171 -6.86 46.04 33.38
N GLU I 172 -6.47 47.24 32.90
CA GLU I 172 -7.22 48.45 33.18
C GLU I 172 -8.38 48.65 32.21
N SER I 173 -9.43 49.33 32.65
CA SER I 173 -10.61 49.60 31.81
C SER I 173 -10.44 50.85 30.93
N ARG I 174 -9.53 51.76 31.29
CA ARG I 174 -9.30 52.97 30.52
C ARG I 174 -7.89 53.05 29.96
N TYR I 175 -7.75 53.69 28.79
CA TYR I 175 -6.45 53.94 28.19
C TYR I 175 -5.84 55.18 28.84
N PRO I 176 -4.49 55.34 28.85
CA PRO I 176 -3.91 56.56 29.44
C PRO I 176 -4.47 57.85 28.84
N THR I 177 -4.45 58.94 29.62
CA THR I 177 -5.01 60.24 29.21
C THR I 177 -4.61 60.71 27.80
N ALA I 178 -3.35 60.52 27.39
CA ALA I 178 -2.87 60.96 26.09
C ALA I 178 -3.39 60.18 24.88
N PHE I 179 -3.84 58.93 25.08
CA PHE I 179 -4.28 58.00 24.03
C PHE I 179 -5.15 58.61 22.92
N PHE I 180 -6.28 59.26 23.26
CA PHE I 180 -7.18 59.82 22.25
C PHE I 180 -6.99 61.31 21.98
N GLN I 181 -6.06 61.98 22.69
CA GLN I 181 -5.82 63.43 22.59
C GLN I 181 -5.47 63.98 21.20
N ARG I 182 -4.83 63.19 20.34
CA ARG I 182 -4.47 63.63 19.00
C ARG I 182 -5.47 63.17 17.90
N HIS I 183 -6.52 62.41 18.27
CA HIS I 183 -7.48 61.90 17.29
C HIS I 183 -8.60 62.91 17.02
N LYS I 184 -8.67 63.43 15.78
CA LYS I 184 -9.66 64.41 15.36
C LYS I 184 -11.12 63.93 15.47
N LEU I 185 -11.37 62.66 15.13
CA LEU I 185 -12.72 62.10 15.19
C LEU I 185 -13.18 61.96 16.63
N HIS I 186 -12.28 61.53 17.53
CA HIS I 186 -12.61 61.41 18.94
C HIS I 186 -12.88 62.81 19.52
N ALA I 187 -12.03 63.79 19.19
CA ALA I 187 -12.15 65.15 19.67
C ALA I 187 -13.47 65.80 19.27
N MET I 188 -13.92 65.54 18.03
CA MET I 188 -15.17 66.13 17.56
C MET I 188 -16.37 65.54 18.32
N MET I 189 -16.38 64.23 18.53
CA MET I 189 -17.46 63.56 19.26
C MET I 189 -17.44 63.91 20.76
N ALA I 190 -16.25 64.14 21.33
CA ALA I 190 -16.11 64.51 22.73
C ALA I 190 -16.65 65.93 22.95
N LYS I 191 -16.36 66.85 22.02
CA LYS I 191 -16.87 68.23 22.06
C LYS I 191 -18.39 68.26 21.92
N ALA I 192 -18.96 67.32 21.17
CA ALA I 192 -20.41 67.21 21.01
C ALA I 192 -21.14 66.67 22.26
N GLY I 193 -20.41 66.19 23.25
CA GLY I 193 -21.00 65.69 24.48
C GLY I 193 -21.13 64.18 24.58
N LEU I 194 -20.66 63.44 23.57
CA LEU I 194 -20.72 61.99 23.59
C LEU I 194 -19.71 61.42 24.61
N PHE I 195 -19.95 60.18 25.07
CA PHE I 195 -19.14 59.44 26.06
C PHE I 195 -18.56 60.32 27.20
N PRO I 196 -19.41 60.93 28.07
CA PRO I 196 -18.87 61.76 29.16
C PRO I 196 -18.47 60.96 30.40
N HIS I 197 -17.59 61.51 31.24
CA HIS I 197 -17.16 60.84 32.47
C HIS I 197 -18.05 61.31 33.62
N ASN I 198 -18.71 60.38 34.30
CA ASN I 198 -19.59 60.74 35.42
C ASN I 198 -19.09 60.16 36.75
N ALA I 209 -24.34 64.19 33.52
CA ALA I 209 -24.21 64.43 32.09
C ALA I 209 -24.79 63.27 31.26
N MET I 210 -25.78 63.58 30.41
CA MET I 210 -26.47 62.62 29.54
C MET I 210 -25.52 61.88 28.61
N ASP I 211 -25.57 60.55 28.62
CA ASP I 211 -24.73 59.71 27.76
C ASP I 211 -25.64 59.03 26.73
N LEU I 212 -25.70 59.56 25.51
CA LEU I 212 -26.53 59.02 24.45
C LEU I 212 -26.07 57.63 24.02
N VAL I 213 -24.74 57.39 23.98
CA VAL I 213 -24.22 56.08 23.59
C VAL I 213 -24.66 55.00 24.58
N PHE I 214 -24.59 55.29 25.88
CA PHE I 214 -25.01 54.36 26.93
C PHE I 214 -26.50 54.07 26.91
N ALA I 215 -27.31 55.06 26.50
CA ALA I 215 -28.74 54.88 26.38
C ALA I 215 -29.05 53.92 25.23
N ILE I 216 -28.26 53.98 24.14
CA ILE I 216 -28.42 53.09 22.98
C ILE I 216 -27.95 51.67 23.32
N THR I 217 -26.75 51.54 23.92
CA THR I 217 -26.20 50.23 24.27
C THR I 217 -27.04 49.48 25.30
N SER I 218 -27.55 50.18 26.32
CA SER I 218 -28.38 49.52 27.33
C SER I 218 -29.80 49.17 26.84
N ALA I 219 -30.23 49.71 25.69
CA ALA I 219 -31.55 49.39 25.15
C ALA I 219 -31.50 48.25 24.12
N MET I 220 -30.35 48.05 23.45
CA MET I 220 -30.26 47.01 22.40
C MET I 220 -29.25 45.93 22.69
N PHE I 221 -28.15 46.27 23.36
CA PHE I 221 -27.07 45.31 23.57
C PHE I 221 -26.92 44.82 25.03
N GLY I 222 -27.95 45.02 25.84
CA GLY I 222 -27.94 44.57 27.22
C GLY I 222 -27.20 45.46 28.19
N SER I 223 -27.33 45.12 29.49
CA SER I 223 -26.75 45.83 30.62
C SER I 223 -25.23 45.61 30.78
N ASP I 224 -24.67 44.57 30.13
CA ASP I 224 -23.26 44.26 30.25
C ASP I 224 -22.32 45.27 29.61
N ILE I 225 -22.81 46.04 28.62
CA ILE I 225 -21.96 47.04 27.95
C ILE I 225 -21.81 48.28 28.83
N PRO I 226 -20.58 48.55 29.29
CA PRO I 226 -20.37 49.73 30.15
C PRO I 226 -20.29 51.04 29.37
N PRO I 227 -20.39 52.22 30.03
CA PRO I 227 -20.25 53.49 29.31
C PRO I 227 -18.89 53.57 28.60
N PHE I 228 -18.86 54.11 27.37
CA PHE I 228 -17.64 54.19 26.57
C PHE I 228 -16.46 54.92 27.24
N SER I 229 -16.75 55.86 28.14
CA SER I 229 -15.69 56.57 28.86
C SER I 229 -15.11 55.72 30.02
N ALA I 230 -15.92 54.80 30.58
CA ALA I 230 -15.49 53.94 31.69
C ALA I 230 -14.73 52.72 31.17
N TYR I 231 -15.22 52.08 30.09
CA TYR I 231 -14.55 50.93 29.48
C TYR I 231 -14.29 51.33 28.04
N GLN I 232 -13.08 51.84 27.79
CA GLN I 232 -12.71 52.48 26.54
C GLN I 232 -12.35 51.57 25.36
N TRP I 233 -12.40 50.22 25.50
CA TRP I 233 -12.10 49.35 24.36
C TRP I 233 -13.16 49.55 23.26
N ASN I 234 -14.44 49.63 23.65
CA ASN I 234 -15.53 49.84 22.71
C ASN I 234 -15.41 51.17 21.98
N LEU I 235 -14.87 52.19 22.65
CA LEU I 235 -14.66 53.50 22.04
C LEU I 235 -13.55 53.41 20.98
N ARG I 236 -12.44 52.74 21.30
CA ARG I 236 -11.33 52.57 20.38
C ARG I 236 -11.72 51.72 19.15
N ALA I 237 -12.38 50.57 19.38
CA ALA I 237 -12.81 49.70 18.30
C ALA I 237 -13.87 50.37 17.43
N GLY I 238 -14.79 51.10 18.06
CA GLY I 238 -15.84 51.84 17.36
C GLY I 238 -15.32 52.97 16.50
N ILE I 239 -14.29 53.69 16.98
CA ILE I 239 -13.67 54.79 16.23
C ILE I 239 -13.02 54.23 14.95
N VAL I 240 -12.27 53.13 15.07
CA VAL I 240 -11.60 52.51 13.94
C VAL I 240 -12.60 51.97 12.90
N ALA I 241 -13.69 51.33 13.34
CA ALA I 241 -14.71 50.84 12.42
C ALA I 241 -15.45 52.01 11.74
N LEU I 242 -15.63 53.12 12.48
CA LEU I 242 -16.26 54.34 11.95
C LEU I 242 -15.38 54.94 10.85
N GLU I 243 -14.03 54.86 10.98
CA GLU I 243 -13.07 55.31 9.99
C GLU I 243 -13.23 54.53 8.68
N VAL I 244 -13.49 53.22 8.78
CA VAL I 244 -13.72 52.37 7.61
C VAL I 244 -15.01 52.79 6.89
N PHE I 245 -16.10 53.05 7.65
CA PHE I 245 -17.36 53.51 7.08
C PHE I 245 -17.22 54.90 6.43
N ILE I 246 -16.42 55.79 7.05
CA ILE I 246 -16.15 57.15 6.54
C ILE I 246 -15.41 57.05 5.20
N LEU I 247 -14.37 56.20 5.13
CA LEU I 247 -13.61 55.99 3.89
C LEU I 247 -14.47 55.37 2.81
N ALA I 248 -15.36 54.43 3.16
CA ALA I 248 -16.25 53.81 2.19
C ALA I 248 -17.24 54.85 1.64
N TYR I 249 -17.80 55.72 2.51
CA TYR I 249 -18.74 56.75 2.09
C TYR I 249 -18.06 57.76 1.17
N GLY I 250 -16.88 58.23 1.57
CA GLY I 250 -16.12 59.19 0.81
C GLY I 250 -15.70 58.69 -0.57
N LEU I 251 -15.31 57.40 -0.66
CA LEU I 251 -14.90 56.81 -1.92
C LEU I 251 -16.05 56.75 -2.94
N LEU I 252 -17.26 56.39 -2.49
CA LEU I 252 -18.41 56.28 -3.39
C LEU I 252 -19.28 57.53 -3.48
N GLU I 253 -18.95 58.63 -2.74
CA GLU I 253 -19.74 59.86 -2.67
C GLU I 253 -20.30 60.37 -4.02
N PHE I 254 -19.45 60.44 -5.05
CA PHE I 254 -19.89 60.92 -6.36
C PHE I 254 -19.82 59.82 -7.42
N GLY I 255 -20.02 58.58 -7.02
CA GLY I 255 -19.95 57.40 -7.88
C GLY I 255 -21.07 57.24 -8.87
N GLN I 256 -20.70 56.76 -10.06
CA GLN I 256 -21.60 56.45 -11.16
C GLN I 256 -21.25 55.06 -11.67
N VAL I 257 -22.24 54.22 -11.98
CA VAL I 257 -21.97 52.86 -12.48
C VAL I 257 -22.61 52.56 -13.83
N ALA I 258 -23.60 53.37 -14.26
CA ALA I 258 -24.31 53.14 -15.52
C ALA I 258 -23.38 53.10 -16.74
N ARG I 259 -22.36 53.97 -16.75
CA ARG I 259 -21.39 54.07 -17.83
C ARG I 259 -20.45 52.86 -17.91
N GLY I 260 -20.30 52.27 -19.10
CA GLY I 260 -19.39 51.16 -19.30
C GLY I 260 -18.00 51.69 -19.56
N HIS I 261 -17.23 51.89 -18.50
CA HIS I 261 -15.89 52.49 -18.52
C HIS I 261 -14.89 51.64 -19.30
N PRO I 262 -13.97 52.28 -20.06
CA PRO I 262 -12.95 51.50 -20.77
C PRO I 262 -11.96 50.80 -19.81
N ASN I 263 -11.74 51.39 -18.61
CA ASN I 263 -10.83 50.84 -17.60
C ASN I 263 -11.55 50.00 -16.54
N ARG I 264 -12.76 49.51 -16.83
CA ARG I 264 -13.47 48.66 -15.89
C ARG I 264 -12.89 47.25 -15.98
N ARG I 265 -12.24 46.83 -14.91
CA ARG I 265 -11.60 45.54 -14.78
C ARG I 265 -12.59 44.39 -14.56
N LEU I 266 -13.52 44.54 -13.61
CA LEU I 266 -14.47 43.49 -13.29
C LEU I 266 -15.50 43.23 -14.41
N ASN I 267 -15.57 41.97 -14.84
CA ASN I 267 -16.48 41.54 -15.88
C ASN I 267 -17.21 40.30 -15.37
N LEU I 268 -18.38 40.48 -14.75
CA LEU I 268 -19.13 39.37 -14.19
C LEU I 268 -19.65 38.38 -15.24
N VAL I 269 -19.84 38.83 -16.49
CA VAL I 269 -20.26 37.93 -17.56
C VAL I 269 -19.15 36.91 -17.85
N SER I 270 -17.88 37.35 -17.82
CA SER I 270 -16.72 36.49 -18.01
C SER I 270 -16.56 35.50 -16.87
N LEU I 271 -16.66 35.99 -15.62
CA LEU I 271 -16.47 35.19 -14.42
C LEU I 271 -17.56 34.18 -14.15
N LEU I 272 -18.82 34.55 -14.36
CA LEU I 272 -19.96 33.69 -14.02
C LEU I 272 -20.46 32.80 -15.15
N GLY I 273 -20.44 33.30 -16.38
CA GLY I 273 -20.92 32.54 -17.52
C GLY I 273 -22.40 32.19 -17.44
N PRO I 274 -22.74 30.89 -17.53
CA PRO I 274 -24.15 30.46 -17.49
C PRO I 274 -24.88 30.67 -16.17
N LYS I 275 -24.15 30.94 -15.08
CA LYS I 275 -24.76 31.22 -13.78
C LYS I 275 -25.44 32.61 -13.78
N PHE I 276 -24.97 33.54 -14.62
CA PHE I 276 -25.48 34.90 -14.75
C PHE I 276 -26.61 34.93 -15.78
N GLN I 277 -27.79 35.40 -15.35
CA GLN I 277 -28.99 35.58 -16.18
C GLN I 277 -28.97 37.00 -16.80
N ALA I 286 -30.84 56.83 -19.23
CA ALA I 286 -30.96 56.53 -17.80
C ALA I 286 -30.41 57.65 -16.91
N PRO I 287 -31.15 58.01 -15.84
CA PRO I 287 -30.68 59.09 -14.95
C PRO I 287 -29.39 58.76 -14.19
N MET I 288 -28.54 59.77 -13.99
CA MET I 288 -27.30 59.61 -13.24
C MET I 288 -27.56 59.53 -11.74
N LEU I 289 -26.63 58.93 -11.01
CA LEU I 289 -26.75 58.82 -9.57
C LEU I 289 -26.42 60.16 -8.93
N LYS I 290 -27.25 60.60 -7.99
CA LYS I 290 -27.00 61.83 -7.25
C LYS I 290 -25.93 61.57 -6.17
N ARG I 291 -25.44 62.63 -5.51
CA ARG I 291 -24.43 62.50 -4.46
C ARG I 291 -24.94 61.62 -3.31
N GLY I 292 -24.19 60.58 -2.98
CA GLY I 292 -24.56 59.67 -1.91
C GLY I 292 -25.46 58.52 -2.32
N GLN I 293 -25.94 58.50 -3.57
CA GLN I 293 -26.85 57.45 -4.05
C GLN I 293 -26.19 56.09 -4.26
N LEU I 294 -24.89 56.06 -4.63
CA LEU I 294 -24.20 54.78 -4.81
C LEU I 294 -23.97 54.14 -3.45
N PHE I 295 -23.59 54.93 -2.42
CA PHE I 295 -23.41 54.39 -1.08
C PHE I 295 -24.77 53.97 -0.49
N SER I 296 -25.86 54.71 -0.79
CA SER I 296 -27.19 54.34 -0.30
C SER I 296 -27.60 52.98 -0.83
N PHE I 297 -27.26 52.68 -2.10
CA PHE I 297 -27.57 51.39 -2.69
C PHE I 297 -26.79 50.30 -1.98
N ILE I 298 -25.48 50.50 -1.77
CA ILE I 298 -24.65 49.50 -1.10
C ILE I 298 -25.08 49.31 0.36
N SER I 299 -25.60 50.35 1.01
CA SER I 299 -26.02 50.27 2.40
C SER I 299 -27.33 49.48 2.52
N GLU I 300 -28.30 49.77 1.64
CA GLU I 300 -29.59 49.09 1.67
C GLU I 300 -29.54 47.66 1.13
N HIS I 301 -28.72 47.41 0.10
CA HIS I 301 -28.70 46.10 -0.54
C HIS I 301 -27.53 45.21 -0.16
N TYR I 302 -26.50 45.76 0.49
CA TYR I 302 -25.37 44.94 0.91
C TYR I 302 -25.13 45.03 2.42
N ILE I 303 -24.90 46.23 2.99
CA ILE I 303 -24.62 46.37 4.42
C ILE I 303 -25.75 45.82 5.30
N ILE I 304 -26.99 46.28 5.07
CA ILE I 304 -28.14 45.85 5.86
C ILE I 304 -28.39 44.32 5.74
N PRO I 305 -28.51 43.71 4.53
CA PRO I 305 -28.72 42.24 4.48
C PRO I 305 -27.57 41.44 5.06
N THR I 306 -26.32 41.93 4.95
CA THR I 306 -25.15 41.26 5.51
C THR I 306 -25.25 41.26 7.03
N LEU I 307 -25.61 42.40 7.63
CA LEU I 307 -25.74 42.50 9.08
C LEU I 307 -27.00 41.81 9.62
N GLN I 308 -28.02 41.64 8.79
CA GLN I 308 -29.22 40.90 9.19
C GLN I 308 -28.91 39.39 9.28
N ALA I 309 -28.03 38.89 8.41
CA ALA I 309 -27.62 37.50 8.40
C ALA I 309 -26.49 37.23 9.42
N ASN I 310 -25.52 38.14 9.53
CA ASN I 310 -24.43 38.01 10.49
C ASN I 310 -24.42 39.27 11.37
N PRO I 311 -25.22 39.30 12.45
CA PRO I 311 -25.30 40.52 13.28
C PRO I 311 -24.02 40.91 13.99
N ASN I 312 -23.12 39.95 14.21
CA ASN I 312 -21.86 40.21 14.89
C ASN I 312 -20.68 40.32 13.94
N ALA I 313 -20.93 40.67 12.67
CA ALA I 313 -19.88 40.78 11.68
C ALA I 313 -18.99 41.97 11.93
N PRO I 314 -17.67 41.75 11.89
CA PRO I 314 -16.75 42.88 12.05
C PRO I 314 -16.73 43.77 10.80
N VAL I 315 -16.26 45.03 10.91
CA VAL I 315 -16.24 45.93 9.76
C VAL I 315 -15.31 45.40 8.64
N SER I 316 -14.28 44.60 9.01
CA SER I 316 -13.36 43.98 8.05
C SER I 316 -14.04 42.91 7.19
N PHE I 317 -15.14 42.33 7.69
CA PHE I 317 -15.95 41.35 6.95
C PHE I 317 -16.87 42.07 5.95
N ILE I 318 -17.33 43.27 6.30
CA ILE I 318 -18.18 44.08 5.41
C ILE I 318 -17.34 44.67 4.27
N PHE I 319 -16.26 45.38 4.59
CA PHE I 319 -15.41 45.99 3.58
C PHE I 319 -13.93 45.56 3.65
N PRO I 320 -13.57 44.29 3.29
CA PRO I 320 -12.15 43.89 3.32
C PRO I 320 -11.23 44.66 2.37
N GLY I 321 -11.79 45.27 1.34
CA GLY I 321 -11.03 46.09 0.41
C GLY I 321 -10.45 47.33 1.08
N ILE I 322 -11.21 47.95 2.01
CA ILE I 322 -10.71 49.11 2.75
C ILE I 322 -9.53 48.68 3.63
N ILE I 323 -9.62 47.49 4.26
CA ILE I 323 -8.55 46.93 5.09
C ILE I 323 -7.29 46.72 4.27
N LEU I 324 -7.43 46.18 3.06
CA LEU I 324 -6.29 45.95 2.17
C LEU I 324 -5.68 47.24 1.67
N ALA I 325 -6.52 48.23 1.34
CA ALA I 325 -6.01 49.53 0.92
C ALA I 325 -5.28 50.22 2.07
N ALA I 326 -5.76 50.05 3.32
CA ALA I 326 -5.12 50.61 4.51
C ALA I 326 -3.76 49.96 4.75
N LEU I 327 -3.66 48.63 4.61
CA LEU I 327 -2.37 47.93 4.76
C LEU I 327 -1.37 48.41 3.70
N GLU I 328 -1.85 48.70 2.49
CA GLU I 328 -1.02 49.18 1.40
C GLU I 328 -0.62 50.65 1.59
N ALA I 329 -1.47 51.45 2.25
CA ALA I 329 -1.18 52.87 2.52
C ALA I 329 0.01 53.07 3.44
N ARG I 330 0.35 52.08 4.28
CA ARG I 330 1.52 52.19 5.15
C ARG I 330 2.80 52.26 4.31
N SER I 331 2.88 51.41 3.27
CA SER I 331 4.02 51.30 2.36
C SER I 331 4.32 52.58 1.61
N THR I 332 3.27 53.30 1.19
CA THR I 332 3.39 54.57 0.45
C THR I 332 4.08 55.69 1.27
N LYS I 336 9.30 55.83 -1.75
CA LYS I 336 9.89 57.14 -1.46
C LYS I 336 10.81 57.65 -2.59
N GLN I 337 10.80 57.00 -3.75
CA GLN I 337 11.66 57.39 -4.88
C GLN I 337 10.86 57.55 -6.18
N PRO I 338 11.20 58.56 -7.00
CA PRO I 338 10.44 58.77 -8.25
C PRO I 338 10.91 57.96 -9.45
N GLY I 339 9.94 57.40 -10.18
CA GLY I 339 10.21 56.62 -11.38
C GLY I 339 9.58 55.26 -11.38
N PRO I 340 9.96 54.42 -12.36
CA PRO I 340 9.42 53.04 -12.39
C PRO I 340 9.99 52.25 -11.21
N PHE I 341 9.20 51.30 -10.67
CA PHE I 341 9.67 50.55 -9.51
C PHE I 341 9.09 49.12 -9.44
N VAL I 342 9.96 48.15 -9.19
CA VAL I 342 9.60 46.74 -9.05
C VAL I 342 9.73 46.37 -7.57
N ASN I 343 8.65 45.99 -6.92
CA ASN I 343 8.67 45.65 -5.50
C ASN I 343 8.79 44.14 -5.26
N LEU I 344 9.99 43.67 -4.89
CA LEU I 344 10.25 42.25 -4.59
C LEU I 344 10.32 41.96 -3.07
N THR I 345 9.80 42.88 -2.23
CA THR I 345 9.82 42.72 -0.78
C THR I 345 8.59 41.98 -0.28
N GLY I 346 8.70 41.35 0.89
CA GLY I 346 7.60 40.59 1.48
C GLY I 346 7.01 41.15 2.75
N SER I 347 7.49 42.34 3.18
CA SER I 347 7.05 43.02 4.39
C SER I 347 5.55 43.32 4.43
N ARG I 348 4.97 43.71 3.29
CA ARG I 348 3.54 43.99 3.23
C ARG I 348 2.66 42.75 3.40
N PHE I 349 3.24 41.54 3.29
CA PHE I 349 2.52 40.29 3.47
C PHE I 349 2.82 39.61 4.82
N ASN I 350 3.76 40.12 5.60
CA ASN I 350 4.20 39.54 6.87
C ASN I 350 3.08 39.27 7.88
N GLU I 351 2.16 40.22 8.07
CA GLU I 351 1.08 40.05 9.05
C GLU I 351 0.09 38.98 8.63
N ILE I 352 -0.29 38.95 7.33
CA ILE I 352 -1.20 37.96 6.81
C ILE I 352 -0.55 36.57 6.84
N PHE I 353 0.72 36.47 6.39
CA PHE I 353 1.46 35.21 6.35
C PHE I 353 1.71 34.63 7.74
N GLU I 354 1.92 35.49 8.76
CA GLU I 354 2.15 34.99 10.12
C GLU I 354 0.90 34.35 10.70
N ILE I 355 -0.29 34.92 10.40
CA ILE I 355 -1.55 34.34 10.84
C ILE I 355 -1.74 32.98 10.16
N LEU I 356 -1.50 32.92 8.84
CA LEU I 356 -1.60 31.67 8.07
C LEU I 356 -0.66 30.59 8.60
N ASN I 357 0.57 30.96 8.97
CA ASN I 357 1.52 29.99 9.50
C ASN I 357 1.09 29.52 10.88
N GLN I 358 0.57 30.42 11.71
CA GLN I 358 0.14 30.06 13.06
C GLN I 358 -1.13 29.23 13.10
N GLN I 359 -2.06 29.39 12.13
CA GLN I 359 -3.29 28.60 12.20
C GLN I 359 -3.24 27.33 11.35
N LEU I 360 -2.42 27.29 10.30
CA LEU I 360 -2.35 26.11 9.45
C LEU I 360 -1.16 25.19 9.74
N THR I 361 -0.07 25.74 10.28
CA THR I 361 1.13 24.95 10.49
C THR I 361 1.49 24.72 11.97
N PHE I 362 1.68 25.80 12.75
CA PHE I 362 2.15 25.66 14.13
C PHE I 362 1.06 25.40 15.13
N ARG I 363 -0.15 25.91 14.87
CA ARG I 363 -1.32 25.78 15.76
C ARG I 363 -0.99 26.17 17.20
N ASP I 364 -0.42 27.37 17.36
CA ASP I 364 -0.07 27.93 18.66
C ASP I 364 -1.13 29.00 18.91
N PRO I 365 -1.99 28.79 19.93
CA PRO I 365 -3.06 29.76 20.18
C PRO I 365 -2.58 31.13 20.63
N LEU I 366 -1.50 31.20 21.42
CA LEU I 366 -0.96 32.47 21.89
C LEU I 366 -0.27 33.25 20.78
N ALA I 367 0.54 32.56 19.97
CA ALA I 367 1.25 33.19 18.85
C ALA I 367 0.28 33.66 17.76
N LEU I 368 -0.84 32.95 17.59
CA LEU I 368 -1.87 33.35 16.63
C LEU I 368 -2.57 34.63 17.11
N LEU I 369 -2.77 34.76 18.43
CA LEU I 369 -3.38 35.95 19.02
C LEU I 369 -2.49 37.18 18.84
N GLN I 370 -1.16 36.99 18.97
CA GLN I 370 -0.20 38.07 18.78
C GLN I 370 -0.18 38.51 17.30
N ALA I 371 -0.28 37.52 16.39
CA ALA I 371 -0.30 37.76 14.94
C ALA I 371 -1.55 38.53 14.55
N ARG I 372 -2.69 38.22 15.17
CA ARG I 372 -3.95 38.89 14.92
C ARG I 372 -3.91 40.34 15.37
N THR I 373 -3.24 40.61 16.51
CA THR I 373 -3.06 41.95 17.05
C THR I 373 -2.18 42.79 16.11
N ALA I 374 -1.10 42.18 15.59
CA ALA I 374 -0.18 42.85 14.66
C ALA I 374 -0.89 43.27 13.37
N LEU I 375 -1.80 42.44 12.84
CA LEU I 375 -2.54 42.77 11.63
C LEU I 375 -3.52 43.90 11.88
N ARG I 376 -4.16 43.91 13.08
CA ARG I 376 -5.10 44.96 13.46
C ARG I 376 -4.42 46.30 13.66
N LEU I 377 -3.24 46.30 14.30
CA LEU I 377 -2.47 47.52 14.52
C LEU I 377 -1.93 48.09 13.20
N ALA I 378 -1.52 47.22 12.26
CA ALA I 378 -1.02 47.65 10.95
C ALA I 378 -2.15 48.30 10.16
N THR I 379 -3.39 47.79 10.30
CA THR I 379 -4.56 48.33 9.62
C THR I 379 -4.90 49.70 10.19
N GLU I 380 -4.84 49.87 11.52
CA GLU I 380 -5.11 51.16 12.19
C GLU I 380 -4.09 52.23 11.77
N GLU I 381 -2.85 51.81 11.52
CA GLU I 381 -1.77 52.67 11.09
C GLU I 381 -2.06 53.16 9.66
N GLY I 382 -2.49 52.25 8.79
CA GLY I 382 -2.83 52.54 7.41
C GLY I 382 -4.08 53.37 7.24
N LEU I 383 -5.09 53.18 8.13
CA LEU I 383 -6.33 53.96 8.10
C LEU I 383 -6.02 55.44 8.44
N ASP I 384 -5.06 55.67 9.34
CA ASP I 384 -4.63 57.01 9.71
C ASP I 384 -3.94 57.68 8.51
N VAL I 385 -3.14 56.92 7.74
CA VAL I 385 -2.48 57.45 6.54
C VAL I 385 -3.56 57.88 5.52
N LEU I 386 -4.54 57.01 5.26
CA LEU I 386 -5.63 57.28 4.34
C LEU I 386 -6.44 58.52 4.74
N LEU I 387 -6.87 58.61 6.00
CA LEU I 387 -7.68 59.74 6.47
C LEU I 387 -6.89 61.02 6.68
N SER I 388 -5.57 60.93 6.88
CA SER I 388 -4.74 62.13 7.05
C SER I 388 -4.36 62.78 5.72
N HIS I 389 -4.50 62.06 4.59
CA HIS I 389 -4.23 62.57 3.26
C HIS I 389 -5.18 63.74 2.96
N PRO I 390 -4.72 64.81 2.28
CA PRO I 390 -5.62 65.96 2.02
C PRO I 390 -6.90 65.61 1.25
N SER I 391 -6.85 64.57 0.40
CA SER I 391 -8.00 64.10 -0.35
C SER I 391 -8.05 62.58 -0.22
N PRO I 392 -8.59 62.06 0.90
CA PRO I 392 -8.62 60.62 1.12
C PRO I 392 -9.14 59.75 -0.03
N PRO I 393 -10.30 60.04 -0.71
CA PRO I 393 -10.73 59.17 -1.81
C PRO I 393 -9.76 59.15 -2.99
N THR I 394 -8.96 60.21 -3.18
CA THR I 394 -7.97 60.26 -4.26
C THR I 394 -6.85 59.26 -4.03
N LEU I 395 -6.32 59.19 -2.79
CA LEU I 395 -5.28 58.24 -2.44
C LEU I 395 -5.82 56.81 -2.52
N LEU I 396 -7.06 56.62 -2.04
CA LEU I 396 -7.77 55.36 -2.06
C LEU I 396 -7.95 54.86 -3.50
N GLN I 397 -8.31 55.77 -4.42
CA GLN I 397 -8.47 55.44 -5.84
C GLN I 397 -7.14 55.00 -6.46
N GLU I 398 -6.05 55.68 -6.10
CA GLU I 398 -4.71 55.39 -6.59
C GLU I 398 -4.27 54.00 -6.16
N ILE I 399 -4.51 53.62 -4.89
CA ILE I 399 -4.13 52.31 -4.38
C ILE I 399 -4.94 51.20 -5.04
N ILE I 400 -6.25 51.40 -5.17
CA ILE I 400 -7.13 50.42 -5.82
C ILE I 400 -6.75 50.23 -7.30
N LYS I 401 -6.28 51.30 -7.97
CA LYS I 401 -5.88 51.20 -9.37
C LYS I 401 -4.52 50.50 -9.53
N SER I 402 -3.49 50.98 -8.82
CA SER I 402 -2.13 50.46 -8.90
C SER I 402 -1.94 49.05 -8.37
N GLN I 403 -2.52 48.75 -7.19
CA GLN I 403 -2.31 47.45 -6.57
C GLN I 403 -3.41 46.45 -6.85
N PHE I 404 -4.62 46.91 -7.14
CA PHE I 404 -5.74 45.99 -7.31
C PHE I 404 -6.42 46.05 -8.70
N GLY I 405 -5.96 46.94 -9.59
CA GLY I 405 -6.46 47.04 -10.94
C GLY I 405 -7.82 47.72 -11.18
N GLY I 406 -8.42 48.28 -10.14
CA GLY I 406 -9.71 48.94 -10.24
C GLY I 406 -9.64 50.29 -10.93
N GLY I 407 -10.38 50.45 -12.03
CA GLY I 407 -10.34 51.69 -12.79
C GLY I 407 -11.57 52.59 -12.75
N ASP I 408 -12.66 52.14 -12.13
CA ASP I 408 -13.87 52.97 -12.06
C ASP I 408 -14.65 52.77 -10.74
N ASP I 409 -15.79 53.47 -10.56
CA ASP I 409 -16.59 53.38 -9.34
C ASP I 409 -17.19 52.00 -9.14
N TYR I 410 -17.52 51.32 -10.25
CA TYR I 410 -18.05 49.96 -10.24
C TYR I 410 -17.00 49.03 -9.64
N ASP I 411 -15.73 49.14 -10.09
CA ASP I 411 -14.62 48.35 -9.60
C ASP I 411 -14.35 48.66 -8.15
N ARG I 412 -14.40 49.94 -7.75
CA ARG I 412 -14.14 50.33 -6.37
C ARG I 412 -15.19 49.79 -5.42
N ALA I 413 -16.47 49.82 -5.80
CA ALA I 413 -17.53 49.28 -4.95
C ALA I 413 -17.37 47.77 -4.79
N TYR I 414 -17.08 47.05 -5.89
CA TYR I 414 -16.88 45.61 -5.82
C TYR I 414 -15.59 45.22 -5.09
N PHE I 415 -14.53 46.02 -5.21
CA PHE I 415 -13.28 45.75 -4.52
C PHE I 415 -13.46 45.89 -3.00
N MET I 416 -14.22 46.89 -2.53
CA MET I 416 -14.47 47.06 -1.09
C MET I 416 -15.13 45.82 -0.51
N VAL I 417 -16.10 45.25 -1.23
CA VAL I 417 -16.83 44.07 -0.82
C VAL I 417 -16.03 42.76 -0.97
N LEU I 418 -15.42 42.52 -2.12
CA LEU I 418 -14.71 41.27 -2.41
C LEU I 418 -13.27 41.17 -1.89
N GLY I 419 -12.61 42.31 -1.71
CA GLY I 419 -11.20 42.32 -1.32
C GLY I 419 -10.26 42.09 -2.50
N CYS I 420 -10.80 41.97 -3.72
CA CYS I 420 -10.04 41.73 -4.93
C CYS I 420 -10.94 41.93 -6.15
N LEU I 421 -10.35 41.96 -7.34
CA LEU I 421 -11.11 42.08 -8.57
C LEU I 421 -10.63 40.97 -9.50
N PRO I 422 -11.24 39.78 -9.42
CA PRO I 422 -10.77 38.67 -10.27
C PRO I 422 -11.05 38.86 -11.74
N VAL I 423 -10.11 38.40 -12.58
CA VAL I 423 -10.25 38.40 -14.04
C VAL I 423 -9.99 36.99 -14.58
N VAL I 424 -10.56 36.66 -15.73
CA VAL I 424 -10.33 35.36 -16.34
C VAL I 424 -9.17 35.51 -17.34
N LEU I 425 -8.15 34.65 -17.24
CA LEU I 425 -7.05 34.69 -18.18
C LEU I 425 -6.95 33.34 -18.86
N ALA I 426 -6.96 33.33 -20.19
CA ALA I 426 -6.87 32.09 -20.95
C ALA I 426 -5.59 31.31 -20.63
N VAL I 427 -5.74 30.01 -20.40
CA VAL I 427 -4.64 29.09 -20.10
C VAL I 427 -3.74 28.94 -21.36
N VAL I 428 -4.34 28.95 -22.55
CA VAL I 428 -3.58 28.90 -23.79
C VAL I 428 -3.56 30.30 -24.43
N PRO I 429 -2.36 30.87 -24.68
CA PRO I 429 -2.30 32.19 -25.32
C PRO I 429 -2.24 32.06 -26.85
N ARG J 5 12.59 -54.11 5.54
CA ARG J 5 11.20 -54.52 5.31
C ARG J 5 10.35 -53.43 4.64
N ASN J 6 10.94 -52.61 3.76
CA ASN J 6 10.21 -51.57 3.04
C ASN J 6 9.47 -52.20 1.87
N PHE J 7 8.23 -51.76 1.62
CA PHE J 7 7.46 -52.29 0.50
C PHE J 7 6.82 -51.19 -0.32
N THR J 8 6.51 -51.49 -1.58
CA THR J 8 5.95 -50.51 -2.50
C THR J 8 4.55 -50.90 -2.95
N VAL J 9 3.65 -49.92 -3.05
CA VAL J 9 2.27 -50.13 -3.52
C VAL J 9 1.90 -49.07 -4.56
N ALA J 10 0.93 -49.38 -5.41
CA ALA J 10 0.40 -48.42 -6.39
C ALA J 10 -1.11 -48.65 -6.42
N ILE J 11 -1.89 -47.56 -6.42
CA ILE J 11 -3.35 -47.67 -6.32
C ILE J 11 -4.04 -47.66 -7.68
N VAL J 12 -3.72 -46.67 -8.54
CA VAL J 12 -4.35 -46.58 -9.86
C VAL J 12 -3.27 -46.48 -10.96
N PRO J 13 -3.56 -46.93 -12.20
CA PRO J 13 -2.55 -46.84 -13.27
C PRO J 13 -2.17 -45.38 -13.57
N GLY J 14 -0.91 -45.17 -13.93
CA GLY J 14 -0.41 -43.84 -14.24
C GLY J 14 0.01 -43.00 -13.02
N ASP J 15 -0.39 -43.43 -11.82
CA ASP J 15 -0.06 -42.70 -10.60
C ASP J 15 1.28 -43.15 -9.99
N PRO J 16 1.88 -42.37 -9.04
CA PRO J 16 3.13 -42.80 -8.45
C PRO J 16 2.98 -44.01 -7.54
N HIS J 17 4.09 -44.71 -7.35
CA HIS J 17 4.21 -45.83 -6.43
C HIS J 17 4.61 -45.24 -5.08
N PHE J 18 4.10 -45.80 -3.98
CA PHE J 18 4.43 -45.32 -2.65
C PHE J 18 5.29 -46.34 -1.95
N SER J 19 6.46 -45.93 -1.47
CA SER J 19 7.34 -46.81 -0.72
C SER J 19 7.10 -46.50 0.74
N VAL J 20 6.71 -47.51 1.51
CA VAL J 20 6.42 -47.32 2.93
C VAL J 20 7.18 -48.35 3.77
N ASP J 21 7.36 -48.04 5.05
CA ASP J 21 8.00 -48.95 5.99
C ASP J 21 7.00 -50.03 6.43
N ARG J 22 5.74 -49.63 6.76
CA ARG J 22 4.73 -50.56 7.28
C ARG J 22 3.30 -50.26 6.84
N ASP J 23 2.87 -48.99 6.91
CA ASP J 23 1.49 -48.61 6.67
C ASP J 23 1.37 -47.32 5.85
N LEU J 24 0.70 -47.37 4.68
CA LEU J 24 0.49 -46.19 3.84
C LEU J 24 -0.31 -45.07 4.54
N ARG J 25 -1.47 -45.39 5.15
CA ARG J 25 -2.29 -44.37 5.83
C ARG J 25 -1.53 -43.74 6.99
N GLY J 26 -0.85 -44.56 7.77
CA GLY J 26 -0.12 -44.10 8.94
C GLY J 26 1.08 -43.25 8.62
N GLU J 27 1.67 -43.44 7.43
CA GLU J 27 2.85 -42.67 7.03
C GLU J 27 2.51 -41.46 6.15
N LEU J 28 1.36 -41.46 5.48
CA LEU J 28 0.94 -40.36 4.63
C LEU J 28 0.32 -39.20 5.42
N MET J 29 -0.64 -39.49 6.30
CA MET J 29 -1.37 -38.46 7.07
C MET J 29 -0.51 -37.49 7.86
N PRO J 30 0.53 -37.93 8.63
CA PRO J 30 1.32 -36.93 9.38
C PRO J 30 1.99 -35.89 8.52
N THR J 31 2.34 -36.24 7.27
CA THR J 31 3.00 -35.31 6.35
C THR J 31 2.12 -34.11 5.96
N LEU J 32 0.81 -34.17 6.24
CA LEU J 32 -0.13 -33.10 5.91
C LEU J 32 -0.20 -32.00 6.99
N TYR J 33 0.51 -32.18 8.11
CA TYR J 33 0.53 -31.20 9.20
C TYR J 33 1.88 -30.52 9.33
N MET J 34 2.64 -30.40 8.24
CA MET J 34 3.98 -29.86 8.26
C MET J 34 4.14 -28.47 7.63
N ASN J 35 3.02 -27.82 7.32
CA ASN J 35 2.99 -26.49 6.69
C ASN J 35 1.85 -25.70 7.34
N GLN J 36 1.74 -25.76 8.69
CA GLN J 36 0.63 -25.22 9.45
C GLN J 36 0.43 -23.71 9.34
N ASN J 37 1.41 -22.98 8.83
CA ASN J 37 1.27 -21.55 8.61
C ASN J 37 0.51 -21.26 7.30
N GLN J 38 0.53 -22.18 6.33
CA GLN J 38 -0.10 -21.96 5.04
C GLN J 38 -1.36 -22.77 4.78
N TRP J 39 -1.39 -24.04 5.21
CA TRP J 39 -2.56 -24.87 4.98
C TRP J 39 -2.71 -26.00 5.99
N LEU J 40 -3.93 -26.52 6.11
CA LEU J 40 -4.29 -27.62 6.99
C LEU J 40 -5.19 -28.59 6.23
N PRO J 41 -5.11 -29.90 6.50
CA PRO J 41 -5.96 -30.84 5.78
C PRO J 41 -7.42 -30.86 6.22
N SER J 42 -8.31 -31.26 5.30
CA SER J 42 -9.74 -31.44 5.54
C SER J 42 -10.12 -32.80 4.94
N PHE J 43 -10.84 -33.63 5.70
CA PHE J 43 -11.11 -35.01 5.27
C PHE J 43 -12.54 -35.32 4.79
N GLY J 44 -13.33 -34.30 4.52
CA GLY J 44 -14.68 -34.50 3.98
C GLY J 44 -15.80 -34.31 4.96
N PRO J 45 -17.04 -34.24 4.45
CA PRO J 45 -18.21 -34.00 5.30
C PRO J 45 -18.37 -34.92 6.52
N TRP J 46 -18.17 -36.23 6.35
CA TRP J 46 -18.29 -37.20 7.44
C TRP J 46 -17.27 -36.92 8.55
N PHE J 47 -16.03 -36.61 8.18
CA PHE J 47 -14.99 -36.29 9.16
C PHE J 47 -15.16 -34.91 9.78
N ILE J 48 -15.78 -33.96 9.06
CA ILE J 48 -16.10 -32.64 9.58
C ILE J 48 -17.18 -32.80 10.67
N SER J 49 -18.20 -33.66 10.40
CA SER J 49 -19.25 -33.97 11.36
C SER J 49 -18.70 -34.73 12.55
N LEU J 50 -17.75 -35.65 12.32
CA LEU J 50 -17.09 -36.42 13.37
C LEU J 50 -16.33 -35.47 14.27
N THR J 51 -15.59 -34.51 13.70
CA THR J 51 -14.81 -33.54 14.47
C THR J 51 -15.73 -32.66 15.29
N ASP J 52 -16.83 -32.19 14.70
CA ASP J 52 -17.84 -31.38 15.40
C ASP J 52 -18.38 -32.15 16.61
N ASN J 53 -18.73 -33.43 16.42
CA ASN J 53 -19.29 -34.27 17.46
C ASN J 53 -18.29 -34.59 18.55
N ALA J 54 -17.05 -34.96 18.18
CA ALA J 54 -15.99 -35.28 19.10
C ALA J 54 -15.69 -34.15 20.07
N MET J 55 -15.72 -32.89 19.59
CA MET J 55 -15.43 -31.74 20.47
C MET J 55 -16.58 -31.42 21.45
N GLN J 56 -17.79 -31.91 21.17
CA GLN J 56 -18.97 -31.72 22.02
C GLN J 56 -19.12 -32.83 23.07
N ARG J 57 -18.54 -34.02 22.82
CA ARG J 57 -18.63 -35.16 23.74
C ARG J 57 -18.12 -34.84 25.14
N ARG J 58 -18.94 -35.14 26.15
CA ARG J 58 -18.55 -34.94 27.54
C ARG J 58 -17.44 -35.94 27.89
N VAL J 59 -17.56 -37.19 27.42
CA VAL J 59 -16.57 -38.23 27.65
C VAL J 59 -15.83 -38.49 26.34
N PHE J 60 -14.62 -37.93 26.21
CA PHE J 60 -13.80 -38.06 25.01
C PHE J 60 -12.33 -37.82 25.39
N PRO J 61 -11.35 -38.58 24.84
CA PRO J 61 -9.95 -38.37 25.23
C PRO J 61 -9.42 -36.95 24.96
N LYS J 62 -8.87 -36.30 26.00
CA LYS J 62 -8.35 -34.93 25.90
C LYS J 62 -7.25 -34.76 24.86
N GLU J 63 -6.40 -35.78 24.65
CA GLU J 63 -5.32 -35.67 23.65
C GLU J 63 -5.85 -35.58 22.20
N LEU J 64 -7.10 -35.99 21.97
CA LEU J 64 -7.71 -35.90 20.65
C LEU J 64 -8.44 -34.56 20.43
N LYS J 65 -8.38 -33.63 21.40
CA LYS J 65 -9.05 -32.33 21.34
C LYS J 65 -8.08 -31.15 21.08
N GLY J 66 -7.04 -31.37 20.27
CA GLY J 66 -6.03 -30.37 19.92
C GLY J 66 -6.60 -29.19 19.15
N THR J 67 -5.89 -28.05 19.12
CA THR J 67 -6.33 -26.80 18.47
C THR J 67 -6.67 -26.93 17.00
N VAL J 68 -6.02 -27.84 16.27
CA VAL J 68 -6.26 -28.02 14.83
C VAL J 68 -7.73 -28.39 14.55
N ASN J 69 -8.42 -29.05 15.51
CA ASN J 69 -9.83 -29.40 15.38
C ASN J 69 -10.74 -28.18 15.24
N PHE J 70 -10.31 -27.03 15.78
CA PHE J 70 -11.06 -25.77 15.76
C PHE J 70 -10.60 -24.82 14.67
N GLN J 71 -9.81 -25.29 13.69
CA GLN J 71 -9.26 -24.48 12.62
C GLN J 71 -9.62 -25.07 11.24
N ASN J 72 -10.91 -25.45 11.06
CA ASN J 72 -11.44 -26.03 9.82
C ASN J 72 -10.66 -27.28 9.40
N SER J 73 -10.33 -28.09 10.38
CA SER J 73 -9.53 -29.28 10.15
C SER J 73 -9.80 -30.31 11.27
N THR J 74 -9.03 -31.39 11.30
CA THR J 74 -9.11 -32.46 12.29
C THR J 74 -7.66 -32.67 12.70
N SER J 75 -7.39 -32.72 14.01
CA SER J 75 -6.04 -32.93 14.50
C SER J 75 -5.47 -34.28 14.04
N LEU J 76 -4.14 -34.37 13.92
CA LEU J 76 -3.49 -35.60 13.49
C LEU J 76 -3.81 -36.76 14.39
N LYS J 77 -3.84 -36.52 15.71
CA LYS J 77 -4.16 -37.57 16.66
C LYS J 77 -5.58 -38.09 16.47
N LEU J 78 -6.56 -37.20 16.23
CA LEU J 78 -7.94 -37.64 15.99
C LEU J 78 -8.10 -38.41 14.68
N ILE J 79 -7.56 -37.89 13.56
CA ILE J 79 -7.70 -38.58 12.27
C ILE J 79 -6.97 -39.93 12.24
N SER J 80 -5.75 -40.02 12.80
CA SER J 80 -5.01 -41.28 12.78
C SER J 80 -5.59 -42.32 13.70
N HIS J 81 -6.08 -41.93 14.88
CA HIS J 81 -6.72 -42.88 15.79
C HIS J 81 -8.05 -43.36 15.24
N THR J 82 -8.78 -42.50 14.52
CA THR J 82 -10.04 -42.89 13.88
C THR J 82 -9.77 -43.93 12.77
N LEU J 83 -8.82 -43.62 11.88
CA LEU J 83 -8.49 -44.53 10.79
C LEU J 83 -7.90 -45.86 11.29
N THR J 84 -7.12 -45.84 12.39
CA THR J 84 -6.58 -47.07 12.96
C THR J 84 -7.72 -47.94 13.50
N THR J 85 -8.71 -47.31 14.15
CA THR J 85 -9.86 -47.99 14.71
C THR J 85 -10.66 -48.70 13.61
N VAL J 86 -10.87 -47.99 12.48
CA VAL J 86 -11.59 -48.53 11.34
C VAL J 86 -10.80 -49.71 10.72
N ALA J 87 -9.47 -49.55 10.58
CA ALA J 87 -8.60 -50.60 10.03
C ALA J 87 -8.55 -51.87 10.90
N SER J 88 -8.88 -51.76 12.18
CA SER J 88 -8.87 -52.92 13.08
C SER J 88 -10.25 -53.59 13.22
N THR J 89 -11.27 -53.14 12.47
CA THR J 89 -12.64 -53.66 12.57
C THR J 89 -12.73 -55.18 12.53
N THR J 90 -12.12 -55.81 11.52
CA THR J 90 -12.20 -57.26 11.39
C THR J 90 -10.92 -57.97 11.82
N ALA J 91 -10.13 -57.36 12.71
CA ALA J 91 -8.94 -58.01 13.25
C ALA J 91 -9.39 -59.04 14.29
N ASP J 92 -8.69 -60.18 14.37
CA ASP J 92 -9.06 -61.25 15.29
C ASP J 92 -8.51 -60.98 16.68
N PHE J 93 -9.39 -60.84 17.67
CA PHE J 93 -8.93 -60.62 19.04
C PHE J 93 -9.14 -61.87 19.94
N PHE J 94 -9.60 -63.00 19.38
CA PHE J 94 -9.71 -64.27 20.10
C PHE J 94 -8.35 -64.95 19.88
N ALA J 95 -7.69 -65.35 20.95
CA ALA J 95 -6.41 -66.04 20.85
C ALA J 95 -6.69 -67.52 20.54
N ASP J 96 -7.05 -67.86 19.28
CA ASP J 96 -7.39 -69.25 18.95
C ASP J 96 -6.60 -69.81 17.77
N ALA J 97 -6.01 -71.00 17.96
CA ALA J 97 -5.22 -71.67 16.92
C ALA J 97 -6.09 -72.21 15.76
N ARG J 98 -7.39 -72.42 16.01
CA ARG J 98 -8.32 -72.88 14.99
C ARG J 98 -8.75 -71.75 14.03
N HIS J 99 -8.37 -70.50 14.33
CA HIS J 99 -8.77 -69.31 13.56
C HIS J 99 -7.83 -68.89 12.46
N LEU J 100 -8.42 -68.55 11.32
CA LEU J 100 -7.74 -67.95 10.18
C LEU J 100 -8.06 -66.44 10.27
N THR J 101 -7.30 -65.59 9.53
CA THR J 101 -7.71 -64.17 9.44
C THR J 101 -8.93 -64.16 8.50
N ASP J 102 -9.80 -63.14 8.60
CA ASP J 102 -10.98 -63.09 7.74
C ASP J 102 -10.58 -63.03 6.24
N THR J 103 -9.45 -62.37 5.92
CA THR J 103 -8.93 -62.31 4.56
C THR J 103 -8.55 -63.71 4.06
N GLN J 104 -7.84 -64.49 4.90
CA GLN J 104 -7.42 -65.85 4.56
C GLN J 104 -8.62 -66.76 4.36
N ALA J 105 -9.65 -66.62 5.22
CA ALA J 105 -10.85 -67.43 5.10
C ALA J 105 -11.62 -67.08 3.83
N ALA J 106 -11.69 -65.78 3.49
CA ALA J 106 -12.36 -65.31 2.27
C ALA J 106 -11.64 -65.83 1.02
N LEU J 107 -10.30 -65.84 1.06
CA LEU J 107 -9.49 -66.32 -0.05
C LEU J 107 -9.66 -67.82 -0.23
N CYS J 108 -9.79 -68.59 0.87
CA CYS J 108 -10.01 -70.03 0.79
C CYS J 108 -11.37 -70.33 0.17
N LEU J 109 -12.39 -69.55 0.55
CA LEU J 109 -13.74 -69.72 0.02
C LEU J 109 -13.81 -69.43 -1.49
N VAL J 110 -13.30 -68.28 -1.94
CA VAL J 110 -13.34 -67.90 -3.35
C VAL J 110 -12.46 -68.84 -4.21
N ASN J 111 -11.36 -69.38 -3.64
CA ASN J 111 -10.49 -70.30 -4.37
C ASN J 111 -11.12 -71.69 -4.47
N ALA J 112 -11.79 -72.14 -3.41
CA ALA J 112 -12.47 -73.44 -3.44
C ALA J 112 -13.64 -73.40 -4.43
N TYR J 113 -14.36 -72.27 -4.47
CA TYR J 113 -15.48 -72.09 -5.39
C TYR J 113 -14.99 -72.13 -6.84
N PHE J 114 -13.84 -71.49 -7.11
CA PHE J 114 -13.25 -71.43 -8.43
C PHE J 114 -12.80 -72.82 -8.89
N CYS J 115 -12.23 -73.61 -7.98
CA CYS J 115 -11.80 -74.97 -8.32
C CYS J 115 -12.98 -75.90 -8.56
N GLN J 116 -14.09 -75.68 -7.84
CA GLN J 116 -15.30 -76.46 -7.98
C GLN J 116 -15.96 -76.15 -9.33
N LYS J 117 -15.97 -74.88 -9.74
CA LYS J 117 -16.62 -74.46 -10.99
C LYS J 117 -15.74 -74.60 -12.25
N THR J 118 -14.42 -74.58 -12.11
CA THR J 118 -13.50 -74.69 -13.26
C THR J 118 -12.63 -75.98 -13.15
N SER J 119 -11.86 -76.35 -14.17
CA SER J 119 -10.98 -77.53 -14.04
C SER J 119 -9.63 -77.15 -13.39
N ARG J 120 -9.53 -75.96 -12.75
CA ARG J 120 -8.26 -75.51 -12.24
C ARG J 120 -7.79 -76.24 -10.99
N GLN J 121 -6.50 -76.57 -10.99
CA GLN J 121 -5.80 -77.24 -9.90
C GLN J 121 -5.92 -76.42 -8.61
N LEU J 122 -6.11 -77.12 -7.48
CA LEU J 122 -6.23 -76.52 -6.15
C LEU J 122 -4.99 -75.69 -5.82
N PRO J 123 -5.15 -74.50 -5.20
CA PRO J 123 -3.98 -73.67 -4.89
C PRO J 123 -3.01 -74.37 -3.96
N ALA J 124 -1.71 -74.26 -4.20
CA ALA J 124 -0.70 -74.95 -3.40
C ALA J 124 -0.08 -74.06 -2.32
N THR J 125 0.23 -72.80 -2.67
CA THR J 125 0.85 -71.85 -1.76
C THR J 125 -0.07 -70.66 -1.53
N PRO J 126 0.14 -69.86 -0.46
CA PRO J 126 -0.70 -68.68 -0.25
C PRO J 126 -0.64 -67.66 -1.40
N ASP J 127 0.43 -67.69 -2.21
CA ASP J 127 0.56 -66.82 -3.38
C ASP J 127 -0.43 -67.24 -4.47
N ASP J 128 -0.68 -68.55 -4.60
CA ASP J 128 -1.65 -69.11 -5.55
C ASP J 128 -3.09 -68.67 -5.21
N LEU J 129 -3.38 -68.38 -3.92
CA LEU J 129 -4.69 -67.89 -3.48
C LEU J 129 -4.96 -66.51 -4.10
N LEU J 130 -3.93 -65.67 -4.18
CA LEU J 130 -4.04 -64.31 -4.71
C LEU J 130 -3.86 -64.22 -6.23
N ALA J 131 -3.29 -65.26 -6.85
CA ALA J 131 -3.10 -65.29 -8.29
C ALA J 131 -4.44 -65.31 -8.98
N ASP J 132 -4.67 -64.41 -9.94
CA ASP J 132 -5.92 -64.30 -10.67
C ASP J 132 -7.13 -64.01 -9.77
N LEU J 133 -6.92 -63.24 -8.69
CA LEU J 133 -8.00 -62.86 -7.79
C LEU J 133 -9.14 -62.11 -8.50
N PRO J 134 -8.89 -61.16 -9.44
CA PRO J 134 -10.03 -60.53 -10.14
C PRO J 134 -10.90 -61.54 -10.88
N GLN J 135 -10.28 -62.55 -11.52
CA GLN J 135 -10.97 -63.59 -12.27
C GLN J 135 -11.75 -64.53 -11.34
N LYS J 136 -11.18 -64.83 -10.17
CA LYS J 136 -11.82 -65.69 -9.19
C LYS J 136 -13.04 -65.00 -8.59
N LEU J 137 -12.93 -63.68 -8.32
CA LEU J 137 -14.03 -62.88 -7.77
C LEU J 137 -15.11 -62.69 -8.81
N ASP J 138 -14.71 -62.42 -10.06
CA ASP J 138 -15.63 -62.24 -11.17
C ASP J 138 -16.52 -63.46 -11.40
N LEU J 139 -15.96 -64.67 -11.25
CA LEU J 139 -16.76 -65.89 -11.44
C LEU J 139 -17.80 -66.04 -10.32
N LEU J 140 -17.39 -65.77 -9.06
CA LEU J 140 -18.28 -65.87 -7.91
C LEU J 140 -19.40 -64.84 -7.98
N ILE J 141 -19.07 -63.60 -8.36
CA ILE J 141 -20.04 -62.51 -8.45
C ILE J 141 -21.05 -62.73 -9.56
N THR J 142 -20.63 -63.14 -10.77
CA THR J 142 -21.60 -63.37 -11.86
C THR J 142 -22.58 -64.51 -11.55
N GLN J 143 -22.16 -65.48 -10.71
CA GLN J 143 -23.05 -66.55 -10.29
C GLN J 143 -23.98 -66.06 -9.18
N LEU J 144 -23.49 -65.18 -8.29
CA LEU J 144 -24.28 -64.59 -7.20
C LEU J 144 -25.39 -63.70 -7.77
N LYS J 145 -25.14 -63.02 -8.89
CA LYS J 145 -26.14 -62.17 -9.53
C LYS J 145 -27.30 -63.02 -10.07
N GLN J 146 -27.02 -64.26 -10.50
CA GLN J 146 -28.03 -65.20 -10.98
C GLN J 146 -28.78 -65.92 -9.83
N GLU J 147 -28.41 -65.69 -8.57
CA GLU J 147 -29.06 -66.30 -7.42
C GLU J 147 -30.39 -65.66 -7.14
N SER J 148 -31.43 -66.25 -7.68
CA SER J 148 -32.79 -65.78 -7.49
C SER J 148 -33.37 -66.30 -6.16
N GLY J 149 -34.46 -65.69 -5.72
CA GLY J 149 -35.13 -66.11 -4.49
C GLY J 149 -35.01 -65.15 -3.34
N PRO J 150 -35.73 -65.45 -2.25
CA PRO J 150 -35.67 -64.58 -1.06
C PRO J 150 -34.37 -64.78 -0.27
N GLY J 151 -34.11 -63.84 0.62
CA GLY J 151 -32.89 -63.86 1.41
C GLY J 151 -32.02 -62.65 1.12
N ASP J 152 -31.14 -62.32 2.04
CA ASP J 152 -30.26 -61.17 1.91
C ASP J 152 -28.80 -61.56 2.28
N PHE J 153 -27.99 -60.64 2.84
CA PHE J 153 -26.62 -60.96 3.23
C PHE J 153 -26.46 -60.79 4.73
N SER J 154 -27.46 -61.25 5.50
CA SER J 154 -27.47 -61.12 6.93
C SER J 154 -27.46 -62.44 7.66
N PHE J 155 -27.00 -62.43 8.90
CA PHE J 155 -27.02 -63.60 9.75
C PHE J 155 -28.28 -63.55 10.61
N THR J 156 -28.93 -64.70 10.79
CA THR J 156 -30.18 -64.77 11.54
C THR J 156 -29.97 -65.08 13.00
N TYR J 157 -30.31 -64.11 13.86
CA TYR J 157 -30.20 -64.28 15.31
C TYR J 157 -31.60 -64.49 15.88
N SER J 158 -31.74 -65.42 16.83
CA SER J 158 -33.04 -65.67 17.46
C SER J 158 -33.00 -65.36 18.96
N ASN J 159 -32.14 -64.43 19.39
CA ASN J 159 -31.96 -64.09 20.79
C ASN J 159 -31.04 -62.85 20.89
N PRO J 160 -31.33 -61.89 21.78
CA PRO J 160 -30.47 -60.69 21.88
C PRO J 160 -29.05 -60.99 22.41
N GLN J 161 -28.92 -61.99 23.30
CA GLN J 161 -27.63 -62.41 23.84
C GLN J 161 -26.76 -63.05 22.75
N GLU J 162 -27.41 -63.75 21.81
CA GLU J 162 -26.79 -64.39 20.65
C GLU J 162 -26.23 -63.32 19.70
N ARG J 163 -26.96 -62.21 19.54
CA ARG J 163 -26.57 -61.07 18.71
C ARG J 163 -25.35 -60.34 19.30
N ALA J 164 -25.23 -60.28 20.64
CA ALA J 164 -24.13 -59.62 21.32
C ALA J 164 -22.81 -60.41 21.36
N SER J 165 -22.76 -61.57 20.71
CA SER J 165 -21.56 -62.39 20.70
C SER J 165 -21.09 -62.67 19.27
N LEU J 166 -19.78 -62.60 19.01
CA LEU J 166 -19.26 -62.90 17.67
C LEU J 166 -19.20 -64.42 17.46
N ALA J 167 -18.75 -65.15 18.48
CA ALA J 167 -18.64 -66.59 18.45
C ALA J 167 -19.95 -67.25 18.95
N PRO J 168 -20.20 -68.54 18.66
CA PRO J 168 -21.44 -69.17 19.14
C PRO J 168 -21.47 -69.22 20.67
N LEU J 169 -22.68 -69.12 21.25
CA LEU J 169 -22.84 -69.13 22.70
C LEU J 169 -22.50 -70.47 23.33
N ASN J 170 -22.17 -70.45 24.64
CA ASN J 170 -21.83 -71.62 25.46
C ASN J 170 -20.65 -72.42 24.93
N LYS J 171 -19.65 -71.71 24.37
CA LYS J 171 -18.42 -72.27 23.81
C LYS J 171 -18.65 -73.34 22.74
N GLU J 172 -19.71 -73.18 21.93
CA GLU J 172 -20.02 -74.14 20.88
C GLU J 172 -19.22 -73.86 19.61
N SER J 173 -18.94 -74.91 18.82
CA SER J 173 -18.19 -74.77 17.57
C SER J 173 -19.08 -74.38 16.38
N ARG J 174 -20.39 -74.63 16.47
CA ARG J 174 -21.32 -74.31 15.39
C ARG J 174 -22.37 -73.30 15.82
N TYR J 175 -22.81 -72.48 14.87
CA TYR J 175 -23.87 -71.51 15.10
C TYR J 175 -25.22 -72.25 14.96
N PRO J 176 -26.31 -71.76 15.59
CA PRO J 176 -27.61 -72.43 15.44
C PRO J 176 -28.05 -72.61 13.99
N THR J 177 -28.88 -73.62 13.72
CA THR J 177 -29.33 -73.97 12.36
C THR J 177 -29.83 -72.77 11.52
N ALA J 178 -30.58 -71.84 12.10
CA ALA J 178 -31.11 -70.68 11.36
C ALA J 178 -30.08 -69.62 10.94
N PHE J 179 -28.93 -69.56 11.63
CA PHE J 179 -27.89 -68.53 11.43
C PHE J 179 -27.55 -68.18 9.97
N PHE J 180 -27.19 -69.16 9.14
CA PHE J 180 -26.82 -68.88 7.74
C PHE J 180 -27.95 -69.09 6.73
N GLN J 181 -29.13 -69.55 7.17
CA GLN J 181 -30.27 -69.89 6.30
C GLN J 181 -30.78 -68.77 5.37
N ARG J 182 -30.65 -67.51 5.78
CA ARG J 182 -31.11 -66.39 4.96
C ARG J 182 -29.99 -65.72 4.14
N HIS J 183 -28.73 -66.17 4.28
CA HIS J 183 -27.60 -65.57 3.57
C HIS J 183 -27.43 -66.15 2.17
N LYS J 184 -27.63 -65.32 1.12
CA LYS J 184 -27.52 -65.71 -0.28
C LYS J 184 -26.14 -66.22 -0.69
N LEU J 185 -25.07 -65.59 -0.18
CA LEU J 185 -23.71 -65.98 -0.51
C LEU J 185 -23.39 -67.34 0.11
N HIS J 186 -23.84 -67.58 1.34
CA HIS J 186 -23.63 -68.87 2.00
C HIS J 186 -24.40 -69.95 1.24
N ALA J 187 -25.67 -69.67 0.89
CA ALA J 187 -26.53 -70.61 0.18
C ALA J 187 -25.96 -71.02 -1.17
N MET J 188 -25.38 -70.08 -1.91
CA MET J 188 -24.79 -70.39 -3.21
C MET J 188 -23.57 -71.31 -3.08
N MET J 189 -22.69 -71.02 -2.11
CA MET J 189 -21.50 -71.83 -1.88
C MET J 189 -21.86 -73.21 -1.31
N ALA J 190 -22.94 -73.30 -0.50
CA ALA J 190 -23.39 -74.55 0.07
C ALA J 190 -23.94 -75.46 -1.03
N LYS J 191 -24.71 -74.88 -1.98
CA LYS J 191 -25.27 -75.60 -3.11
C LYS J 191 -24.16 -76.12 -4.03
N ALA J 192 -23.04 -75.38 -4.14
CA ALA J 192 -21.89 -75.78 -4.95
C ALA J 192 -21.06 -76.92 -4.32
N GLY J 193 -21.36 -77.30 -3.08
CA GLY J 193 -20.67 -78.41 -2.42
C GLY J 193 -19.58 -78.00 -1.46
N LEU J 194 -19.36 -76.69 -1.26
CA LEU J 194 -18.35 -76.23 -0.31
C LEU J 194 -18.78 -76.48 1.13
N PHE J 195 -17.81 -76.54 2.06
CA PHE J 195 -18.02 -76.80 3.49
C PHE J 195 -19.13 -77.84 3.82
N PRO J 196 -18.96 -79.13 3.43
CA PRO J 196 -20.00 -80.12 3.74
C PRO J 196 -19.86 -80.71 5.14
N HIS J 197 -20.95 -81.27 5.68
CA HIS J 197 -20.94 -81.88 7.00
C HIS J 197 -20.65 -83.37 6.86
N ASN J 198 -19.58 -83.87 7.49
CA ASN J 198 -19.24 -85.29 7.42
C ASN J 198 -19.26 -85.94 8.80
N PRO J 208 -18.10 -89.96 2.18
CA PRO J 208 -17.06 -88.96 2.50
C PRO J 208 -17.01 -87.85 1.47
N ALA J 209 -17.92 -86.86 1.61
CA ALA J 209 -18.03 -85.69 0.71
C ALA J 209 -16.77 -84.82 0.72
N MET J 210 -16.18 -84.61 -0.48
CA MET J 210 -14.96 -83.83 -0.68
C MET J 210 -15.12 -82.39 -0.19
N ASP J 211 -14.18 -81.94 0.66
CA ASP J 211 -14.18 -80.58 1.18
C ASP J 211 -12.96 -79.83 0.61
N LEU J 212 -13.19 -79.02 -0.42
CA LEU J 212 -12.11 -78.26 -1.06
C LEU J 212 -11.50 -77.22 -0.14
N VAL J 213 -12.32 -76.57 0.71
CA VAL J 213 -11.82 -75.56 1.64
C VAL J 213 -10.84 -76.20 2.63
N PHE J 214 -11.19 -77.38 3.17
CA PHE J 214 -10.34 -78.10 4.12
C PHE J 214 -9.04 -78.58 3.49
N ALA J 215 -9.08 -78.91 2.19
CA ALA J 215 -7.87 -79.34 1.47
C ALA J 215 -6.91 -78.14 1.33
N ILE J 216 -7.44 -76.93 1.14
CA ILE J 216 -6.65 -75.70 1.03
C ILE J 216 -6.07 -75.31 2.40
N THR J 217 -6.91 -75.27 3.43
CA THR J 217 -6.47 -74.89 4.78
C THR J 217 -5.43 -75.85 5.35
N SER J 218 -5.60 -77.16 5.16
CA SER J 218 -4.63 -78.13 5.68
C SER J 218 -3.30 -78.17 4.89
N ALA J 219 -3.26 -77.55 3.70
CA ALA J 219 -2.04 -77.50 2.90
C ALA J 219 -1.23 -76.23 3.13
N MET J 220 -1.88 -75.12 3.54
CA MET J 220 -1.16 -73.85 3.74
C MET J 220 -1.21 -73.31 5.15
N PHE J 221 -2.31 -73.55 5.86
CA PHE J 221 -2.49 -72.98 7.19
C PHE J 221 -2.40 -73.97 8.35
N GLY J 222 -1.84 -75.14 8.10
CA GLY J 222 -1.67 -76.15 9.14
C GLY J 222 -2.88 -77.00 9.45
N SER J 223 -2.66 -78.03 10.26
CA SER J 223 -3.67 -79.00 10.70
C SER J 223 -4.66 -78.44 11.74
N ASP J 224 -4.33 -77.31 12.38
CA ASP J 224 -5.18 -76.73 13.41
C ASP J 224 -6.49 -76.17 12.90
N ILE J 225 -6.56 -75.78 11.62
CA ILE J 225 -7.80 -75.22 11.08
C ILE J 225 -8.82 -76.32 10.78
N PRO J 226 -9.94 -76.32 11.52
CA PRO J 226 -10.94 -77.38 11.32
C PRO J 226 -11.83 -77.15 10.09
N PRO J 227 -12.60 -78.16 9.62
CA PRO J 227 -13.50 -77.93 8.48
C PRO J 227 -14.50 -76.81 8.79
N PHE J 228 -14.79 -75.93 7.83
CA PHE J 228 -15.67 -74.77 8.02
C PHE J 228 -17.07 -75.12 8.53
N SER J 229 -17.56 -76.34 8.23
CA SER J 229 -18.88 -76.76 8.70
C SER J 229 -18.84 -77.22 10.17
N ALA J 230 -17.67 -77.71 10.65
CA ALA J 230 -17.49 -78.16 12.02
C ALA J 230 -17.20 -77.00 12.96
N TYR J 231 -16.32 -76.07 12.56
CA TYR J 231 -15.98 -74.88 13.34
C TYR J 231 -16.35 -73.70 12.45
N GLN J 232 -17.55 -73.17 12.65
CA GLN J 232 -18.16 -72.18 11.77
C GLN J 232 -17.72 -70.72 11.95
N TRP J 233 -16.79 -70.38 12.88
CA TRP J 233 -16.32 -68.99 13.01
C TRP J 233 -15.61 -68.57 11.73
N ASN J 234 -14.74 -69.45 11.19
CA ASN J 234 -13.99 -69.15 9.98
C ASN J 234 -14.91 -68.95 8.77
N LEU J 235 -16.05 -69.65 8.75
CA LEU J 235 -17.04 -69.50 7.68
C LEU J 235 -17.71 -68.13 7.78
N ARG J 236 -18.11 -67.71 9.00
CA ARG J 236 -18.74 -66.42 9.22
C ARG J 236 -17.78 -65.26 8.93
N ALA J 237 -16.54 -65.32 9.44
CA ALA J 237 -15.55 -64.27 9.21
C ALA J 237 -15.15 -64.20 7.73
N GLY J 238 -15.02 -65.36 7.09
CA GLY J 238 -14.67 -65.46 5.68
C GLY J 238 -15.75 -64.90 4.76
N ILE J 239 -17.03 -65.16 5.08
CA ILE J 239 -18.16 -64.66 4.30
C ILE J 239 -18.17 -63.13 4.34
N VAL J 240 -18.01 -62.54 5.53
CA VAL J 240 -18.00 -61.09 5.70
C VAL J 240 -16.83 -60.42 4.97
N ALA J 241 -15.62 -61.01 5.04
CA ALA J 241 -14.48 -60.45 4.31
C ALA J 241 -14.67 -60.60 2.80
N LEU J 242 -15.33 -61.69 2.35
CA LEU J 242 -15.63 -61.91 0.95
C LEU J 242 -16.61 -60.85 0.45
N GLU J 243 -17.56 -60.41 1.29
CA GLU J 243 -18.51 -59.35 0.98
C GLU J 243 -17.78 -58.03 0.71
N VAL J 244 -16.70 -57.74 1.48
CA VAL J 244 -15.89 -56.55 1.30
C VAL J 244 -15.17 -56.61 -0.05
N PHE J 245 -14.58 -57.77 -0.41
CA PHE J 245 -13.91 -57.96 -1.69
C PHE J 245 -14.89 -57.86 -2.86
N ILE J 246 -16.13 -58.36 -2.69
CA ILE J 246 -17.20 -58.32 -3.70
C ILE J 246 -17.60 -56.86 -3.95
N LEU J 247 -17.77 -56.07 -2.87
CA LEU J 247 -18.11 -54.65 -2.97
C LEU J 247 -16.98 -53.86 -3.62
N ALA J 248 -15.72 -54.19 -3.29
CA ALA J 248 -14.58 -53.52 -3.90
C ALA J 248 -14.50 -53.82 -5.40
N TYR J 249 -14.75 -55.08 -5.81
CA TYR J 249 -14.72 -55.47 -7.22
C TYR J 249 -15.84 -54.79 -7.99
N GLY J 250 -17.05 -54.82 -7.44
CA GLY J 250 -18.22 -54.22 -8.05
C GLY J 250 -18.09 -52.72 -8.25
N LEU J 251 -17.51 -52.02 -7.26
CA LEU J 251 -17.32 -50.57 -7.32
C LEU J 251 -16.37 -50.16 -8.46
N LEU J 252 -15.27 -50.90 -8.64
CA LEU J 252 -14.28 -50.57 -9.67
C LEU J 252 -14.46 -51.31 -10.99
N GLU J 253 -15.49 -52.17 -11.13
CA GLU J 253 -15.75 -53.00 -12.31
C GLU J 253 -15.60 -52.27 -13.66
N PHE J 254 -16.20 -51.09 -13.80
CA PHE J 254 -16.11 -50.33 -15.05
C PHE J 254 -15.34 -49.02 -14.89
N GLY J 255 -14.39 -49.01 -13.96
CA GLY J 255 -13.60 -47.83 -13.63
C GLY J 255 -12.59 -47.38 -14.66
N GLN J 256 -12.46 -46.05 -14.80
CA GLN J 256 -11.51 -45.39 -15.68
C GLN J 256 -10.81 -44.31 -14.85
N VAL J 257 -9.49 -44.15 -14.99
CA VAL J 257 -8.75 -43.13 -14.23
C VAL J 257 -7.98 -42.14 -15.10
N ALA J 258 -7.74 -42.46 -16.39
CA ALA J 258 -6.99 -41.61 -17.30
C ALA J 258 -7.57 -40.19 -17.44
N ARG J 259 -8.90 -40.09 -17.47
CA ARG J 259 -9.63 -38.82 -17.59
C ARG J 259 -9.52 -37.94 -16.33
N GLY J 260 -9.18 -36.68 -16.51
CA GLY J 260 -9.11 -35.72 -15.41
C GLY J 260 -10.50 -35.15 -15.16
N HIS J 261 -11.24 -35.82 -14.27
CA HIS J 261 -12.63 -35.50 -13.97
C HIS J 261 -12.78 -34.14 -13.30
N PRO J 262 -13.85 -33.38 -13.62
CA PRO J 262 -14.05 -32.08 -12.95
C PRO J 262 -14.36 -32.23 -11.44
N ASN J 263 -14.98 -33.35 -11.05
CA ASN J 263 -15.35 -33.63 -9.66
C ASN J 263 -14.32 -34.49 -8.93
N ARG J 264 -13.07 -34.56 -9.43
CA ARG J 264 -12.03 -35.33 -8.75
C ARG J 264 -11.52 -34.50 -7.57
N ARG J 265 -11.77 -35.00 -6.37
CA ARG J 265 -11.39 -34.37 -5.12
C ARG J 265 -9.90 -34.56 -4.79
N LEU J 266 -9.39 -35.79 -4.88
CA LEU J 266 -7.99 -36.06 -4.54
C LEU J 266 -6.99 -35.45 -5.52
N ASN J 267 -6.06 -34.66 -4.98
CA ASN J 267 -5.02 -33.99 -5.74
C ASN J 267 -3.71 -34.26 -5.04
N LEU J 268 -3.00 -35.32 -5.45
CA LEU J 268 -1.73 -35.69 -4.82
C LEU J 268 -0.63 -34.65 -5.00
N VAL J 269 -0.70 -33.83 -6.07
CA VAL J 269 0.28 -32.78 -6.30
C VAL J 269 0.16 -31.72 -5.18
N SER J 270 -1.09 -31.42 -4.76
CA SER J 270 -1.36 -30.48 -3.68
C SER J 270 -0.89 -31.01 -2.34
N LEU J 271 -1.23 -32.27 -2.05
CA LEU J 271 -0.91 -32.92 -0.78
C LEU J 271 0.57 -33.20 -0.56
N LEU J 272 1.27 -33.66 -1.61
CA LEU J 272 2.66 -34.10 -1.47
C LEU J 272 3.71 -33.05 -1.79
N GLY J 273 3.44 -32.19 -2.76
CA GLY J 273 4.39 -31.15 -3.14
C GLY J 273 5.72 -31.68 -3.67
N PRO J 274 6.84 -31.29 -3.03
CA PRO J 274 8.17 -31.74 -3.51
C PRO J 274 8.48 -33.23 -3.35
N LYS J 275 7.68 -33.94 -2.54
CA LYS J 275 7.84 -35.38 -2.36
C LYS J 275 7.41 -36.16 -3.62
N PHE J 276 6.49 -35.59 -4.42
CA PHE J 276 5.98 -36.17 -5.64
C PHE J 276 6.86 -35.76 -6.84
N GLN J 277 7.40 -36.78 -7.55
CA GLN J 277 8.19 -36.62 -8.77
C GLN J 277 7.24 -36.77 -9.95
N PRO J 287 -4.97 -46.24 -24.17
CA PRO J 287 -6.31 -46.84 -24.32
C PRO J 287 -7.11 -46.89 -23.00
N MET J 288 -8.44 -47.06 -23.09
CA MET J 288 -9.29 -47.13 -21.91
C MET J 288 -9.14 -48.46 -21.20
N LEU J 289 -9.46 -48.48 -19.90
CA LEU J 289 -9.39 -49.70 -19.12
C LEU J 289 -10.58 -50.58 -19.46
N LYS J 290 -10.32 -51.86 -19.70
CA LYS J 290 -11.38 -52.83 -19.96
C LYS J 290 -12.09 -53.20 -18.64
N ARG J 291 -13.21 -53.93 -18.70
CA ARG J 291 -13.94 -54.33 -17.50
C ARG J 291 -13.06 -55.19 -16.59
N GLY J 292 -12.92 -54.77 -15.34
CA GLY J 292 -12.12 -55.49 -14.37
C GLY J 292 -10.65 -55.10 -14.32
N GLN J 293 -10.20 -54.25 -15.26
CA GLN J 293 -8.79 -53.84 -15.32
C GLN J 293 -8.36 -52.91 -14.19
N LEU J 294 -9.27 -52.07 -13.66
CA LEU J 294 -8.91 -51.17 -12.56
C LEU J 294 -8.73 -51.99 -11.28
N PHE J 295 -9.61 -52.98 -11.05
CA PHE J 295 -9.47 -53.85 -9.89
C PHE J 295 -8.23 -54.74 -10.04
N SER J 296 -7.90 -55.19 -11.26
CA SER J 296 -6.71 -56.01 -11.49
C SER J 296 -5.45 -55.24 -11.11
N PHE J 297 -5.42 -53.92 -11.40
CA PHE J 297 -4.28 -53.08 -11.05
C PHE J 297 -4.17 -52.98 -9.53
N ILE J 298 -5.30 -52.71 -8.85
CA ILE J 298 -5.29 -52.58 -7.39
C ILE J 298 -4.94 -53.92 -6.72
N SER J 299 -5.30 -55.05 -7.32
CA SER J 299 -5.02 -56.37 -6.77
C SER J 299 -3.53 -56.71 -6.91
N GLU J 300 -2.95 -56.45 -8.08
CA GLU J 300 -1.55 -56.74 -8.33
C GLU J 300 -0.59 -55.77 -7.66
N HIS J 301 -0.94 -54.48 -7.60
CA HIS J 301 -0.04 -53.46 -7.08
C HIS J 301 -0.35 -53.00 -5.66
N TYR J 302 -1.52 -53.32 -5.11
CA TYR J 302 -1.84 -52.93 -3.74
C TYR J 302 -2.18 -54.15 -2.86
N ILE J 303 -3.18 -54.96 -3.23
CA ILE J 303 -3.58 -56.11 -2.40
C ILE J 303 -2.43 -57.10 -2.19
N ILE J 304 -1.81 -57.57 -3.28
CA ILE J 304 -0.71 -58.54 -3.20
C ILE J 304 0.50 -57.98 -2.41
N PRO J 305 1.09 -56.79 -2.71
CA PRO J 305 2.21 -56.31 -1.89
C PRO J 305 1.85 -56.05 -0.42
N THR J 306 0.61 -55.64 -0.13
CA THR J 306 0.16 -55.41 1.24
C THR J 306 0.13 -56.74 1.99
N LEU J 307 -0.42 -57.80 1.36
CA LEU J 307 -0.50 -59.10 1.98
C LEU J 307 0.86 -59.83 2.03
N GLN J 308 1.79 -59.47 1.15
CA GLN J 308 3.14 -60.04 1.19
C GLN J 308 3.91 -59.46 2.39
N ALA J 309 3.66 -58.19 2.74
CA ALA J 309 4.29 -57.52 3.86
C ALA J 309 3.58 -57.86 5.18
N ASN J 310 2.25 -57.89 5.17
CA ASN J 310 1.46 -58.22 6.37
C ASN J 310 0.54 -59.40 6.01
N PRO J 311 1.04 -60.64 6.12
CA PRO J 311 0.20 -61.80 5.72
C PRO J 311 -1.06 -62.02 6.53
N ASN J 312 -1.08 -61.52 7.77
CA ASN J 312 -2.23 -61.68 8.64
C ASN J 312 -3.10 -60.43 8.72
N ALA J 313 -3.07 -59.58 7.68
CA ALA J 313 -3.84 -58.34 7.67
C ALA J 313 -5.31 -58.61 7.53
N PRO J 314 -6.14 -57.96 8.37
CA PRO J 314 -7.59 -58.14 8.22
C PRO J 314 -8.11 -57.37 6.99
N VAL J 315 -9.32 -57.73 6.48
CA VAL J 315 -9.86 -57.07 5.30
C VAL J 315 -10.11 -55.57 5.56
N SER J 316 -10.36 -55.18 6.83
CA SER J 316 -10.55 -53.77 7.22
C SER J 316 -9.26 -52.94 7.09
N PHE J 317 -8.10 -53.59 7.14
CA PHE J 317 -6.81 -52.94 6.95
C PHE J 317 -6.54 -52.72 5.46
N ILE J 318 -7.03 -53.63 4.59
CA ILE J 318 -6.85 -53.52 3.15
C ILE J 318 -7.79 -52.45 2.61
N PHE J 319 -9.10 -52.55 2.90
CA PHE J 319 -10.07 -51.57 2.40
C PHE J 319 -10.89 -50.87 3.52
N PRO J 320 -10.29 -49.96 4.34
CA PRO J 320 -11.07 -49.28 5.39
C PRO J 320 -12.20 -48.39 4.87
N GLY J 321 -12.12 -47.95 3.61
CA GLY J 321 -13.17 -47.16 2.99
C GLY J 321 -14.47 -47.93 2.85
N ILE J 322 -14.39 -49.25 2.55
CA ILE J 322 -15.59 -50.08 2.44
C ILE J 322 -16.25 -50.20 3.82
N ILE J 323 -15.43 -50.35 4.89
CA ILE J 323 -15.91 -50.43 6.27
C ILE J 323 -16.66 -49.15 6.65
N LEU J 324 -16.10 -47.98 6.29
CA LEU J 324 -16.73 -46.70 6.57
C LEU J 324 -18.02 -46.50 5.80
N ALA J 325 -18.05 -46.92 4.52
CA ALA J 325 -19.26 -46.83 3.71
C ALA J 325 -20.34 -47.76 4.29
N ALA J 326 -19.95 -48.93 4.80
CA ALA J 326 -20.88 -49.88 5.42
C ALA J 326 -21.46 -49.29 6.70
N LEU J 327 -20.64 -48.66 7.56
CA LEU J 327 -21.13 -48.01 8.78
C LEU J 327 -22.13 -46.90 8.44
N GLU J 328 -21.88 -46.18 7.34
CA GLU J 328 -22.75 -45.10 6.89
C GLU J 328 -24.05 -45.62 6.26
N ALA J 329 -24.00 -46.81 5.63
CA ALA J 329 -25.18 -47.42 5.02
C ALA J 329 -26.26 -47.79 6.02
N ARG J 330 -25.90 -48.01 7.30
CA ARG J 330 -26.89 -48.33 8.32
C ARG J 330 -27.84 -47.13 8.53
N SER J 331 -27.27 -45.92 8.55
CA SER J 331 -27.97 -44.65 8.77
C SER J 331 -29.02 -44.38 7.69
N THR J 332 -28.70 -44.72 6.43
CA THR J 332 -29.58 -44.49 5.28
C THR J 332 -30.90 -45.30 5.37
N PRO J 338 -36.61 -37.21 1.91
CA PRO J 338 -37.41 -36.22 2.64
C PRO J 338 -37.10 -34.75 2.29
N GLY J 339 -35.90 -34.48 1.77
CA GLY J 339 -35.48 -33.13 1.40
C GLY J 339 -34.08 -32.81 1.88
N PRO J 340 -33.73 -31.51 1.98
CA PRO J 340 -32.39 -31.14 2.48
C PRO J 340 -32.26 -31.51 3.96
N PHE J 341 -31.06 -31.88 4.40
CA PHE J 341 -30.90 -32.36 5.78
C PHE J 341 -29.52 -32.11 6.37
N VAL J 342 -29.49 -31.59 7.61
CA VAL J 342 -28.28 -31.33 8.39
C VAL J 342 -28.25 -32.36 9.52
N ASN J 343 -27.21 -33.19 9.56
CA ASN J 343 -27.10 -34.23 10.58
C ASN J 343 -26.23 -33.82 11.76
N LEU J 344 -26.86 -33.47 12.90
CA LEU J 344 -26.14 -33.09 14.12
C LEU J 344 -26.09 -34.24 15.17
N THR J 345 -26.39 -35.49 14.77
CA THR J 345 -26.39 -36.65 15.67
C THR J 345 -25.01 -37.28 15.78
N GLY J 346 -24.76 -37.99 16.88
CA GLY J 346 -23.47 -38.64 17.09
C GLY J 346 -23.49 -40.16 17.10
N SER J 347 -24.65 -40.75 16.81
CA SER J 347 -24.86 -42.19 16.80
C SER J 347 -23.94 -42.94 15.81
N ARG J 348 -23.70 -42.36 14.64
CA ARG J 348 -22.81 -42.98 13.65
C ARG J 348 -21.34 -43.02 14.08
N PHE J 349 -20.97 -42.25 15.12
CA PHE J 349 -19.60 -42.23 15.65
C PHE J 349 -19.46 -43.00 16.97
N ASN J 350 -20.57 -43.45 17.57
CA ASN J 350 -20.58 -44.16 18.85
C ASN J 350 -19.63 -45.35 18.97
N GLU J 351 -19.60 -46.24 17.97
CA GLU J 351 -18.72 -47.41 18.03
C GLU J 351 -17.26 -47.07 17.96
N ILE J 352 -16.88 -46.12 17.08
CA ILE J 352 -15.50 -45.68 16.96
C ILE J 352 -15.07 -44.94 18.23
N PHE J 353 -15.92 -44.01 18.72
CA PHE J 353 -15.64 -43.22 19.91
C PHE J 353 -15.55 -44.07 21.18
N GLU J 354 -16.32 -45.16 21.27
CA GLU J 354 -16.26 -46.05 22.44
C GLU J 354 -14.93 -46.79 22.51
N ILE J 355 -14.41 -47.21 21.35
CA ILE J 355 -13.10 -47.87 21.30
C ILE J 355 -12.02 -46.87 21.72
N LEU J 356 -12.08 -45.64 21.18
CA LEU J 356 -11.13 -44.57 21.52
C LEU J 356 -11.16 -44.24 23.01
N ASN J 357 -12.36 -44.20 23.62
CA ASN J 357 -12.49 -43.91 25.05
C ASN J 357 -11.93 -45.06 25.88
N GLN J 358 -12.17 -46.30 25.45
CA GLN J 358 -11.68 -47.46 26.18
C GLN J 358 -10.20 -47.68 26.08
N GLN J 359 -9.53 -47.29 24.99
CA GLN J 359 -8.10 -47.54 24.90
C GLN J 359 -7.26 -46.32 25.29
N LEU J 360 -7.81 -45.10 25.18
CA LEU J 360 -7.04 -43.90 25.56
C LEU J 360 -7.37 -43.33 26.92
N THR J 361 -8.59 -43.56 27.42
CA THR J 361 -8.99 -42.97 28.70
C THR J 361 -9.21 -43.98 29.84
N PHE J 362 -10.08 -44.97 29.64
CA PHE J 362 -10.43 -45.89 30.72
C PHE J 362 -9.49 -47.06 30.86
N ARG J 363 -8.88 -47.50 29.75
CA ARG J 363 -7.96 -48.63 29.70
C ARG J 363 -8.53 -49.87 30.37
N ASP J 364 -9.76 -50.24 29.98
CA ASP J 364 -10.45 -51.41 30.49
C ASP J 364 -10.35 -52.45 29.38
N PRO J 365 -9.62 -53.54 29.62
CA PRO J 365 -9.44 -54.56 28.57
C PRO J 365 -10.73 -55.28 28.14
N LEU J 366 -11.63 -55.54 29.09
CA LEU J 366 -12.90 -56.22 28.83
C LEU J 366 -13.86 -55.31 28.06
N ALA J 367 -13.99 -54.05 28.50
CA ALA J 367 -14.85 -53.08 27.84
C ALA J 367 -14.38 -52.73 26.43
N LEU J 368 -13.06 -52.75 26.21
CA LEU J 368 -12.49 -52.51 24.89
C LEU J 368 -12.84 -53.67 23.94
N LEU J 369 -12.84 -54.90 24.46
CA LEU J 369 -13.20 -56.09 23.68
C LEU J 369 -14.68 -56.06 23.26
N GLN J 370 -15.54 -55.58 24.16
CA GLN J 370 -16.97 -55.44 23.88
C GLN J 370 -17.21 -54.34 22.82
N ALA J 371 -16.42 -53.25 22.91
CA ALA J 371 -16.48 -52.13 21.98
C ALA J 371 -16.06 -52.56 20.58
N ARG J 372 -15.05 -53.44 20.50
CA ARG J 372 -14.56 -53.97 19.24
C ARG J 372 -15.60 -54.88 18.57
N THR J 373 -16.34 -55.65 19.38
CA THR J 373 -17.42 -56.53 18.89
C THR J 373 -18.56 -55.68 18.32
N ALA J 374 -18.91 -54.58 19.02
CA ALA J 374 -19.97 -53.67 18.58
C ALA J 374 -19.66 -53.02 17.23
N LEU J 375 -18.39 -52.64 17.01
CA LEU J 375 -17.98 -52.04 15.74
C LEU J 375 -18.04 -53.06 14.60
N ARG J 376 -17.66 -54.30 14.88
CA ARG J 376 -17.69 -55.40 13.90
C ARG J 376 -19.11 -55.77 13.50
N LEU J 377 -20.02 -55.82 14.48
CA LEU J 377 -21.43 -56.13 14.22
C LEU J 377 -22.12 -55.02 13.42
N ALA J 378 -21.77 -53.75 13.72
CA ALA J 378 -22.33 -52.61 13.01
C ALA J 378 -21.89 -52.62 11.54
N THR J 379 -20.63 -53.04 11.28
CA THR J 379 -20.09 -53.15 9.93
C THR J 379 -20.81 -54.24 9.16
N GLU J 380 -21.04 -55.41 9.79
CA GLU J 380 -21.75 -56.52 9.16
C GLU J 380 -23.19 -56.15 8.79
N GLU J 381 -23.82 -55.31 9.62
CA GLU J 381 -25.17 -54.82 9.40
C GLU J 381 -25.19 -53.90 8.17
N GLY J 382 -24.20 -53.01 8.07
CA GLY J 382 -24.07 -52.09 6.95
C GLY J 382 -23.68 -52.75 5.64
N LEU J 383 -22.86 -53.81 5.70
CA LEU J 383 -22.47 -54.57 4.50
C LEU J 383 -23.71 -55.25 3.88
N ASP J 384 -24.64 -55.71 4.73
CA ASP J 384 -25.88 -56.33 4.28
C ASP J 384 -26.74 -55.28 3.57
N VAL J 385 -26.79 -54.03 4.09
CA VAL J 385 -27.56 -52.95 3.46
C VAL J 385 -26.98 -52.67 2.06
N LEU J 386 -25.64 -52.55 1.96
CA LEU J 386 -24.95 -52.30 0.70
C LEU J 386 -25.20 -53.41 -0.34
N LEU J 387 -25.04 -54.67 0.05
CA LEU J 387 -25.23 -55.79 -0.86
C LEU J 387 -26.68 -56.11 -1.16
N SER J 388 -27.62 -55.71 -0.29
CA SER J 388 -29.03 -55.95 -0.53
C SER J 388 -29.66 -54.92 -1.47
N HIS J 389 -29.00 -53.77 -1.67
CA HIS J 389 -29.46 -52.73 -2.57
C HIS J 389 -29.53 -53.29 -4.01
N PRO J 390 -30.54 -52.93 -4.83
CA PRO J 390 -30.61 -53.48 -6.19
C PRO J 390 -29.38 -53.23 -7.08
N SER J 391 -28.66 -52.12 -6.81
CA SER J 391 -27.43 -51.78 -7.55
C SER J 391 -26.39 -51.35 -6.52
N PRO J 392 -25.73 -52.33 -5.86
CA PRO J 392 -24.75 -52.00 -4.81
C PRO J 392 -23.70 -50.94 -5.16
N PRO J 393 -23.01 -50.95 -6.32
CA PRO J 393 -22.02 -49.87 -6.57
C PRO J 393 -22.65 -48.48 -6.67
N THR J 394 -23.94 -48.39 -7.03
CA THR J 394 -24.63 -47.10 -7.12
C THR J 394 -24.82 -46.48 -5.73
N LEU J 395 -25.23 -47.28 -4.74
CA LEU J 395 -25.39 -46.82 -3.36
C LEU J 395 -24.02 -46.45 -2.78
N LEU J 396 -23.01 -47.28 -3.06
CA LEU J 396 -21.64 -47.09 -2.63
C LEU J 396 -21.09 -45.77 -3.19
N GLN J 397 -21.36 -45.47 -4.46
CA GLN J 397 -20.94 -44.22 -5.10
C GLN J 397 -21.59 -43.01 -4.43
N GLU J 398 -22.87 -43.13 -4.09
CA GLU J 398 -23.63 -42.07 -3.43
C GLU J 398 -23.07 -41.75 -2.05
N ILE J 399 -22.72 -42.78 -1.26
CA ILE J 399 -22.15 -42.59 0.07
C ILE J 399 -20.76 -41.97 0.00
N ILE J 400 -19.91 -42.46 -0.91
CA ILE J 400 -18.57 -41.91 -1.09
C ILE J 400 -18.62 -40.45 -1.56
N LYS J 401 -19.62 -40.07 -2.34
CA LYS J 401 -19.76 -38.70 -2.82
C LYS J 401 -20.30 -37.77 -1.72
N SER J 402 -21.42 -38.13 -1.09
CA SER J 402 -22.07 -37.33 -0.06
C SER J 402 -21.31 -37.19 1.24
N GLN J 403 -20.77 -38.31 1.75
CA GLN J 403 -20.09 -38.29 3.04
C GLN J 403 -18.60 -38.13 2.95
N PHE J 404 -17.98 -38.55 1.83
CA PHE J 404 -16.53 -38.52 1.74
C PHE J 404 -15.97 -37.64 0.59
N GLY J 405 -16.84 -37.05 -0.21
CA GLY J 405 -16.43 -36.13 -1.27
C GLY J 405 -15.87 -36.70 -2.55
N GLY J 406 -15.87 -38.03 -2.68
CA GLY J 406 -15.35 -38.69 -3.88
C GLY J 406 -16.25 -38.58 -5.09
N GLY J 407 -15.74 -38.00 -6.16
CA GLY J 407 -16.54 -37.78 -7.36
C GLY J 407 -16.26 -38.64 -8.58
N ASP J 408 -15.18 -39.43 -8.56
CA ASP J 408 -14.84 -40.28 -9.71
C ASP J 408 -14.23 -41.64 -9.30
N ASP J 409 -13.87 -42.49 -10.27
CA ASP J 409 -13.29 -43.81 -9.99
C ASP J 409 -11.93 -43.72 -9.30
N TYR J 410 -11.16 -42.68 -9.63
CA TYR J 410 -9.86 -42.39 -9.02
C TYR J 410 -10.06 -42.14 -7.52
N ASP J 411 -11.04 -41.31 -7.17
CA ASP J 411 -11.37 -40.98 -5.78
C ASP J 411 -11.87 -42.21 -5.07
N ARG J 412 -12.72 -43.03 -5.71
CA ARG J 412 -13.26 -44.22 -5.09
C ARG J 412 -12.19 -45.25 -4.77
N ALA J 413 -11.23 -45.45 -5.69
CA ALA J 413 -10.13 -46.39 -5.48
C ALA J 413 -9.26 -45.92 -4.30
N TYR J 414 -8.92 -44.61 -4.27
CA TYR J 414 -8.11 -44.08 -3.18
C TYR J 414 -8.85 -44.04 -1.84
N PHE J 415 -10.15 -43.80 -1.86
CA PHE J 415 -10.95 -43.79 -0.64
C PHE J 415 -11.00 -45.20 -0.02
N MET J 416 -11.12 -46.27 -0.84
CA MET J 416 -11.16 -47.63 -0.30
C MET J 416 -9.88 -47.94 0.46
N VAL J 417 -8.74 -47.54 -0.08
CA VAL J 417 -7.43 -47.73 0.51
C VAL J 417 -7.14 -46.82 1.73
N LEU J 418 -7.38 -45.51 1.59
CA LEU J 418 -7.05 -44.54 2.65
C LEU J 418 -8.09 -44.36 3.76
N GLY J 419 -9.34 -44.66 3.47
CA GLY J 419 -10.42 -44.43 4.42
C GLY J 419 -10.89 -42.97 4.44
N CYS J 420 -10.32 -42.12 3.59
CA CYS J 420 -10.65 -40.69 3.49
C CYS J 420 -10.04 -40.11 2.22
N LEU J 421 -10.42 -38.87 1.88
CA LEU J 421 -9.85 -38.18 0.73
C LEU J 421 -9.41 -36.80 1.21
N PRO J 422 -8.17 -36.68 1.70
CA PRO J 422 -7.72 -35.37 2.22
C PRO J 422 -7.55 -34.31 1.15
N VAL J 423 -7.86 -33.06 1.52
CA VAL J 423 -7.65 -31.88 0.67
C VAL J 423 -6.86 -30.82 1.46
N VAL J 424 -6.12 -29.95 0.76
CA VAL J 424 -5.39 -28.87 1.42
C VAL J 424 -6.27 -27.62 1.40
N LEU J 425 -6.47 -26.99 2.56
CA LEU J 425 -7.25 -25.75 2.62
C LEU J 425 -6.38 -24.66 3.19
N ALA J 426 -6.27 -23.52 2.50
CA ALA J 426 -5.47 -22.40 2.97
C ALA J 426 -5.92 -21.88 4.32
N VAL J 427 -4.97 -21.68 5.24
CA VAL J 427 -5.19 -21.17 6.57
C VAL J 427 -5.67 -19.71 6.51
N VAL J 428 -5.14 -18.93 5.57
CA VAL J 428 -5.56 -17.56 5.36
C VAL J 428 -6.43 -17.47 4.11
N PRO J 429 -7.68 -16.97 4.25
CA PRO J 429 -8.53 -16.84 3.06
C PRO J 429 -8.33 -15.48 2.37
#